data_8Z0L
#
_entry.id   8Z0L
#
_cell.length_a   1.00
_cell.length_b   1.00
_cell.length_c   1.00
_cell.angle_alpha   90.00
_cell.angle_beta   90.00
_cell.angle_gamma   90.00
#
_symmetry.space_group_name_H-M   'P 1'
#
loop_
_entity.id
_entity.type
_entity.pdbx_description
1 polymer 'type I-F CRISPR-associated protein Csy3'
2 polymer 'hypothetical protein J6N51_11000'
3 polymer 'HNH endonuclease'
4 polymer 'DNA (32-MER)'
5 polymer "DNA (5'-D(P*GP*TP*GP*CP*GP*GP*A)-3')"
6 polymer 'RNA (69-MER)'
7 polymer 'type I-F CRISPR-associated endoribonuclease Cas6/Csy4'
#
loop_
_entity_poly.entity_id
_entity_poly.type
_entity_poly.pdbx_seq_one_letter_code
_entity_poly.pdbx_strand_id
1 'polypeptide(L)'
;TLKSRPENLSFARCLNTTEAKFWQTDFLKRHTFKLPLLITDKAVLASKGHEMPPDKLEKEIMDPNPQKSQSCTLSTECDT
LRIDFGIKVLPVKESMYSCSDYNYRTAIYQKIDEYIAEDGFLTLAKRYVNNIANARFLWRNRKGAEIIETIVTIEDKEYP
SFNSKSFNLDTFVEDNATINEIAQQIADTFAGKREYLNIYVTCFVKIGCAMEVYPSQEMTFDDDDKGKKLFKFEGSAGMH
SQKINNALRTIDTWYPDYTTYEFPIPVENYGAARSIGIPFRPDTKSFYKLIDRMILKNEDLPIEDKHYVMAILIRGGMFS
KKQEK
;
A,B,C,D,G,H
2 'polypeptide(L)'
;MMKGYILLEKVNIENANAFNNIIVGIPAITSFLGFARALERKLNAKEIAIRINGVGLEFHEYELKGYKNKRGQYVTSCPL
PGSIPGQNEKKLDAHIMNQAYIDLNMSFLLEVEGPHVDMSTCKSIKSTMETLRIAGGIIRNYKKIRLIDTLADIPYGYFL
TLRQDNLNDAAGDDMLDKMIHALQQEDTLVPIAVGFKALSEVGHVEGQRDPEKDHCFVESIFSLGGFECSKILEDINSCL
WRYKTEEGLYLCTII
;
E
3 'polypeptide(L)'
;MLRNKILAAISQKIPEEQKINKYIEGLFQSIDKNHLATHVAKFTETNSPGNIGAYDILSSDMNCGYLDTANAGWKEPDIV
TNDAKYKRPQGFVAMEMSDGRTVMEHLQEDSAELRHEMEELTDKYDEIRDGILNMPSMQPYRTNQFIKQVFFPVGGSYHL
LSILPSTVLNYEVSDRLYRSKIPKIRLRLLSSNAASTTGSRLVSKNKWPLVFQALPPKFLEKNLAKALDKEYLLPDINID
ELEGVDNGCLIDEALLPLIIDEGKRKGEGNYRPRHLRDERKEETVQAFLDKYGYCNIPVGYEVHHIVPLSQGGADSIKNM
IMLSIEHHERVTEAHASYFKWRNT
;
F
4 'polydeoxyribonucleotide'
;(DA)(DG)(DC)(DG)(DC)(DA)(DC)(DC)(DT)(DA)(DA)(DT)(DT)(DT)(DC)(DC)(DT)(DG)(DA)(DC)
(DG)(DG)(DC)(DA)(DA)(DT)(DC)(DC)(DG)(DC)(DA)(DC)
;
I
5 'polydeoxyribonucleotide' (DG)(DT)(DG)(DC)(DG)(DG)(DA) J
6 'polyribonucleotide' GUUUAGAAGGAUUGCCGUCAGGAAAUUAGGUGCGCUUAGCAGUGUACCGCCGGAUAGGCGGUUUAGAAG L
7 'polypeptide(L)'
;MFSQILIIKPGTGISPNIIISEDIFPVLHSLFVEHDKKFGITFPAYSFDKKGHLGNIIEVLSEDKEALASLCLEEHLAEV
TDYVKVKKEITFTDDYVLFKRIREENQYETTARRMRKRGHTELGRPLEMHIKKKNQQIFCHAYIKVKSASTGQSYNIFLA
PTDIKHGSFSAYGLLRGDTHA
;
M
#
# COMPACT_ATOMS: atom_id res chain seq x y z
N THR A 1 -34.88 49.53 46.03
CA THR A 1 -34.51 48.48 46.97
C THR A 1 -33.20 47.82 46.57
N LEU A 2 -32.83 47.98 45.30
CA LEU A 2 -31.58 47.46 44.77
C LEU A 2 -30.64 48.61 44.47
N LYS A 3 -29.42 48.55 45.00
CA LYS A 3 -28.47 49.64 44.89
C LYS A 3 -27.36 49.40 43.89
N SER A 4 -27.03 48.14 43.59
CA SER A 4 -25.96 47.85 42.64
C SER A 4 -26.21 46.50 41.99
N ARG A 5 -25.36 46.18 41.02
CA ARG A 5 -25.34 44.87 40.41
C ARG A 5 -24.71 43.87 41.37
N PRO A 6 -25.06 42.57 41.25
CA PRO A 6 -24.50 41.57 42.18
C PRO A 6 -23.01 41.35 42.04
N GLU A 7 -22.45 40.57 42.96
CA GLU A 7 -21.01 40.37 43.04
C GLU A 7 -20.51 39.24 42.15
N ASN A 8 -21.41 38.39 41.65
CA ASN A 8 -21.03 37.37 40.67
C ASN A 8 -22.29 37.10 39.83
N LEU A 9 -22.28 37.58 38.60
CA LEU A 9 -23.33 37.29 37.64
C LEU A 9 -22.70 36.91 36.31
N SER A 10 -23.14 35.78 35.74
CA SER A 10 -22.52 35.24 34.53
C SER A 10 -23.59 34.62 33.64
N PHE A 11 -23.54 34.95 32.36
CA PHE A 11 -24.42 34.37 31.35
C PHE A 11 -23.60 33.54 30.37
N ALA A 12 -24.19 32.45 29.89
CA ALA A 12 -23.60 31.62 28.86
C ALA A 12 -24.19 31.96 27.50
N ARG A 13 -23.56 31.42 26.46
CA ARG A 13 -24.05 31.62 25.10
C ARG A 13 -25.33 30.84 24.86
N CYS A 14 -26.20 31.42 24.04
CA CYS A 14 -27.40 30.75 23.59
C CYS A 14 -27.35 30.34 22.12
N LEU A 15 -26.31 30.75 21.39
CA LEU A 15 -26.08 30.34 20.01
C LEU A 15 -24.69 29.71 19.96
N ASN A 16 -24.64 28.39 20.09
CA ASN A 16 -23.38 27.65 20.16
C ASN A 16 -23.10 27.03 18.79
N THR A 17 -22.06 27.52 18.14
CA THR A 17 -21.66 27.06 16.81
C THR A 17 -20.46 26.14 16.91
N THR A 18 -20.46 25.09 16.09
CA THR A 18 -19.36 24.14 16.02
C THR A 18 -18.42 24.53 14.90
N GLU A 19 -17.28 23.86 14.84
CA GLU A 19 -16.27 24.16 13.84
C GLU A 19 -16.74 23.71 12.45
N ALA A 20 -16.13 24.29 11.43
CA ALA A 20 -16.50 24.02 10.05
C ALA A 20 -15.40 23.22 9.35
N LYS A 21 -15.80 22.49 8.31
CA LYS A 21 -14.89 21.69 7.52
C LYS A 21 -15.15 21.99 6.04
N PHE A 22 -14.07 22.02 5.27
CA PHE A 22 -14.12 22.38 3.85
C PHE A 22 -14.00 21.12 3.00
N TRP A 23 -14.75 21.08 1.90
CA TRP A 23 -14.63 20.02 0.91
C TRP A 23 -14.61 20.64 -0.47
N GLN A 24 -14.24 19.85 -1.48
CA GLN A 24 -14.27 20.27 -2.87
C GLN A 24 -15.17 19.35 -3.68
N THR A 25 -16.00 19.95 -4.52
CA THR A 25 -17.02 19.25 -5.31
C THR A 25 -16.99 19.80 -6.72
N ASP A 26 -17.94 19.34 -7.54
CA ASP A 26 -18.27 19.95 -8.82
C ASP A 26 -19.76 20.29 -8.80
N PHE A 27 -20.13 21.42 -9.44
CA PHE A 27 -21.47 21.98 -9.27
C PHE A 27 -22.56 21.10 -9.86
N LEU A 28 -22.32 20.49 -11.03
CA LEU A 28 -23.36 19.66 -11.61
C LEU A 28 -23.49 18.29 -10.94
N LYS A 29 -22.59 17.95 -10.03
CA LYS A 29 -22.63 16.70 -9.31
C LYS A 29 -22.35 17.02 -7.89
N ARG A 30 -23.05 17.99 -7.32
CA ARG A 30 -22.76 18.46 -5.98
C ARG A 30 -23.58 17.79 -4.90
N HIS A 31 -24.60 17.02 -5.26
CA HIS A 31 -25.44 16.34 -4.27
C HIS A 31 -24.96 14.93 -4.01
N THR A 32 -23.95 14.46 -4.73
CA THR A 32 -23.50 13.08 -4.67
C THR A 32 -22.00 12.88 -4.48
N PHE A 33 -21.17 13.90 -4.66
CA PHE A 33 -19.72 13.71 -4.83
C PHE A 33 -18.98 14.78 -4.04
N LYS A 34 -18.01 14.35 -3.22
CA LYS A 34 -17.14 15.27 -2.51
C LYS A 34 -15.78 14.64 -2.22
N LEU A 35 -14.73 15.46 -2.31
CA LEU A 35 -13.34 15.09 -2.09
C LEU A 35 -12.72 15.96 -0.99
N PRO A 36 -11.70 15.47 -0.29
CA PRO A 36 -11.07 16.29 0.75
C PRO A 36 -10.21 17.42 0.21
N LEU A 37 -10.10 18.48 1.01
CA LEU A 37 -9.25 19.62 0.73
C LEU A 37 -8.15 19.69 1.79
N LEU A 38 -6.92 19.94 1.35
CA LEU A 38 -5.75 19.82 2.20
C LEU A 38 -4.92 21.10 2.17
N ILE A 39 -4.19 21.34 3.25
CA ILE A 39 -3.31 22.49 3.38
C ILE A 39 -1.90 22.08 2.99
N THR A 40 -1.24 22.89 2.15
CA THR A 40 0.12 22.63 1.71
C THR A 40 1.06 23.70 2.23
N ASP A 41 2.35 23.38 2.25
CA ASP A 41 3.37 24.31 2.69
C ASP A 41 3.95 25.08 1.51
N LYS A 42 4.35 26.32 1.77
CA LYS A 42 4.87 27.20 0.73
C LYS A 42 5.91 28.16 1.26
N ALA A 43 7.06 28.20 0.63
CA ALA A 43 8.12 29.12 1.01
C ALA A 43 8.36 30.10 -0.13
N VAL A 44 8.70 31.34 0.23
CA VAL A 44 8.78 32.43 -0.73
C VAL A 44 10.11 33.16 -0.53
N LEU A 45 10.59 33.77 -1.61
CA LEU A 45 11.68 34.74 -1.56
C LEU A 45 11.09 36.12 -1.85
N ALA A 46 11.39 37.08 -0.99
CA ALA A 46 10.76 38.39 -1.06
C ALA A 46 11.81 39.49 -1.07
N SER A 47 11.33 40.73 -1.07
CA SER A 47 12.16 41.91 -0.92
C SER A 47 11.78 42.62 0.38
N LYS A 48 12.72 43.40 0.91
CA LYS A 48 12.50 44.14 2.15
C LYS A 48 11.79 45.43 1.79
N GLY A 49 10.48 45.43 1.91
CA GLY A 49 9.68 46.56 1.47
C GLY A 49 8.81 47.16 2.56
N HIS A 50 9.30 47.17 3.79
CA HIS A 50 8.62 47.82 4.89
C HIS A 50 9.31 49.14 5.20
N GLU A 51 8.58 50.03 5.85
CA GLU A 51 9.13 51.35 6.19
C GLU A 51 10.19 51.21 7.27
N MET A 52 11.36 51.79 7.02
CA MET A 52 12.53 51.71 7.87
C MET A 52 13.08 53.10 8.13
N PRO A 53 13.82 53.30 9.22
CA PRO A 53 14.51 54.57 9.41
C PRO A 53 15.57 54.79 8.35
N PRO A 54 15.91 56.06 8.06
CA PRO A 54 16.81 56.36 6.92
C PRO A 54 18.21 55.77 7.01
N ASP A 55 18.73 55.51 8.21
CA ASP A 55 20.05 54.89 8.33
C ASP A 55 20.02 53.43 7.89
N LYS A 56 18.97 52.70 8.27
CA LYS A 56 18.86 51.29 7.90
C LYS A 56 18.50 51.12 6.42
N LEU A 57 17.79 52.09 5.84
CA LEU A 57 17.37 51.98 4.45
C LEU A 57 18.56 52.01 3.49
N GLU A 58 19.62 52.75 3.84
CA GLU A 58 20.78 52.80 2.97
C GLU A 58 21.61 51.52 3.04
N LYS A 59 21.35 50.65 4.02
CA LYS A 59 22.11 49.42 4.18
C LYS A 59 21.31 48.15 3.88
N GLU A 60 19.98 48.19 3.89
CA GLU A 60 19.20 46.95 3.72
C GLU A 60 18.07 47.14 2.72
N ILE A 61 18.29 47.92 1.67
CA ILE A 61 17.23 48.10 0.67
C ILE A 61 17.27 47.00 -0.39
N MET A 62 18.42 46.37 -0.62
CA MET A 62 18.58 45.38 -1.68
C MET A 62 19.05 44.06 -1.10
N ASP A 63 18.45 43.66 0.01
CA ASP A 63 18.76 42.39 0.64
C ASP A 63 17.62 41.41 0.39
N PRO A 64 17.92 40.10 0.33
CA PRO A 64 16.85 39.11 0.16
C PRO A 64 16.10 38.86 1.47
N ASN A 65 14.83 38.48 1.34
CA ASN A 65 13.98 38.23 2.51
C ASN A 65 13.23 36.91 2.34
N PRO A 66 13.84 35.78 2.69
CA PRO A 66 13.08 34.51 2.66
C PRO A 66 12.11 34.39 3.83
N GLN A 67 10.91 33.88 3.56
CA GLN A 67 9.90 33.65 4.59
C GLN A 67 9.18 32.33 4.35
N LYS A 68 8.50 31.86 5.40
CA LYS A 68 7.73 30.62 5.37
C LYS A 68 6.24 30.93 5.45
N SER A 69 5.42 30.10 4.79
CA SER A 69 3.98 30.31 4.75
C SER A 69 3.29 28.97 4.52
N GLN A 70 1.97 29.02 4.36
CA GLN A 70 1.13 27.87 4.03
C GLN A 70 -0.01 28.35 3.15
N SER A 71 -0.58 27.44 2.39
CA SER A 71 -1.65 27.79 1.46
C SER A 71 -2.65 26.70 1.20
N CYS A 72 -3.78 27.05 0.65
CA CYS A 72 -4.85 26.11 0.32
C CYS A 72 -5.48 26.51 -1.01
N THR A 73 -5.55 25.57 -1.95
CA THR A 73 -6.12 25.80 -3.28
C THR A 73 -6.97 24.61 -3.68
N LEU A 74 -7.96 24.87 -4.54
CA LEU A 74 -8.73 23.79 -5.14
C LEU A 74 -7.91 23.08 -6.21
N SER A 75 -8.40 21.91 -6.62
CA SER A 75 -7.70 21.10 -7.62
C SER A 75 -8.00 21.62 -9.02
N THR A 76 -7.43 20.96 -10.02
CA THR A 76 -7.61 21.37 -11.41
C THR A 76 -8.85 20.74 -12.03
N GLU A 77 -9.54 19.86 -11.27
CA GLU A 77 -10.72 19.17 -11.74
C GLU A 77 -12.00 19.57 -11.03
N CYS A 78 -11.91 20.22 -9.87
CA CYS A 78 -13.05 20.65 -9.09
C CYS A 78 -13.18 22.16 -9.16
N ASP A 79 -14.41 22.65 -9.02
CA ASP A 79 -14.66 24.08 -9.13
C ASP A 79 -15.47 24.71 -8.00
N THR A 80 -15.86 23.95 -6.97
CA THR A 80 -16.69 24.50 -5.90
C THR A 80 -16.13 24.13 -4.54
N LEU A 81 -16.61 24.86 -3.53
CA LEU A 81 -16.23 24.66 -2.14
C LEU A 81 -17.48 24.37 -1.31
N ARG A 82 -17.42 23.33 -0.48
CA ARG A 82 -18.51 22.92 0.39
C ARG A 82 -18.11 23.10 1.85
N ILE A 83 -18.94 23.80 2.63
CA ILE A 83 -18.71 24.05 4.05
C ILE A 83 -19.92 23.56 4.84
N ASP A 84 -19.66 22.84 5.93
CA ASP A 84 -20.69 22.27 6.79
C ASP A 84 -20.43 22.69 8.23
N PHE A 85 -21.46 23.25 8.89
CA PHE A 85 -21.36 23.54 10.32
C PHE A 85 -22.74 23.39 10.96
N GLY A 86 -22.76 23.46 12.29
CA GLY A 86 -23.99 23.31 13.03
C GLY A 86 -24.15 24.25 14.20
N ILE A 87 -25.39 24.67 14.46
CA ILE A 87 -25.73 25.59 15.54
C ILE A 87 -26.66 24.90 16.52
N LYS A 88 -26.48 25.19 17.82
CA LYS A 88 -27.36 24.71 18.87
C LYS A 88 -27.95 25.90 19.60
N VAL A 89 -29.28 25.95 19.69
CA VAL A 89 -29.99 27.07 20.28
C VAL A 89 -30.59 26.64 21.62
N LEU A 90 -30.34 27.42 22.67
CA LEU A 90 -30.76 27.14 24.04
C LEU A 90 -31.52 28.33 24.62
N PRO A 91 -32.39 28.10 25.61
CA PRO A 91 -33.19 29.21 26.17
C PRO A 91 -32.36 30.23 26.95
N VAL A 92 -32.92 31.43 27.08
CA VAL A 92 -32.20 32.56 27.64
C VAL A 92 -32.26 32.58 29.15
N LYS A 93 -33.42 32.26 29.74
CA LYS A 93 -33.58 32.33 31.19
C LYS A 93 -32.94 31.17 31.92
N GLU A 94 -32.46 30.16 31.20
CA GLU A 94 -31.74 29.04 31.79
C GLU A 94 -30.25 29.12 31.48
N SER A 95 -29.80 30.22 30.89
CA SER A 95 -28.39 30.45 30.60
C SER A 95 -27.72 31.31 31.65
N MET A 96 -28.41 31.63 32.74
CA MET A 96 -27.80 32.23 33.91
C MET A 96 -27.21 31.11 34.76
N TYR A 97 -25.88 31.12 34.89
CA TYR A 97 -25.18 30.07 35.61
C TYR A 97 -24.80 30.47 37.03
N SER A 98 -24.76 31.77 37.32
CA SER A 98 -24.45 32.25 38.66
C SER A 98 -25.12 33.59 38.89
N CYS A 99 -25.70 33.77 40.08
CA CYS A 99 -26.22 35.07 40.52
C CYS A 99 -26.28 35.06 42.03
N SER A 100 -25.48 35.92 42.67
CA SER A 100 -25.35 35.89 44.12
C SER A 100 -26.63 36.35 44.82
N ASP A 101 -27.22 37.45 44.35
CA ASP A 101 -28.40 38.02 44.98
C ASP A 101 -29.67 37.43 44.36
N TYR A 102 -30.69 37.24 45.18
CA TYR A 102 -31.95 36.63 44.73
C TYR A 102 -32.92 37.64 44.16
N ASN A 103 -32.90 38.87 44.66
CA ASN A 103 -33.82 39.90 44.19
C ASN A 103 -33.50 40.34 42.78
N TYR A 104 -32.21 40.35 42.43
CA TYR A 104 -31.79 40.68 41.08
C TYR A 104 -32.20 39.58 40.10
N ARG A 105 -32.17 38.32 40.56
CA ARG A 105 -32.68 37.20 39.77
C ARG A 105 -34.17 37.35 39.48
N THR A 106 -34.94 37.73 40.51
CA THR A 106 -36.38 37.94 40.33
C THR A 106 -36.67 39.09 39.36
N ALA A 107 -35.93 40.20 39.49
CA ALA A 107 -36.16 41.37 38.66
C ALA A 107 -35.80 41.10 37.19
N ILE A 108 -34.65 40.46 36.96
CA ILE A 108 -34.25 40.16 35.57
C ILE A 108 -35.17 39.11 34.95
N TYR A 109 -35.68 38.15 35.74
CA TYR A 109 -36.65 37.18 35.20
C TYR A 109 -37.94 37.86 34.80
N GLN A 110 -38.37 38.85 35.60
CA GLN A 110 -39.54 39.64 35.25
C GLN A 110 -39.33 40.43 33.97
N LYS A 111 -38.15 41.04 33.80
CA LYS A 111 -37.89 41.84 32.61
C LYS A 111 -37.81 40.99 31.34
N ILE A 112 -37.20 39.80 31.42
CA ILE A 112 -37.22 38.89 30.26
C ILE A 112 -38.64 38.43 29.95
N ASP A 113 -39.48 38.20 30.97
CA ASP A 113 -40.86 37.78 30.67
C ASP A 113 -41.71 38.91 30.05
N GLU A 114 -41.49 40.17 30.46
CA GLU A 114 -42.15 41.27 29.74
C GLU A 114 -41.63 41.43 28.32
N TYR A 115 -40.36 41.09 28.07
CA TYR A 115 -39.90 41.10 26.68
C TYR A 115 -40.41 39.91 25.88
N ILE A 116 -40.78 38.80 26.54
CA ILE A 116 -41.47 37.74 25.81
C ILE A 116 -42.90 38.19 25.48
N ALA A 117 -43.53 39.01 26.33
CA ALA A 117 -44.88 39.49 26.04
C ALA A 117 -44.91 40.41 24.82
N GLU A 118 -44.05 41.43 24.79
CA GLU A 118 -43.95 42.35 23.66
C GLU A 118 -42.70 42.03 22.85
N ASP A 119 -42.87 41.65 21.57
CA ASP A 119 -41.82 41.21 20.66
C ASP A 119 -41.07 40.00 21.21
N GLY A 120 -41.73 38.84 21.21
CA GLY A 120 -41.15 37.61 21.71
C GLY A 120 -40.00 37.04 20.90
N PHE A 121 -38.87 37.77 20.91
CA PHE A 121 -37.58 37.36 20.34
C PHE A 121 -37.66 37.07 18.84
N LEU A 122 -38.53 37.80 18.13
CA LEU A 122 -38.75 37.52 16.72
C LEU A 122 -37.93 38.43 15.80
N THR A 123 -37.67 39.67 16.20
CA THR A 123 -36.86 40.57 15.38
C THR A 123 -35.41 40.11 15.31
N LEU A 124 -34.84 39.79 16.48
CA LEU A 124 -33.44 39.37 16.56
C LEU A 124 -33.20 38.05 15.83
N ALA A 125 -34.13 37.11 15.97
CA ALA A 125 -34.03 35.81 15.29
C ALA A 125 -34.11 35.96 13.77
N LYS A 126 -34.96 36.87 13.29
CA LYS A 126 -35.01 37.19 11.87
C LYS A 126 -33.68 37.77 11.40
N ARG A 127 -33.03 38.59 12.24
CA ARG A 127 -31.73 39.14 11.87
C ARG A 127 -30.65 38.05 11.83
N TYR A 128 -30.70 37.09 12.76
CA TYR A 128 -29.73 35.99 12.75
C TYR A 128 -29.91 35.08 11.54
N VAL A 129 -31.15 34.72 11.21
CA VAL A 129 -31.41 33.91 10.01
C VAL A 129 -31.09 34.70 8.73
N ASN A 130 -31.19 36.03 8.77
CA ASN A 130 -30.70 36.84 7.65
C ASN A 130 -29.19 36.70 7.49
N ASN A 131 -28.43 36.75 8.60
CA ASN A 131 -26.99 36.53 8.50
C ASN A 131 -26.61 35.09 8.13
N ILE A 132 -27.50 34.12 8.37
CA ILE A 132 -27.29 32.78 7.79
C ILE A 132 -27.60 32.78 6.29
N ALA A 133 -28.57 33.59 5.84
CA ALA A 133 -28.96 33.61 4.44
C ALA A 133 -28.07 34.49 3.58
N ASN A 134 -27.54 35.58 4.15
CA ASN A 134 -26.66 36.47 3.40
C ASN A 134 -25.29 35.87 3.11
N ALA A 135 -24.93 34.79 3.82
CA ALA A 135 -23.64 34.10 3.76
C ALA A 135 -22.51 35.04 4.15
N ARG A 136 -22.60 35.62 5.34
CA ARG A 136 -21.56 36.49 5.88
C ARG A 136 -20.49 35.69 6.61
N PHE A 137 -20.69 34.39 6.79
CA PHE A 137 -19.69 33.50 7.35
C PHE A 137 -18.64 33.08 6.33
N LEU A 138 -18.71 33.65 5.12
CA LEU A 138 -17.71 33.51 4.06
C LEU A 138 -17.03 34.87 4.02
N TRP A 139 -15.99 35.04 4.84
CA TRP A 139 -15.34 36.32 4.97
C TRP A 139 -14.64 36.80 3.70
N ARG A 140 -13.60 36.11 3.27
CA ARG A 140 -12.92 36.49 2.04
C ARG A 140 -13.26 35.51 0.90
N ASN A 141 -14.13 34.55 1.17
CA ASN A 141 -14.56 33.57 0.18
C ASN A 141 -15.82 33.98 -0.54
N ARG A 142 -16.37 35.15 -0.22
CA ARG A 142 -17.58 35.66 -0.87
C ARG A 142 -17.21 36.60 -2.02
N LYS A 143 -15.94 36.90 -2.19
CA LYS A 143 -15.47 37.79 -3.24
C LYS A 143 -15.10 36.96 -4.47
N GLY A 144 -15.69 37.28 -5.60
CA GLY A 144 -15.46 36.51 -6.82
C GLY A 144 -16.14 35.17 -6.80
N ALA A 145 -17.47 35.14 -6.76
CA ALA A 145 -18.22 33.89 -6.68
C ALA A 145 -19.38 33.97 -7.66
N GLU A 146 -19.47 32.98 -8.54
CA GLU A 146 -20.52 32.98 -9.55
C GLU A 146 -21.88 32.65 -8.95
N ILE A 147 -21.97 31.53 -8.24
CA ILE A 147 -23.20 31.08 -7.58
C ILE A 147 -22.87 30.76 -6.13
N ILE A 148 -23.71 31.27 -5.22
CA ILE A 148 -23.66 30.90 -3.81
C ILE A 148 -25.05 30.43 -3.41
N GLU A 149 -25.14 29.22 -2.84
CA GLU A 149 -26.39 28.69 -2.33
C GLU A 149 -26.20 28.19 -0.90
N THR A 150 -27.18 28.46 -0.05
CA THR A 150 -27.17 28.01 1.34
C THR A 150 -28.42 27.20 1.64
N ILE A 151 -28.24 26.03 2.26
CA ILE A 151 -29.32 25.12 2.60
C ILE A 151 -29.34 24.92 4.11
N VAL A 152 -30.52 25.07 4.71
CA VAL A 152 -30.70 24.98 6.16
C VAL A 152 -31.62 23.79 6.46
N THR A 153 -31.14 22.89 7.31
CA THR A 153 -31.90 21.72 7.74
C THR A 153 -32.15 21.79 9.24
N ILE A 154 -33.41 21.71 9.65
CA ILE A 154 -33.81 21.61 11.04
C ILE A 154 -34.47 20.24 11.23
N GLU A 155 -33.92 19.46 12.17
CA GLU A 155 -34.35 18.10 12.52
C GLU A 155 -34.17 17.18 11.31
N ASP A 156 -35.28 16.86 10.64
CA ASP A 156 -35.22 16.07 9.42
C ASP A 156 -35.91 16.76 8.24
N LYS A 157 -36.21 18.04 8.34
CA LYS A 157 -36.84 18.78 7.27
C LYS A 157 -35.81 19.68 6.58
N GLU A 158 -35.62 19.48 5.29
CA GLU A 158 -34.76 20.33 4.50
C GLU A 158 -35.60 21.41 3.82
N TYR A 159 -35.29 22.65 4.10
CA TYR A 159 -36.05 23.80 3.62
C TYR A 159 -35.56 24.20 2.23
N PRO A 160 -36.37 24.92 1.45
CA PRO A 160 -35.91 25.43 0.15
C PRO A 160 -34.71 26.35 0.26
N SER A 161 -33.89 26.32 -0.79
CA SER A 161 -32.55 26.90 -0.75
C SER A 161 -32.60 28.41 -0.87
N PHE A 162 -31.45 29.04 -0.62
CA PHE A 162 -31.28 30.47 -0.69
C PHE A 162 -30.31 30.83 -1.80
N ASN A 163 -30.54 31.98 -2.42
CA ASN A 163 -29.59 32.57 -3.36
C ASN A 163 -28.96 33.74 -2.60
N SER A 164 -27.75 33.51 -2.08
CA SER A 164 -27.12 34.47 -1.17
C SER A 164 -26.65 35.73 -1.86
N LYS A 165 -26.51 35.72 -3.19
CA LYS A 165 -26.10 36.91 -3.91
C LYS A 165 -27.25 37.86 -4.21
N SER A 166 -28.48 37.50 -3.84
CA SER A 166 -29.64 38.36 -4.00
C SER A 166 -29.93 39.17 -2.76
N PHE A 167 -29.11 39.06 -1.73
CA PHE A 167 -29.25 39.79 -0.48
C PHE A 167 -28.14 40.83 -0.36
N ASN A 168 -28.48 41.99 0.17
CA ASN A 168 -27.49 43.01 0.47
C ASN A 168 -27.00 42.81 1.89
N LEU A 169 -25.73 43.16 2.13
CA LEU A 169 -25.08 42.95 3.42
C LEU A 169 -25.30 44.11 4.38
N ASP A 170 -26.17 45.06 4.02
CA ASP A 170 -26.49 46.21 4.86
C ASP A 170 -27.96 46.34 5.17
N THR A 171 -28.83 45.54 4.57
CA THR A 171 -30.27 45.67 4.70
C THR A 171 -30.85 44.34 5.18
N PHE A 172 -31.76 44.40 6.13
CA PHE A 172 -32.34 43.21 6.75
C PHE A 172 -33.77 43.03 6.25
N VAL A 173 -34.05 41.85 5.70
CA VAL A 173 -35.32 41.55 5.04
C VAL A 173 -36.26 40.88 6.03
N GLU A 174 -37.55 41.27 5.98
CA GLU A 174 -38.57 40.73 6.87
C GLU A 174 -39.79 40.23 6.10
N ASP A 175 -39.60 39.79 4.85
CA ASP A 175 -40.70 39.34 4.02
C ASP A 175 -40.56 37.93 3.49
N ASN A 176 -39.37 37.33 3.55
CA ASN A 176 -39.17 35.98 3.03
C ASN A 176 -39.84 34.97 3.96
N ALA A 177 -40.59 34.03 3.36
CA ALA A 177 -41.38 33.07 4.14
C ALA A 177 -40.49 32.07 4.87
N THR A 178 -39.44 31.58 4.20
CA THR A 178 -38.54 30.59 4.78
C THR A 178 -37.80 31.16 5.99
N ILE A 179 -37.33 32.41 5.88
CA ILE A 179 -36.63 33.09 6.97
C ILE A 179 -37.55 33.24 8.18
N ASN A 180 -38.82 33.59 7.95
CA ASN A 180 -39.78 33.73 9.04
C ASN A 180 -40.11 32.38 9.69
N GLU A 181 -40.17 31.31 8.88
CA GLU A 181 -40.49 30.00 9.44
C GLU A 181 -39.37 29.46 10.31
N ILE A 182 -38.10 29.68 9.91
CA ILE A 182 -36.98 29.32 10.79
C ILE A 182 -36.91 30.23 12.01
N ALA A 183 -37.18 31.52 11.82
CA ALA A 183 -37.06 32.50 12.90
C ALA A 183 -38.10 32.28 13.99
N GLN A 184 -39.27 31.76 13.63
CA GLN A 184 -40.27 31.44 14.63
C GLN A 184 -39.82 30.31 15.55
N GLN A 185 -39.18 29.28 15.00
CA GLN A 185 -38.65 28.19 15.82
C GLN A 185 -37.51 28.65 16.71
N ILE A 186 -36.62 29.50 16.18
CA ILE A 186 -35.52 30.03 16.99
C ILE A 186 -36.06 30.96 18.10
N ALA A 187 -37.10 31.73 17.78
CA ALA A 187 -37.73 32.60 18.79
C ALA A 187 -38.40 31.80 19.88
N ASP A 188 -39.09 30.71 19.52
CA ASP A 188 -39.75 29.87 20.51
C ASP A 188 -38.75 29.11 21.37
N THR A 189 -37.60 28.75 20.81
CA THR A 189 -36.54 28.16 21.62
C THR A 189 -35.96 29.18 22.59
N PHE A 190 -35.75 30.43 22.12
CA PHE A 190 -35.29 31.50 22.99
C PHE A 190 -36.29 31.84 24.09
N ALA A 191 -37.58 31.69 23.83
CA ALA A 191 -38.57 32.11 24.80
C ALA A 191 -38.82 31.10 25.91
N GLY A 192 -38.46 29.83 25.71
CA GLY A 192 -38.66 28.79 26.70
C GLY A 192 -39.71 27.78 26.33
N LYS A 193 -40.46 28.02 25.25
CA LYS A 193 -41.51 27.09 24.83
C LYS A 193 -40.93 25.75 24.37
N ARG A 194 -39.76 25.78 23.75
CA ARG A 194 -38.98 24.58 23.47
C ARG A 194 -37.70 24.65 24.27
N GLU A 195 -37.05 23.50 24.44
CA GLU A 195 -35.88 23.42 25.30
C GLU A 195 -34.56 23.32 24.54
N TYR A 196 -34.60 23.05 23.24
CA TYR A 196 -33.40 22.99 22.43
C TYR A 196 -33.74 22.91 20.95
N LEU A 197 -32.87 23.39 20.08
CA LEU A 197 -33.03 23.30 18.63
C LEU A 197 -31.67 23.08 18.00
N ASN A 198 -31.62 22.20 17.00
CA ASN A 198 -30.38 21.88 16.29
C ASN A 198 -30.53 22.21 14.82
N ILE A 199 -29.61 23.01 14.29
CA ILE A 199 -29.65 23.51 12.91
C ILE A 199 -28.38 23.03 12.20
N TYR A 200 -28.52 22.62 10.94
CA TYR A 200 -27.40 22.17 10.12
C TYR A 200 -27.37 22.96 8.83
N VAL A 201 -26.22 23.57 8.53
CA VAL A 201 -26.08 24.50 7.41
C VAL A 201 -25.03 23.96 6.44
N THR A 202 -25.36 23.96 5.15
CA THR A 202 -24.47 23.56 4.07
C THR A 202 -24.43 24.66 3.01
N CYS A 203 -23.23 25.06 2.59
CA CYS A 203 -23.05 26.12 1.61
C CYS A 203 -22.19 25.63 0.46
N PHE A 204 -22.54 26.05 -0.76
CA PHE A 204 -21.79 25.73 -1.98
C PHE A 204 -21.38 27.03 -2.66
N VAL A 205 -20.08 27.23 -2.83
CA VAL A 205 -19.54 28.45 -3.41
C VAL A 205 -18.77 28.09 -4.67
N LYS A 206 -19.20 28.63 -5.81
CA LYS A 206 -18.52 28.40 -7.08
C LYS A 206 -17.52 29.52 -7.34
N ILE A 207 -16.23 29.19 -7.29
CA ILE A 207 -15.17 30.17 -7.42
C ILE A 207 -14.50 30.09 -8.78
N GLY A 208 -14.07 28.89 -9.16
CA GLY A 208 -13.26 28.67 -10.34
C GLY A 208 -12.52 27.37 -10.15
N CYS A 209 -11.65 27.06 -11.12
CA CYS A 209 -11.07 25.73 -11.09
C CYS A 209 -9.96 25.60 -10.05
N ALA A 210 -8.82 26.25 -10.28
CA ALA A 210 -7.66 26.10 -9.39
C ALA A 210 -7.48 27.30 -8.48
N MET A 211 -8.56 27.95 -8.09
CA MET A 211 -8.49 29.20 -7.37
C MET A 211 -8.19 28.95 -5.89
N GLU A 212 -8.09 30.04 -5.12
CA GLU A 212 -7.59 30.00 -3.76
C GLU A 212 -8.73 30.03 -2.75
N VAL A 213 -8.60 29.18 -1.73
CA VAL A 213 -9.53 29.11 -0.61
C VAL A 213 -8.79 29.68 0.60
N TYR A 214 -9.50 30.44 1.44
CA TYR A 214 -8.90 31.16 2.55
C TYR A 214 -9.38 30.58 3.87
N PRO A 215 -8.62 29.68 4.51
CA PRO A 215 -9.04 29.16 5.82
C PRO A 215 -8.78 30.12 6.96
N SER A 216 -8.96 29.65 8.18
CA SER A 216 -8.73 30.45 9.36
C SER A 216 -7.30 30.26 9.84
N GLN A 217 -6.67 31.35 10.27
CA GLN A 217 -5.27 31.36 10.69
C GLN A 217 -5.17 31.33 12.21
N GLU A 218 -4.22 30.55 12.70
CA GLU A 218 -4.06 30.30 14.13
C GLU A 218 -3.17 31.36 14.78
N MET A 219 -3.29 31.46 16.10
CA MET A 219 -2.44 32.31 16.92
C MET A 219 -1.51 31.39 17.70
N THR A 220 -0.27 31.27 17.24
CA THR A 220 0.74 30.44 17.89
C THR A 220 2.00 31.27 18.09
N PHE A 221 2.62 31.13 19.25
CA PHE A 221 3.83 31.86 19.59
C PHE A 221 4.97 30.86 19.74
N ASP A 222 5.81 30.77 18.71
CA ASP A 222 7.05 30.02 18.78
C ASP A 222 8.16 30.92 18.23
N ASP A 223 9.28 30.99 18.96
CA ASP A 223 10.33 31.94 18.61
C ASP A 223 11.13 31.49 17.39
N ASP A 224 11.35 30.19 17.24
CA ASP A 224 12.17 29.69 16.14
C ASP A 224 11.49 29.87 14.79
N ASP A 225 10.22 29.47 14.66
CA ASP A 225 9.51 29.48 13.39
C ASP A 225 8.37 30.49 13.46
N LYS A 226 8.51 31.59 12.73
CA LYS A 226 7.46 32.58 12.58
C LYS A 226 6.93 32.51 11.15
N GLY A 227 5.68 32.09 10.99
CA GLY A 227 5.08 31.98 9.67
C GLY A 227 3.58 31.81 9.80
N LYS A 228 2.93 31.78 8.64
CA LYS A 228 1.49 31.61 8.59
C LYS A 228 1.14 30.15 8.83
N LYS A 229 0.39 29.87 9.89
CA LYS A 229 -0.05 28.53 10.22
C LYS A 229 -1.57 28.49 10.14
N LEU A 230 -2.09 27.55 9.36
CA LEU A 230 -3.51 27.48 9.03
C LEU A 230 -4.18 26.34 9.77
N PHE A 231 -5.49 26.49 9.98
CA PHE A 231 -6.25 25.54 10.78
C PHE A 231 -6.52 24.23 10.04
N LYS A 232 -6.14 23.12 10.67
CA LYS A 232 -6.46 21.79 10.19
C LYS A 232 -7.40 21.13 11.19
N PHE A 233 -8.58 20.74 10.72
CA PHE A 233 -9.56 20.04 11.55
C PHE A 233 -9.66 18.64 10.97
N GLU A 234 -9.15 17.66 11.73
CA GLU A 234 -9.13 16.23 11.38
C GLU A 234 -8.43 15.98 10.06
N GLY A 235 -7.35 16.73 9.83
CA GLY A 235 -6.55 16.61 8.62
C GLY A 235 -6.97 17.50 7.48
N SER A 236 -8.11 18.18 7.57
CA SER A 236 -8.62 18.98 6.48
C SER A 236 -8.83 20.43 6.94
N ALA A 237 -8.96 21.32 5.97
CA ALA A 237 -9.06 22.75 6.25
C ALA A 237 -10.43 23.10 6.81
N GLY A 238 -10.49 24.22 7.52
CA GLY A 238 -11.74 24.65 8.11
C GLY A 238 -11.63 26.02 8.72
N MET A 239 -12.72 26.44 9.35
CA MET A 239 -12.82 27.73 10.03
C MET A 239 -13.14 27.51 11.50
N HIS A 240 -12.71 28.45 12.34
CA HIS A 240 -13.01 28.42 13.76
C HIS A 240 -14.48 28.74 14.01
N SER A 241 -14.94 28.42 15.22
CA SER A 241 -16.32 28.70 15.61
C SER A 241 -16.52 30.18 15.92
N GLN A 242 -15.47 30.83 16.43
CA GLN A 242 -15.55 32.24 16.83
C GLN A 242 -15.78 33.15 15.63
N LYS A 243 -15.16 32.82 14.49
CA LYS A 243 -15.34 33.62 13.27
C LYS A 243 -16.77 33.51 12.76
N ILE A 244 -17.34 32.31 12.75
CA ILE A 244 -18.72 32.09 12.33
C ILE A 244 -19.71 32.80 13.26
N ASN A 245 -19.44 32.75 14.57
CA ASN A 245 -20.33 33.42 15.50
C ASN A 245 -20.24 34.94 15.38
N ASN A 246 -19.04 35.48 15.18
CA ASN A 246 -18.85 36.91 14.98
C ASN A 246 -19.51 37.38 13.69
N ALA A 247 -19.54 36.51 12.68
CA ALA A 247 -20.34 36.77 11.50
C ALA A 247 -21.83 36.82 11.83
N LEU A 248 -22.30 35.93 12.72
CA LEU A 248 -23.73 35.89 13.00
C LEU A 248 -24.23 37.01 13.93
N ARG A 249 -23.39 37.59 14.79
CA ARG A 249 -23.85 38.66 15.67
C ARG A 249 -23.77 40.06 15.07
N THR A 250 -23.49 40.20 13.76
CA THR A 250 -23.43 41.52 13.14
C THR A 250 -24.86 41.96 12.80
N ILE A 251 -25.59 42.33 13.86
CA ILE A 251 -27.01 42.67 13.77
C ILE A 251 -27.32 44.05 14.31
N ASP A 252 -26.32 44.78 14.80
CA ASP A 252 -26.58 46.02 15.53
C ASP A 252 -26.65 47.17 14.54
N THR A 253 -27.82 47.80 14.46
CA THR A 253 -28.03 49.02 13.69
C THR A 253 -28.71 50.08 14.54
N TRP A 254 -28.43 50.12 15.84
CA TRP A 254 -29.12 51.01 16.76
C TRP A 254 -28.14 51.85 17.56
N TYR A 255 -26.92 52.04 17.06
CA TYR A 255 -25.89 52.73 17.82
C TYR A 255 -26.15 54.23 17.74
N PRO A 256 -25.45 55.03 18.56
CA PRO A 256 -25.66 56.47 18.60
C PRO A 256 -25.64 57.24 17.26
N ASP A 257 -24.62 57.09 16.43
CA ASP A 257 -24.55 57.81 15.17
C ASP A 257 -24.54 56.89 13.97
N TYR A 258 -25.70 56.42 13.54
CA TYR A 258 -25.78 55.48 12.45
C TYR A 258 -26.06 56.14 11.14
N THR A 259 -26.60 57.34 11.17
CA THR A 259 -26.97 57.97 9.91
C THR A 259 -25.76 58.36 9.06
N THR A 260 -24.59 58.56 9.66
CA THR A 260 -23.39 58.80 8.87
C THR A 260 -22.72 57.49 8.47
N TYR A 261 -22.45 56.61 9.52
CA TYR A 261 -21.86 55.34 9.13
C TYR A 261 -23.00 54.39 8.95
N GLU A 262 -23.41 54.09 7.73
CA GLU A 262 -24.61 53.24 7.57
C GLU A 262 -24.38 51.76 7.35
N PHE A 263 -23.77 51.10 8.31
CA PHE A 263 -23.46 49.68 8.23
C PHE A 263 -23.74 49.03 9.58
N PRO A 264 -24.09 47.74 9.59
CA PRO A 264 -24.28 47.04 10.87
C PRO A 264 -22.97 46.62 11.51
N ILE A 265 -22.91 46.73 12.84
CA ILE A 265 -21.71 46.40 13.62
C ILE A 265 -21.99 45.19 14.51
N PRO A 266 -20.97 44.47 14.97
CA PRO A 266 -21.20 43.39 15.94
C PRO A 266 -21.64 43.91 17.29
N VAL A 267 -22.26 43.02 18.06
CA VAL A 267 -22.85 43.36 19.35
C VAL A 267 -21.81 43.13 20.44
N GLU A 268 -21.28 44.23 20.98
CA GLU A 268 -20.32 44.20 22.08
C GLU A 268 -20.78 45.16 23.16
N ASN A 269 -20.04 45.17 24.28
CA ASN A 269 -20.46 45.94 25.46
C ASN A 269 -20.28 47.44 25.24
N TYR A 270 -19.16 47.86 24.65
CA TYR A 270 -18.90 49.27 24.41
C TYR A 270 -18.88 49.59 22.92
N GLY A 271 -19.45 48.72 22.09
CA GLY A 271 -19.55 48.93 20.67
C GLY A 271 -18.20 48.95 19.97
N ALA A 272 -17.32 48.03 20.37
CA ALA A 272 -15.96 47.99 19.87
C ALA A 272 -15.87 46.99 18.73
N ALA A 273 -15.59 47.48 17.53
CA ALA A 273 -15.40 46.66 16.36
C ALA A 273 -13.93 46.69 15.98
N ARG A 274 -13.41 45.58 15.48
CA ARG A 274 -12.00 45.49 15.15
C ARG A 274 -11.67 46.08 13.79
N SER A 275 -12.63 46.72 13.12
CA SER A 275 -12.35 47.44 11.90
C SER A 275 -12.08 48.91 12.19
N ILE A 276 -13.06 49.60 12.79
CA ILE A 276 -12.89 51.01 13.15
C ILE A 276 -12.35 51.09 14.58
N GLY A 277 -11.32 51.92 14.77
CA GLY A 277 -10.62 51.96 16.04
C GLY A 277 -11.11 52.99 17.04
N ILE A 278 -12.34 53.47 16.88
CA ILE A 278 -12.99 54.32 17.86
C ILE A 278 -14.27 53.61 18.31
N PRO A 279 -14.47 53.40 19.61
CA PRO A 279 -15.70 52.75 20.10
C PRO A 279 -16.97 53.49 19.73
N PHE A 280 -18.01 52.76 19.33
CA PHE A 280 -19.25 53.37 18.88
C PHE A 280 -20.26 53.65 19.96
N ARG A 281 -20.17 52.95 21.07
CA ARG A 281 -21.08 53.15 22.18
C ARG A 281 -20.23 53.40 23.37
N PRO A 282 -19.66 54.59 23.50
CA PRO A 282 -18.70 54.85 24.57
C PRO A 282 -19.24 55.11 25.97
N ASP A 283 -20.40 55.71 26.17
CA ASP A 283 -20.85 56.03 27.52
C ASP A 283 -22.32 55.99 27.82
N THR A 284 -23.11 56.85 27.21
CA THR A 284 -24.51 56.92 27.61
C THR A 284 -25.32 55.73 27.11
N LYS A 285 -24.97 55.19 25.94
CA LYS A 285 -25.72 54.10 25.33
C LYS A 285 -24.93 52.80 25.37
N SER A 286 -24.20 52.58 26.46
CA SER A 286 -23.49 51.33 26.66
C SER A 286 -24.41 50.31 27.31
N PHE A 287 -23.91 49.09 27.50
CA PHE A 287 -24.73 48.04 28.10
C PHE A 287 -24.95 48.28 29.59
N TYR A 288 -23.89 48.66 30.31
CA TYR A 288 -23.95 48.77 31.77
C TYR A 288 -24.90 49.88 32.21
N LYS A 289 -24.89 51.01 31.51
CA LYS A 289 -25.75 52.13 31.88
C LYS A 289 -27.22 51.81 31.60
N LEU A 290 -27.51 51.15 30.48
CA LEU A 290 -28.89 50.78 30.16
C LEU A 290 -29.40 49.69 31.10
N ILE A 291 -28.55 48.74 31.49
CA ILE A 291 -29.00 47.67 32.37
C ILE A 291 -29.10 48.17 33.81
N ASP A 292 -28.36 49.22 34.17
CA ASP A 292 -28.53 49.87 35.46
C ASP A 292 -29.57 50.99 35.41
N ARG A 293 -30.20 51.22 34.25
CA ARG A 293 -31.40 52.03 34.17
C ARG A 293 -32.66 51.23 33.95
N MET A 294 -32.57 49.96 33.58
CA MET A 294 -33.74 49.13 33.37
C MET A 294 -34.13 48.35 34.61
N ILE A 295 -33.17 47.91 35.42
CA ILE A 295 -33.45 47.08 36.58
C ILE A 295 -33.35 47.84 37.89
N LEU A 296 -32.38 48.74 38.02
CA LEU A 296 -32.15 49.42 39.28
C LEU A 296 -32.91 50.72 39.51
N LYS A 297 -33.38 51.37 38.46
CA LYS A 297 -34.19 52.56 38.61
C LYS A 297 -35.37 52.40 37.71
N ASN A 298 -36.15 51.36 37.92
CA ASN A 298 -37.26 51.03 37.01
C ASN A 298 -37.67 52.09 36.01
N GLU A 299 -37.35 51.89 34.73
CA GLU A 299 -37.70 52.82 33.67
C GLU A 299 -38.07 52.03 32.42
N ASP A 300 -38.98 52.57 31.63
CA ASP A 300 -39.30 51.98 30.34
C ASP A 300 -38.42 52.62 29.28
N LEU A 301 -37.51 51.83 28.73
CA LEU A 301 -36.61 52.28 27.70
C LEU A 301 -37.27 52.13 26.34
N PRO A 302 -36.81 52.87 25.33
CA PRO A 302 -37.24 52.60 23.95
C PRO A 302 -36.86 51.20 23.50
N ILE A 303 -37.61 50.68 22.53
CA ILE A 303 -37.58 49.26 22.18
C ILE A 303 -36.23 48.87 21.55
N GLU A 304 -35.53 49.84 20.94
CA GLU A 304 -34.23 49.56 20.35
C GLU A 304 -33.18 49.26 21.42
N ASP A 305 -33.22 50.01 22.53
CA ASP A 305 -32.29 49.76 23.64
C ASP A 305 -32.57 48.41 24.28
N LYS A 306 -33.84 48.03 24.37
CA LYS A 306 -34.21 46.71 24.87
C LYS A 306 -33.70 45.61 23.93
N HIS A 307 -33.76 45.85 22.62
CA HIS A 307 -33.22 44.91 21.64
C HIS A 307 -31.71 44.72 21.83
N TYR A 308 -30.99 45.81 22.07
CA TYR A 308 -29.55 45.75 22.30
C TYR A 308 -29.21 44.99 23.59
N VAL A 309 -29.96 45.26 24.67
CA VAL A 309 -29.74 44.59 25.95
C VAL A 309 -30.00 43.09 25.86
N MET A 310 -31.09 42.69 25.19
CA MET A 310 -31.35 41.27 25.01
C MET A 310 -30.32 40.61 24.08
N ALA A 311 -29.81 41.35 23.09
CA ALA A 311 -28.76 40.80 22.24
C ALA A 311 -27.47 40.54 23.01
N ILE A 312 -27.13 41.44 23.95
CA ILE A 312 -25.98 41.21 24.82
C ILE A 312 -26.21 39.98 25.71
N LEU A 313 -27.44 39.80 26.21
CA LEU A 313 -27.71 38.61 27.03
C LEU A 313 -27.70 37.32 26.22
N ILE A 314 -28.03 37.36 24.93
CA ILE A 314 -27.82 36.17 24.09
C ILE A 314 -26.35 35.98 23.72
N ARG A 315 -25.52 37.03 23.79
CA ARG A 315 -24.12 36.78 23.49
C ARG A 315 -23.37 36.17 24.67
N GLY A 316 -23.62 36.64 25.89
CA GLY A 316 -23.01 36.07 27.08
C GLY A 316 -21.84 36.89 27.58
N GLY A 317 -21.32 36.48 28.74
CA GLY A 317 -20.19 37.15 29.34
C GLY A 317 -20.26 37.27 30.85
N MET A 318 -19.24 37.89 31.43
CA MET A 318 -19.18 38.14 32.87
C MET A 318 -19.63 39.58 33.13
N PHE A 319 -20.78 39.73 33.77
CA PHE A 319 -21.42 41.04 33.97
C PHE A 319 -21.62 41.24 35.46
N SER A 320 -20.71 41.96 36.11
CA SER A 320 -20.84 42.11 37.55
C SER A 320 -20.39 43.50 37.98
N LYS A 321 -20.42 43.70 39.28
CA LYS A 321 -20.02 44.97 39.83
C LYS A 321 -18.56 45.09 39.85
N LYS A 322 -18.10 46.31 39.81
CA LYS A 322 -16.66 46.56 39.85
C LYS A 322 -16.07 45.97 41.12
N GLN A 323 -14.93 45.30 40.97
CA GLN A 323 -14.39 44.50 42.05
C GLN A 323 -13.50 45.32 42.97
N GLU A 324 -13.83 45.36 44.26
CA GLU A 324 -13.00 46.02 45.24
C GLU A 324 -12.07 45.02 45.90
N LYS A 325 -11.07 45.56 46.58
CA LYS A 325 -10.14 44.77 47.38
C LYS A 325 -10.57 44.75 48.85
N THR B 1 -9.02 67.77 7.91
CA THR B 1 -7.57 67.70 7.96
C THR B 1 -7.12 66.32 8.43
N LEU B 2 -6.28 65.67 7.63
CA LEU B 2 -5.79 64.33 7.94
C LEU B 2 -4.29 64.40 8.13
N LYS B 3 -3.84 64.32 9.38
CA LYS B 3 -2.44 64.13 9.69
C LYS B 3 -2.23 62.64 9.95
N SER B 4 -1.24 62.06 9.27
CA SER B 4 -0.70 60.70 9.41
C SER B 4 -1.61 59.65 8.80
N ARG B 5 -1.04 58.53 8.43
CA ARG B 5 -1.74 57.35 7.95
C ARG B 5 -2.35 56.61 9.13
N PRO B 6 -3.40 55.80 8.92
CA PRO B 6 -3.98 55.06 10.03
C PRO B 6 -3.06 53.96 10.55
N GLU B 7 -3.38 53.51 11.76
CA GLU B 7 -2.53 52.56 12.47
C GLU B 7 -2.65 51.15 11.91
N ASN B 8 -3.75 50.85 11.23
CA ASN B 8 -3.94 49.57 10.54
C ASN B 8 -4.42 49.87 9.14
N LEU B 9 -3.57 49.62 8.14
CA LEU B 9 -3.95 49.77 6.75
C LEU B 9 -3.32 48.64 5.95
N SER B 10 -4.16 47.93 5.18
CA SER B 10 -3.72 46.83 4.38
C SER B 10 -4.58 46.66 3.17
N PHE B 11 -3.99 46.46 2.01
CA PHE B 11 -4.73 46.21 0.79
C PHE B 11 -4.55 44.77 0.34
N ALA B 12 -5.58 44.25 -0.32
CA ALA B 12 -5.59 42.89 -0.81
C ALA B 12 -5.34 42.88 -2.32
N ARG B 13 -4.92 41.75 -2.83
CA ARG B 13 -4.57 41.64 -4.24
C ARG B 13 -5.73 41.65 -5.17
N CYS B 14 -5.61 42.36 -6.26
CA CYS B 14 -6.65 42.48 -7.27
C CYS B 14 -6.36 41.66 -8.51
N LEU B 15 -5.24 40.94 -8.56
CA LEU B 15 -4.84 40.15 -9.73
C LEU B 15 -4.31 38.82 -9.19
N ASN B 16 -5.21 37.88 -8.94
CA ASN B 16 -4.82 36.60 -8.35
C ASN B 16 -4.47 35.62 -9.47
N THR B 17 -3.42 34.85 -9.27
CA THR B 17 -2.95 33.91 -10.27
C THR B 17 -2.79 32.53 -9.64
N THR B 18 -3.31 31.52 -10.32
CA THR B 18 -3.22 30.14 -9.85
C THR B 18 -1.84 29.57 -10.12
N GLU B 19 -1.63 28.34 -9.65
CA GLU B 19 -0.41 27.62 -9.95
C GLU B 19 -0.42 27.17 -11.42
N ALA B 20 0.72 26.69 -11.89
CA ALA B 20 0.88 26.24 -13.26
C ALA B 20 1.20 24.75 -13.27
N LYS B 21 0.63 24.03 -14.24
CA LYS B 21 0.93 22.63 -14.44
C LYS B 21 1.54 22.43 -15.83
N PHE B 22 2.50 21.53 -15.91
CA PHE B 22 3.25 21.28 -17.14
C PHE B 22 2.79 19.98 -17.78
N TRP B 23 2.58 20.03 -19.10
CA TRP B 23 2.24 18.86 -19.89
C TRP B 23 3.18 18.80 -21.08
N GLN B 24 3.27 17.62 -21.70
CA GLN B 24 4.05 17.45 -22.92
C GLN B 24 3.15 16.96 -24.05
N THR B 25 3.36 17.53 -25.24
CA THR B 25 2.53 17.27 -26.41
C THR B 25 3.44 17.12 -27.63
N ASP B 26 2.83 17.07 -28.81
CA ASP B 26 3.48 17.22 -30.10
C ASP B 26 2.85 18.43 -30.80
N PHE B 27 3.63 19.11 -31.64
CA PHE B 27 3.14 20.38 -32.22
C PHE B 27 2.06 20.19 -33.27
N LEU B 28 2.23 19.22 -34.17
CA LEU B 28 1.23 19.05 -35.22
C LEU B 28 -0.07 18.49 -34.66
N LYS B 29 0.01 17.62 -33.66
CA LYS B 29 -1.17 17.10 -32.99
C LYS B 29 -1.25 17.63 -31.58
N ARG B 30 -1.49 18.92 -31.42
CA ARG B 30 -1.50 19.58 -30.12
C ARG B 30 -2.88 19.89 -29.59
N HIS B 31 -3.89 19.94 -30.45
CA HIS B 31 -5.26 20.18 -30.01
C HIS B 31 -5.98 18.90 -29.62
N THR B 32 -5.30 17.75 -29.68
CA THR B 32 -5.97 16.47 -29.45
C THR B 32 -5.19 15.52 -28.53
N PHE B 33 -4.09 15.95 -27.90
CA PHE B 33 -3.18 14.98 -27.31
C PHE B 33 -2.33 15.67 -26.25
N LYS B 34 -2.29 15.10 -25.04
CA LYS B 34 -1.46 15.63 -23.97
C LYS B 34 -1.08 14.52 -22.99
N LEU B 35 0.15 14.58 -22.48
CA LEU B 35 0.72 13.59 -21.59
C LEU B 35 1.35 14.27 -20.38
N PRO B 36 1.43 13.58 -19.24
CA PRO B 36 2.03 14.21 -18.05
C PRO B 36 3.55 14.32 -18.13
N LEU B 37 4.09 15.25 -17.34
CA LEU B 37 5.52 15.48 -17.22
C LEU B 37 5.90 15.36 -15.75
N LEU B 38 6.90 14.53 -15.46
CA LEU B 38 7.27 14.22 -14.08
C LEU B 38 8.73 14.59 -13.82
N ILE B 39 9.03 14.81 -12.54
CA ILE B 39 10.37 15.17 -12.07
C ILE B 39 11.10 13.92 -11.63
N THR B 40 12.34 13.76 -12.08
CA THR B 40 13.17 12.62 -11.75
C THR B 40 14.25 13.02 -10.75
N ASP B 41 14.98 12.03 -10.27
CA ASP B 41 16.06 12.29 -9.33
C ASP B 41 17.38 11.96 -9.96
N LYS B 42 18.31 12.87 -9.89
CA LYS B 42 19.63 12.74 -10.48
C LYS B 42 20.69 13.12 -9.44
N ALA B 43 21.64 12.22 -9.22
CA ALA B 43 22.75 12.48 -8.31
C ALA B 43 24.03 12.52 -9.12
N VAL B 44 24.96 13.39 -8.72
CA VAL B 44 26.15 13.69 -9.51
C VAL B 44 27.40 13.54 -8.66
N LEU B 45 28.49 13.13 -9.31
CA LEU B 45 29.83 13.23 -8.76
C LEU B 45 30.45 14.45 -9.40
N ALA B 46 31.22 15.22 -8.64
CA ALA B 46 31.76 16.47 -9.12
C ALA B 46 33.24 16.58 -8.73
N SER B 47 33.81 17.75 -8.96
CA SER B 47 35.12 18.10 -8.48
C SER B 47 35.00 19.29 -7.56
N LYS B 48 35.97 19.44 -6.65
CA LYS B 48 35.95 20.58 -5.75
C LYS B 48 36.52 21.77 -6.53
N GLY B 49 35.62 22.61 -7.04
CA GLY B 49 36.02 23.70 -7.90
C GLY B 49 35.57 25.05 -7.39
N HIS B 50 35.17 25.12 -6.13
CA HIS B 50 34.85 26.39 -5.51
C HIS B 50 36.14 27.04 -5.00
N GLU B 51 36.06 28.35 -4.78
CA GLU B 51 37.23 29.09 -4.33
C GLU B 51 37.50 28.80 -2.86
N MET B 52 38.75 28.44 -2.56
CA MET B 52 39.16 28.01 -1.23
C MET B 52 40.36 28.83 -0.77
N PRO B 53 40.56 28.95 0.54
CA PRO B 53 41.79 29.55 1.06
C PRO B 53 43.00 28.73 0.66
N PRO B 54 44.19 29.38 0.56
CA PRO B 54 45.38 28.69 0.03
C PRO B 54 45.84 27.46 0.81
N ASP B 55 45.61 27.41 2.12
CA ASP B 55 45.99 26.24 2.90
C ASP B 55 45.10 25.04 2.59
N LYS B 56 43.78 25.25 2.56
CA LYS B 56 42.84 24.15 2.31
C LYS B 56 42.93 23.62 0.88
N LEU B 57 43.38 24.46 -0.06
CA LEU B 57 43.48 24.06 -1.46
C LEU B 57 44.57 23.01 -1.65
N GLU B 58 45.64 23.08 -0.86
CA GLU B 58 46.71 22.11 -1.00
C GLU B 58 46.35 20.74 -0.41
N LYS B 59 45.21 20.62 0.26
CA LYS B 59 44.75 19.35 0.79
C LYS B 59 43.45 18.86 0.18
N GLU B 60 42.67 19.72 -0.51
CA GLU B 60 41.37 19.30 -1.04
C GLU B 60 41.18 19.60 -2.52
N ILE B 61 42.25 19.70 -3.32
CA ILE B 61 42.03 20.05 -4.72
C ILE B 61 41.68 18.84 -5.58
N MET B 62 42.07 17.63 -5.17
CA MET B 62 41.89 16.44 -5.98
C MET B 62 41.05 15.42 -5.24
N ASP B 63 39.99 15.88 -4.58
CA ASP B 63 39.09 15.01 -3.85
C ASP B 63 37.72 14.98 -4.51
N PRO B 64 37.03 13.84 -4.50
CA PRO B 64 35.68 13.77 -5.09
C PRO B 64 34.67 14.54 -4.28
N ASN B 65 33.56 14.90 -4.94
CA ASN B 65 32.53 15.73 -4.34
C ASN B 65 31.18 15.15 -4.76
N PRO B 66 30.64 14.20 -4.01
CA PRO B 66 29.28 13.72 -4.29
C PRO B 66 28.21 14.74 -3.89
N GLN B 67 27.22 14.93 -4.76
CA GLN B 67 26.07 15.81 -4.49
C GLN B 67 24.77 15.23 -5.02
N LYS B 68 23.66 15.70 -4.45
CA LYS B 68 22.31 15.31 -4.83
C LYS B 68 21.63 16.45 -5.59
N SER B 69 20.70 16.09 -6.48
CA SER B 69 19.98 17.05 -7.28
C SER B 69 18.69 16.43 -7.79
N GLN B 70 17.95 17.20 -8.60
CA GLN B 70 16.75 16.75 -9.29
C GLN B 70 16.72 17.38 -10.67
N SER B 71 15.95 16.79 -11.57
CA SER B 71 15.88 17.28 -12.93
C SER B 71 14.62 16.91 -13.67
N CYS B 72 14.26 17.69 -14.67
CA CYS B 72 13.09 17.44 -15.50
C CYS B 72 13.47 17.55 -16.97
N THR B 73 13.04 16.58 -17.77
CA THR B 73 13.31 16.53 -19.20
C THR B 73 12.08 16.00 -19.93
N LEU B 74 11.99 16.32 -21.22
CA LEU B 74 10.95 15.79 -22.09
C LEU B 74 11.32 14.38 -22.56
N SER B 75 10.35 13.73 -23.18
CA SER B 75 10.55 12.38 -23.68
C SER B 75 11.19 12.41 -25.06
N THR B 76 11.52 11.22 -25.57
CA THR B 76 12.14 11.09 -26.88
C THR B 76 11.15 11.17 -28.03
N GLU B 77 9.85 11.17 -27.74
CA GLU B 77 8.81 11.21 -28.76
C GLU B 77 8.00 12.50 -28.74
N CYS B 78 8.25 13.39 -27.80
CA CYS B 78 7.51 14.64 -27.71
C CYS B 78 8.40 15.85 -27.90
N ASP B 79 7.87 16.93 -28.43
CA ASP B 79 8.67 18.11 -28.74
C ASP B 79 8.16 19.45 -28.20
N THR B 80 7.01 19.46 -27.54
CA THR B 80 6.45 20.70 -27.02
C THR B 80 6.02 20.68 -25.58
N LEU B 81 6.10 21.81 -24.92
CA LEU B 81 5.68 21.99 -23.54
C LEU B 81 4.42 22.84 -23.47
N ARG B 82 3.47 22.41 -22.64
CA ARG B 82 2.20 23.10 -22.44
C ARG B 82 2.09 23.53 -20.99
N ILE B 83 1.87 24.82 -20.76
CA ILE B 83 1.69 25.39 -19.43
C ILE B 83 0.31 26.02 -19.33
N ASP B 84 -0.43 25.67 -18.28
CA ASP B 84 -1.79 26.14 -18.05
C ASP B 84 -1.90 26.83 -16.70
N PHE B 85 -2.52 28.01 -16.67
CA PHE B 85 -2.78 28.73 -15.44
C PHE B 85 -3.97 29.67 -15.65
N GLY B 86 -4.52 30.16 -14.53
CA GLY B 86 -5.68 31.03 -14.58
C GLY B 86 -5.48 32.28 -13.75
N ILE B 87 -6.26 33.32 -14.08
CA ILE B 87 -6.19 34.63 -13.44
C ILE B 87 -7.60 35.07 -13.05
N LYS B 88 -7.77 35.55 -11.82
CA LYS B 88 -9.01 36.16 -11.36
C LYS B 88 -8.78 37.65 -11.09
N VAL B 89 -9.66 38.49 -11.62
CA VAL B 89 -9.56 39.94 -11.50
C VAL B 89 -10.70 40.43 -10.61
N LEU B 90 -10.38 41.24 -9.61
CA LEU B 90 -11.30 41.79 -8.63
C LEU B 90 -11.22 43.32 -8.62
N PRO B 91 -12.30 44.00 -8.21
CA PRO B 91 -12.28 45.48 -8.24
C PRO B 91 -11.37 46.09 -7.18
N VAL B 92 -10.93 47.32 -7.48
CA VAL B 92 -9.89 47.97 -6.68
C VAL B 92 -10.48 48.60 -5.41
N LYS B 93 -11.65 49.22 -5.51
CA LYS B 93 -12.24 49.89 -4.35
C LYS B 93 -12.79 48.93 -3.31
N GLU B 94 -12.93 47.65 -3.64
CA GLU B 94 -13.42 46.65 -2.71
C GLU B 94 -12.28 45.73 -2.25
N SER B 95 -11.07 46.26 -2.18
CA SER B 95 -9.88 45.49 -1.87
C SER B 95 -9.05 46.17 -0.80
N MET B 96 -9.71 46.64 0.26
CA MET B 96 -9.04 47.21 1.41
C MET B 96 -9.46 46.42 2.64
N TYR B 97 -8.58 45.52 3.08
CA TYR B 97 -8.90 44.60 4.16
C TYR B 97 -9.05 45.30 5.50
N SER B 98 -8.25 46.33 5.74
CA SER B 98 -8.23 46.99 7.04
C SER B 98 -7.98 48.48 6.87
N CYS B 99 -8.80 49.30 7.53
CA CYS B 99 -8.54 50.74 7.61
C CYS B 99 -9.20 51.23 8.90
N SER B 100 -8.43 51.77 9.82
CA SER B 100 -8.94 52.20 11.12
C SER B 100 -9.36 53.66 11.29
N ASP B 101 -9.53 54.42 10.22
CA ASP B 101 -10.04 55.79 10.30
C ASP B 101 -10.99 55.94 9.16
N TYR B 102 -12.17 56.51 9.36
CA TYR B 102 -13.18 56.52 8.30
C TYR B 102 -13.00 57.65 7.30
N ASN B 103 -12.18 58.63 7.62
CA ASN B 103 -11.90 59.77 6.74
C ASN B 103 -10.85 59.41 5.70
N TYR B 104 -9.87 58.57 6.08
CA TYR B 104 -8.85 58.13 5.15
C TYR B 104 -9.44 57.20 4.08
N ARG B 105 -10.46 56.42 4.45
CA ARG B 105 -11.18 55.59 3.49
C ARG B 105 -11.94 56.45 2.49
N THR B 106 -12.58 57.52 2.98
CA THR B 106 -13.28 58.45 2.09
C THR B 106 -12.31 59.13 1.13
N ALA B 107 -11.13 59.52 1.62
CA ALA B 107 -10.12 60.18 0.78
C ALA B 107 -9.59 59.23 -0.30
N ILE B 108 -9.28 57.98 0.07
CA ILE B 108 -8.83 56.98 -0.90
C ILE B 108 -9.89 56.71 -1.96
N TYR B 109 -11.15 56.61 -1.54
CA TYR B 109 -12.24 56.35 -2.50
C TYR B 109 -12.42 57.52 -3.47
N GLN B 110 -12.26 58.76 -2.98
CA GLN B 110 -12.38 59.91 -3.86
C GLN B 110 -11.24 59.98 -4.87
N LYS B 111 -10.01 59.68 -4.44
CA LYS B 111 -8.87 59.69 -5.37
C LYS B 111 -8.99 58.59 -6.44
N ILE B 112 -9.47 57.40 -6.04
CA ILE B 112 -9.68 56.33 -7.02
C ILE B 112 -10.79 56.70 -7.99
N ASP B 113 -11.81 57.40 -7.52
CA ASP B 113 -12.90 57.83 -8.40
C ASP B 113 -12.43 58.87 -9.39
N GLU B 114 -11.59 59.79 -8.97
CA GLU B 114 -10.99 60.75 -9.91
C GLU B 114 -10.11 60.04 -10.94
N TYR B 115 -9.35 59.03 -10.51
CA TYR B 115 -8.52 58.29 -11.46
C TYR B 115 -9.36 57.52 -12.47
N ILE B 116 -10.49 56.95 -12.04
CA ILE B 116 -11.44 56.31 -12.97
C ILE B 116 -12.02 57.34 -13.93
N ALA B 117 -12.24 58.57 -13.46
CA ALA B 117 -12.76 59.61 -14.34
C ALA B 117 -11.76 60.01 -15.42
N GLU B 118 -10.47 60.09 -15.09
CA GLU B 118 -9.49 60.44 -16.12
C GLU B 118 -9.18 59.27 -17.04
N ASP B 119 -8.60 58.19 -16.51
CA ASP B 119 -8.21 57.03 -17.30
C ASP B 119 -8.83 55.81 -16.64
N GLY B 120 -9.74 55.15 -17.32
CA GLY B 120 -10.47 54.05 -16.72
C GLY B 120 -9.70 52.74 -16.61
N PHE B 121 -8.52 52.79 -15.97
CA PHE B 121 -7.61 51.67 -15.75
C PHE B 121 -7.20 50.98 -17.06
N LEU B 122 -7.09 51.74 -18.14
CA LEU B 122 -6.92 51.15 -19.46
C LEU B 122 -5.45 50.99 -19.86
N THR B 123 -4.59 51.95 -19.50
CA THR B 123 -3.17 51.86 -19.81
C THR B 123 -2.51 50.69 -19.08
N LEU B 124 -2.78 50.58 -17.79
CA LEU B 124 -2.20 49.53 -16.95
C LEU B 124 -2.66 48.15 -17.42
N ALA B 125 -3.94 48.02 -17.74
CA ALA B 125 -4.49 46.75 -18.22
C ALA B 125 -3.93 46.35 -19.57
N LYS B 126 -3.69 47.33 -20.46
CA LYS B 126 -3.01 47.04 -21.72
C LYS B 126 -1.59 46.54 -21.47
N ARG B 127 -0.90 47.08 -20.47
CA ARG B 127 0.43 46.56 -20.13
C ARG B 127 0.37 45.14 -19.55
N TYR B 128 -0.65 44.86 -18.72
CA TYR B 128 -0.80 43.52 -18.15
C TYR B 128 -1.12 42.47 -19.21
N VAL B 129 -1.85 42.84 -20.25
CA VAL B 129 -2.13 41.89 -21.31
C VAL B 129 -0.99 41.82 -22.30
N ASN B 130 -0.07 42.73 -22.32
CA ASN B 130 1.07 42.60 -23.20
C ASN B 130 2.05 41.65 -22.63
N ASN B 131 2.13 41.61 -21.29
CA ASN B 131 3.02 40.63 -20.67
C ASN B 131 2.43 39.26 -20.84
N ILE B 132 1.11 39.13 -20.95
CA ILE B 132 0.60 37.80 -21.30
C ILE B 132 0.91 37.47 -22.76
N ALA B 133 0.92 38.47 -23.64
CA ALA B 133 1.21 38.24 -25.05
C ALA B 133 2.70 38.08 -25.33
N ASN B 134 3.56 38.68 -24.53
CA ASN B 134 5.01 38.59 -24.76
C ASN B 134 5.59 37.25 -24.33
N ALA B 135 4.84 36.49 -23.52
CA ALA B 135 5.30 35.26 -22.86
C ALA B 135 6.55 35.51 -22.01
N ARG B 136 6.40 36.42 -21.05
CA ARG B 136 7.45 36.74 -20.10
C ARG B 136 7.40 35.83 -18.88
N PHE B 137 6.37 35.00 -18.76
CA PHE B 137 6.21 34.05 -17.66
C PHE B 137 6.96 32.75 -17.91
N LEU B 138 7.77 32.69 -18.95
CA LEU B 138 8.57 31.52 -19.31
C LEU B 138 10.00 31.99 -19.16
N TRP B 139 10.54 31.93 -17.95
CA TRP B 139 11.81 32.58 -17.64
C TRP B 139 13.01 31.98 -18.37
N ARG B 140 13.40 30.76 -18.04
CA ARG B 140 14.50 30.14 -18.77
C ARG B 140 13.97 29.21 -19.87
N ASN B 141 12.66 29.13 -20.03
CA ASN B 141 12.04 28.26 -21.01
C ASN B 141 11.73 28.97 -22.32
N ARG B 142 12.13 30.24 -22.44
CA ARG B 142 11.94 31.01 -23.66
C ARG B 142 13.20 31.05 -24.50
N LYS B 143 14.34 30.71 -23.91
CA LYS B 143 15.62 30.68 -24.62
C LYS B 143 15.71 29.38 -25.42
N GLY B 144 15.89 29.51 -26.73
CA GLY B 144 16.03 28.34 -27.56
C GLY B 144 14.72 27.72 -27.98
N ALA B 145 13.78 28.53 -28.45
CA ALA B 145 12.47 28.08 -28.86
C ALA B 145 12.26 28.38 -30.34
N GLU B 146 11.57 27.48 -31.03
CA GLU B 146 11.23 27.69 -32.43
C GLU B 146 9.92 28.44 -32.60
N ILE B 147 8.85 27.97 -31.96
CA ILE B 147 7.52 28.58 -32.07
C ILE B 147 6.96 28.71 -30.67
N ILE B 148 6.44 29.90 -30.33
CA ILE B 148 5.71 30.11 -29.09
C ILE B 148 4.33 30.64 -29.45
N GLU B 149 3.28 29.97 -28.96
CA GLU B 149 1.90 30.36 -29.22
C GLU B 149 1.14 30.43 -27.90
N THR B 150 0.39 31.52 -27.69
CA THR B 150 -0.35 31.73 -26.46
C THR B 150 -1.82 31.99 -26.79
N ILE B 151 -2.71 31.28 -26.11
CA ILE B 151 -4.16 31.37 -26.32
C ILE B 151 -4.81 31.82 -25.02
N VAL B 152 -5.76 32.76 -25.13
CA VAL B 152 -6.48 33.31 -24.00
C VAL B 152 -7.96 33.00 -24.17
N THR B 153 -8.57 32.45 -23.05
CA THR B 153 -9.98 32.09 -23.03
C THR B 153 -10.78 32.65 -21.87
N ILE B 154 -11.77 33.54 -22.19
CA ILE B 154 -12.62 34.11 -21.15
C ILE B 154 -13.99 33.50 -21.34
N GLU B 155 -14.61 32.96 -20.29
CA GLU B 155 -15.89 32.25 -20.39
C GLU B 155 -15.82 31.11 -21.40
N ASP B 156 -16.56 31.17 -22.48
CA ASP B 156 -16.48 30.15 -23.52
C ASP B 156 -16.08 30.74 -24.87
N LYS B 157 -15.20 31.73 -24.87
CA LYS B 157 -14.72 32.33 -26.10
C LYS B 157 -13.21 32.26 -26.12
N GLU B 158 -12.66 31.57 -27.12
CA GLU B 158 -11.22 31.55 -27.34
C GLU B 158 -10.86 32.67 -28.31
N TYR B 159 -10.05 33.60 -27.85
CA TYR B 159 -9.64 34.72 -28.66
C TYR B 159 -8.55 34.26 -29.63
N PRO B 160 -8.37 34.97 -30.76
CA PRO B 160 -7.31 34.59 -31.70
C PRO B 160 -5.91 34.65 -31.10
N SER B 161 -5.05 33.77 -31.58
CA SER B 161 -3.81 33.42 -30.91
C SER B 161 -2.76 34.52 -31.06
N PHE B 162 -1.66 34.34 -30.33
CA PHE B 162 -0.57 35.30 -30.28
C PHE B 162 0.72 34.62 -30.68
N ASN B 163 1.49 35.29 -31.53
CA ASN B 163 2.86 34.89 -31.82
C ASN B 163 3.75 35.67 -30.87
N SER B 164 4.35 34.99 -29.90
CA SER B 164 5.05 35.64 -28.80
C SER B 164 6.52 35.90 -29.11
N LYS B 165 7.02 35.47 -30.27
CA LYS B 165 8.37 35.76 -30.67
C LYS B 165 8.46 36.95 -31.61
N SER B 166 7.37 37.69 -31.77
CA SER B 166 7.33 38.90 -32.56
C SER B 166 7.10 40.14 -31.71
N PHE B 167 6.96 39.98 -30.40
CA PHE B 167 6.81 41.10 -29.48
C PHE B 167 8.14 41.34 -28.75
N ASN B 168 8.60 42.58 -28.78
CA ASN B 168 9.80 42.94 -28.04
C ASN B 168 9.47 43.06 -26.56
N LEU B 169 10.44 42.73 -25.71
CA LEU B 169 10.24 42.71 -24.27
C LEU B 169 10.47 44.08 -23.63
N ASP B 170 10.94 45.06 -24.40
CA ASP B 170 11.20 46.40 -23.87
C ASP B 170 10.23 47.44 -24.42
N THR B 171 9.20 47.03 -25.15
CA THR B 171 8.31 47.96 -25.84
C THR B 171 6.89 47.46 -25.69
N PHE B 172 5.96 48.37 -25.39
CA PHE B 172 4.57 48.04 -25.16
C PHE B 172 3.73 48.52 -26.33
N VAL B 173 2.98 47.59 -26.92
CA VAL B 173 2.16 47.84 -28.10
C VAL B 173 0.77 48.29 -27.66
N GLU B 174 0.18 49.24 -28.39
CA GLU B 174 -1.15 49.74 -28.08
C GLU B 174 -2.08 49.70 -29.29
N ASP B 175 -1.75 48.97 -30.35
CA ASP B 175 -2.55 48.97 -31.58
C ASP B 175 -3.05 47.59 -31.97
N ASN B 176 -2.91 46.58 -31.10
CA ASN B 176 -3.40 45.24 -31.39
C ASN B 176 -4.83 45.08 -30.89
N ALA B 177 -5.71 44.56 -31.75
CA ALA B 177 -7.14 44.53 -31.45
C ALA B 177 -7.48 43.52 -30.36
N THR B 178 -6.83 42.35 -30.37
CA THR B 178 -7.10 41.32 -29.38
C THR B 178 -6.70 41.75 -27.98
N ILE B 179 -5.52 42.40 -27.86
CA ILE B 179 -5.03 42.94 -26.61
C ILE B 179 -5.99 44.00 -26.08
N ASN B 180 -6.53 44.81 -26.99
CA ASN B 180 -7.47 45.87 -26.61
C ASN B 180 -8.80 45.30 -26.11
N GLU B 181 -9.32 44.25 -26.74
CA GLU B 181 -10.62 43.73 -26.32
C GLU B 181 -10.53 42.97 -25.01
N ILE B 182 -9.39 42.30 -24.73
CA ILE B 182 -9.22 41.74 -23.39
C ILE B 182 -8.99 42.86 -22.36
N ALA B 183 -8.22 43.88 -22.74
CA ALA B 183 -7.85 44.94 -21.81
C ALA B 183 -9.04 45.80 -21.40
N GLN B 184 -10.01 45.96 -22.30
CA GLN B 184 -11.24 46.68 -21.95
C GLN B 184 -12.02 45.96 -20.86
N GLN B 185 -12.10 44.62 -20.92
CA GLN B 185 -12.82 43.88 -19.89
C GLN B 185 -12.08 43.88 -18.57
N ILE B 186 -10.74 43.78 -18.59
CA ILE B 186 -9.96 43.89 -17.35
C ILE B 186 -10.11 45.27 -16.74
N ALA B 187 -10.14 46.32 -17.59
CA ALA B 187 -10.31 47.68 -17.13
C ALA B 187 -11.70 47.89 -16.51
N ASP B 188 -12.74 47.34 -17.13
CA ASP B 188 -14.09 47.46 -16.58
C ASP B 188 -14.25 46.66 -15.30
N THR B 189 -13.51 45.57 -15.13
CA THR B 189 -13.54 44.86 -13.86
C THR B 189 -12.82 45.68 -12.78
N PHE B 190 -11.70 46.31 -13.13
CA PHE B 190 -10.95 47.14 -12.19
C PHE B 190 -11.70 48.40 -11.79
N ALA B 191 -12.56 48.93 -12.66
CA ALA B 191 -13.29 50.16 -12.31
C ALA B 191 -14.46 49.91 -11.38
N GLY B 192 -15.19 48.81 -11.58
CA GLY B 192 -16.33 48.50 -10.74
C GLY B 192 -17.60 48.19 -11.51
N LYS B 193 -17.51 48.20 -12.83
CA LYS B 193 -18.66 47.93 -13.68
C LYS B 193 -18.92 46.44 -13.87
N ARG B 194 -18.08 45.59 -13.29
CA ARG B 194 -18.25 44.14 -13.33
C ARG B 194 -17.51 43.58 -12.13
N GLU B 195 -18.13 42.60 -11.47
CA GLU B 195 -17.69 42.19 -10.14
C GLU B 195 -16.49 41.24 -10.16
N TYR B 196 -16.27 40.52 -11.25
CA TYR B 196 -15.20 39.52 -11.34
C TYR B 196 -14.98 39.15 -12.79
N LEU B 197 -13.78 38.65 -13.09
CA LEU B 197 -13.45 38.14 -14.42
C LEU B 197 -12.40 37.04 -14.29
N ASN B 198 -12.69 35.87 -14.84
CA ASN B 198 -11.77 34.74 -14.82
C ASN B 198 -11.16 34.53 -16.21
N ILE B 199 -9.83 34.53 -16.28
CA ILE B 199 -9.09 34.39 -17.53
C ILE B 199 -8.19 33.17 -17.43
N TYR B 200 -8.21 32.32 -18.46
CA TYR B 200 -7.41 31.10 -18.51
C TYR B 200 -6.45 31.16 -19.69
N VAL B 201 -5.19 30.78 -19.47
CA VAL B 201 -4.12 30.99 -20.45
C VAL B 201 -3.41 29.65 -20.69
N THR B 202 -3.26 29.29 -21.97
CA THR B 202 -2.51 28.12 -22.39
C THR B 202 -1.40 28.54 -23.36
N CYS B 203 -0.18 28.07 -23.13
CA CYS B 203 0.96 28.38 -23.98
C CYS B 203 1.67 27.11 -24.45
N PHE B 204 2.09 27.10 -25.72
CA PHE B 204 2.83 25.99 -26.33
C PHE B 204 4.22 26.47 -26.71
N VAL B 205 5.24 25.75 -26.26
CA VAL B 205 6.64 26.09 -26.52
C VAL B 205 7.30 24.90 -27.21
N LYS B 206 7.75 25.10 -28.45
CA LYS B 206 8.51 24.08 -29.15
C LYS B 206 9.99 24.23 -28.83
N ILE B 207 10.60 23.18 -28.25
CA ILE B 207 11.99 23.26 -27.82
C ILE B 207 12.79 22.09 -28.36
N GLY B 208 12.11 21.09 -28.92
CA GLY B 208 12.78 19.91 -29.44
C GLY B 208 12.49 18.69 -28.58
N CYS B 209 13.08 17.58 -29.00
CA CYS B 209 12.84 16.28 -28.37
C CYS B 209 13.94 16.01 -27.37
N ALA B 210 13.54 15.55 -26.18
CA ALA B 210 14.37 15.14 -25.05
C ALA B 210 15.12 16.31 -24.41
N MET B 211 14.70 17.54 -24.66
CA MET B 211 15.38 18.70 -24.11
C MET B 211 14.89 18.99 -22.70
N GLU B 212 15.61 19.88 -22.01
CA GLU B 212 15.39 20.12 -20.59
C GLU B 212 14.34 21.20 -20.37
N VAL B 213 13.50 20.98 -19.37
CA VAL B 213 12.49 21.93 -18.92
C VAL B 213 12.89 22.36 -17.51
N TYR B 214 12.75 23.65 -17.22
CA TYR B 214 13.20 24.22 -15.96
C TYR B 214 12.02 24.64 -15.09
N PRO B 215 11.63 23.85 -14.10
CA PRO B 215 10.53 24.24 -13.22
C PRO B 215 11.02 25.18 -12.13
N SER B 216 10.13 25.46 -11.19
CA SER B 216 10.48 26.29 -10.04
C SER B 216 11.11 25.44 -8.94
N GLN B 217 11.99 26.06 -8.17
CA GLN B 217 12.76 25.40 -7.14
C GLN B 217 12.30 25.87 -5.77
N GLU B 218 12.29 24.95 -4.81
CA GLU B 218 11.78 25.24 -3.47
C GLU B 218 12.88 25.81 -2.58
N MET B 219 12.47 26.69 -1.67
CA MET B 219 13.37 27.33 -0.72
C MET B 219 13.61 26.45 0.51
N THR B 220 14.88 26.33 0.89
CA THR B 220 15.32 25.54 2.04
C THR B 220 15.93 26.46 3.09
N PHE B 221 15.53 26.23 4.34
CA PHE B 221 15.92 27.09 5.44
C PHE B 221 16.83 26.51 6.49
N ASP B 222 17.96 25.94 6.10
CA ASP B 222 18.96 25.45 7.06
C ASP B 222 18.61 24.14 7.69
N ASP B 223 17.65 24.16 8.59
CA ASP B 223 17.23 22.96 9.27
C ASP B 223 16.96 21.83 8.30
N ASP B 224 17.12 22.10 7.02
CA ASP B 224 16.85 21.09 6.00
C ASP B 224 18.07 20.85 5.12
N ASP B 225 18.11 19.71 4.43
CA ASP B 225 19.20 19.44 3.51
C ASP B 225 19.27 20.51 2.45
N LYS B 226 20.46 20.71 1.90
CA LYS B 226 20.70 21.79 0.96
C LYS B 226 20.67 21.33 -0.49
N GLY B 227 20.13 20.15 -0.75
CA GLY B 227 20.00 19.72 -2.13
C GLY B 227 18.92 20.45 -2.88
N LYS B 228 18.99 20.33 -4.21
CA LYS B 228 17.99 20.92 -5.09
C LYS B 228 16.68 20.15 -5.00
N LYS B 229 15.58 20.88 -4.81
CA LYS B 229 14.25 20.31 -4.76
C LYS B 229 13.31 21.13 -5.65
N LEU B 230 12.61 20.47 -6.56
CA LEU B 230 11.75 21.12 -7.53
C LEU B 230 10.28 20.97 -7.16
N PHE B 231 9.47 21.90 -7.65
CA PHE B 231 8.06 21.97 -7.30
C PHE B 231 7.22 20.93 -8.02
N LYS B 232 6.42 20.19 -7.26
CA LYS B 232 5.46 19.25 -7.81
C LYS B 232 4.06 19.75 -7.51
N PHE B 233 3.26 19.94 -8.56
CA PHE B 233 1.85 20.31 -8.42
C PHE B 233 1.02 19.16 -8.95
N GLU B 234 0.31 18.47 -8.05
CA GLU B 234 -0.56 17.34 -8.35
C GLU B 234 0.19 16.22 -9.05
N GLY B 235 1.44 15.98 -8.62
CA GLY B 235 2.26 14.94 -9.16
C GLY B 235 3.08 15.31 -10.38
N SER B 236 2.83 16.47 -10.98
CA SER B 236 3.55 16.90 -12.18
C SER B 236 4.36 18.15 -11.86
N ALA B 237 5.25 18.50 -12.79
CA ALA B 237 6.10 19.68 -12.62
C ALA B 237 5.28 20.95 -12.84
N GLY B 238 5.72 22.03 -12.20
CA GLY B 238 4.98 23.27 -12.32
C GLY B 238 5.76 24.44 -11.79
N MET B 239 5.18 25.62 -11.95
CA MET B 239 5.76 26.87 -11.50
C MET B 239 4.91 27.48 -10.39
N HIS B 240 5.55 28.29 -9.55
CA HIS B 240 4.86 28.97 -8.47
C HIS B 240 3.96 30.08 -8.99
N SER B 241 2.98 30.45 -8.16
CA SER B 241 2.10 31.56 -8.52
C SER B 241 2.80 32.90 -8.40
N GLN B 242 3.72 33.02 -7.43
CA GLN B 242 4.46 34.26 -7.22
C GLN B 242 5.43 34.53 -8.38
N LYS B 243 5.94 33.49 -9.03
CA LYS B 243 6.88 33.68 -10.13
C LYS B 243 6.18 34.14 -11.39
N ILE B 244 4.98 33.61 -11.65
CA ILE B 244 4.18 34.05 -12.79
C ILE B 244 3.78 35.51 -12.63
N ASN B 245 3.40 35.91 -11.42
CA ASN B 245 2.89 37.25 -11.20
C ASN B 245 3.97 38.31 -11.29
N ASN B 246 5.23 38.01 -10.97
CA ASN B 246 6.30 38.97 -11.13
C ASN B 246 6.50 39.29 -12.57
N ALA B 247 6.37 38.29 -13.43
CA ALA B 247 6.50 38.56 -14.86
C ALA B 247 5.39 39.44 -15.40
N LEU B 248 4.26 39.54 -14.71
CA LEU B 248 3.15 40.35 -15.18
C LEU B 248 3.13 41.77 -14.60
N ARG B 249 3.86 42.03 -13.52
CA ARG B 249 3.97 43.38 -12.99
C ARG B 249 5.23 44.10 -13.47
N THR B 250 5.93 43.58 -14.47
CA THR B 250 7.08 44.27 -15.05
C THR B 250 6.54 45.28 -16.07
N ILE B 251 5.95 46.35 -15.53
CA ILE B 251 5.22 47.33 -16.32
C ILE B 251 5.67 48.75 -15.96
N ASP B 252 6.64 48.87 -15.06
CA ASP B 252 7.05 50.18 -14.56
C ASP B 252 8.11 50.77 -15.48
N THR B 253 7.76 51.88 -16.12
CA THR B 253 8.64 52.62 -17.00
C THR B 253 8.58 54.10 -16.67
N TRP B 254 8.33 54.41 -15.39
CA TRP B 254 8.10 55.78 -14.96
C TRP B 254 9.05 56.16 -13.83
N TYR B 255 10.16 55.44 -13.68
CA TYR B 255 11.12 55.72 -12.62
C TYR B 255 11.95 56.95 -12.98
N PRO B 256 12.62 57.55 -12.00
CA PRO B 256 13.42 58.74 -12.25
C PRO B 256 14.49 58.63 -13.35
N ASP B 257 15.37 57.65 -13.28
CA ASP B 257 16.47 57.49 -14.23
C ASP B 257 16.23 56.45 -15.32
N TYR B 258 15.20 56.62 -16.13
CA TYR B 258 14.88 55.65 -17.15
C TYR B 258 15.52 55.99 -18.44
N THR B 259 15.76 57.27 -18.65
CA THR B 259 16.33 57.68 -19.92
C THR B 259 17.72 57.10 -20.19
N THR B 260 18.42 56.63 -19.16
CA THR B 260 19.69 55.93 -19.36
C THR B 260 19.48 54.43 -19.48
N TYR B 261 18.88 53.80 -18.48
CA TYR B 261 18.55 52.39 -18.56
C TYR B 261 17.15 52.37 -19.10
N GLU B 262 16.97 51.86 -20.31
CA GLU B 262 15.66 51.89 -20.91
C GLU B 262 14.94 50.55 -20.90
N PHE B 263 14.70 50.01 -19.72
CA PHE B 263 14.04 48.73 -19.59
C PHE B 263 12.99 48.79 -18.52
N PRO B 264 11.91 48.05 -18.69
CA PRO B 264 10.84 47.99 -17.70
C PRO B 264 11.22 47.25 -16.43
N ILE B 265 10.82 47.74 -15.25
CA ILE B 265 11.21 47.10 -14.00
C ILE B 265 9.96 46.59 -13.31
N PRO B 266 10.03 45.58 -12.45
CA PRO B 266 8.85 45.17 -11.68
C PRO B 266 8.47 46.23 -10.64
N VAL B 267 7.19 46.24 -10.30
CA VAL B 267 6.62 47.28 -9.44
C VAL B 267 6.85 46.91 -7.98
N GLU B 268 7.66 47.70 -7.29
CA GLU B 268 7.96 47.55 -5.87
C GLU B 268 7.89 48.89 -5.17
N ASN B 269 7.96 48.85 -3.83
CA ASN B 269 7.77 50.05 -3.02
C ASN B 269 8.97 50.98 -3.13
N TYR B 270 10.18 50.45 -2.99
CA TYR B 270 11.38 51.26 -3.10
C TYR B 270 12.08 51.08 -4.44
N GLY B 271 11.41 50.47 -5.42
CA GLY B 271 11.92 50.24 -6.76
C GLY B 271 13.20 49.45 -6.81
N ALA B 272 13.19 48.24 -6.25
CA ALA B 272 14.40 47.43 -6.12
C ALA B 272 14.37 46.36 -7.21
N ALA B 273 15.24 46.51 -8.19
CA ALA B 273 15.45 45.51 -9.24
C ALA B 273 16.55 44.59 -8.76
N ARG B 274 16.36 43.28 -8.95
CA ARG B 274 17.39 42.33 -8.54
C ARG B 274 18.34 41.97 -9.68
N SER B 275 17.87 42.05 -10.93
CA SER B 275 18.70 41.78 -12.10
C SER B 275 19.86 42.78 -12.20
N ILE B 276 19.52 44.06 -12.39
CA ILE B 276 20.51 45.13 -12.22
C ILE B 276 20.55 45.52 -10.74
N GLY B 277 21.76 45.64 -10.19
CA GLY B 277 21.85 45.87 -8.77
C GLY B 277 21.71 47.30 -8.27
N ILE B 278 20.66 48.01 -8.68
CA ILE B 278 20.42 49.40 -8.26
C ILE B 278 18.98 49.58 -7.80
N PRO B 279 18.74 50.19 -6.63
CA PRO B 279 17.39 50.67 -6.30
C PRO B 279 17.05 51.93 -7.09
N PHE B 280 15.88 51.93 -7.72
CA PHE B 280 15.51 52.99 -8.65
C PHE B 280 14.51 53.99 -8.11
N ARG B 281 14.03 53.81 -6.88
CA ARG B 281 13.03 54.73 -6.29
C ARG B 281 13.28 54.87 -4.80
N PRO B 282 14.44 55.41 -4.41
CA PRO B 282 14.80 55.38 -2.98
C PRO B 282 14.31 56.49 -2.04
N ASP B 283 13.85 57.63 -2.54
CA ASP B 283 13.47 58.72 -1.67
C ASP B 283 12.23 59.43 -2.10
N THR B 284 12.36 60.45 -2.92
CA THR B 284 11.21 61.25 -3.27
C THR B 284 10.22 60.62 -4.22
N LYS B 285 10.52 59.48 -4.85
CA LYS B 285 9.51 58.90 -5.71
C LYS B 285 9.20 57.48 -5.30
N SER B 286 9.16 57.25 -4.00
CA SER B 286 8.73 55.96 -3.46
C SER B 286 7.24 56.00 -3.17
N PHE B 287 6.68 54.83 -2.85
CA PHE B 287 5.25 54.75 -2.57
C PHE B 287 4.89 55.48 -1.30
N TYR B 288 5.78 55.45 -0.30
CA TYR B 288 5.47 56.01 1.02
C TYR B 288 5.38 57.53 0.98
N LYS B 289 6.23 58.15 0.19
CA LYS B 289 6.25 59.59 0.09
C LYS B 289 5.26 60.14 -0.90
N LEU B 290 4.91 59.38 -1.90
CA LEU B 290 3.89 59.81 -2.85
C LEU B 290 2.48 59.66 -2.30
N ILE B 291 2.24 58.66 -1.45
CA ILE B 291 0.88 58.47 -0.92
C ILE B 291 0.62 59.48 0.20
N ASP B 292 1.67 60.05 0.79
CA ASP B 292 1.56 61.12 1.76
C ASP B 292 1.61 62.50 1.13
N ARG B 293 1.62 62.56 -0.20
CA ARG B 293 1.58 63.82 -0.92
C ARG B 293 0.33 63.95 -1.77
N MET B 294 -0.51 62.92 -1.80
CA MET B 294 -1.77 62.92 -2.52
C MET B 294 -2.99 62.97 -1.60
N ILE B 295 -2.91 62.36 -0.42
CA ILE B 295 -4.05 62.25 0.49
C ILE B 295 -3.94 63.18 1.69
N LEU B 296 -2.79 63.14 2.38
CA LEU B 296 -2.62 63.94 3.59
C LEU B 296 -2.51 65.42 3.27
N LYS B 297 -1.73 65.77 2.24
CA LYS B 297 -1.55 67.15 1.77
C LYS B 297 -1.98 67.24 0.32
N ASN B 298 -3.24 67.45 0.06
CA ASN B 298 -3.86 67.47 -1.27
C ASN B 298 -3.04 68.27 -2.27
N GLU B 299 -2.63 67.59 -3.35
CA GLU B 299 -1.68 68.15 -4.30
C GLU B 299 -1.75 67.29 -5.55
N ASP B 300 -2.08 67.91 -6.69
CA ASP B 300 -2.21 67.15 -7.92
C ASP B 300 -0.84 66.74 -8.43
N LEU B 301 -0.65 65.43 -8.55
CA LEU B 301 0.58 64.82 -9.02
C LEU B 301 0.48 64.60 -10.52
N PRO B 302 1.62 64.47 -11.22
CA PRO B 302 1.59 64.07 -12.63
C PRO B 302 0.99 62.68 -12.82
N ILE B 303 0.46 62.46 -14.03
CA ILE B 303 -0.26 61.22 -14.36
C ILE B 303 0.66 60.02 -14.34
N GLU B 304 1.96 60.22 -14.56
CA GLU B 304 2.93 59.13 -14.45
C GLU B 304 3.06 58.65 -13.01
N ASP B 305 2.97 59.55 -12.06
CA ASP B 305 3.11 59.16 -10.67
C ASP B 305 1.87 58.49 -10.17
N LYS B 306 0.73 58.85 -10.71
CA LYS B 306 -0.50 58.20 -10.32
C LYS B 306 -0.51 56.78 -10.81
N HIS B 307 -0.02 56.55 -11.99
CA HIS B 307 0.01 55.22 -12.53
C HIS B 307 0.78 54.29 -11.61
N TYR B 308 1.85 54.75 -11.00
CA TYR B 308 2.64 53.92 -10.11
C TYR B 308 1.89 53.62 -8.82
N VAL B 309 1.20 54.61 -8.27
CA VAL B 309 0.50 54.45 -6.99
C VAL B 309 -0.66 53.47 -7.12
N MET B 310 -1.40 53.56 -8.23
CA MET B 310 -2.52 52.64 -8.44
C MET B 310 -2.03 51.23 -8.75
N ALA B 311 -0.82 51.10 -9.28
CA ALA B 311 -0.26 49.77 -9.54
C ALA B 311 0.15 49.07 -8.24
N ILE B 312 0.57 49.85 -7.23
CA ILE B 312 0.87 49.29 -5.91
C ILE B 312 -0.40 48.79 -5.24
N LEU B 313 -1.52 49.48 -5.45
CA LEU B 313 -2.78 49.12 -4.82
C LEU B 313 -3.49 47.97 -5.54
N ILE B 314 -2.92 47.47 -6.63
CA ILE B 314 -3.36 46.23 -7.25
C ILE B 314 -2.52 45.05 -6.77
N ARG B 315 -1.27 45.29 -6.38
CA ARG B 315 -0.43 44.24 -5.82
C ARG B 315 -0.80 43.94 -4.37
N GLY B 316 -0.85 44.97 -3.53
CA GLY B 316 -1.23 44.80 -2.14
C GLY B 316 -0.06 44.99 -1.20
N GLY B 317 -0.36 44.94 0.07
CA GLY B 317 0.66 45.01 1.10
C GLY B 317 0.13 45.61 2.38
N MET B 318 1.01 45.66 3.36
CA MET B 318 0.73 46.25 4.67
C MET B 318 1.40 47.62 4.73
N PHE B 319 0.59 48.69 4.78
CA PHE B 319 1.13 50.05 4.82
C PHE B 319 0.59 50.72 6.09
N SER B 320 1.24 50.47 7.22
CA SER B 320 0.72 50.90 8.51
C SER B 320 1.79 51.68 9.26
N LYS B 321 1.36 52.75 9.93
CA LYS B 321 2.23 53.60 10.72
C LYS B 321 2.12 53.22 12.19
N LYS B 322 3.19 53.49 12.94
CA LYS B 322 3.27 53.02 14.32
C LYS B 322 2.43 53.87 15.26
N GLN B 323 2.77 55.12 15.42
CA GLN B 323 2.07 55.95 16.38
C GLN B 323 0.73 56.39 15.83
N THR C 1 37.04 52.78 -11.74
CA THR C 1 37.73 51.50 -11.66
C THR C 1 36.97 50.53 -10.75
N LEU C 2 37.11 49.24 -11.00
CA LEU C 2 36.42 48.21 -10.24
C LEU C 2 37.42 47.46 -9.37
N LYS C 3 37.06 47.29 -8.10
CA LYS C 3 37.76 46.38 -7.21
C LYS C 3 36.80 45.28 -6.82
N SER C 4 37.27 44.02 -6.96
CA SER C 4 36.62 42.76 -6.60
C SER C 4 35.52 42.38 -7.59
N ARG C 5 35.19 41.10 -7.65
CA ARG C 5 34.09 40.60 -8.44
C ARG C 5 32.78 40.81 -7.68
N PRO C 6 31.63 40.85 -8.38
CA PRO C 6 30.36 41.08 -7.68
C PRO C 6 29.98 39.94 -6.76
N GLU C 7 29.11 40.27 -5.81
CA GLU C 7 28.71 39.39 -4.72
C GLU C 7 27.78 38.26 -5.19
N ASN C 8 27.21 38.38 -6.39
CA ASN C 8 26.40 37.30 -6.97
C ASN C 8 26.67 37.30 -8.48
N LEU C 9 27.58 36.44 -8.90
CA LEU C 9 27.90 36.27 -10.31
C LEU C 9 27.72 34.82 -10.71
N SER C 10 27.02 34.60 -11.82
CA SER C 10 26.70 33.25 -12.28
C SER C 10 26.58 33.27 -13.79
N PHE C 11 26.82 32.11 -14.40
CA PHE C 11 26.70 31.91 -15.83
C PHE C 11 25.95 30.61 -16.10
N ALA C 12 25.31 30.56 -17.25
CA ALA C 12 24.53 29.40 -17.67
C ALA C 12 25.24 28.65 -18.79
N ARG C 13 24.81 27.42 -19.01
CA ARG C 13 25.38 26.58 -20.05
C ARG C 13 25.05 27.11 -21.44
N CYS C 14 25.99 26.90 -22.36
CA CYS C 14 25.78 27.18 -23.77
C CYS C 14 25.85 25.93 -24.63
N LEU C 15 26.10 24.77 -24.04
CA LEU C 15 26.12 23.49 -24.75
C LEU C 15 25.31 22.52 -23.90
N ASN C 16 23.99 22.51 -24.11
CA ASN C 16 23.10 21.66 -23.35
C ASN C 16 22.93 20.33 -24.05
N THR C 17 23.24 19.24 -23.36
CA THR C 17 23.28 17.91 -23.93
C THR C 17 22.18 17.07 -23.30
N THR C 18 21.44 16.34 -24.13
CA THR C 18 20.36 15.48 -23.66
C THR C 18 20.93 14.18 -23.10
N GLU C 19 20.04 13.25 -22.78
CA GLU C 19 20.43 11.97 -22.20
C GLU C 19 20.34 10.88 -23.25
N ALA C 20 21.34 9.99 -23.23
CA ALA C 20 21.47 8.97 -24.27
C ALA C 20 20.56 7.79 -24.00
N LYS C 21 20.06 7.18 -25.08
CA LYS C 21 19.24 5.99 -25.02
C LYS C 21 19.82 4.93 -25.92
N PHE C 22 19.87 3.69 -25.45
CA PHE C 22 20.57 2.62 -26.14
C PHE C 22 19.60 1.71 -26.88
N TRP C 23 20.04 1.21 -28.04
CA TRP C 23 19.30 0.25 -28.83
C TRP C 23 20.26 -0.85 -29.27
N GLN C 24 19.71 -1.94 -29.80
CA GLN C 24 20.52 -2.99 -30.44
C GLN C 24 20.03 -3.19 -31.87
N THR C 25 20.99 -3.37 -32.78
CA THR C 25 20.73 -3.52 -34.20
C THR C 25 21.65 -4.61 -34.75
N ASP C 26 21.55 -4.85 -36.06
CA ASP C 26 22.58 -5.54 -36.83
C ASP C 26 23.23 -4.55 -37.78
N PHE C 27 24.50 -4.80 -38.14
CA PHE C 27 25.24 -3.81 -38.93
C PHE C 27 24.82 -3.77 -40.38
N LEU C 28 24.49 -4.92 -40.98
CA LEU C 28 24.14 -4.90 -42.40
C LEU C 28 22.69 -4.53 -42.63
N LYS C 29 21.95 -4.25 -41.58
CA LYS C 29 20.56 -3.87 -41.69
C LYS C 29 20.32 -2.86 -40.61
N ARG C 30 21.15 -1.84 -40.54
CA ARG C 30 21.08 -0.89 -39.45
C ARG C 30 20.20 0.28 -39.74
N HIS C 31 19.90 0.50 -41.00
CA HIS C 31 19.07 1.63 -41.40
C HIS C 31 17.59 1.30 -41.38
N THR C 32 17.21 0.08 -40.97
CA THR C 32 15.82 -0.34 -41.06
C THR C 32 15.29 -1.08 -39.84
N PHE C 33 16.03 -1.16 -38.73
CA PHE C 33 15.72 -2.17 -37.72
C PHE C 33 16.36 -1.77 -36.40
N LYS C 34 15.58 -1.75 -35.32
CA LYS C 34 16.10 -1.46 -33.98
C LYS C 34 15.22 -2.08 -32.91
N LEU C 35 15.84 -2.65 -31.89
CA LEU C 35 15.19 -3.27 -30.74
C LEU C 35 15.71 -2.65 -29.44
N PRO C 36 14.91 -2.69 -28.36
CA PRO C 36 15.39 -2.12 -27.09
C PRO C 36 16.40 -3.00 -26.37
N LEU C 37 17.27 -2.35 -25.61
CA LEU C 37 18.22 -2.99 -24.70
C LEU C 37 17.79 -2.73 -23.26
N LEU C 38 17.74 -3.80 -22.46
CA LEU C 38 17.24 -3.73 -21.09
C LEU C 38 18.31 -4.20 -20.10
N ILE C 39 18.15 -3.74 -18.86
CA ILE C 39 19.07 -4.05 -17.77
C ILE C 39 18.54 -5.24 -16.99
N THR C 40 19.42 -6.18 -16.68
CA THR C 40 19.08 -7.39 -15.94
C THR C 40 19.68 -7.34 -14.53
N ASP C 41 19.12 -8.15 -13.64
CA ASP C 41 19.58 -8.24 -12.27
C ASP C 41 20.45 -9.48 -12.10
N LYS C 42 21.51 -9.35 -11.31
CA LYS C 42 22.44 -10.44 -11.08
C LYS C 42 22.83 -10.49 -9.61
N ALA C 43 23.09 -11.69 -9.11
CA ALA C 43 23.61 -11.86 -7.77
C ALA C 43 24.89 -12.69 -7.86
N VAL C 44 25.85 -12.37 -7.00
CA VAL C 44 27.15 -13.02 -7.05
C VAL C 44 27.46 -13.65 -5.70
N LEU C 45 28.26 -14.71 -5.73
CA LEU C 45 28.85 -15.31 -4.54
C LEU C 45 30.36 -15.06 -4.65
N ALA C 46 30.88 -14.23 -3.77
CA ALA C 46 32.26 -13.80 -3.81
C ALA C 46 33.05 -14.46 -2.68
N SER C 47 34.37 -14.38 -2.80
CA SER C 47 35.27 -14.75 -1.73
C SER C 47 35.83 -13.48 -1.10
N LYS C 48 36.24 -13.59 0.16
CA LYS C 48 36.75 -12.43 0.87
C LYS C 48 38.20 -12.21 0.46
N GLY C 49 38.41 -11.26 -0.43
CA GLY C 49 39.72 -11.04 -1.03
C GLY C 49 40.31 -9.68 -0.70
N HIS C 50 39.60 -8.89 0.09
CA HIS C 50 40.10 -7.59 0.52
C HIS C 50 41.29 -7.78 1.45
N GLU C 51 42.15 -6.77 1.51
CA GLU C 51 43.29 -6.82 2.42
C GLU C 51 42.81 -6.62 3.85
N MET C 52 43.16 -7.55 4.73
CA MET C 52 42.65 -7.61 6.08
C MET C 52 43.81 -7.64 7.09
N PRO C 53 43.58 -7.15 8.31
CA PRO C 53 44.56 -7.37 9.38
C PRO C 53 44.65 -8.86 9.72
N PRO C 54 45.83 -9.31 10.17
CA PRO C 54 46.07 -10.76 10.36
C PRO C 54 45.13 -11.50 11.31
N ASP C 55 44.61 -10.83 12.34
CA ASP C 55 43.73 -11.51 13.30
C ASP C 55 42.37 -11.84 12.69
N LYS C 56 41.75 -10.87 12.00
CA LYS C 56 40.54 -11.16 11.24
C LYS C 56 40.85 -12.05 10.03
N LEU C 57 42.03 -12.05 9.49
CA LEU C 57 42.26 -12.95 8.38
C LEU C 57 42.20 -14.32 8.93
N GLU C 58 42.88 -14.54 10.07
CA GLU C 58 42.88 -15.91 10.57
C GLU C 58 41.49 -16.53 10.58
N LYS C 59 40.46 -15.70 10.78
CA LYS C 59 39.09 -16.20 10.94
C LYS C 59 38.26 -16.15 9.66
N GLU C 60 38.52 -15.20 8.76
CA GLU C 60 37.62 -14.93 7.65
C GLU C 60 38.29 -15.07 6.29
N ILE C 61 39.15 -16.08 6.10
CA ILE C 61 39.78 -16.30 4.79
C ILE C 61 39.05 -17.29 3.90
N MET C 62 38.13 -18.08 4.44
CA MET C 62 37.41 -19.10 3.71
C MET C 62 35.91 -18.99 3.99
N ASP C 63 35.37 -17.78 3.86
CA ASP C 63 34.02 -17.57 4.32
C ASP C 63 33.27 -16.91 3.17
N PRO C 64 32.12 -17.44 2.76
CA PRO C 64 31.41 -16.92 1.58
C PRO C 64 30.93 -15.48 1.74
N ASN C 65 30.86 -14.76 0.61
CA ASN C 65 30.45 -13.35 0.57
C ASN C 65 29.37 -13.13 -0.49
N PRO C 66 28.09 -13.21 -0.13
CA PRO C 66 27.02 -12.93 -1.10
C PRO C 66 26.85 -11.43 -1.35
N GLN C 67 26.73 -11.04 -2.62
CA GLN C 67 26.49 -9.65 -2.97
C GLN C 67 25.55 -9.55 -4.17
N LYS C 68 24.84 -8.42 -4.26
CA LYS C 68 23.93 -8.13 -5.37
C LYS C 68 24.59 -7.19 -6.38
N SER C 69 24.04 -7.16 -7.59
CA SER C 69 24.60 -6.39 -8.71
C SER C 69 23.55 -6.26 -9.81
N GLN C 70 23.93 -5.57 -10.89
CA GLN C 70 23.16 -5.48 -12.12
C GLN C 70 24.12 -5.48 -13.30
N SER C 71 23.62 -5.85 -14.48
CA SER C 71 24.44 -5.93 -15.66
C SER C 71 23.65 -5.77 -16.94
N CYS C 72 24.32 -5.50 -18.04
CA CYS C 72 23.70 -5.33 -19.34
C CYS C 72 24.56 -6.00 -20.41
N THR C 73 23.91 -6.82 -21.25
CA THR C 73 24.55 -7.49 -22.38
C THR C 73 23.65 -7.39 -23.60
N LEU C 74 24.26 -7.53 -24.78
CA LEU C 74 23.50 -7.65 -26.03
C LEU C 74 22.91 -9.05 -26.15
N SER C 75 22.08 -9.23 -27.17
CA SER C 75 21.41 -10.50 -27.41
C SER C 75 22.30 -11.43 -28.24
N THR C 76 21.79 -12.63 -28.49
CA THR C 76 22.52 -13.64 -29.25
C THR C 76 22.35 -13.44 -30.76
N GLU C 77 21.43 -12.56 -31.17
CA GLU C 77 21.12 -12.37 -32.57
C GLU C 77 21.37 -10.92 -33.01
N CYS C 78 22.16 -10.18 -32.26
CA CYS C 78 22.49 -8.80 -32.60
C CYS C 78 23.97 -8.58 -32.33
N ASP C 79 24.57 -7.65 -33.09
CA ASP C 79 25.99 -7.40 -32.93
C ASP C 79 26.38 -5.94 -32.73
N THR C 80 25.46 -4.99 -32.86
CA THR C 80 25.81 -3.58 -32.80
C THR C 80 24.98 -2.83 -31.77
N LEU C 81 25.57 -1.75 -31.27
CA LEU C 81 24.95 -0.86 -30.30
C LEU C 81 24.70 0.51 -30.92
N ARG C 82 23.50 1.04 -30.73
CA ARG C 82 23.10 2.33 -31.28
C ARG C 82 22.82 3.31 -30.14
N ILE C 83 23.50 4.45 -30.17
CA ILE C 83 23.40 5.48 -29.13
C ILE C 83 22.93 6.78 -29.79
N ASP C 84 21.85 7.36 -29.26
CA ASP C 84 21.24 8.58 -29.79
C ASP C 84 21.22 9.64 -28.70
N PHE C 85 21.72 10.84 -29.01
CA PHE C 85 21.61 11.99 -28.10
C PHE C 85 21.54 13.27 -28.92
N GLY C 86 21.30 14.39 -28.23
CA GLY C 86 21.16 15.67 -28.90
C GLY C 86 21.77 16.80 -28.10
N ILE C 87 22.16 17.85 -28.82
CA ILE C 87 22.81 19.03 -28.24
C ILE C 87 22.07 20.30 -28.70
N LYS C 88 21.85 21.22 -27.77
CA LYS C 88 21.33 22.56 -28.07
C LYS C 88 22.41 23.60 -27.81
N VAL C 89 22.64 24.47 -28.78
CA VAL C 89 23.69 25.49 -28.71
C VAL C 89 23.02 26.86 -28.56
N LEU C 90 23.48 27.64 -27.60
CA LEU C 90 22.95 28.96 -27.27
C LEU C 90 24.06 30.01 -27.25
N PRO C 91 23.72 31.29 -27.48
CA PRO C 91 24.76 32.34 -27.48
C PRO C 91 25.40 32.57 -26.12
N VAL C 92 26.56 33.22 -26.14
CA VAL C 92 27.42 33.32 -24.97
C VAL C 92 27.18 34.63 -24.21
N LYS C 93 26.94 35.73 -24.93
CA LYS C 93 26.67 37.02 -24.26
C LYS C 93 25.34 37.01 -23.52
N GLU C 94 24.40 36.17 -23.94
CA GLU C 94 23.10 36.08 -23.28
C GLU C 94 23.05 34.91 -22.30
N SER C 95 24.20 34.54 -21.73
CA SER C 95 24.31 33.43 -20.80
C SER C 95 24.65 33.91 -19.39
N MET C 96 24.34 35.15 -19.06
CA MET C 96 24.66 35.72 -17.77
C MET C 96 23.39 35.76 -16.93
N TYR C 97 23.35 34.94 -15.89
CA TYR C 97 22.12 34.76 -15.13
C TYR C 97 22.02 35.70 -13.94
N SER C 98 23.15 36.10 -13.36
CA SER C 98 23.11 36.99 -12.20
C SER C 98 24.36 37.86 -12.17
N CYS C 99 24.16 39.14 -11.89
CA CYS C 99 25.27 40.07 -11.66
C CYS C 99 24.74 41.23 -10.83
N SER C 100 25.42 41.52 -9.72
CA SER C 100 24.98 42.56 -8.80
C SER C 100 25.71 43.89 -9.00
N ASP C 101 26.42 44.07 -10.12
CA ASP C 101 27.09 45.32 -10.41
C ASP C 101 27.06 45.51 -11.93
N TYR C 102 26.54 46.65 -12.38
CA TYR C 102 26.33 46.90 -13.81
C TYR C 102 27.65 47.07 -14.57
N ASN C 103 28.66 47.64 -13.92
CA ASN C 103 29.91 47.97 -14.58
C ASN C 103 30.69 46.72 -14.96
N TYR C 104 30.66 45.70 -14.08
CA TYR C 104 31.26 44.41 -14.38
C TYR C 104 30.58 43.72 -15.55
N ARG C 105 29.29 43.98 -15.68
CA ARG C 105 28.54 43.42 -16.77
C ARG C 105 29.00 44.03 -18.05
N THR C 106 29.10 45.34 -18.08
CA THR C 106 29.57 46.05 -19.28
C THR C 106 30.99 45.64 -19.66
N ALA C 107 31.86 45.44 -18.67
CA ALA C 107 33.23 45.00 -18.94
C ALA C 107 33.26 43.60 -19.56
N ILE C 108 32.43 42.69 -19.04
CA ILE C 108 32.29 41.34 -19.58
C ILE C 108 31.83 41.39 -21.03
N TYR C 109 30.83 42.22 -21.32
CA TYR C 109 30.28 42.31 -22.68
C TYR C 109 31.29 42.88 -23.66
N GLN C 110 32.08 43.86 -23.22
CA GLN C 110 33.11 44.44 -24.08
C GLN C 110 34.21 43.43 -24.39
N LYS C 111 34.63 42.64 -23.39
CA LYS C 111 35.68 41.65 -23.63
C LYS C 111 35.20 40.52 -24.56
N ILE C 112 33.93 40.13 -24.44
CA ILE C 112 33.37 39.14 -25.38
C ILE C 112 33.28 39.72 -26.79
N ASP C 113 32.97 41.01 -26.92
CA ASP C 113 32.96 41.64 -28.25
C ASP C 113 34.35 41.70 -28.87
N GLU C 114 35.39 41.95 -28.07
CA GLU C 114 36.75 41.90 -28.60
C GLU C 114 37.15 40.49 -29.02
N TYR C 115 36.72 39.48 -28.25
CA TYR C 115 37.01 38.10 -28.66
C TYR C 115 36.29 37.71 -29.94
N ILE C 116 35.04 38.14 -30.13
CA ILE C 116 34.36 37.89 -31.42
C ILE C 116 35.03 38.66 -32.54
N ALA C 117 35.66 39.79 -32.26
CA ALA C 117 36.37 40.50 -33.30
C ALA C 117 37.69 39.84 -33.70
N GLU C 118 38.39 39.17 -32.78
CA GLU C 118 39.60 38.48 -33.22
C GLU C 118 39.33 37.11 -33.84
N ASP C 119 38.80 36.18 -33.05
CA ASP C 119 38.50 34.83 -33.51
C ASP C 119 37.04 34.57 -33.22
N GLY C 120 36.23 34.39 -34.25
CA GLY C 120 34.80 34.26 -34.08
C GLY C 120 34.32 32.91 -33.56
N PHE C 121 34.88 32.47 -32.41
CA PHE C 121 34.57 31.22 -31.74
C PHE C 121 34.79 30.00 -32.64
N LEU C 122 35.79 30.05 -33.52
CA LEU C 122 35.97 29.00 -34.52
C LEU C 122 36.88 27.87 -34.06
N THR C 123 37.93 28.18 -33.30
CA THR C 123 38.86 27.16 -32.83
C THR C 123 38.20 26.19 -31.86
N LEU C 124 37.49 26.74 -30.87
CA LEU C 124 36.85 25.94 -29.83
C LEU C 124 35.75 25.06 -30.41
N ALA C 125 34.97 25.61 -31.35
CA ALA C 125 33.91 24.86 -32.02
C ALA C 125 34.48 23.70 -32.85
N LYS C 126 35.62 23.92 -33.51
CA LYS C 126 36.27 22.84 -34.23
C LYS C 126 36.75 21.75 -33.28
N ARG C 127 37.20 22.12 -32.09
CA ARG C 127 37.59 21.10 -31.12
C ARG C 127 36.38 20.31 -30.59
N TYR C 128 35.24 21.00 -30.38
CA TYR C 128 34.02 20.31 -29.94
C TYR C 128 33.52 19.34 -31.01
N VAL C 129 33.51 19.77 -32.27
CA VAL C 129 33.12 18.88 -33.36
C VAL C 129 34.14 17.76 -33.55
N ASN C 130 35.38 17.95 -33.14
CA ASN C 130 36.34 16.86 -33.23
C ASN C 130 36.08 15.87 -32.14
N ASN C 131 35.62 16.30 -30.97
CA ASN C 131 35.28 15.31 -29.97
C ASN C 131 33.95 14.61 -30.23
N ILE C 132 33.08 15.22 -31.05
CA ILE C 132 31.95 14.46 -31.59
C ILE C 132 32.45 13.42 -32.60
N ALA C 133 33.42 13.81 -33.44
CA ALA C 133 33.89 12.94 -34.52
C ALA C 133 34.72 11.77 -34.00
N ASN C 134 35.57 12.01 -33.00
CA ASN C 134 36.47 10.97 -32.48
C ASN C 134 35.73 9.88 -31.72
N ALA C 135 34.47 10.15 -31.31
CA ALA C 135 33.62 9.30 -30.49
C ALA C 135 34.26 9.04 -29.13
N ARG C 136 34.58 10.13 -28.43
CA ARG C 136 35.11 10.07 -27.08
C ARG C 136 34.02 9.92 -26.04
N PHE C 137 32.75 10.11 -26.42
CA PHE C 137 31.62 9.87 -25.54
C PHE C 137 31.34 8.39 -25.30
N LEU C 138 32.04 7.51 -26.01
CA LEU C 138 32.03 6.08 -25.77
C LEU C 138 33.19 5.80 -24.82
N TRP C 139 32.91 5.61 -23.53
CA TRP C 139 34.02 5.54 -22.59
C TRP C 139 34.68 4.18 -22.54
N ARG C 140 33.97 3.17 -22.07
CA ARG C 140 34.50 1.82 -22.05
C ARG C 140 33.91 0.98 -23.19
N ASN C 141 32.99 1.56 -23.96
CA ASN C 141 32.37 0.89 -25.09
C ASN C 141 33.13 1.09 -26.38
N ARG C 142 34.29 1.73 -26.31
CA ARG C 142 35.11 1.98 -27.48
C ARG C 142 36.26 0.99 -27.57
N LYS C 143 36.54 0.28 -26.47
CA LYS C 143 37.62 -0.70 -26.41
C LYS C 143 37.08 -2.04 -26.91
N GLY C 144 37.62 -2.52 -28.02
CA GLY C 144 37.19 -3.78 -28.56
C GLY C 144 36.06 -3.64 -29.56
N ALA C 145 36.24 -2.79 -30.56
CA ALA C 145 35.21 -2.51 -31.55
C ALA C 145 35.76 -2.66 -32.95
N GLU C 146 34.94 -3.18 -33.85
CA GLU C 146 35.35 -3.36 -35.24
C GLU C 146 35.20 -2.08 -36.05
N ILE C 147 33.98 -1.55 -36.13
CA ILE C 147 33.67 -0.38 -36.92
C ILE C 147 32.89 0.58 -36.04
N ILE C 148 33.31 1.85 -35.99
CA ILE C 148 32.55 2.89 -35.33
C ILE C 148 32.22 3.95 -36.36
N GLU C 149 30.93 4.24 -36.53
CA GLU C 149 30.46 5.29 -37.43
C GLU C 149 29.58 6.25 -36.65
N THR C 150 29.68 7.54 -36.96
CA THR C 150 28.93 8.58 -36.29
C THR C 150 28.30 9.50 -37.33
N ILE C 151 27.01 9.78 -37.19
CA ILE C 151 26.26 10.60 -38.14
C ILE C 151 25.69 11.80 -37.40
N VAL C 152 25.87 12.99 -37.98
CA VAL C 152 25.40 14.25 -37.42
C VAL C 152 24.28 14.79 -38.30
N THR C 153 23.17 15.20 -37.67
CA THR C 153 22.03 15.75 -38.39
C THR C 153 21.66 17.10 -37.80
N ILE C 154 21.70 18.14 -38.64
CA ILE C 154 21.23 19.47 -38.30
C ILE C 154 20.03 19.76 -39.20
N GLU C 155 18.88 20.04 -38.58
CA GLU C 155 17.59 20.28 -39.22
C GLU C 155 17.16 19.06 -40.02
N ASP C 156 17.14 19.18 -41.35
CA ASP C 156 16.70 18.09 -42.22
C ASP C 156 17.83 17.65 -43.15
N LYS C 157 19.07 17.90 -42.78
CA LYS C 157 20.23 17.48 -43.56
C LYS C 157 21.04 16.49 -42.75
N GLU C 158 21.38 15.36 -43.36
CA GLU C 158 22.29 14.39 -42.78
C GLU C 158 23.64 14.58 -43.43
N TYR C 159 24.64 14.85 -42.62
CA TYR C 159 25.98 15.14 -43.09
C TYR C 159 26.71 13.84 -43.36
N PRO C 160 27.75 13.85 -44.21
CA PRO C 160 28.53 12.64 -44.49
C PRO C 160 29.16 12.04 -43.23
N SER C 161 29.24 10.71 -43.23
CA SER C 161 29.51 9.96 -42.01
C SER C 161 30.98 10.08 -41.62
N PHE C 162 31.25 9.70 -40.37
CA PHE C 162 32.58 9.79 -39.79
C PHE C 162 33.06 8.40 -39.42
N ASN C 163 34.26 8.05 -39.86
CA ASN C 163 34.92 6.86 -39.35
C ASN C 163 35.69 7.28 -38.12
N SER C 164 35.34 6.72 -36.96
CA SER C 164 35.81 7.21 -35.68
C SER C 164 37.03 6.45 -35.17
N LYS C 165 37.62 5.61 -36.00
CA LYS C 165 38.85 4.92 -35.64
C LYS C 165 40.04 5.41 -36.45
N SER C 166 39.83 6.33 -37.38
CA SER C 166 40.91 6.97 -38.11
C SER C 166 41.39 8.24 -37.42
N PHE C 167 40.75 8.64 -36.33
CA PHE C 167 41.11 9.84 -35.60
C PHE C 167 41.90 9.46 -34.35
N ASN C 168 42.87 10.29 -33.99
CA ASN C 168 43.65 10.09 -32.78
C ASN C 168 43.04 10.92 -31.66
N LEU C 169 43.15 10.42 -30.43
CA LEU C 169 42.55 11.06 -29.28
C LEU C 169 43.48 12.09 -28.63
N ASP C 170 44.63 12.36 -29.24
CA ASP C 170 45.56 13.36 -28.74
C ASP C 170 45.84 14.46 -29.75
N THR C 171 45.24 14.41 -30.93
CA THR C 171 45.49 15.35 -32.01
C THR C 171 44.15 15.93 -32.47
N PHE C 172 44.16 17.20 -32.87
CA PHE C 172 42.95 17.90 -33.29
C PHE C 172 43.09 18.27 -34.77
N VAL C 173 42.19 17.76 -35.59
CA VAL C 173 42.23 17.95 -37.04
C VAL C 173 41.59 19.29 -37.40
N GLU C 174 42.21 20.03 -38.31
CA GLU C 174 41.70 21.33 -38.75
C GLU C 174 41.65 21.40 -40.27
N ASP C 175 41.42 20.27 -40.94
CA ASP C 175 41.35 20.31 -42.40
C ASP C 175 40.25 19.44 -42.98
N ASN C 176 39.34 18.89 -42.17
CA ASN C 176 38.24 18.07 -42.67
C ASN C 176 37.07 18.99 -43.01
N ALA C 177 36.46 18.77 -44.17
CA ALA C 177 35.44 19.68 -44.70
C ALA C 177 34.16 19.64 -43.88
N THR C 178 33.72 18.43 -43.52
CA THR C 178 32.48 18.27 -42.76
C THR C 178 32.58 18.88 -41.36
N ILE C 179 33.74 18.68 -40.71
CA ILE C 179 33.99 19.23 -39.37
C ILE C 179 33.94 20.75 -39.41
N ASN C 180 34.57 21.35 -40.43
CA ASN C 180 34.53 22.81 -40.57
C ASN C 180 33.14 23.34 -40.88
N GLU C 181 32.37 22.62 -41.70
CA GLU C 181 31.06 23.13 -42.12
C GLU C 181 30.01 23.01 -41.00
N ILE C 182 30.18 22.05 -40.09
CA ILE C 182 29.38 22.11 -38.85
C ILE C 182 29.91 23.17 -37.89
N ALA C 183 31.24 23.31 -37.80
CA ALA C 183 31.86 24.16 -36.78
C ALA C 183 31.60 25.64 -37.04
N GLN C 184 31.44 26.02 -38.32
CA GLN C 184 31.08 27.40 -38.64
C GLN C 184 29.69 27.75 -38.12
N GLN C 185 28.73 26.82 -38.19
CA GLN C 185 27.40 27.07 -37.66
C GLN C 185 27.39 27.14 -36.14
N ILE C 186 28.19 26.27 -35.49
CA ILE C 186 28.32 26.36 -34.03
C ILE C 186 28.99 27.68 -33.61
N ALA C 187 29.96 28.14 -34.40
CA ALA C 187 30.61 29.42 -34.13
C ALA C 187 29.65 30.59 -34.29
N ASP C 188 28.83 30.58 -35.35
CA ASP C 188 27.85 31.63 -35.55
C ASP C 188 26.75 31.63 -34.49
N THR C 189 26.41 30.45 -33.96
CA THR C 189 25.48 30.41 -32.83
C THR C 189 26.14 30.98 -31.56
N PHE C 190 27.43 30.68 -31.37
CA PHE C 190 28.15 31.22 -30.21
C PHE C 190 28.36 32.73 -30.30
N ALA C 191 28.40 33.30 -31.49
CA ALA C 191 28.70 34.72 -31.65
C ALA C 191 27.48 35.62 -31.50
N GLY C 192 26.32 35.19 -31.99
CA GLY C 192 25.13 35.98 -31.87
C GLY C 192 24.45 36.26 -33.20
N LYS C 193 24.92 35.59 -34.25
CA LYS C 193 24.34 35.70 -35.59
C LYS C 193 23.26 34.65 -35.82
N ARG C 194 22.91 33.90 -34.79
CA ARG C 194 21.88 32.87 -34.82
C ARG C 194 21.48 32.65 -33.37
N GLU C 195 20.19 32.44 -33.14
CA GLU C 195 19.67 32.38 -31.78
C GLU C 195 19.75 31.00 -31.14
N TYR C 196 19.79 29.93 -31.94
CA TYR C 196 19.81 28.57 -31.42
C TYR C 196 20.25 27.63 -32.54
N LEU C 197 20.71 26.44 -32.14
CA LEU C 197 21.01 25.38 -33.09
C LEU C 197 20.88 24.03 -32.39
N ASN C 198 20.10 23.13 -32.97
CA ASN C 198 19.85 21.80 -32.41
C ASN C 198 20.56 20.76 -33.29
N ILE C 199 21.42 19.95 -32.66
CA ILE C 199 22.24 18.96 -33.35
C ILE C 199 21.90 17.58 -32.79
N TYR C 200 21.65 16.62 -33.66
CA TYR C 200 21.32 15.25 -33.27
C TYR C 200 22.36 14.27 -33.78
N VAL C 201 22.81 13.38 -32.90
CA VAL C 201 23.97 12.52 -33.14
C VAL C 201 23.56 11.06 -32.94
N THR C 202 23.94 10.19 -33.89
CA THR C 202 23.71 8.75 -33.81
C THR C 202 25.03 8.02 -34.06
N CYS C 203 25.34 7.04 -33.21
CA CYS C 203 26.59 6.28 -33.28
C CYS C 203 26.30 4.78 -33.34
N PHE C 204 27.03 4.07 -34.20
CA PHE C 204 26.93 2.61 -34.32
C PHE C 204 28.26 1.99 -33.96
N VAL C 205 28.24 1.08 -32.98
CA VAL C 205 29.45 0.41 -32.47
C VAL C 205 29.28 -1.08 -32.65
N LYS C 206 30.16 -1.70 -33.44
CA LYS C 206 30.16 -3.14 -33.64
C LYS C 206 31.07 -3.80 -32.63
N ILE C 207 30.50 -4.57 -31.71
CA ILE C 207 31.28 -5.20 -30.65
C ILE C 207 31.22 -6.73 -30.66
N GLY C 208 30.20 -7.33 -31.27
CA GLY C 208 30.06 -8.76 -31.34
C GLY C 208 28.71 -9.19 -30.80
N CYS C 209 28.51 -10.50 -30.73
CA CYS C 209 27.24 -11.09 -30.35
C CYS C 209 27.30 -11.54 -28.90
N ALA C 210 26.25 -11.21 -28.15
CA ALA C 210 26.08 -11.48 -26.72
C ALA C 210 27.14 -10.82 -25.85
N MET C 211 27.78 -9.76 -26.34
CA MET C 211 28.85 -9.10 -25.62
C MET C 211 28.30 -8.04 -24.68
N GLU C 212 29.16 -7.54 -23.81
CA GLU C 212 28.74 -6.69 -22.71
C GLU C 212 28.77 -5.22 -23.10
N VAL C 213 27.72 -4.50 -22.72
CA VAL C 213 27.60 -3.06 -22.90
C VAL C 213 27.67 -2.43 -21.52
N TYR C 214 28.42 -1.33 -21.41
CA TYR C 214 28.64 -0.67 -20.13
C TYR C 214 27.86 0.63 -20.05
N PRO C 215 26.74 0.68 -19.32
CA PRO C 215 26.01 1.94 -19.15
C PRO C 215 26.58 2.77 -18.03
N SER C 216 25.92 3.86 -17.68
CA SER C 216 26.33 4.67 -16.55
C SER C 216 25.81 4.07 -15.25
N GLN C 217 26.52 4.35 -14.17
CA GLN C 217 26.21 3.83 -12.86
C GLN C 217 25.70 4.98 -12.00
N GLU C 218 24.79 4.68 -11.07
CA GLU C 218 24.14 5.69 -10.26
C GLU C 218 24.88 5.86 -8.94
N MET C 219 24.70 7.03 -8.35
CA MET C 219 25.29 7.38 -7.07
C MET C 219 24.35 6.97 -5.95
N THR C 220 24.86 6.17 -5.02
CA THR C 220 24.09 5.76 -3.85
C THR C 220 24.76 6.30 -2.59
N PHE C 221 23.96 6.85 -1.70
CA PHE C 221 24.51 7.40 -0.50
C PHE C 221 24.21 6.41 0.59
N ASP C 222 24.77 6.61 1.78
CA ASP C 222 24.55 5.68 2.89
C ASP C 222 23.07 5.52 3.24
N LYS C 226 25.03 -0.75 -1.06
CA LYS C 226 23.88 -1.65 -1.09
C LYS C 226 23.80 -2.38 -2.43
N GLY C 227 24.79 -2.16 -3.29
CA GLY C 227 24.88 -2.86 -4.55
C GLY C 227 25.21 -1.92 -5.68
N LYS C 228 25.08 -2.44 -6.91
CA LYS C 228 25.38 -1.71 -8.12
C LYS C 228 24.07 -1.46 -8.88
N LYS C 229 23.78 -0.20 -9.15
CA LYS C 229 22.57 0.19 -9.88
C LYS C 229 22.98 0.94 -11.13
N LEU C 230 22.38 0.55 -12.26
CA LEU C 230 22.69 1.15 -13.56
C LEU C 230 21.52 2.00 -14.02
N PHE C 231 21.82 2.96 -14.89
CA PHE C 231 20.86 3.99 -15.29
C PHE C 231 19.83 3.46 -16.27
N LYS C 232 18.56 3.76 -16.01
CA LYS C 232 17.45 3.37 -16.88
C LYS C 232 16.73 4.62 -17.36
N PHE C 233 16.78 4.86 -18.67
CA PHE C 233 16.10 6.00 -19.29
C PHE C 233 14.98 5.47 -20.18
N GLU C 234 13.73 5.76 -19.78
CA GLU C 234 12.51 5.32 -20.46
C GLU C 234 12.45 3.81 -20.64
N GLY C 235 12.87 3.08 -19.60
CA GLY C 235 12.87 1.63 -19.62
C GLY C 235 14.15 1.00 -20.12
N SER C 236 14.86 1.68 -21.01
CA SER C 236 16.10 1.16 -21.58
C SER C 236 17.31 1.79 -20.90
N ALA C 237 18.48 1.23 -21.19
CA ALA C 237 19.72 1.70 -20.60
C ALA C 237 20.19 2.99 -21.28
N GLY C 238 21.09 3.69 -20.60
CA GLY C 238 21.59 4.93 -21.16
C GLY C 238 22.71 5.50 -20.33
N MET C 239 23.19 6.66 -20.79
CA MET C 239 24.24 7.43 -20.13
C MET C 239 23.69 8.75 -19.65
N HIS C 240 24.28 9.27 -18.58
CA HIS C 240 23.92 10.59 -18.07
C HIS C 240 24.38 11.67 -19.04
N SER C 241 23.73 12.87 -18.87
CA SER C 241 24.08 13.98 -19.70
C SER C 241 25.44 14.49 -19.35
N GLN C 242 25.81 14.43 -18.09
CA GLN C 242 27.08 14.94 -17.61
C GLN C 242 28.28 14.08 -17.92
N LYS C 243 28.08 12.91 -18.49
CA LYS C 243 29.17 12.01 -18.82
C LYS C 243 29.49 12.21 -20.26
N ILE C 244 28.53 12.62 -21.03
CA ILE C 244 28.80 12.96 -22.43
C ILE C 244 29.49 14.30 -22.54
N ASN C 245 29.08 15.27 -21.73
CA ASN C 245 29.63 16.62 -21.82
C ASN C 245 31.07 16.73 -21.30
N ASN C 246 31.52 15.78 -20.48
CA ASN C 246 32.92 15.80 -20.08
C ASN C 246 33.82 15.20 -21.13
N ALA C 247 33.27 14.45 -22.07
CA ALA C 247 34.03 13.91 -23.19
C ALA C 247 34.04 14.85 -24.38
N LEU C 248 33.25 15.92 -24.33
CA LEU C 248 33.30 16.98 -25.33
C LEU C 248 34.13 18.17 -24.88
N ARG C 249 34.35 18.34 -23.58
CA ARG C 249 35.10 19.46 -23.05
C ARG C 249 36.59 19.18 -22.92
N THR C 250 37.07 18.02 -23.36
CA THR C 250 38.48 17.66 -23.25
C THR C 250 39.22 18.31 -24.41
N ILE C 251 39.40 19.63 -24.30
CA ILE C 251 39.90 20.45 -25.40
C ILE C 251 41.03 21.35 -24.94
N ASP C 252 41.54 21.14 -23.74
CA ASP C 252 42.51 22.04 -23.13
C ASP C 252 43.92 21.51 -23.40
N THR C 253 44.62 22.15 -24.33
CA THR C 253 46.02 21.89 -24.63
C THR C 253 46.83 23.15 -24.41
N TRP C 254 46.48 23.92 -23.37
CA TRP C 254 47.09 25.21 -23.11
C TRP C 254 47.62 25.31 -21.68
N TYR C 255 47.61 24.22 -20.92
CA TYR C 255 48.07 24.25 -19.55
C TYR C 255 49.60 24.41 -19.52
N PRO C 256 50.16 24.97 -18.43
CA PRO C 256 51.60 25.31 -18.40
C PRO C 256 52.57 24.13 -18.58
N ASP C 257 52.15 22.89 -18.35
CA ASP C 257 53.09 21.79 -18.43
C ASP C 257 52.66 20.80 -19.51
N TYR C 258 52.29 21.32 -20.69
CA TYR C 258 51.81 20.47 -21.78
C TYR C 258 52.95 19.81 -22.55
N THR C 259 54.16 20.37 -22.51
CA THR C 259 55.26 19.83 -23.30
C THR C 259 55.89 18.59 -22.69
N THR C 260 55.50 18.22 -21.46
CA THR C 260 55.90 16.95 -20.86
C THR C 260 54.79 15.91 -20.97
N TYR C 261 53.58 16.26 -20.54
CA TYR C 261 52.40 15.41 -20.70
C TYR C 261 51.60 15.94 -21.88
N GLU C 262 51.69 15.29 -23.02
CA GLU C 262 51.15 15.81 -24.28
C GLU C 262 49.78 15.22 -24.60
N PHE C 263 48.75 15.66 -23.87
CA PHE C 263 47.38 15.17 -24.04
C PHE C 263 46.32 16.16 -23.53
N PRO C 264 45.19 16.33 -24.25
CA PRO C 264 44.13 17.22 -23.79
C PRO C 264 43.60 16.84 -22.41
N ILE C 265 43.23 17.84 -21.63
CA ILE C 265 42.58 17.64 -20.34
C ILE C 265 41.20 18.32 -20.39
N PRO C 266 40.24 17.91 -19.57
CA PRO C 266 38.98 18.65 -19.52
C PRO C 266 39.15 20.03 -18.91
N VAL C 267 38.26 20.93 -19.32
CA VAL C 267 38.32 22.33 -18.91
C VAL C 267 37.68 22.45 -17.52
N GLU C 268 38.51 22.64 -16.50
CA GLU C 268 38.06 22.82 -15.12
C GLU C 268 38.74 24.06 -14.53
N ASN C 269 38.21 24.51 -13.39
CA ASN C 269 38.66 25.78 -12.81
C ASN C 269 40.08 25.70 -12.26
N TYR C 270 40.50 24.56 -11.73
CA TYR C 270 41.84 24.41 -11.20
C TYR C 270 42.68 23.43 -12.01
N GLY C 271 42.19 22.99 -13.16
CA GLY C 271 42.94 22.09 -14.02
C GLY C 271 43.12 20.71 -13.44
N ALA C 272 42.08 20.19 -12.78
CA ALA C 272 42.15 18.89 -12.14
C ALA C 272 41.85 17.79 -13.16
N ALA C 273 42.80 16.88 -13.33
CA ALA C 273 42.64 15.71 -14.18
C ALA C 273 42.49 14.50 -13.27
N ARG C 274 41.46 13.69 -13.50
CA ARG C 274 41.27 12.55 -12.62
C ARG C 274 42.06 11.32 -13.06
N SER C 275 42.43 11.21 -14.33
CA SER C 275 43.24 10.09 -14.79
C SER C 275 44.63 10.11 -14.17
N ILE C 276 45.45 11.08 -14.57
CA ILE C 276 46.72 11.41 -13.93
C ILE C 276 46.46 12.21 -12.66
N GLY C 277 46.97 11.76 -11.52
CA GLY C 277 46.62 12.44 -10.28
C GLY C 277 47.40 13.68 -9.93
N ILE C 278 47.46 14.67 -10.83
CA ILE C 278 48.08 15.98 -10.55
C ILE C 278 47.11 17.08 -10.94
N PRO C 279 46.99 18.16 -10.16
CA PRO C 279 46.35 19.39 -10.63
C PRO C 279 47.29 20.18 -11.52
N PHE C 280 46.78 20.63 -12.67
CA PHE C 280 47.62 21.22 -13.71
C PHE C 280 47.55 22.73 -13.79
N ARG C 281 46.61 23.36 -13.09
CA ARG C 281 46.48 24.83 -13.08
C ARG C 281 46.26 25.31 -11.66
N PRO C 282 47.23 25.12 -10.76
CA PRO C 282 46.94 25.40 -9.34
C PRO C 282 47.09 26.80 -8.76
N ASP C 283 47.74 27.74 -9.43
CA ASP C 283 47.99 29.03 -8.84
C ASP C 283 47.80 30.20 -9.76
N THR C 284 48.76 30.44 -10.62
CA THR C 284 48.69 31.61 -11.49
C THR C 284 48.01 31.41 -12.84
N LYS C 285 47.63 30.19 -13.20
CA LYS C 285 46.92 30.03 -14.46
C LYS C 285 45.52 29.47 -14.23
N SER C 286 44.98 29.70 -13.05
CA SER C 286 43.61 29.31 -12.76
C SER C 286 42.65 30.34 -13.34
N PHE C 287 41.35 30.00 -13.32
CA PHE C 287 40.35 30.90 -13.86
C PHE C 287 40.18 32.14 -13.00
N TYR C 288 40.28 31.98 -11.67
CA TYR C 288 40.05 33.09 -10.74
C TYR C 288 41.11 34.17 -10.88
N LYS C 289 42.38 33.78 -11.00
CA LYS C 289 43.44 34.76 -11.20
C LYS C 289 43.37 35.40 -12.58
N LEU C 290 43.05 34.62 -13.61
CA LEU C 290 43.05 35.15 -14.97
C LEU C 290 41.86 36.04 -15.25
N ILE C 291 40.72 35.81 -14.58
CA ILE C 291 39.58 36.70 -14.80
C ILE C 291 39.72 37.98 -13.98
N ASP C 292 40.58 37.97 -12.96
CA ASP C 292 40.85 39.17 -12.17
C ASP C 292 42.04 39.95 -12.72
N ARG C 293 42.58 39.53 -13.84
CA ARG C 293 43.63 40.27 -14.49
C ARG C 293 43.07 40.85 -15.76
N MET C 294 42.02 40.25 -16.29
CA MET C 294 41.45 40.70 -17.55
C MET C 294 40.44 41.81 -17.37
N ILE C 295 39.56 41.69 -16.40
CA ILE C 295 38.57 42.70 -16.15
C ILE C 295 39.14 43.70 -15.17
N LEU C 296 39.30 43.34 -13.92
CA LEU C 296 39.96 44.22 -12.98
C LEU C 296 41.37 44.26 -13.47
N LYS C 297 42.02 45.41 -13.46
CA LYS C 297 43.38 45.55 -14.01
C LYS C 297 43.44 45.29 -15.50
N ASN C 298 42.56 45.90 -16.26
CA ASN C 298 42.48 45.65 -17.70
C ASN C 298 43.84 45.36 -18.26
N GLU C 299 44.05 44.12 -18.70
CA GLU C 299 45.35 43.72 -19.21
C GLU C 299 45.17 42.85 -20.41
N ASP C 300 46.14 42.90 -21.32
CA ASP C 300 46.04 42.14 -22.54
C ASP C 300 46.64 40.79 -22.32
N LEU C 301 45.81 39.77 -22.38
CA LEU C 301 46.29 38.42 -22.13
C LEU C 301 46.63 37.73 -23.45
N PRO C 302 47.55 36.77 -23.44
CA PRO C 302 47.82 35.99 -24.65
C PRO C 302 46.61 35.18 -25.10
N ILE C 303 46.62 34.84 -26.39
CA ILE C 303 45.43 34.23 -27.03
C ILE C 303 45.18 32.82 -26.48
N GLU C 304 46.23 32.14 -26.01
CA GLU C 304 46.04 30.84 -25.38
C GLU C 304 45.28 30.97 -24.06
N ASP C 305 45.57 32.01 -23.28
CA ASP C 305 44.85 32.23 -22.03
C ASP C 305 43.42 32.70 -22.28
N LYS C 306 43.17 33.36 -23.39
CA LYS C 306 41.83 33.80 -23.69
C LYS C 306 40.96 32.68 -24.19
N HIS C 307 41.56 31.63 -24.72
CA HIS C 307 40.79 30.53 -25.28
C HIS C 307 40.39 29.61 -24.16
N TYR C 308 40.88 29.84 -22.96
CA TYR C 308 40.52 29.02 -21.83
C TYR C 308 39.44 29.73 -21.08
N VAL C 309 39.64 31.02 -20.86
CA VAL C 309 38.66 31.81 -20.12
C VAL C 309 37.29 31.76 -20.79
N MET C 310 37.26 31.82 -22.12
CA MET C 310 36.00 31.71 -22.85
C MET C 310 35.41 30.31 -22.76
N ALA C 311 36.25 29.29 -22.61
CA ALA C 311 35.77 27.92 -22.51
C ALA C 311 35.05 27.67 -21.19
N ILE C 312 35.45 28.36 -20.13
CA ILE C 312 34.77 28.26 -18.84
C ILE C 312 33.37 28.87 -18.92
N LEU C 313 33.22 29.97 -19.67
CA LEU C 313 31.95 30.64 -19.79
C LEU C 313 30.94 29.91 -20.67
N ILE C 314 31.37 28.89 -21.42
CA ILE C 314 30.48 27.99 -22.13
C ILE C 314 30.06 26.81 -21.25
N ARG C 315 30.75 26.61 -20.14
CA ARG C 315 30.39 25.56 -19.18
C ARG C 315 29.50 26.07 -18.06
N GLY C 316 29.80 27.25 -17.52
CA GLY C 316 28.98 27.86 -16.49
C GLY C 316 29.57 27.67 -15.10
N GLY C 317 28.90 28.26 -14.13
CA GLY C 317 29.29 28.06 -12.75
C GLY C 317 28.96 29.28 -11.90
N MET C 318 29.14 29.11 -10.61
CA MET C 318 29.01 30.18 -9.64
C MET C 318 30.39 30.76 -9.38
N PHE C 319 30.55 32.06 -9.63
CA PHE C 319 31.85 32.70 -9.50
C PHE C 319 31.76 33.92 -8.59
N SER C 320 31.13 33.77 -7.44
CA SER C 320 30.87 34.88 -6.53
C SER C 320 31.98 35.00 -5.49
N LYS C 321 32.05 36.16 -4.86
CA LYS C 321 33.08 36.48 -3.88
C LYS C 321 32.41 37.00 -2.61
N LYS C 322 33.09 36.82 -1.49
CA LYS C 322 32.58 37.12 -0.15
C LYS C 322 32.21 38.59 0.05
N GLN C 323 33.19 39.48 0.07
CA GLN C 323 32.89 40.87 0.37
C GLN C 323 32.57 41.67 -0.88
N THR D 1 62.10 5.41 -4.74
CA THR D 1 61.33 6.63 -4.82
C THR D 1 59.85 6.34 -4.74
N LEU D 2 59.48 5.15 -4.26
CA LEU D 2 58.06 4.83 -4.11
C LEU D 2 57.71 4.12 -2.81
N LYS D 3 57.02 4.79 -1.91
CA LYS D 3 56.55 4.19 -0.68
C LYS D 3 55.05 4.07 -0.78
N SER D 4 54.53 2.86 -0.55
CA SER D 4 53.11 2.46 -0.52
C SER D 4 52.49 2.43 -1.92
N ARG D 5 51.33 1.82 -2.03
CA ARG D 5 50.54 1.81 -3.25
C ARG D 5 49.66 3.05 -3.30
N PRO D 6 49.20 3.45 -4.50
CA PRO D 6 48.25 4.56 -4.59
C PRO D 6 46.92 4.23 -3.94
N GLU D 7 46.20 5.28 -3.59
CA GLU D 7 45.02 5.20 -2.76
C GLU D 7 43.77 4.83 -3.55
N ASN D 8 43.87 4.84 -4.89
CA ASN D 8 42.82 4.44 -5.83
C ASN D 8 43.54 3.71 -6.97
N LEU D 9 43.60 2.39 -6.87
CA LEU D 9 44.19 1.54 -7.89
C LEU D 9 43.19 0.46 -8.29
N SER D 10 42.95 0.33 -9.59
CA SER D 10 41.98 -0.64 -10.08
C SER D 10 42.40 -1.08 -11.48
N PHE D 11 42.26 -2.37 -11.74
CA PHE D 11 42.48 -2.95 -13.05
C PHE D 11 41.17 -3.50 -13.61
N ALA D 12 41.16 -3.75 -14.91
CA ALA D 12 39.99 -4.24 -15.62
C ALA D 12 40.25 -5.64 -16.15
N ARG D 13 39.18 -6.28 -16.61
CA ARG D 13 39.30 -7.62 -17.13
C ARG D 13 39.84 -7.67 -18.52
N CYS D 14 40.63 -8.68 -18.80
CA CYS D 14 41.17 -8.92 -20.13
C CYS D 14 40.59 -10.15 -20.79
N LEU D 15 39.89 -11.00 -20.05
CA LEU D 15 39.14 -12.12 -20.60
C LEU D 15 37.67 -11.93 -20.22
N ASN D 16 36.90 -11.35 -21.13
CA ASN D 16 35.48 -11.10 -20.93
C ASN D 16 34.69 -12.24 -21.54
N THR D 17 33.96 -12.98 -20.72
CA THR D 17 33.23 -14.15 -21.16
C THR D 17 31.73 -13.84 -21.16
N THR D 18 31.05 -14.31 -22.20
CA THR D 18 29.62 -14.09 -22.36
C THR D 18 28.84 -15.17 -21.65
N GLU D 19 27.56 -14.89 -21.42
CA GLU D 19 26.67 -15.87 -20.84
C GLU D 19 26.39 -17.00 -21.84
N ALA D 20 26.03 -18.16 -21.31
CA ALA D 20 25.87 -19.37 -22.09
C ALA D 20 24.40 -19.70 -22.31
N LYS D 21 24.10 -20.26 -23.46
CA LYS D 21 22.76 -20.73 -23.79
C LYS D 21 22.79 -22.22 -24.03
N PHE D 22 21.71 -22.91 -23.65
CA PHE D 22 21.66 -24.36 -23.72
C PHE D 22 20.69 -24.78 -24.82
N TRP D 23 21.05 -25.83 -25.57
CA TRP D 23 20.18 -26.38 -26.60
C TRP D 23 20.16 -27.89 -26.45
N GLN D 24 19.29 -28.55 -27.22
CA GLN D 24 19.25 -30.01 -27.28
C GLN D 24 19.20 -30.46 -28.73
N THR D 25 19.97 -31.51 -29.03
CA THR D 25 20.15 -32.01 -30.39
C THR D 25 20.16 -33.53 -30.35
N ASP D 26 20.44 -34.13 -31.50
CA ASP D 26 20.81 -35.54 -31.60
C ASP D 26 22.23 -35.64 -32.16
N PHE D 27 22.99 -36.63 -31.67
CA PHE D 27 24.42 -36.69 -32.00
C PHE D 27 24.71 -37.06 -33.45
N LEU D 28 23.81 -37.77 -34.12
CA LEU D 28 24.08 -38.11 -35.51
C LEU D 28 23.57 -37.06 -36.48
N LYS D 29 22.85 -36.07 -35.99
CA LYS D 29 22.37 -34.94 -36.79
C LYS D 29 22.67 -33.63 -36.09
N ARG D 30 23.87 -33.51 -35.52
CA ARG D 30 24.18 -32.35 -34.69
C ARG D 30 24.42 -31.09 -35.53
N HIS D 31 24.87 -31.26 -36.77
CA HIS D 31 25.21 -30.10 -37.59
C HIS D 31 24.04 -29.62 -38.46
N THR D 32 22.80 -30.01 -38.15
CA THR D 32 21.66 -29.62 -38.96
C THR D 32 20.40 -29.27 -38.16
N PHE D 33 20.44 -29.32 -36.84
CA PHE D 33 19.20 -29.47 -36.09
C PHE D 33 19.42 -29.06 -34.64
N LYS D 34 18.58 -28.17 -34.11
CA LYS D 34 18.66 -27.76 -32.71
C LYS D 34 17.29 -27.27 -32.22
N LEU D 35 16.94 -27.65 -30.99
CA LEU D 35 15.71 -27.26 -30.32
C LEU D 35 16.04 -26.59 -28.99
N PRO D 36 15.13 -25.74 -28.47
CA PRO D 36 15.38 -25.14 -27.16
C PRO D 36 15.19 -26.09 -26.00
N LEU D 37 15.86 -25.76 -24.90
CA LEU D 37 15.73 -26.43 -23.60
C LEU D 37 15.11 -25.46 -22.61
N LEU D 38 14.10 -25.91 -21.87
CA LEU D 38 13.30 -25.04 -21.02
C LEU D 38 13.27 -25.57 -19.59
N ILE D 39 13.08 -24.64 -18.65
CA ILE D 39 13.08 -24.94 -17.23
C ILE D 39 11.64 -25.16 -16.77
N THR D 40 11.42 -26.25 -16.01
CA THR D 40 10.11 -26.61 -15.52
C THR D 40 10.03 -26.46 -14.00
N ASP D 41 8.81 -26.40 -13.49
CA ASP D 41 8.55 -26.22 -12.07
C ASP D 41 8.11 -27.54 -11.45
N LYS D 42 8.80 -27.98 -10.40
CA LYS D 42 8.50 -29.24 -9.74
C LYS D 42 8.51 -29.04 -8.23
N ALA D 43 7.47 -29.53 -7.56
CA ALA D 43 7.34 -29.39 -6.12
C ALA D 43 7.47 -30.76 -5.45
N VAL D 44 7.95 -30.74 -4.20
CA VAL D 44 8.32 -31.97 -3.50
C VAL D 44 7.63 -32.03 -2.14
N LEU D 45 7.47 -33.26 -1.67
CA LEU D 45 6.97 -33.50 -0.34
C LEU D 45 7.95 -34.47 0.23
N ALA D 46 8.73 -34.04 1.21
CA ALA D 46 9.75 -34.91 1.78
C ALA D 46 9.54 -35.11 3.26
N SER D 47 10.38 -35.93 3.87
CA SER D 47 10.28 -36.15 5.31
C SER D 47 11.14 -35.15 6.05
N LYS D 48 11.39 -35.41 7.32
CA LYS D 48 12.20 -34.52 8.11
C LYS D 48 13.52 -35.17 8.49
N GLY D 49 14.63 -34.61 8.06
CA GLY D 49 15.92 -35.23 8.31
C GLY D 49 17.05 -34.42 8.86
N HIS D 50 16.77 -33.30 9.49
CA HIS D 50 17.80 -32.50 10.11
C HIS D 50 18.20 -33.06 11.43
N GLU D 51 19.37 -32.71 11.93
CA GLU D 51 19.76 -33.15 13.24
C GLU D 51 19.05 -32.21 14.17
N MET D 52 18.28 -32.74 15.11
CA MET D 52 17.47 -31.86 15.93
C MET D 52 17.58 -32.18 17.40
N PRO D 53 17.31 -31.20 18.26
CA PRO D 53 17.27 -31.52 19.68
C PRO D 53 16.32 -32.68 19.95
N PRO D 54 16.60 -33.51 20.97
CA PRO D 54 15.77 -34.71 21.23
C PRO D 54 14.32 -34.43 21.55
N ASP D 55 14.02 -33.31 22.22
CA ASP D 55 12.63 -33.00 22.57
C ASP D 55 11.81 -32.62 21.34
N LYS D 56 12.39 -31.82 20.44
CA LYS D 56 11.75 -31.58 19.15
C LYS D 56 11.69 -32.86 18.31
N LEU D 57 12.71 -33.71 18.45
CA LEU D 57 12.77 -34.97 17.71
C LEU D 57 11.69 -35.95 18.16
N GLU D 58 11.26 -35.85 19.43
CA GLU D 58 10.15 -36.68 19.89
C GLU D 58 8.85 -36.31 19.18
N LYS D 59 8.61 -35.02 18.99
CA LYS D 59 7.33 -34.56 18.45
C LYS D 59 7.27 -34.53 16.93
N GLU D 60 8.36 -34.19 16.24
CA GLU D 60 8.29 -33.92 14.81
C GLU D 60 9.14 -34.87 13.95
N ILE D 61 9.35 -36.12 14.38
CA ILE D 61 10.18 -36.96 13.52
C ILE D 61 9.40 -37.50 12.32
N MET D 62 8.09 -37.72 12.44
CA MET D 62 7.34 -38.25 11.29
C MET D 62 6.33 -37.25 10.76
N ASP D 63 6.62 -35.98 10.87
CA ASP D 63 5.68 -35.03 10.32
C ASP D 63 6.10 -34.68 8.88
N PRO D 64 5.12 -34.54 7.97
CA PRO D 64 5.46 -34.33 6.55
C PRO D 64 6.09 -32.96 6.30
N ASN D 65 6.77 -32.86 5.16
CA ASN D 65 7.48 -31.63 4.85
C ASN D 65 7.37 -31.35 3.35
N PRO D 66 6.63 -30.30 2.97
CA PRO D 66 6.64 -29.83 1.57
C PRO D 66 7.65 -28.74 1.26
N GLN D 67 8.22 -28.77 0.05
CA GLN D 67 9.12 -27.72 -0.44
C GLN D 67 8.85 -27.45 -1.92
N LYS D 68 9.21 -26.24 -2.36
CA LYS D 68 9.12 -25.84 -3.75
C LYS D 68 10.48 -25.86 -4.44
N SER D 69 10.50 -26.18 -5.72
CA SER D 69 11.76 -26.36 -6.45
C SER D 69 11.53 -26.13 -7.95
N GLN D 70 12.61 -26.26 -8.72
CA GLN D 70 12.61 -26.17 -10.18
C GLN D 70 13.59 -27.20 -10.73
N SER D 71 13.40 -27.59 -11.98
CA SER D 71 14.23 -28.61 -12.60
C SER D 71 14.43 -28.32 -14.08
N CYS D 72 15.40 -29.01 -14.68
CA CYS D 72 15.66 -28.94 -16.12
C CYS D 72 16.12 -30.29 -16.61
N THR D 73 15.43 -30.82 -17.62
CA THR D 73 15.68 -32.17 -18.13
C THR D 73 15.60 -32.12 -19.66
N LEU D 74 16.25 -33.08 -20.32
CA LEU D 74 16.17 -33.22 -21.77
C LEU D 74 14.84 -33.84 -22.18
N SER D 75 14.68 -34.13 -23.47
CA SER D 75 13.47 -34.69 -24.00
C SER D 75 13.61 -36.21 -24.14
N THR D 76 12.58 -36.85 -24.65
CA THR D 76 12.58 -38.29 -24.80
C THR D 76 12.93 -38.65 -26.21
N GLU D 77 13.31 -37.66 -27.01
CA GLU D 77 13.73 -37.87 -28.38
C GLU D 77 15.10 -37.28 -28.67
N CYS D 78 15.72 -36.63 -27.70
CA CYS D 78 17.04 -36.02 -27.87
C CYS D 78 17.99 -36.61 -26.84
N ASP D 79 19.28 -36.66 -27.19
CA ASP D 79 20.30 -37.26 -26.35
C ASP D 79 21.51 -36.39 -26.05
N THR D 80 21.57 -35.17 -26.59
CA THR D 80 22.76 -34.32 -26.39
C THR D 80 22.38 -32.94 -25.91
N LEU D 81 23.37 -32.28 -25.32
CA LEU D 81 23.28 -30.91 -24.83
C LEU D 81 24.29 -30.05 -25.58
N ARG D 82 23.85 -28.88 -26.03
CA ARG D 82 24.70 -27.96 -26.79
C ARG D 82 24.80 -26.63 -26.06
N ILE D 83 26.03 -26.21 -25.77
CA ILE D 83 26.33 -24.98 -25.03
C ILE D 83 27.19 -24.08 -25.89
N ASP D 84 26.78 -22.82 -26.05
CA ASP D 84 27.46 -21.84 -26.87
C ASP D 84 27.78 -20.61 -26.03
N PHE D 85 29.04 -20.18 -26.04
CA PHE D 85 29.45 -18.94 -25.38
C PHE D 85 30.59 -18.30 -26.17
N GLY D 86 31.02 -17.12 -25.71
CA GLY D 86 32.06 -16.37 -26.40
C GLY D 86 32.97 -15.62 -25.45
N ILE D 87 34.20 -15.36 -25.92
CA ILE D 87 35.24 -14.67 -25.16
C ILE D 87 35.79 -13.52 -25.99
N LYS D 88 35.98 -12.36 -25.36
CA LYS D 88 36.69 -11.23 -25.96
C LYS D 88 37.99 -10.99 -25.19
N VAL D 89 39.11 -10.96 -25.92
CA VAL D 89 40.43 -10.76 -25.34
C VAL D 89 40.90 -9.35 -25.65
N LEU D 90 41.44 -8.67 -24.64
CA LEU D 90 41.90 -7.29 -24.72
C LEU D 90 43.32 -7.17 -24.20
N PRO D 91 44.10 -6.17 -24.65
CA PRO D 91 45.48 -6.02 -24.17
C PRO D 91 45.59 -5.69 -22.69
N VAL D 92 46.74 -6.04 -22.11
CA VAL D 92 46.92 -5.97 -20.67
C VAL D 92 47.37 -4.58 -20.21
N LYS D 93 48.19 -3.89 -21.01
CA LYS D 93 48.68 -2.57 -20.64
C LYS D 93 47.63 -1.48 -20.76
N GLU D 94 46.51 -1.75 -21.40
CA GLU D 94 45.43 -0.79 -21.57
C GLU D 94 44.27 -1.11 -20.65
N SER D 95 44.51 -1.93 -19.61
CA SER D 95 43.48 -2.37 -18.69
C SER D 95 43.62 -1.74 -17.31
N MET D 96 44.34 -0.63 -17.21
CA MET D 96 44.40 0.16 -16.00
C MET D 96 43.29 1.20 -16.07
N TYR D 97 42.37 1.16 -15.11
CA TYR D 97 41.22 2.05 -15.16
C TYR D 97 41.36 3.20 -14.18
N SER D 98 42.18 3.08 -13.14
CA SER D 98 42.35 4.14 -12.16
C SER D 98 43.69 4.00 -11.48
N CYS D 99 44.44 5.10 -11.43
CA CYS D 99 45.69 5.16 -10.69
C CYS D 99 45.95 6.62 -10.32
N SER D 100 46.14 6.88 -9.03
CA SER D 100 46.32 8.23 -8.53
C SER D 100 47.79 8.64 -8.38
N ASP D 101 48.71 7.86 -8.93
CA ASP D 101 50.13 8.21 -8.88
C ASP D 101 50.80 7.78 -10.19
N TYR D 102 51.34 8.77 -10.91
CA TYR D 102 51.88 8.54 -12.26
C TYR D 102 53.12 7.65 -12.26
N ASN D 103 53.96 7.78 -11.23
CA ASN D 103 55.21 7.04 -11.17
C ASN D 103 54.97 5.55 -10.99
N TYR D 104 53.95 5.20 -10.21
CA TYR D 104 53.54 3.81 -10.01
C TYR D 104 53.03 3.20 -11.32
N ARG D 105 52.31 4.00 -12.10
CA ARG D 105 51.85 3.60 -13.43
C ARG D 105 53.02 3.31 -14.36
N THR D 106 54.03 4.18 -14.35
CA THR D 106 55.22 3.96 -15.19
C THR D 106 56.00 2.72 -14.75
N ALA D 107 56.05 2.46 -13.44
CA ALA D 107 56.71 1.27 -12.92
C ALA D 107 56.00 -0.01 -13.37
N ILE D 108 54.66 -0.02 -13.28
CA ILE D 108 53.87 -1.17 -13.74
C ILE D 108 54.06 -1.40 -15.24
N TYR D 109 54.11 -0.30 -16.02
CA TYR D 109 54.27 -0.42 -17.47
C TYR D 109 55.64 -0.99 -17.83
N GLN D 110 56.69 -0.58 -17.11
CA GLN D 110 58.03 -1.11 -17.36
C GLN D 110 58.12 -2.59 -16.99
N LYS D 111 57.48 -3.00 -15.89
CA LYS D 111 57.50 -4.41 -15.51
C LYS D 111 56.75 -5.28 -16.54
N ILE D 112 55.61 -4.78 -17.06
CA ILE D 112 54.90 -5.50 -18.10
C ILE D 112 55.73 -5.60 -19.39
N ASP D 113 56.46 -4.53 -19.75
CA ASP D 113 57.33 -4.62 -20.92
C ASP D 113 58.49 -5.59 -20.73
N GLU D 114 59.04 -5.70 -19.51
CA GLU D 114 60.04 -6.73 -19.24
C GLU D 114 59.45 -8.13 -19.37
N TYR D 115 58.21 -8.31 -18.90
CA TYR D 115 57.54 -9.59 -19.02
C TYR D 115 57.30 -9.99 -20.47
N ILE D 116 56.86 -9.05 -21.31
CA ILE D 116 56.71 -9.31 -22.75
C ILE D 116 58.05 -9.60 -23.39
N ALA D 117 59.13 -8.98 -22.89
CA ALA D 117 60.47 -9.27 -23.42
C ALA D 117 60.90 -10.70 -23.12
N GLU D 118 60.63 -11.21 -21.91
CA GLU D 118 61.06 -12.59 -21.63
C GLU D 118 60.12 -13.63 -22.25
N ASP D 119 58.86 -13.67 -21.81
CA ASP D 119 57.88 -14.64 -22.29
C ASP D 119 56.68 -13.86 -22.79
N GLY D 120 56.36 -14.02 -24.07
CA GLY D 120 55.31 -13.21 -24.65
C GLY D 120 53.88 -13.64 -24.35
N PHE D 121 53.56 -13.78 -23.05
CA PHE D 121 52.25 -14.17 -22.53
C PHE D 121 51.79 -15.51 -23.10
N LEU D 122 52.72 -16.44 -23.26
CA LEU D 122 52.44 -17.66 -24.02
C LEU D 122 52.14 -18.87 -23.14
N THR D 123 52.81 -19.02 -21.99
CA THR D 123 52.52 -20.11 -21.08
C THR D 123 51.09 -20.01 -20.52
N LEU D 124 50.72 -18.81 -20.08
CA LEU D 124 49.40 -18.58 -19.49
C LEU D 124 48.29 -18.80 -20.51
N ALA D 125 48.50 -18.32 -21.73
CA ALA D 125 47.52 -18.49 -22.81
C ALA D 125 47.37 -19.95 -23.20
N LYS D 126 48.47 -20.71 -23.20
CA LYS D 126 48.39 -22.16 -23.42
C LYS D 126 47.58 -22.83 -22.33
N ARG D 127 47.70 -22.37 -21.09
CA ARG D 127 46.89 -22.95 -20.01
C ARG D 127 45.40 -22.58 -20.17
N TYR D 128 45.10 -21.37 -20.62
CA TYR D 128 43.70 -20.98 -20.86
C TYR D 128 43.07 -21.78 -22.00
N VAL D 129 43.79 -21.94 -23.12
CA VAL D 129 43.28 -22.75 -24.23
C VAL D 129 43.18 -24.21 -23.83
N ASN D 130 43.95 -24.66 -22.88
CA ASN D 130 43.89 -26.05 -22.43
C ASN D 130 42.67 -26.24 -21.58
N ASN D 131 42.33 -25.25 -20.76
CA ASN D 131 41.06 -25.36 -20.05
C ASN D 131 39.84 -25.16 -20.95
N ILE D 132 40.01 -24.53 -22.11
CA ILE D 132 38.95 -24.59 -23.12
C ILE D 132 38.85 -25.98 -23.73
N ALA D 133 39.97 -26.67 -23.90
CA ALA D 133 39.99 -28.01 -24.48
C ALA D 133 39.86 -29.11 -23.45
N ASN D 134 39.80 -28.78 -22.16
CA ASN D 134 39.55 -29.76 -21.11
C ASN D 134 38.08 -29.91 -20.81
N ALA D 135 37.26 -28.94 -21.17
CA ALA D 135 35.84 -28.95 -20.88
C ALA D 135 35.56 -28.86 -19.39
N ARG D 136 36.23 -27.97 -18.70
CA ARG D 136 36.05 -27.82 -17.27
C ARG D 136 34.96 -26.84 -16.99
N PHE D 137 34.34 -26.30 -18.02
CA PHE D 137 33.22 -25.40 -17.83
C PHE D 137 32.00 -26.25 -17.60
N LEU D 138 32.04 -27.51 -17.99
CA LEU D 138 30.97 -28.47 -17.72
C LEU D 138 31.20 -28.99 -16.31
N TRP D 139 30.65 -28.29 -15.31
CA TRP D 139 30.90 -28.65 -13.91
C TRP D 139 30.29 -29.98 -13.49
N ARG D 140 28.97 -30.07 -13.40
CA ARG D 140 28.34 -31.35 -13.09
C ARG D 140 27.79 -32.04 -14.33
N ASN D 141 27.99 -31.44 -15.50
CA ASN D 141 27.55 -32.01 -16.76
C ASN D 141 28.66 -32.79 -17.47
N ARG D 142 29.77 -33.06 -16.77
CA ARG D 142 30.86 -33.84 -17.32
C ARG D 142 30.91 -35.24 -16.71
N LYS D 143 30.10 -35.51 -15.70
CA LYS D 143 30.03 -36.82 -15.07
C LYS D 143 28.91 -37.60 -15.74
N GLY D 144 29.27 -38.69 -16.40
CA GLY D 144 28.31 -39.55 -17.06
C GLY D 144 28.18 -39.37 -18.56
N ALA D 145 29.18 -38.83 -19.23
CA ALA D 145 29.13 -38.58 -20.66
C ALA D 145 29.87 -39.66 -21.41
N GLU D 146 29.44 -39.91 -22.65
CA GLU D 146 30.09 -40.88 -23.50
C GLU D 146 30.99 -40.23 -24.54
N ILE D 147 30.52 -39.21 -25.24
CA ILE D 147 31.35 -38.43 -26.15
C ILE D 147 31.21 -36.95 -25.82
N ILE D 148 32.34 -36.25 -25.71
CA ILE D 148 32.38 -34.80 -25.52
C ILE D 148 33.26 -34.23 -26.61
N GLU D 149 32.75 -33.28 -27.39
CA GLU D 149 33.51 -32.60 -28.42
C GLU D 149 33.37 -31.08 -28.25
N THR D 150 34.45 -30.35 -28.54
CA THR D 150 34.49 -28.90 -28.43
C THR D 150 35.07 -28.31 -29.70
N ILE D 151 34.46 -27.24 -30.21
CA ILE D 151 34.86 -26.58 -31.45
C ILE D 151 35.10 -25.11 -31.16
N VAL D 152 36.23 -24.59 -31.63
CA VAL D 152 36.64 -23.21 -31.41
C VAL D 152 36.65 -22.47 -32.75
N THR D 153 36.00 -21.31 -32.79
CA THR D 153 35.91 -20.49 -34.01
C THR D 153 36.48 -19.11 -33.75
N ILE D 154 37.48 -18.73 -34.55
CA ILE D 154 38.03 -17.38 -34.58
C ILE D 154 37.81 -16.83 -35.99
N GLU D 155 37.05 -15.73 -36.09
CA GLU D 155 36.70 -15.01 -37.31
C GLU D 155 35.78 -15.85 -38.18
N ASP D 156 36.33 -16.43 -39.24
CA ASP D 156 35.53 -17.27 -40.14
C ASP D 156 36.16 -18.65 -40.30
N LYS D 157 37.13 -19.00 -39.46
CA LYS D 157 37.80 -20.29 -39.54
C LYS D 157 37.36 -21.17 -38.38
N GLU D 158 37.08 -22.44 -38.68
CA GLU D 158 36.74 -23.43 -37.68
C GLU D 158 37.93 -24.36 -37.52
N TYR D 159 38.55 -24.32 -36.35
CA TYR D 159 39.68 -25.18 -36.06
C TYR D 159 39.19 -26.60 -35.81
N PRO D 160 40.04 -27.62 -36.00
CA PRO D 160 39.59 -29.01 -35.79
C PRO D 160 39.23 -29.30 -34.35
N SER D 161 38.39 -30.32 -34.19
CA SER D 161 37.68 -30.58 -32.95
C SER D 161 38.60 -31.17 -31.88
N PHE D 162 38.10 -31.17 -30.66
CA PHE D 162 38.81 -31.70 -29.50
C PHE D 162 38.01 -32.83 -28.89
N ASN D 163 38.69 -33.92 -28.55
CA ASN D 163 38.09 -35.01 -27.79
C ASN D 163 38.44 -34.70 -26.34
N SER D 164 37.50 -34.10 -25.61
CA SER D 164 37.80 -33.56 -24.29
C SER D 164 38.00 -34.62 -23.22
N LYS D 165 37.59 -35.86 -23.47
CA LYS D 165 37.76 -36.95 -22.50
C LYS D 165 39.07 -37.70 -22.70
N SER D 166 39.96 -37.18 -23.53
CA SER D 166 41.30 -37.73 -23.68
C SER D 166 42.33 -36.84 -23.02
N PHE D 167 41.90 -35.90 -22.19
CA PHE D 167 42.76 -34.95 -21.51
C PHE D 167 42.60 -35.14 -20.01
N ASN D 168 43.70 -34.99 -19.28
CA ASN D 168 43.64 -35.03 -17.82
C ASN D 168 43.38 -33.62 -17.30
N LEU D 169 42.70 -33.55 -16.16
CA LEU D 169 42.36 -32.28 -15.53
C LEU D 169 43.38 -31.88 -14.48
N ASP D 170 44.54 -32.54 -14.46
CA ASP D 170 45.59 -32.21 -13.51
C ASP D 170 46.94 -32.01 -14.21
N THR D 171 46.97 -32.04 -15.54
CA THR D 171 48.21 -31.99 -16.31
C THR D 171 47.98 -31.12 -17.54
N PHE D 172 48.93 -30.22 -17.82
CA PHE D 172 48.81 -29.29 -18.92
C PHE D 172 49.70 -29.74 -20.07
N VAL D 173 49.12 -29.83 -21.26
CA VAL D 173 49.77 -30.32 -22.47
C VAL D 173 50.32 -29.15 -23.26
N GLU D 174 51.58 -29.26 -23.70
CA GLU D 174 52.25 -28.19 -24.45
C GLU D 174 52.78 -28.69 -25.77
N ASP D 175 52.10 -29.67 -26.39
CA ASP D 175 52.57 -30.18 -27.67
C ASP D 175 51.44 -30.43 -28.67
N ASN D 176 50.24 -29.92 -28.41
CA ASN D 176 49.13 -30.07 -29.34
C ASN D 176 49.10 -28.85 -30.26
N ALA D 177 49.00 -29.11 -31.57
CA ALA D 177 49.18 -28.06 -32.57
C ALA D 177 48.08 -27.00 -32.51
N THR D 178 46.82 -27.45 -32.40
CA THR D 178 45.67 -26.55 -32.42
C THR D 178 45.67 -25.59 -31.23
N ILE D 179 46.04 -26.11 -30.05
CA ILE D 179 46.15 -25.31 -28.84
C ILE D 179 47.23 -24.25 -29.01
N ASN D 180 48.32 -24.59 -29.69
CA ASN D 180 49.40 -23.63 -29.92
C ASN D 180 49.00 -22.52 -30.89
N GLU D 181 48.27 -22.85 -31.96
CA GLU D 181 47.90 -21.78 -32.90
C GLU D 181 46.85 -20.85 -32.32
N ILE D 182 45.95 -21.36 -31.46
CA ILE D 182 45.06 -20.42 -30.77
C ILE D 182 45.79 -19.61 -29.70
N ALA D 183 46.74 -20.24 -28.99
CA ALA D 183 47.41 -19.59 -27.88
C ALA D 183 48.37 -18.51 -28.35
N GLN D 184 48.93 -18.67 -29.56
CA GLN D 184 49.79 -17.62 -30.12
C GLN D 184 49.00 -16.35 -30.40
N GLN D 185 47.78 -16.48 -30.94
CA GLN D 185 46.94 -15.32 -31.20
C GLN D 185 46.47 -14.66 -29.91
N ILE D 186 46.10 -15.46 -28.90
CA ILE D 186 45.72 -14.89 -27.61
C ILE D 186 46.90 -14.18 -26.96
N ALA D 187 48.11 -14.74 -27.11
CA ALA D 187 49.32 -14.14 -26.57
C ALA D 187 49.64 -12.82 -27.25
N ASP D 188 49.52 -12.77 -28.58
CA ASP D 188 49.75 -11.53 -29.32
C ASP D 188 48.69 -10.48 -29.01
N THR D 189 47.47 -10.89 -28.70
CA THR D 189 46.46 -9.92 -28.27
C THR D 189 46.77 -9.39 -26.87
N PHE D 190 47.32 -10.25 -25.99
CA PHE D 190 47.75 -9.82 -24.67
C PHE D 190 48.92 -8.84 -24.74
N ALA D 191 49.84 -9.05 -25.67
CA ALA D 191 51.07 -8.25 -25.72
C ALA D 191 50.79 -6.81 -26.17
N GLY D 192 50.05 -6.66 -27.27
CA GLY D 192 49.77 -5.33 -27.80
C GLY D 192 49.83 -5.26 -29.31
N LYS D 193 50.25 -6.36 -29.93
CA LYS D 193 50.37 -6.41 -31.37
C LYS D 193 49.03 -6.53 -32.09
N ARG D 194 47.95 -6.63 -31.49
CA ARG D 194 46.62 -6.70 -32.09
C ARG D 194 45.70 -6.08 -31.05
N GLU D 195 44.62 -5.50 -31.34
CA GLU D 195 43.80 -4.73 -30.41
C GLU D 195 42.60 -5.44 -29.81
N TYR D 196 42.26 -6.62 -30.30
CA TYR D 196 41.06 -7.33 -29.86
C TYR D 196 41.07 -8.70 -30.51
N LEU D 197 40.46 -9.68 -29.84
CA LEU D 197 40.21 -10.98 -30.44
C LEU D 197 38.92 -11.58 -29.89
N ASN D 198 38.10 -12.13 -30.77
CA ASN D 198 36.80 -12.69 -30.42
C ASN D 198 36.79 -14.18 -30.73
N ILE D 199 36.52 -15.00 -29.72
CA ILE D 199 36.55 -16.46 -29.82
C ILE D 199 35.18 -17.00 -29.44
N TYR D 200 34.63 -17.88 -30.27
CA TYR D 200 33.33 -18.50 -30.02
C TYR D 200 33.46 -20.00 -29.88
N VAL D 201 32.81 -20.57 -28.86
CA VAL D 201 33.00 -21.95 -28.43
C VAL D 201 31.66 -22.68 -28.49
N THR D 202 31.66 -23.90 -29.04
CA THR D 202 30.50 -24.78 -29.07
C THR D 202 30.90 -26.15 -28.54
N CYS D 203 30.16 -26.66 -27.54
CA CYS D 203 30.41 -27.96 -26.94
C CYS D 203 29.22 -28.89 -27.16
N PHE D 204 29.49 -30.17 -27.39
CA PHE D 204 28.48 -31.21 -27.57
C PHE D 204 28.72 -32.31 -26.55
N VAL D 205 27.77 -32.51 -25.64
CA VAL D 205 27.86 -33.51 -24.58
C VAL D 205 26.76 -34.54 -24.78
N LYS D 206 27.13 -35.81 -24.88
CA LYS D 206 26.16 -36.89 -25.04
C LYS D 206 25.93 -37.51 -23.66
N ILE D 207 24.72 -37.32 -23.12
CA ILE D 207 24.40 -37.81 -21.79
C ILE D 207 23.32 -38.89 -21.80
N GLY D 208 22.52 -39.00 -22.86
CA GLY D 208 21.44 -39.96 -22.92
C GLY D 208 20.10 -39.28 -23.11
N CYS D 209 19.07 -40.11 -23.25
CA CYS D 209 17.72 -39.62 -23.47
C CYS D 209 17.03 -39.40 -22.14
N ALA D 210 16.40 -38.23 -21.99
CA ALA D 210 15.63 -37.78 -20.83
C ALA D 210 16.46 -37.65 -19.57
N MET D 211 17.78 -37.51 -19.68
CA MET D 211 18.62 -37.36 -18.51
C MET D 211 18.68 -35.91 -18.06
N GLU D 212 19.16 -35.71 -16.85
CA GLU D 212 19.08 -34.41 -16.20
C GLU D 212 20.24 -33.50 -16.62
N VAL D 213 19.90 -32.24 -16.85
CA VAL D 213 20.86 -31.18 -17.18
C VAL D 213 20.87 -30.23 -15.99
N TYR D 214 22.05 -29.71 -15.65
CA TYR D 214 22.24 -28.95 -14.41
C TYR D 214 22.62 -27.52 -14.73
N PRO D 215 21.65 -26.59 -14.80
CA PRO D 215 22.00 -25.18 -15.04
C PRO D 215 22.59 -24.52 -13.82
N SER D 216 22.89 -23.23 -13.94
CA SER D 216 23.36 -22.46 -12.80
C SER D 216 22.19 -22.04 -11.93
N GLN D 217 22.50 -21.77 -10.66
CA GLN D 217 21.49 -21.41 -9.67
C GLN D 217 21.57 -19.93 -9.35
N GLU D 218 20.44 -19.36 -8.93
CA GLU D 218 20.38 -18.02 -8.41
C GLU D 218 20.60 -18.02 -6.91
N MET D 219 20.70 -16.81 -6.36
CA MET D 219 20.89 -16.62 -4.94
C MET D 219 19.60 -16.16 -4.29
N THR D 220 19.20 -16.84 -3.23
CA THR D 220 18.14 -16.41 -2.33
C THR D 220 18.75 -15.56 -1.23
N PHE D 221 17.99 -14.56 -0.79
CA PHE D 221 18.48 -13.63 0.22
C PHE D 221 17.54 -13.60 1.41
N ASP D 224 12.39 -12.73 -0.76
CA ASP D 224 13.26 -13.08 0.35
C ASP D 224 13.29 -14.57 0.59
N ASP D 225 12.12 -15.21 0.67
CA ASP D 225 12.04 -16.61 1.06
C ASP D 225 11.31 -17.41 -0.02
N LYS D 226 11.97 -18.47 -0.47
CA LYS D 226 11.51 -19.31 -1.58
C LYS D 226 12.41 -20.55 -1.64
N GLY D 227 12.24 -21.36 -2.68
CA GLY D 227 13.05 -22.54 -2.83
C GLY D 227 14.03 -22.38 -3.97
N LYS D 228 14.31 -23.46 -4.68
CA LYS D 228 15.30 -23.48 -5.75
C LYS D 228 14.83 -22.66 -6.95
N LYS D 229 15.72 -21.81 -7.45
CA LYS D 229 15.48 -21.04 -8.68
C LYS D 229 16.66 -21.23 -9.61
N LEU D 230 16.36 -21.48 -10.88
CA LEU D 230 17.37 -21.75 -11.90
C LEU D 230 17.42 -20.60 -12.90
N PHE D 231 18.53 -20.55 -13.64
CA PHE D 231 18.85 -19.42 -14.50
C PHE D 231 18.22 -19.56 -15.89
N LYS D 232 17.46 -18.55 -16.29
CA LYS D 232 16.87 -18.48 -17.62
C LYS D 232 17.54 -17.35 -18.39
N PHE D 233 18.15 -17.69 -19.52
CA PHE D 233 18.73 -16.70 -20.42
C PHE D 233 17.97 -16.76 -21.74
N GLU D 234 17.31 -15.65 -22.09
CA GLU D 234 16.48 -15.50 -23.28
C GLU D 234 15.41 -16.59 -23.36
N GLY D 235 14.81 -16.90 -22.21
CA GLY D 235 13.77 -17.89 -22.11
C GLY D 235 14.22 -19.33 -22.06
N SER D 236 15.53 -19.58 -22.09
CA SER D 236 16.07 -20.94 -22.07
C SER D 236 17.13 -21.03 -20.99
N ALA D 237 17.56 -22.25 -20.70
CA ALA D 237 18.49 -22.48 -19.60
C ALA D 237 19.91 -22.10 -20.00
N GLY D 238 20.72 -21.78 -19.01
CA GLY D 238 22.08 -21.36 -19.28
C GLY D 238 22.89 -21.20 -18.01
N MET D 239 24.17 -20.91 -18.21
CA MET D 239 25.13 -20.68 -17.14
C MET D 239 25.50 -19.21 -17.05
N HIS D 240 26.06 -18.84 -15.89
CA HIS D 240 26.58 -17.51 -15.69
C HIS D 240 27.96 -17.38 -16.32
N SER D 241 28.37 -16.13 -16.56
CA SER D 241 29.70 -15.88 -17.12
C SER D 241 30.79 -16.13 -16.08
N GLN D 242 30.50 -15.81 -14.81
CA GLN D 242 31.46 -15.93 -13.73
C GLN D 242 31.87 -17.38 -13.48
N LYS D 243 30.96 -18.32 -13.69
CA LYS D 243 31.27 -19.73 -13.46
C LYS D 243 32.17 -20.28 -14.56
N ILE D 244 31.94 -19.87 -15.80
CA ILE D 244 32.80 -20.23 -16.91
C ILE D 244 34.18 -19.60 -16.76
N ASN D 245 34.23 -18.36 -16.26
CA ASN D 245 35.51 -17.70 -16.02
C ASN D 245 36.29 -18.39 -14.92
N ASN D 246 35.66 -18.83 -13.84
CA ASN D 246 36.36 -19.57 -12.81
C ASN D 246 36.83 -20.86 -13.35
N ALA D 247 36.01 -21.49 -14.16
CA ALA D 247 36.48 -22.70 -14.80
C ALA D 247 37.73 -22.46 -15.63
N LEU D 248 37.90 -21.28 -16.21
CA LEU D 248 39.07 -21.03 -17.05
C LEU D 248 40.30 -20.50 -16.31
N ARG D 249 40.18 -20.01 -15.08
CA ARG D 249 41.34 -19.54 -14.33
C ARG D 249 41.99 -20.61 -13.46
N THR D 250 41.55 -21.87 -13.55
CA THR D 250 42.17 -22.94 -12.75
C THR D 250 43.47 -23.33 -13.45
N ILE D 251 44.50 -22.51 -13.19
CA ILE D 251 45.79 -22.61 -13.88
C ILE D 251 46.96 -22.56 -12.91
N ASP D 252 46.72 -22.30 -11.63
CA ASP D 252 47.82 -22.08 -10.68
C ASP D 252 48.38 -23.42 -10.22
N THR D 253 49.63 -23.69 -10.61
CA THR D 253 50.39 -24.83 -10.13
C THR D 253 51.67 -24.38 -9.48
N TRP D 254 51.70 -23.15 -8.96
CA TRP D 254 52.92 -22.55 -8.44
C TRP D 254 52.75 -22.15 -6.98
N TYR D 255 51.87 -22.84 -6.26
CA TYR D 255 51.64 -22.43 -4.87
C TYR D 255 52.67 -23.14 -3.99
N PRO D 256 52.92 -22.64 -2.75
CA PRO D 256 54.04 -23.18 -1.94
C PRO D 256 54.03 -24.67 -1.59
N ASP D 257 52.89 -25.36 -1.65
CA ASP D 257 52.80 -26.75 -1.22
C ASP D 257 52.17 -27.61 -2.33
N TYR D 258 52.66 -27.45 -3.56
CA TYR D 258 52.10 -28.19 -4.68
C TYR D 258 52.67 -29.61 -4.78
N THR D 259 53.78 -29.87 -4.09
CA THR D 259 54.34 -31.22 -4.08
C THR D 259 53.49 -32.18 -3.26
N THR D 260 52.83 -31.70 -2.22
CA THR D 260 51.93 -32.55 -1.44
C THR D 260 50.57 -32.70 -2.12
N TYR D 261 49.91 -31.58 -2.44
CA TYR D 261 48.65 -31.62 -3.17
C TYR D 261 48.94 -31.32 -4.64
N GLU D 262 48.85 -32.33 -5.48
CA GLU D 262 49.22 -32.18 -6.88
C GLU D 262 48.04 -31.85 -7.79
N PHE D 263 47.36 -30.73 -7.53
CA PHE D 263 46.28 -30.27 -8.38
C PHE D 263 46.36 -28.77 -8.61
N PRO D 264 45.83 -28.28 -9.73
CA PRO D 264 45.72 -26.82 -9.91
C PRO D 264 44.63 -26.22 -9.03
N ILE D 265 44.84 -24.97 -8.65
CA ILE D 265 43.83 -24.18 -7.92
C ILE D 265 43.49 -22.95 -8.76
N PRO D 266 42.29 -22.39 -8.61
CA PRO D 266 41.97 -21.13 -9.30
C PRO D 266 42.75 -19.96 -8.72
N VAL D 267 42.84 -18.90 -9.50
CA VAL D 267 43.70 -17.76 -9.20
C VAL D 267 42.94 -16.78 -8.33
N GLU D 268 43.38 -16.64 -7.07
CA GLU D 268 42.87 -15.66 -6.12
C GLU D 268 44.00 -14.92 -5.43
N ASN D 269 43.62 -13.88 -4.68
CA ASN D 269 44.60 -13.06 -3.98
C ASN D 269 45.24 -13.81 -2.84
N TYR D 270 44.45 -14.49 -2.02
CA TYR D 270 44.94 -15.19 -0.84
C TYR D 270 44.97 -16.71 -1.02
N GLY D 271 44.70 -17.17 -2.24
CA GLY D 271 44.66 -18.57 -2.58
C GLY D 271 43.68 -19.39 -1.78
N ALA D 272 42.40 -19.12 -1.97
CA ALA D 272 41.40 -19.81 -1.22
C ALA D 272 40.57 -20.70 -2.08
N ALA D 273 40.69 -22.01 -1.86
CA ALA D 273 39.90 -22.95 -2.59
C ALA D 273 38.68 -23.29 -1.78
N ARG D 274 37.52 -22.89 -2.26
CA ARG D 274 36.31 -23.11 -1.50
C ARG D 274 36.07 -24.57 -1.36
N SER D 275 36.43 -25.33 -2.38
CA SER D 275 36.28 -26.77 -2.32
C SER D 275 37.17 -27.30 -1.24
N ILE D 276 38.34 -27.78 -1.59
CA ILE D 276 39.27 -28.20 -0.53
C ILE D 276 39.41 -27.08 0.49
N GLY D 277 39.02 -27.33 1.73
CA GLY D 277 38.95 -26.24 2.67
C GLY D 277 40.27 -25.86 3.30
N ILE D 278 41.16 -25.25 2.51
CA ILE D 278 42.52 -24.88 2.94
C ILE D 278 42.92 -23.61 2.20
N PRO D 279 43.38 -22.56 2.89
CA PRO D 279 44.05 -21.45 2.20
C PRO D 279 45.49 -21.81 1.83
N PHE D 280 45.87 -21.53 0.59
CA PHE D 280 47.14 -22.00 0.05
C PHE D 280 48.24 -20.95 0.01
N ARG D 281 47.90 -19.66 -0.08
CA ARG D 281 48.89 -18.58 -0.12
C ARG D 281 48.55 -17.54 0.95
N PRO D 282 48.74 -17.88 2.23
CA PRO D 282 48.28 -16.97 3.26
C PRO D 282 49.29 -15.97 3.81
N ASP D 283 50.52 -15.92 3.34
CA ASP D 283 51.44 -14.90 3.82
C ASP D 283 52.45 -14.42 2.80
N THR D 284 53.63 -15.01 2.80
CA THR D 284 54.68 -14.53 1.93
C THR D 284 54.44 -14.65 0.43
N LYS D 285 53.62 -15.57 -0.05
CA LYS D 285 53.48 -15.70 -1.49
C LYS D 285 52.12 -15.24 -1.96
N SER D 286 51.51 -14.30 -1.25
CA SER D 286 50.26 -13.70 -1.67
C SER D 286 50.53 -12.59 -2.67
N PHE D 287 49.46 -12.07 -3.27
CA PHE D 287 49.60 -11.04 -4.29
C PHE D 287 50.08 -9.72 -3.72
N TYR D 288 49.59 -9.35 -2.54
CA TYR D 288 49.88 -8.03 -1.97
C TYR D 288 51.35 -7.87 -1.63
N LYS D 289 51.93 -8.89 -0.99
CA LYS D 289 53.34 -8.89 -0.61
C LYS D 289 54.25 -8.96 -1.83
N LEU D 290 53.88 -9.76 -2.83
CA LEU D 290 54.69 -9.86 -4.03
C LEU D 290 54.66 -8.59 -4.86
N ILE D 291 53.51 -7.91 -4.92
CA ILE D 291 53.43 -6.69 -5.72
C ILE D 291 54.02 -5.52 -4.93
N ASP D 292 54.13 -5.64 -3.61
CA ASP D 292 54.89 -4.68 -2.83
C ASP D 292 56.36 -5.07 -2.67
N ARG D 293 56.76 -6.20 -3.25
CA ARG D 293 58.16 -6.64 -3.24
C ARG D 293 58.70 -6.65 -4.67
N MET D 294 57.91 -6.22 -5.64
CA MET D 294 58.36 -6.21 -7.02
C MET D 294 58.51 -4.77 -7.51
N ILE D 295 57.68 -3.86 -6.99
CA ILE D 295 57.55 -2.53 -7.55
C ILE D 295 58.06 -1.48 -6.57
N LEU D 296 57.87 -1.73 -5.28
CA LEU D 296 58.25 -0.73 -4.29
C LEU D 296 59.67 -0.91 -3.80
N LYS D 297 60.23 -2.10 -3.90
CA LYS D 297 61.52 -2.42 -3.30
C LYS D 297 62.33 -3.26 -4.29
N ASN D 298 62.46 -2.75 -5.53
CA ASN D 298 62.72 -3.46 -6.80
C ASN D 298 63.68 -4.65 -6.71
N GLU D 299 63.20 -5.83 -7.10
CA GLU D 299 63.90 -7.09 -6.91
C GLU D 299 63.39 -8.10 -7.93
N ASP D 300 64.30 -8.86 -8.55
CA ASP D 300 63.93 -9.78 -9.61
C ASP D 300 63.35 -11.04 -8.99
N LEU D 301 62.03 -11.17 -9.04
CA LEU D 301 61.35 -12.35 -8.56
C LEU D 301 61.59 -13.53 -9.51
N PRO D 302 61.47 -14.76 -9.02
CA PRO D 302 61.45 -15.92 -9.93
C PRO D 302 60.23 -15.91 -10.83
N ILE D 303 60.35 -16.63 -11.95
CA ILE D 303 59.41 -16.53 -13.07
C ILE D 303 58.02 -17.03 -12.68
N GLU D 304 57.93 -17.97 -11.73
CA GLU D 304 56.65 -18.49 -11.27
C GLU D 304 55.84 -17.42 -10.54
N ASP D 305 56.50 -16.63 -9.70
CA ASP D 305 55.83 -15.53 -9.01
C ASP D 305 55.39 -14.45 -9.99
N LYS D 306 56.18 -14.22 -11.04
CA LYS D 306 55.78 -13.33 -12.12
C LYS D 306 54.54 -13.84 -12.84
N HIS D 307 54.47 -15.17 -13.05
CA HIS D 307 53.30 -15.78 -13.67
C HIS D 307 52.04 -15.55 -12.84
N TYR D 308 52.16 -15.71 -11.52
CA TYR D 308 51.02 -15.47 -10.63
C TYR D 308 50.59 -14.01 -10.62
N VAL D 309 51.55 -13.07 -10.58
CA VAL D 309 51.23 -11.64 -10.59
C VAL D 309 50.57 -11.23 -11.90
N MET D 310 51.08 -11.72 -13.02
CA MET D 310 50.46 -11.41 -14.31
C MET D 310 49.07 -12.04 -14.44
N ALA D 311 48.86 -13.23 -13.88
CA ALA D 311 47.53 -13.84 -13.89
C ALA D 311 46.51 -13.01 -13.11
N ILE D 312 46.92 -12.50 -11.94
CA ILE D 312 46.05 -11.61 -11.17
C ILE D 312 45.76 -10.32 -11.94
N LEU D 313 46.74 -9.80 -12.68
CA LEU D 313 46.46 -8.60 -13.49
C LEU D 313 45.61 -8.88 -14.73
N ILE D 314 45.63 -10.09 -15.29
CA ILE D 314 44.63 -10.45 -16.31
C ILE D 314 43.26 -10.68 -15.68
N ARG D 315 43.18 -10.87 -14.37
CA ARG D 315 41.83 -11.01 -13.82
C ARG D 315 41.24 -9.66 -13.40
N GLY D 316 41.91 -8.93 -12.53
CA GLY D 316 41.49 -7.60 -12.16
C GLY D 316 40.99 -7.54 -10.72
N GLY D 317 40.88 -6.31 -10.23
CA GLY D 317 40.37 -6.09 -8.89
C GLY D 317 40.66 -4.69 -8.39
N MET D 318 40.20 -4.44 -7.17
CA MET D 318 40.41 -3.17 -6.47
C MET D 318 41.60 -3.39 -5.54
N PHE D 319 42.78 -2.98 -5.98
CA PHE D 319 44.00 -3.12 -5.19
C PHE D 319 44.44 -1.81 -4.54
N SER D 320 43.65 -1.27 -3.61
CA SER D 320 43.93 0.03 -3.03
C SER D 320 44.47 -0.12 -1.60
N LYS D 321 44.83 1.01 -0.99
CA LYS D 321 45.40 1.01 0.36
C LYS D 321 44.81 2.14 1.17
N LYS D 322 44.56 1.93 2.45
CA LYS D 322 43.89 2.96 3.23
C LYS D 322 44.69 4.20 3.52
N GLN D 323 45.91 4.06 4.02
CA GLN D 323 46.68 5.24 4.40
C GLN D 323 46.54 6.36 3.40
N MET E 1 -35.99 -1.49 38.50
CA MET E 1 -34.98 -2.28 39.21
C MET E 1 -34.40 -1.48 40.34
N MET E 2 -33.10 -1.63 40.55
CA MET E 2 -32.46 -0.85 41.57
C MET E 2 -31.09 -0.51 41.03
N LYS E 3 -30.19 -1.48 40.96
CA LYS E 3 -28.89 -1.20 40.39
C LYS E 3 -28.94 -1.38 38.90
N GLY E 4 -27.93 -0.87 38.20
CA GLY E 4 -27.90 -0.96 36.76
C GLY E 4 -26.74 -0.23 36.15
N TYR E 5 -26.55 -0.40 34.86
CA TYR E 5 -25.45 0.24 34.15
C TYR E 5 -25.95 0.81 32.83
N ILE E 6 -25.62 2.08 32.57
CA ILE E 6 -26.03 2.78 31.37
C ILE E 6 -24.78 3.28 30.64
N LEU E 7 -24.73 3.06 29.33
CA LEU E 7 -23.63 3.50 28.49
C LEU E 7 -24.03 4.72 27.67
N LEU E 8 -23.20 5.76 27.71
CA LEU E 8 -23.29 6.90 26.81
C LEU E 8 -22.19 6.73 25.77
N GLU E 9 -22.57 6.40 24.54
CA GLU E 9 -21.62 5.85 23.58
C GLU E 9 -21.18 6.89 22.57
N LYS E 10 -19.86 6.98 22.36
CA LYS E 10 -19.18 7.82 21.38
C LYS E 10 -19.59 9.29 21.38
N VAL E 11 -19.27 10.01 22.45
CA VAL E 11 -19.62 11.41 22.60
C VAL E 11 -18.48 12.28 22.10
N ASN E 12 -18.80 13.22 21.22
CA ASN E 12 -17.83 14.17 20.67
C ASN E 12 -17.90 15.48 21.45
N ILE E 13 -16.77 15.89 22.02
CA ILE E 13 -16.64 17.16 22.72
C ILE E 13 -15.63 18.03 21.98
N GLU E 14 -15.96 19.30 21.83
CA GLU E 14 -15.09 20.28 21.18
C GLU E 14 -14.75 21.36 22.20
N ASN E 15 -13.48 21.75 22.23
CA ASN E 15 -12.92 22.82 23.06
C ASN E 15 -13.13 22.61 24.57
N ALA E 16 -12.51 21.59 25.13
CA ALA E 16 -12.49 21.36 26.57
C ALA E 16 -11.17 21.88 27.15
N ASN E 17 -11.16 22.27 28.41
CA ASN E 17 -9.95 22.83 29.03
C ASN E 17 -8.89 21.79 29.20
N ALA E 18 -7.65 22.17 28.96
CA ALA E 18 -6.56 21.25 29.08
C ALA E 18 -5.38 21.86 29.82
N PHE E 19 -5.60 22.67 30.84
CA PHE E 19 -4.54 23.27 31.62
C PHE E 19 -4.86 23.18 33.10
N ASN E 20 -3.98 22.54 33.87
CA ASN E 20 -4.13 22.39 35.32
C ASN E 20 -2.81 22.68 36.03
N ASN E 21 -2.17 23.78 35.61
CA ASN E 21 -1.06 24.51 36.24
C ASN E 21 0.30 23.79 36.17
N ILE E 22 0.31 22.47 35.94
CA ILE E 22 1.53 21.72 35.68
C ILE E 22 1.35 20.71 34.55
N ILE E 23 0.15 20.57 34.02
CA ILE E 23 -0.20 19.50 33.11
C ILE E 23 -0.99 20.08 31.96
N VAL E 24 -0.62 19.73 30.73
CA VAL E 24 -1.36 20.09 29.52
C VAL E 24 -1.73 18.79 28.81
N GLY E 25 -3.03 18.49 28.77
CA GLY E 25 -3.47 17.24 28.19
C GLY E 25 -4.92 16.88 28.47
N ILE E 26 -5.13 15.67 28.96
CA ILE E 26 -6.46 15.19 29.39
C ILE E 26 -7.01 16.09 30.48
N PRO E 27 -8.29 16.47 30.45
CA PRO E 27 -8.87 17.25 31.55
C PRO E 27 -8.88 16.49 32.86
N ALA E 28 -9.01 17.25 33.95
CA ALA E 28 -9.04 16.68 35.28
C ALA E 28 -10.32 15.86 35.50
N ILE E 29 -10.21 14.85 36.37
CA ILE E 29 -11.27 13.86 36.59
C ILE E 29 -12.50 14.46 37.27
N THR E 30 -12.31 15.56 38.01
CA THR E 30 -13.39 16.22 38.72
C THR E 30 -14.44 16.79 37.77
N SER E 31 -14.00 17.24 36.59
CA SER E 31 -14.94 17.70 35.57
C SER E 31 -15.78 16.56 35.01
N PHE E 32 -15.15 15.38 34.83
CA PHE E 32 -15.87 14.25 34.25
C PHE E 32 -16.89 13.70 35.24
N LEU E 33 -16.60 13.74 36.54
CA LEU E 33 -17.64 13.41 37.51
C LEU E 33 -18.64 14.56 37.73
N GLY E 34 -18.26 15.79 37.37
CA GLY E 34 -19.16 16.91 37.51
C GLY E 34 -20.24 16.89 36.45
N PHE E 35 -19.90 16.35 35.28
CA PHE E 35 -20.89 16.11 34.25
C PHE E 35 -21.97 15.14 34.74
N ALA E 36 -21.55 14.06 35.41
CA ALA E 36 -22.49 13.07 35.92
C ALA E 36 -23.37 13.63 37.03
N ARG E 37 -22.77 14.39 37.96
CA ARG E 37 -23.58 15.00 39.03
C ARG E 37 -24.53 16.08 38.50
N ALA E 38 -24.13 16.81 37.45
CA ALA E 38 -25.05 17.77 36.85
C ALA E 38 -26.20 17.07 36.14
N LEU E 39 -25.91 15.93 35.49
CA LEU E 39 -26.96 15.12 34.88
C LEU E 39 -27.94 14.58 35.92
N GLU E 40 -27.43 14.17 37.08
CA GLU E 40 -28.28 13.74 38.19
C GLU E 40 -29.16 14.88 38.70
N ARG E 41 -28.58 16.08 38.85
CA ARG E 41 -29.36 17.19 39.39
C ARG E 41 -30.44 17.67 38.43
N LYS E 42 -30.15 17.64 37.12
CA LYS E 42 -31.20 18.01 36.18
C LYS E 42 -32.25 16.92 36.03
N LEU E 43 -31.87 15.65 36.18
CA LEU E 43 -32.87 14.58 36.11
C LEU E 43 -33.76 14.53 37.35
N ASN E 44 -33.29 15.02 38.50
CA ASN E 44 -34.07 14.97 39.72
C ASN E 44 -34.98 16.18 39.90
N ALA E 45 -34.89 17.17 39.01
CA ALA E 45 -35.86 18.26 38.99
C ALA E 45 -36.96 18.03 37.97
N LYS E 46 -36.78 17.08 37.06
CA LYS E 46 -37.84 16.61 36.18
C LYS E 46 -38.66 15.47 36.79
N GLU E 47 -38.35 15.10 38.04
CA GLU E 47 -39.01 14.08 38.88
C GLU E 47 -38.72 12.65 38.40
N ILE E 48 -37.51 12.41 37.90
CA ILE E 48 -37.04 11.05 37.63
C ILE E 48 -35.96 10.76 38.66
N ALA E 49 -36.34 10.07 39.74
CA ALA E 49 -35.41 9.76 40.82
C ALA E 49 -34.34 8.78 40.35
N ILE E 50 -33.08 9.18 40.56
CA ILE E 50 -31.93 8.38 40.14
C ILE E 50 -30.73 8.88 40.94
N ARG E 51 -29.70 8.05 41.05
CA ARG E 51 -28.47 8.44 41.73
C ARG E 51 -27.29 7.78 41.03
N ILE E 52 -26.38 8.56 40.50
CA ILE E 52 -25.18 8.05 39.85
C ILE E 52 -24.05 8.03 40.87
N ASN E 53 -23.49 6.85 41.12
CA ASN E 53 -22.41 6.66 42.07
C ASN E 53 -21.27 5.87 41.43
N GLY E 54 -20.85 6.29 40.24
CA GLY E 54 -19.65 5.79 39.61
C GLY E 54 -19.61 6.05 38.11
N VAL E 55 -18.45 6.49 37.62
CA VAL E 55 -18.26 6.84 36.21
C VAL E 55 -17.04 6.09 35.69
N GLY E 56 -17.16 5.57 34.47
CA GLY E 56 -16.03 5.00 33.76
C GLY E 56 -15.71 5.83 32.53
N LEU E 57 -14.41 5.99 32.28
CA LEU E 57 -13.93 6.88 31.23
C LEU E 57 -13.16 6.06 30.19
N GLU E 58 -13.72 5.96 29.00
CA GLU E 58 -13.13 5.23 27.89
C GLU E 58 -12.77 6.21 26.79
N PHE E 59 -11.57 6.05 26.21
CA PHE E 59 -11.05 7.00 25.24
C PHE E 59 -10.91 6.32 23.90
N HIS E 60 -11.44 6.94 22.84
CA HIS E 60 -11.37 6.39 21.49
C HIS E 60 -10.53 7.23 20.53
N GLU E 61 -10.54 8.56 20.61
CA GLU E 61 -9.64 9.37 19.80
C GLU E 61 -9.53 10.74 20.45
N TYR E 62 -8.47 11.47 20.09
CA TYR E 62 -8.19 12.78 20.67
C TYR E 62 -7.49 13.63 19.64
N GLU E 63 -7.51 14.95 19.88
CA GLU E 63 -6.71 15.91 19.13
C GLU E 63 -6.50 17.15 19.99
N LEU E 64 -5.28 17.66 20.00
CA LEU E 64 -4.93 18.87 20.72
C LEU E 64 -4.85 20.03 19.74
N LYS E 65 -5.39 21.19 20.14
CA LYS E 65 -5.36 22.37 19.28
C LYS E 65 -3.96 22.94 19.23
N GLY E 66 -3.39 22.93 18.05
CA GLY E 66 -2.05 23.42 17.80
C GLY E 66 -1.44 22.66 16.64
N TYR E 67 -0.12 22.50 16.69
CA TYR E 67 0.60 21.74 15.69
C TYR E 67 1.82 21.11 16.34
N LYS E 68 2.50 20.26 15.59
CA LYS E 68 3.70 19.58 16.04
C LYS E 68 4.86 20.03 15.18
N ASN E 69 5.94 20.49 15.82
CA ASN E 69 7.09 21.01 15.11
C ASN E 69 7.92 19.90 14.46
N LYS E 70 9.01 20.29 13.84
CA LYS E 70 9.86 19.31 13.17
C LYS E 70 10.60 18.48 14.16
N ARG E 71 10.89 19.04 15.31
CA ARG E 71 11.65 18.33 16.31
C ARG E 71 10.77 17.38 17.09
N GLY E 72 9.48 17.42 16.85
CA GLY E 72 8.57 16.51 17.51
C GLY E 72 7.82 17.03 18.72
N GLN E 73 7.91 18.32 18.98
CA GLN E 73 7.25 18.91 20.14
C GLN E 73 5.92 19.54 19.80
N TYR E 74 5.11 19.86 20.80
CA TYR E 74 3.78 20.42 20.59
C TYR E 74 3.78 21.90 20.91
N VAL E 75 3.23 22.70 19.99
CA VAL E 75 3.01 24.12 20.20
C VAL E 75 1.50 24.35 20.21
N THR E 76 1.00 24.98 21.26
CA THR E 76 -0.43 25.14 21.46
C THR E 76 -0.92 26.47 20.90
N SER E 77 -2.23 26.55 20.69
CA SER E 77 -2.89 27.72 20.15
C SER E 77 -3.94 28.24 21.14
N CYS E 78 -4.38 29.46 20.89
CA CYS E 78 -5.38 30.12 21.71
C CYS E 78 -6.28 30.96 20.81
N PRO E 79 -7.52 31.22 21.21
CA PRO E 79 -8.33 32.20 20.50
C PRO E 79 -7.91 33.62 20.83
N LEU E 80 -8.26 34.54 19.94
CA LEU E 80 -7.95 35.95 20.15
C LEU E 80 -8.78 36.50 21.30
N PRO E 81 -8.17 37.12 22.31
CA PRO E 81 -8.93 37.69 23.43
C PRO E 81 -9.83 38.82 22.98
N GLY E 82 -10.97 38.95 23.66
CA GLY E 82 -11.94 39.96 23.30
C GLY E 82 -11.95 41.10 24.30
N SER E 83 -13.03 41.25 25.04
CA SER E 83 -13.13 42.26 26.08
C SER E 83 -13.25 41.56 27.42
N ILE E 84 -12.37 41.93 28.36
CA ILE E 84 -12.33 41.32 29.68
C ILE E 84 -12.62 42.41 30.70
N PRO E 85 -13.53 42.18 31.66
CA PRO E 85 -13.87 43.20 32.64
C PRO E 85 -12.69 43.58 33.52
N GLY E 86 -12.64 44.85 33.88
CA GLY E 86 -11.54 45.38 34.67
C GLY E 86 -11.30 46.84 34.32
N GLN E 87 -10.05 47.26 34.51
CA GLN E 87 -9.68 48.65 34.29
C GLN E 87 -9.50 48.95 32.81
N ASN E 88 -8.70 48.14 32.12
CA ASN E 88 -8.47 48.31 30.68
C ASN E 88 -9.50 47.48 29.91
N GLU E 89 -10.74 47.95 29.94
CA GLU E 89 -11.86 47.26 29.32
C GLU E 89 -12.38 47.96 28.07
N LYS E 90 -12.18 49.27 27.97
CA LYS E 90 -12.58 50.02 26.79
C LYS E 90 -11.48 50.10 25.74
N LYS E 91 -10.43 49.29 25.89
CA LYS E 91 -9.37 49.22 24.90
C LYS E 91 -9.72 48.19 23.84
N LEU E 92 -9.02 48.27 22.72
CA LEU E 92 -9.30 47.39 21.58
C LEU E 92 -8.50 46.10 21.59
N ASP E 93 -7.33 46.09 22.23
CA ASP E 93 -6.51 44.90 22.34
C ASP E 93 -6.38 44.50 23.80
N ALA E 94 -6.69 43.24 24.09
CA ALA E 94 -6.68 42.71 25.45
C ALA E 94 -5.45 41.85 25.69
N HIS E 95 -5.36 41.29 26.82
CA HIS E 95 -4.18 40.52 27.21
C HIS E 95 -4.28 39.03 27.06
N ILE E 96 -3.19 38.37 26.97
CA ILE E 96 -3.13 36.93 26.68
C ILE E 96 -2.63 36.20 27.92
N MET E 97 -3.50 35.38 28.50
CA MET E 97 -3.18 34.54 29.65
C MET E 97 -2.83 33.12 29.20
N ASN E 98 -2.71 32.21 30.16
CA ASN E 98 -2.26 30.85 29.93
C ASN E 98 -3.46 29.93 29.74
N GLN E 99 -3.49 29.19 28.63
CA GLN E 99 -4.65 28.37 28.29
C GLN E 99 -4.25 27.28 27.30
N ALA E 100 -5.07 26.23 27.26
CA ALA E 100 -4.90 25.12 26.33
C ALA E 100 -6.25 24.43 26.12
N TYR E 101 -6.47 23.88 24.94
CA TYR E 101 -7.75 23.28 24.57
C TYR E 101 -7.55 21.96 23.82
N ILE E 102 -8.47 21.01 24.03
CA ILE E 102 -8.37 19.66 23.47
C ILE E 102 -9.74 19.24 22.93
N ASP E 103 -9.73 18.36 21.93
CA ASP E 103 -10.93 17.69 21.41
C ASP E 103 -10.87 16.20 21.71
N LEU E 104 -12.01 15.62 22.08
CA LEU E 104 -12.05 14.23 22.52
C LEU E 104 -13.30 13.52 21.98
N ASN E 105 -13.15 12.22 21.73
CA ASN E 105 -14.25 11.28 21.55
C ASN E 105 -14.17 10.27 22.68
N MET E 106 -15.23 10.14 23.47
CA MET E 106 -15.21 9.28 24.63
C MET E 106 -16.55 8.56 24.80
N SER E 107 -16.53 7.53 25.65
CA SER E 107 -17.73 6.82 26.05
C SER E 107 -17.75 6.71 27.56
N PHE E 108 -18.92 6.93 28.15
CA PHE E 108 -19.07 6.98 29.61
C PHE E 108 -19.90 5.79 30.08
N LEU E 109 -19.49 5.21 31.20
CA LEU E 109 -20.19 4.11 31.84
C LEU E 109 -20.69 4.57 33.21
N LEU E 110 -22.00 4.60 33.39
CA LEU E 110 -22.60 5.12 34.61
C LEU E 110 -23.27 4.00 35.39
N GLU E 111 -23.04 3.99 36.71
CA GLU E 111 -23.71 3.05 37.61
C GLU E 111 -24.86 3.79 38.27
N VAL E 112 -26.09 3.47 37.87
CA VAL E 112 -27.26 4.14 38.42
C VAL E 112 -27.99 3.18 39.35
N GLU E 113 -28.60 3.76 40.38
CA GLU E 113 -29.40 3.01 41.35
C GLU E 113 -30.62 3.86 41.67
N GLY E 114 -31.80 3.41 41.26
CA GLY E 114 -33.02 4.13 41.56
C GLY E 114 -34.20 3.20 41.72
N PRO E 115 -35.40 3.79 41.79
CA PRO E 115 -36.60 2.96 41.88
C PRO E 115 -36.95 2.24 40.58
N HIS E 116 -36.58 2.78 39.42
CA HIS E 116 -36.82 2.10 38.15
C HIS E 116 -35.73 2.42 37.13
N VAL E 117 -35.03 1.41 36.63
CA VAL E 117 -33.98 1.63 35.64
C VAL E 117 -34.35 0.96 34.33
N ASP E 118 -35.08 1.66 33.48
CA ASP E 118 -35.56 1.12 32.20
C ASP E 118 -35.11 1.98 31.03
N MET E 119 -35.65 1.72 29.84
CA MET E 119 -35.31 2.52 28.67
C MET E 119 -35.96 3.90 28.68
N SER E 120 -37.02 4.10 29.48
CA SER E 120 -37.57 5.44 29.66
C SER E 120 -36.59 6.34 30.37
N THR E 121 -35.80 5.78 31.28
CA THR E 121 -34.69 6.51 31.90
C THR E 121 -33.66 6.92 30.85
N CYS E 122 -33.38 6.03 29.88
CA CYS E 122 -32.44 6.36 28.79
C CYS E 122 -32.98 7.48 27.91
N LYS E 123 -34.29 7.50 27.66
CA LYS E 123 -34.89 8.62 26.92
C LYS E 123 -34.79 9.93 27.71
N SER E 124 -35.00 9.85 29.04
CA SER E 124 -34.88 11.03 29.89
C SER E 124 -33.44 11.56 29.92
N ILE E 125 -32.45 10.65 29.90
CA ILE E 125 -31.05 11.07 29.78
C ILE E 125 -30.78 11.68 28.41
N LYS E 126 -31.41 11.14 27.36
CA LYS E 126 -31.22 11.65 26.01
C LYS E 126 -31.81 13.05 25.82
N SER E 127 -32.86 13.38 26.57
CA SER E 127 -33.44 14.72 26.48
C SER E 127 -32.77 15.72 27.39
N THR E 128 -31.76 15.30 28.15
CA THR E 128 -31.06 16.16 29.10
C THR E 128 -29.58 16.34 28.73
N MET E 129 -29.04 15.48 27.86
CA MET E 129 -27.64 15.53 27.48
C MET E 129 -27.38 16.49 26.33
N GLU E 130 -28.37 17.30 25.98
CA GLU E 130 -28.26 18.28 24.93
C GLU E 130 -28.27 19.70 25.47
N THR E 131 -28.37 19.86 26.79
CA THR E 131 -28.24 21.16 27.43
C THR E 131 -26.96 21.32 28.24
N LEU E 132 -26.31 20.22 28.62
CA LEU E 132 -25.11 20.25 29.43
C LEU E 132 -23.85 20.39 28.57
N ARG E 133 -22.72 20.59 29.25
CA ARG E 133 -21.40 20.60 28.66
C ARG E 133 -20.56 19.50 29.29
N ILE E 134 -19.37 19.29 28.76
CA ILE E 134 -18.34 18.44 29.39
C ILE E 134 -17.05 19.23 29.40
N ALA E 135 -16.59 19.60 30.61
CA ALA E 135 -15.31 20.30 30.85
C ALA E 135 -15.21 21.62 30.08
N GLY E 136 -16.29 22.38 30.08
CA GLY E 136 -16.30 23.63 29.36
C GLY E 136 -16.37 23.50 27.86
N GLY E 137 -16.79 22.35 27.35
CA GLY E 137 -16.85 22.14 25.92
C GLY E 137 -18.22 21.65 25.49
N ILE E 138 -18.59 22.01 24.27
CA ILE E 138 -19.91 21.70 23.73
C ILE E 138 -19.93 20.27 23.21
N ILE E 139 -21.12 19.67 23.24
CA ILE E 139 -21.34 18.32 22.74
C ILE E 139 -21.95 18.42 21.36
N ARG E 140 -21.28 17.82 20.37
CA ARG E 140 -21.72 17.92 18.99
C ARG E 140 -22.69 16.82 18.59
N ASN E 141 -22.37 15.57 18.91
CA ASN E 141 -23.23 14.44 18.57
C ASN E 141 -22.90 13.24 19.46
N TYR E 142 -23.83 12.29 19.50
CA TYR E 142 -23.67 11.03 20.20
C TYR E 142 -24.29 9.93 19.36
N LYS E 143 -23.92 8.68 19.63
CA LYS E 143 -24.46 7.56 18.86
C LYS E 143 -25.73 6.98 19.50
N LYS E 144 -25.62 6.45 20.72
CA LYS E 144 -26.76 5.81 21.36
C LYS E 144 -26.57 5.81 22.86
N ILE E 145 -27.71 5.81 23.57
CA ILE E 145 -27.75 5.67 25.03
C ILE E 145 -28.47 4.35 25.32
N ARG E 146 -27.74 3.39 25.89
CA ARG E 146 -28.25 2.04 26.03
C ARG E 146 -27.84 1.45 27.37
N LEU E 147 -28.54 0.37 27.76
CA LEU E 147 -28.25 -0.36 28.98
C LEU E 147 -27.34 -1.54 28.65
N ILE E 148 -26.36 -1.78 29.51
CA ILE E 148 -25.49 -2.93 29.36
C ILE E 148 -25.69 -3.86 30.54
N ASP E 149 -25.35 -5.13 30.34
CA ASP E 149 -25.46 -6.16 31.36
C ASP E 149 -24.10 -6.73 31.75
N THR E 150 -23.26 -7.07 30.79
CA THR E 150 -21.98 -7.73 31.02
C THR E 150 -20.85 -6.93 30.38
N LEU E 151 -19.65 -7.49 30.43
CA LEU E 151 -18.45 -6.87 29.86
C LEU E 151 -18.19 -7.29 28.42
N ALA E 152 -19.23 -7.71 27.70
CA ALA E 152 -19.12 -8.03 26.29
C ALA E 152 -19.92 -7.10 25.39
N ASP E 153 -20.74 -6.21 25.97
CA ASP E 153 -21.47 -5.22 25.20
C ASP E 153 -20.71 -3.91 25.09
N ILE E 154 -19.73 -3.67 25.95
CA ILE E 154 -18.93 -2.44 25.94
C ILE E 154 -18.10 -2.39 24.67
N PRO E 155 -18.10 -1.27 23.94
CA PRO E 155 -17.34 -1.19 22.68
C PRO E 155 -15.84 -1.14 22.92
N TYR E 156 -15.10 -1.24 21.81
CA TYR E 156 -13.65 -1.29 21.89
C TYR E 156 -13.07 0.08 22.20
N GLY E 157 -12.17 0.11 23.17
CA GLY E 157 -11.51 1.35 23.53
C GLY E 157 -10.53 1.10 24.65
N TYR E 158 -10.08 2.20 25.25
CA TYR E 158 -9.09 2.13 26.31
C TYR E 158 -9.51 2.94 27.50
N PHE E 159 -9.64 2.29 28.65
CA PHE E 159 -10.04 2.95 29.86
C PHE E 159 -8.91 3.58 30.63
N LEU E 160 -9.22 4.48 31.53
CA LEU E 160 -8.21 5.13 32.38
C LEU E 160 -8.40 4.66 33.81
N THR E 161 -7.32 4.14 34.41
CA THR E 161 -7.34 3.63 35.77
C THR E 161 -6.28 4.33 36.61
N LEU E 162 -6.42 4.20 37.92
CA LEU E 162 -5.49 4.80 38.86
C LEU E 162 -4.35 3.84 39.18
N ARG E 163 -3.12 4.35 39.13
CA ARG E 163 -1.93 3.57 39.48
C ARG E 163 -1.14 4.41 40.49
N GLN E 164 -1.53 4.28 41.76
CA GLN E 164 -0.83 4.98 42.84
C GLN E 164 0.29 4.14 43.45
N ASP E 165 0.28 2.83 43.23
CA ASP E 165 1.33 1.97 43.75
C ASP E 165 2.65 2.21 43.04
N ASN E 166 2.61 2.47 41.73
CA ASN E 166 3.80 2.75 40.95
C ASN E 166 4.44 4.11 41.27
N LEU E 167 3.77 4.95 42.04
CA LEU E 167 4.31 6.21 42.54
C LEU E 167 4.87 6.07 43.94
N ASN E 168 4.11 5.45 44.84
CA ASN E 168 4.53 5.39 46.22
C ASN E 168 5.66 4.44 46.34
N ASP E 169 5.89 3.64 45.32
CA ASP E 169 6.92 2.63 45.37
C ASP E 169 7.95 2.86 44.31
N ALA E 170 8.65 3.97 44.39
CA ALA E 170 9.71 4.26 43.44
C ALA E 170 10.82 4.95 44.18
N ALA E 171 11.92 5.24 43.52
CA ALA E 171 13.07 5.79 44.22
C ALA E 171 13.28 7.27 44.16
N GLY E 172 13.27 7.90 45.32
CA GLY E 172 13.51 9.32 45.37
C GLY E 172 13.28 9.95 46.70
N ASP E 173 13.89 11.09 46.93
CA ASP E 173 13.74 11.78 48.20
C ASP E 173 12.40 12.44 48.37
N ASP E 174 11.90 13.07 47.32
CA ASP E 174 10.60 13.73 47.38
C ASP E 174 9.65 13.10 46.38
N MET E 175 8.42 13.56 46.29
CA MET E 175 7.38 12.98 45.44
C MET E 175 7.55 13.37 43.97
N LEU E 176 8.10 14.54 43.70
CA LEU E 176 8.29 14.94 42.31
C LEU E 176 9.39 14.12 41.66
N ASP E 177 10.46 13.82 42.41
CA ASP E 177 11.48 12.90 41.93
C ASP E 177 10.91 11.49 41.72
N LYS E 178 10.00 11.08 42.61
CA LYS E 178 9.31 9.80 42.46
C LYS E 178 8.49 9.75 41.17
N MET E 179 7.80 10.85 40.85
CA MET E 179 7.01 10.92 39.62
C MET E 179 7.89 10.91 38.37
N ILE E 180 9.00 11.67 38.39
CA ILE E 180 9.88 11.70 37.21
C ILE E 180 10.54 10.33 36.98
N HIS E 181 11.02 9.69 38.05
CA HIS E 181 11.63 8.36 37.88
C HIS E 181 10.60 7.30 37.49
N ALA E 182 9.39 7.35 38.05
CA ALA E 182 8.35 6.41 37.66
C ALA E 182 7.90 6.60 36.22
N LEU E 183 7.97 7.84 35.71
CA LEU E 183 7.69 8.05 34.29
C LEU E 183 8.85 7.67 33.39
N GLN E 184 10.10 7.70 33.88
CA GLN E 184 11.20 7.20 33.07
C GLN E 184 11.23 5.68 33.00
N GLN E 185 10.76 4.98 34.04
CA GLN E 185 10.78 3.52 33.97
C GLN E 185 9.68 2.95 33.09
N GLU E 186 8.43 3.32 33.34
CA GLU E 186 7.32 2.88 32.50
C GLU E 186 6.85 4.03 31.62
N ASP E 187 6.79 3.78 30.31
CA ASP E 187 6.48 4.82 29.32
C ASP E 187 5.07 4.70 28.77
N THR E 188 4.16 4.09 29.53
CA THR E 188 2.75 4.04 29.17
C THR E 188 1.87 4.71 30.22
N LEU E 189 2.48 5.39 31.19
CA LEU E 189 1.78 6.09 32.26
C LEU E 189 1.70 7.57 31.95
N VAL E 190 0.65 8.21 32.44
CA VAL E 190 0.45 9.65 32.30
C VAL E 190 0.23 10.28 33.67
N PRO E 191 0.61 11.53 33.88
CA PRO E 191 0.22 12.23 35.11
C PRO E 191 -1.16 12.86 34.99
N ILE E 192 -1.96 12.74 36.06
CA ILE E 192 -3.35 13.21 36.06
C ILE E 192 -3.60 14.01 37.33
N ALA E 193 -4.62 14.86 37.30
CA ALA E 193 -5.10 15.56 38.49
C ALA E 193 -6.31 14.84 39.08
N VAL E 194 -6.33 14.71 40.41
CA VAL E 194 -7.28 13.82 41.07
C VAL E 194 -8.07 14.49 42.20
N GLY E 195 -8.04 15.80 42.30
CA GLY E 195 -8.83 16.49 43.29
C GLY E 195 -8.09 17.65 43.91
N PHE E 196 -8.53 18.02 45.12
CA PHE E 196 -8.06 19.22 45.79
C PHE E 196 -7.69 18.92 47.24
N LYS E 197 -6.82 19.76 47.79
CA LYS E 197 -6.42 19.76 49.20
C LYS E 197 -6.72 21.13 49.78
N ALA E 198 -6.66 21.26 51.11
CA ALA E 198 -7.07 22.48 51.77
C ALA E 198 -5.88 23.33 52.19
N LEU E 199 -6.06 24.65 52.10
CA LEU E 199 -5.07 25.62 52.52
C LEU E 199 -5.59 26.58 53.58
N SER E 200 -6.84 26.45 54.01
CA SER E 200 -7.45 27.37 54.95
C SER E 200 -8.47 26.59 55.77
N GLU E 201 -9.34 27.30 56.47
CA GLU E 201 -10.37 26.69 57.30
C GLU E 201 -11.74 27.11 56.80
N VAL E 202 -12.74 26.28 57.11
CA VAL E 202 -14.08 26.46 56.56
C VAL E 202 -14.76 27.66 57.22
N GLY E 203 -15.29 28.55 56.40
CA GLY E 203 -15.90 29.76 56.91
C GLY E 203 -16.59 30.52 55.79
N HIS E 204 -16.97 31.78 56.12
CA HIS E 204 -17.64 32.64 55.17
C HIS E 204 -16.86 33.88 54.82
N VAL E 205 -16.45 34.01 53.56
CA VAL E 205 -15.72 35.16 53.10
C VAL E 205 -16.64 36.14 52.40
N GLU E 206 -16.07 37.10 51.70
CA GLU E 206 -16.86 38.11 50.98
C GLU E 206 -16.52 38.02 49.49
N GLY E 207 -17.52 37.75 48.67
CA GLY E 207 -17.30 37.70 47.24
C GLY E 207 -17.54 36.34 46.62
N GLN E 208 -18.46 35.57 47.19
CA GLN E 208 -18.66 34.18 46.79
C GLN E 208 -19.70 34.05 45.69
N ARG E 209 -19.59 32.94 44.96
CA ARG E 209 -20.56 32.58 43.93
C ARG E 209 -21.95 32.38 44.51
N ASP E 210 -22.06 31.59 45.58
CA ASP E 210 -23.30 31.41 46.32
C ASP E 210 -23.04 31.82 47.76
N PRO E 211 -23.67 32.89 48.25
CA PRO E 211 -23.29 33.45 49.56
C PRO E 211 -23.86 32.72 50.77
N GLU E 212 -24.51 31.57 50.59
CA GLU E 212 -25.14 30.87 51.71
C GLU E 212 -24.56 29.47 51.91
N LYS E 213 -23.35 29.21 51.44
CA LYS E 213 -22.71 27.92 51.60
C LYS E 213 -21.36 28.09 52.30
N ASP E 214 -20.63 26.98 52.44
CA ASP E 214 -19.38 26.93 53.19
C ASP E 214 -18.19 26.94 52.23
N HIS E 215 -17.20 27.75 52.57
CA HIS E 215 -16.08 27.94 51.71
C HIS E 215 -14.77 27.47 52.24
N CYS E 216 -13.88 27.10 51.36
CA CYS E 216 -12.52 26.70 51.71
C CYS E 216 -11.60 26.94 50.53
N PHE E 217 -10.50 27.64 50.77
CA PHE E 217 -9.50 27.86 49.73
C PHE E 217 -8.71 26.58 49.49
N VAL E 218 -8.46 26.24 48.22
CA VAL E 218 -7.95 24.93 47.87
C VAL E 218 -6.79 25.02 46.88
N GLU E 219 -6.08 23.90 46.76
CA GLU E 219 -4.97 23.67 45.83
C GLU E 219 -5.17 22.28 45.21
N SER E 220 -4.85 22.14 43.92
CA SER E 220 -5.05 20.87 43.21
C SER E 220 -3.93 19.89 43.54
N ILE E 221 -4.28 18.60 43.57
CA ILE E 221 -3.35 17.51 43.83
C ILE E 221 -3.28 16.62 42.60
N PHE E 222 -2.13 15.97 42.40
CA PHE E 222 -1.84 15.24 41.18
C PHE E 222 -1.36 13.82 41.50
N SER E 223 -1.59 12.92 40.53
CA SER E 223 -1.19 11.52 40.68
C SER E 223 -0.85 10.89 39.33
N LEU E 224 -0.79 9.56 39.28
CA LEU E 224 -0.41 8.83 38.08
C LEU E 224 -1.56 7.96 37.61
N GLY E 225 -1.54 7.63 36.33
CA GLY E 225 -2.57 6.79 35.75
C GLY E 225 -2.09 6.17 34.46
N GLY E 226 -2.85 5.18 34.00
CA GLY E 226 -2.48 4.44 32.81
C GLY E 226 -3.70 3.85 32.13
N PHE E 227 -3.47 3.28 30.95
CA PHE E 227 -4.54 2.83 30.08
C PHE E 227 -4.56 1.32 29.95
N GLU E 228 -5.77 0.78 29.86
CA GLU E 228 -6.02 -0.66 29.77
C GLU E 228 -7.18 -0.89 28.83
N CYS E 229 -7.04 -1.84 27.91
CA CYS E 229 -8.07 -2.11 26.91
C CYS E 229 -9.30 -2.75 27.54
N SER E 230 -10.39 -2.75 26.76
CA SER E 230 -11.65 -3.29 27.23
C SER E 230 -11.62 -4.81 27.35
N LYS E 231 -10.93 -5.48 26.44
CA LYS E 231 -10.90 -6.93 26.36
C LYS E 231 -9.94 -7.58 27.35
N ILE E 232 -9.22 -6.81 28.17
CA ILE E 232 -8.19 -7.33 29.06
C ILE E 232 -8.61 -6.90 30.48
N LEU E 233 -9.81 -6.37 30.58
CA LEU E 233 -10.32 -5.88 31.86
C LEU E 233 -11.03 -7.00 32.59
N GLU E 234 -10.81 -7.06 33.91
CA GLU E 234 -11.29 -8.18 34.70
C GLU E 234 -12.73 -7.98 35.11
N ASP E 235 -12.97 -6.94 35.90
CA ASP E 235 -14.29 -6.64 36.42
C ASP E 235 -14.78 -5.29 35.91
N ILE E 236 -16.04 -4.99 36.20
CA ILE E 236 -16.64 -3.73 35.79
C ILE E 236 -16.65 -2.75 36.98
N ASN E 237 -15.89 -3.07 38.03
CA ASN E 237 -15.81 -2.23 39.21
C ASN E 237 -14.38 -1.72 39.33
N SER E 238 -13.46 -2.28 38.56
CA SER E 238 -12.08 -1.81 38.56
C SER E 238 -11.84 -0.73 37.52
N CYS E 239 -12.92 -0.08 37.04
CA CYS E 239 -12.79 1.05 36.13
C CYS E 239 -13.77 2.16 36.46
N LEU E 240 -14.25 2.25 37.71
CA LEU E 240 -15.32 3.17 38.07
C LEU E 240 -14.80 4.15 39.12
N TRP E 241 -14.85 5.44 38.80
CA TRP E 241 -14.37 6.48 39.69
C TRP E 241 -15.45 6.90 40.67
N ARG E 242 -15.04 7.33 41.86
CA ARG E 242 -16.00 7.67 42.90
C ARG E 242 -15.48 8.86 43.70
N TYR E 243 -16.41 9.52 44.40
CA TYR E 243 -16.10 10.64 45.26
C TYR E 243 -15.78 10.14 46.67
N LYS E 244 -14.73 10.69 47.26
CA LYS E 244 -14.37 10.39 48.64
C LYS E 244 -13.88 11.65 49.32
N THR E 245 -14.34 11.88 50.55
CA THR E 245 -14.08 13.13 51.26
C THR E 245 -13.60 12.83 52.66
N GLU E 246 -12.32 13.10 52.92
CA GLU E 246 -11.81 13.12 54.28
C GLU E 246 -11.88 14.55 54.81
N GLU E 247 -11.20 14.82 55.93
CA GLU E 247 -11.16 16.15 56.51
C GLU E 247 -9.94 16.87 55.95
N GLY E 248 -10.20 17.87 55.11
CA GLY E 248 -9.16 18.62 54.43
C GLY E 248 -8.80 18.13 53.05
N LEU E 249 -9.43 17.04 52.59
CA LEU E 249 -9.04 16.39 51.35
C LEU E 249 -10.29 16.08 50.53
N TYR E 250 -10.25 16.43 49.25
CA TYR E 250 -11.36 16.21 48.32
C TYR E 250 -10.78 15.44 47.14
N LEU E 251 -11.19 14.06 47.17
CA LEU E 251 -10.57 13.21 46.20
C LEU E 251 -11.43 12.45 45.23
N CYS E 252 -10.78 11.96 44.13
CA CYS E 252 -11.46 11.01 43.27
C CYS E 252 -10.59 9.77 43.14
N THR E 253 -11.12 8.61 43.52
CA THR E 253 -10.33 7.38 43.53
C THR E 253 -11.05 6.18 43.00
N ILE E 254 -10.34 5.20 42.47
CA ILE E 254 -10.96 3.98 42.02
C ILE E 254 -10.66 2.98 43.08
N ILE E 255 -11.64 2.69 43.92
CA ILE E 255 -11.43 1.78 45.03
C ILE E 255 -12.76 1.39 45.66
N PRO F 15 21.88 63.46 38.31
CA PRO F 15 23.33 63.62 38.42
C PRO F 15 24.03 62.27 38.54
N GLU F 16 25.09 62.18 39.34
CA GLU F 16 25.79 60.93 39.53
C GLU F 16 26.44 61.04 40.91
N GLU F 17 26.46 59.90 41.64
CA GLU F 17 26.50 59.83 43.11
C GLU F 17 25.34 60.60 43.75
N GLN F 18 24.24 60.76 43.03
CA GLN F 18 23.05 61.42 43.51
C GLN F 18 21.81 60.61 43.16
N LYS F 19 21.97 59.59 42.31
CA LYS F 19 20.95 58.65 41.88
C LYS F 19 20.71 57.56 42.92
N ILE F 20 21.78 57.16 43.63
CA ILE F 20 21.79 56.14 44.69
C ILE F 20 20.86 56.56 45.84
N ASN F 21 20.63 57.87 45.98
CA ASN F 21 19.64 58.38 46.92
C ASN F 21 18.23 57.89 46.61
N LYS F 22 17.86 57.88 45.32
CA LYS F 22 16.52 57.48 44.92
C LYS F 22 16.29 55.98 45.12
N TYR F 23 17.31 55.16 44.85
CA TYR F 23 17.18 53.71 44.97
C TYR F 23 16.95 53.30 46.42
N ILE F 24 17.79 53.79 47.33
CA ILE F 24 17.67 53.35 48.71
C ILE F 24 16.56 54.13 49.41
N GLU F 25 16.15 55.28 48.86
CA GLU F 25 14.89 55.88 49.26
C GLU F 25 13.72 54.96 48.96
N GLY F 26 13.68 54.42 47.74
CA GLY F 26 12.54 53.61 47.33
C GLY F 26 12.52 52.22 47.95
N LEU F 27 13.71 51.64 48.18
CA LEU F 27 13.80 50.30 48.76
C LEU F 27 13.22 50.27 50.18
N PHE F 28 13.51 51.29 50.98
CA PHE F 28 13.02 51.29 52.36
C PHE F 28 11.55 51.65 52.44
N GLN F 29 11.02 52.32 51.42
CA GLN F 29 9.59 52.68 51.41
C GLN F 29 8.69 51.56 50.92
N SER F 30 9.24 50.40 50.53
CA SER F 30 8.41 49.35 49.96
C SER F 30 8.73 47.95 50.47
N ILE F 31 9.40 47.80 51.62
CA ILE F 31 9.65 46.48 52.20
C ILE F 31 8.49 46.11 53.12
N ASP F 32 7.45 46.94 53.16
CA ASP F 32 6.24 46.62 53.90
C ASP F 32 5.11 46.09 53.03
N LYS F 33 5.20 46.28 51.71
CA LYS F 33 4.19 45.77 50.78
C LYS F 33 4.65 44.52 50.05
N ASN F 34 5.76 43.93 50.45
CA ASN F 34 6.26 42.69 49.86
C ASN F 34 6.08 41.56 50.86
N HIS F 35 5.25 40.59 50.50
CA HIS F 35 4.89 39.49 51.38
C HIS F 35 5.54 38.20 50.90
N LEU F 36 5.34 37.14 51.69
CA LEU F 36 5.95 35.84 51.46
C LEU F 36 4.85 34.83 51.16
N ALA F 37 5.02 34.06 50.08
CA ALA F 37 3.90 33.23 49.63
C ALA F 37 4.40 32.02 48.85
N THR F 38 3.54 31.01 48.79
CA THR F 38 3.69 29.85 47.92
C THR F 38 2.59 29.73 46.89
N HIS F 39 1.44 30.34 47.13
CA HIS F 39 0.28 30.30 46.23
C HIS F 39 -0.14 31.75 45.99
N VAL F 40 -0.22 32.16 44.72
CA VAL F 40 -0.66 33.52 44.39
C VAL F 40 -1.91 33.43 43.52
N ALA F 41 -2.77 34.45 43.61
CA ALA F 41 -4.03 34.48 42.88
C ALA F 41 -3.95 35.17 41.54
N LYS F 42 -3.03 36.13 41.36
CA LYS F 42 -2.91 36.86 40.10
C LYS F 42 -2.22 36.06 39.00
N PHE F 43 -1.83 34.81 39.22
CA PHE F 43 -1.21 33.99 38.19
C PHE F 43 -2.27 33.32 37.31
N THR F 44 -3.52 33.31 37.76
CA THR F 44 -4.64 32.84 36.95
C THR F 44 -5.22 33.96 36.09
N GLU F 45 -5.51 35.11 36.71
CA GLU F 45 -5.89 36.31 35.99
C GLU F 45 -5.30 37.50 36.72
N THR F 46 -4.63 38.38 35.99
CA THR F 46 -3.96 39.54 36.58
C THR F 46 -4.87 40.74 36.79
N ASN F 47 -6.21 40.48 36.79
CA ASN F 47 -7.12 41.57 37.06
C ASN F 47 -7.79 41.38 38.41
N SER F 48 -7.26 40.50 39.23
CA SER F 48 -7.83 40.25 40.55
C SER F 48 -7.37 41.28 41.53
N PRO F 49 -8.29 42.01 42.13
CA PRO F 49 -7.90 43.09 43.03
C PRO F 49 -7.25 42.60 44.32
N GLY F 50 -6.18 43.27 44.72
CA GLY F 50 -5.59 43.04 46.02
C GLY F 50 -4.54 41.95 46.06
N ASN F 51 -4.14 41.63 47.27
CA ASN F 51 -3.15 40.61 47.55
C ASN F 51 -3.79 39.42 48.25
N ILE F 52 -4.21 38.44 47.46
CA ILE F 52 -4.82 37.22 47.95
C ILE F 52 -3.89 36.08 47.63
N GLY F 53 -3.60 35.25 48.62
CA GLY F 53 -2.68 34.14 48.42
C GLY F 53 -2.47 33.43 49.72
N ALA F 54 -1.62 32.41 49.69
CA ALA F 54 -1.41 31.58 50.86
C ALA F 54 0.05 31.18 50.96
N TYR F 55 0.47 30.91 52.19
CA TYR F 55 1.82 30.43 52.49
C TYR F 55 1.67 29.13 53.29
N ASP F 56 2.05 28.01 52.67
CA ASP F 56 1.87 26.69 53.25
C ASP F 56 3.20 26.25 53.84
N ILE F 57 3.25 26.16 55.17
CA ILE F 57 4.45 25.74 55.84
C ILE F 57 4.09 24.54 56.69
N LEU F 58 3.79 23.42 56.05
CA LEU F 58 3.38 22.25 56.80
C LEU F 58 4.29 21.07 56.54
N SER F 59 3.82 19.86 56.78
CA SER F 59 4.70 18.69 56.69
C SER F 59 4.63 17.82 55.48
N SER F 60 5.48 16.81 55.43
CA SER F 60 5.50 15.91 54.29
C SER F 60 5.18 14.50 54.75
N ASP F 61 4.26 13.84 54.04
CA ASP F 61 3.91 12.46 54.36
C ASP F 61 4.83 11.51 53.59
N MET F 62 4.91 11.69 52.27
CA MET F 62 5.73 11.01 51.27
C MET F 62 5.25 9.58 50.98
N ASN F 63 4.26 9.05 51.72
CA ASN F 63 3.56 7.82 51.38
C ASN F 63 2.06 8.13 51.47
N CYS F 64 1.52 8.68 50.37
CA CYS F 64 0.11 9.05 50.32
C CYS F 64 -0.53 8.86 48.95
N GLY F 65 0.23 8.81 47.86
CA GLY F 65 -0.32 8.60 46.54
C GLY F 65 -0.53 9.87 45.72
N TYR F 66 -0.31 11.05 46.30
CA TYR F 66 -0.57 12.29 45.59
C TYR F 66 0.57 13.28 45.79
N LEU F 67 0.74 14.17 44.81
CA LEU F 67 1.74 15.22 44.86
C LEU F 67 1.05 16.55 45.16
N ASP F 68 1.53 17.26 46.18
CA ASP F 68 1.12 18.63 46.46
C ASP F 68 2.33 19.54 46.65
N THR F 69 2.13 20.75 47.17
CA THR F 69 3.25 21.65 47.42
C THR F 69 4.00 21.30 48.70
N ALA F 70 3.49 20.37 49.50
CA ALA F 70 4.13 19.99 50.75
C ALA F 70 4.74 18.59 50.72
N ASN F 71 4.71 17.90 49.58
CA ASN F 71 5.38 16.62 49.43
C ASN F 71 6.49 16.68 48.39
N ALA F 72 6.72 17.83 47.79
CA ALA F 72 7.82 18.04 46.87
C ALA F 72 8.88 18.90 47.57
N GLY F 73 10.11 18.80 47.08
CA GLY F 73 11.13 19.63 47.68
C GLY F 73 11.29 20.93 46.94
N TRP F 74 10.61 21.96 47.43
CA TRP F 74 10.78 23.31 46.89
C TRP F 74 11.77 24.06 47.76
N LYS F 75 12.73 24.72 47.11
CA LYS F 75 13.90 25.25 47.78
C LYS F 75 13.87 26.76 47.96
N GLU F 76 13.15 27.48 47.10
CA GLU F 76 13.14 28.93 47.12
C GLU F 76 11.72 29.43 47.32
N PRO F 77 11.48 30.21 48.39
CA PRO F 77 10.15 30.78 48.49
C PRO F 77 9.92 31.84 47.42
N ASP F 78 8.84 32.60 47.52
CA ASP F 78 8.56 33.65 46.58
C ASP F 78 8.13 34.94 47.25
N ILE F 79 8.47 36.08 46.67
CA ILE F 79 8.07 37.36 47.20
C ILE F 79 7.00 37.94 46.29
N VAL F 80 5.96 38.56 46.82
CA VAL F 80 4.83 39.02 46.01
C VAL F 80 4.47 40.44 46.44
N THR F 81 4.19 41.29 45.45
CA THR F 81 3.68 42.64 45.67
C THR F 81 2.43 42.85 44.82
N ASN F 82 1.69 43.91 45.16
CA ASN F 82 0.46 44.21 44.44
C ASN F 82 0.80 44.86 43.10
N ASP F 83 1.61 45.92 43.11
CA ASP F 83 1.95 46.65 41.89
C ASP F 83 3.38 46.51 41.48
N ALA F 84 3.64 46.61 40.19
CA ALA F 84 5.01 46.52 39.68
C ALA F 84 5.88 47.67 40.16
N LYS F 85 5.27 48.76 40.63
CA LYS F 85 5.99 49.85 41.27
C LYS F 85 6.76 49.38 42.49
N TYR F 86 6.09 48.62 43.37
CA TYR F 86 6.71 48.23 44.63
C TYR F 86 7.44 46.90 44.47
N LYS F 87 8.45 46.92 43.61
CA LYS F 87 9.15 45.69 43.25
C LYS F 87 10.67 45.75 43.43
N ARG F 88 11.21 46.85 43.91
CA ARG F 88 12.64 47.00 44.17
C ARG F 88 13.22 46.07 45.24
N PRO F 89 12.51 45.66 46.32
CA PRO F 89 13.06 44.60 47.18
C PRO F 89 13.36 43.28 46.48
N GLN F 90 12.55 42.87 45.50
CA GLN F 90 12.82 41.64 44.76
C GLN F 90 14.05 41.75 43.88
N GLY F 91 14.25 42.91 43.26
CA GLY F 91 15.52 43.16 42.59
C GLY F 91 16.68 43.25 43.57
N PHE F 92 16.41 43.77 44.77
CA PHE F 92 17.45 43.94 45.77
C PHE F 92 17.98 42.59 46.27
N VAL F 93 17.11 41.58 46.40
CA VAL F 93 17.48 40.39 47.17
C VAL F 93 18.20 39.44 46.21
N ALA F 94 18.37 39.85 44.96
CA ALA F 94 18.75 38.95 43.89
C ALA F 94 20.10 39.31 43.26
N MET F 95 20.58 40.53 43.47
CA MET F 95 21.85 41.01 42.91
C MET F 95 23.05 40.22 43.44
N MET F 97 26.37 39.14 44.99
CA MET F 97 27.52 39.98 45.32
C MET F 97 28.73 39.60 44.46
N SER F 98 29.90 40.14 44.83
CA SER F 98 31.14 39.86 44.12
C SER F 98 31.53 38.38 44.21
N ASP F 99 31.30 37.75 45.36
CA ASP F 99 31.68 36.36 45.57
C ASP F 99 30.86 35.39 44.73
N THR F 102 23.98 35.13 46.88
CA THR F 102 22.91 36.10 46.80
C THR F 102 22.83 36.98 48.04
N VAL F 103 22.22 38.15 47.85
CA VAL F 103 21.93 39.12 48.91
C VAL F 103 21.10 38.50 50.04
N MET F 104 20.20 37.57 49.68
CA MET F 104 19.37 36.83 50.65
C MET F 104 20.23 36.07 51.65
N GLU F 105 21.21 35.32 51.13
CA GLU F 105 22.10 34.54 51.98
C GLU F 105 22.99 35.43 52.85
N HIS F 106 23.33 36.63 52.35
CA HIS F 106 24.08 37.60 53.15
C HIS F 106 23.24 38.11 54.32
N LEU F 107 22.00 38.46 54.08
CA LEU F 107 21.16 38.94 55.19
C LEU F 107 20.68 37.83 56.15
N GLN F 108 21.05 36.59 55.91
CA GLN F 108 20.70 35.54 56.85
C GLN F 108 21.83 35.47 57.84
N GLU F 109 23.05 35.52 57.34
CA GLU F 109 24.21 35.50 58.20
C GLU F 109 25.15 36.58 57.71
N ASP F 110 25.09 37.77 58.30
CA ASP F 110 25.90 38.87 57.79
C ASP F 110 27.37 38.54 57.81
N SER F 111 28.06 38.85 56.72
CA SER F 111 29.49 38.54 56.64
C SER F 111 30.31 39.80 56.49
N ALA F 112 29.72 40.95 56.77
CA ALA F 112 30.42 42.22 56.67
C ALA F 112 30.73 42.50 55.24
N GLU F 113 31.20 41.49 54.52
CA GLU F 113 31.44 41.67 53.12
C GLU F 113 30.29 42.52 52.71
N LEU F 114 29.13 42.25 53.30
CA LEU F 114 27.95 43.05 53.02
C LEU F 114 27.95 44.31 53.86
N ARG F 115 28.04 44.15 55.19
CA ARG F 115 28.01 45.21 56.22
C ARG F 115 28.99 46.34 55.96
N HIS F 116 30.19 46.02 55.47
CA HIS F 116 31.14 47.02 55.03
C HIS F 116 30.56 47.84 53.87
N GLU F 117 30.20 47.16 52.77
CA GLU F 117 29.60 47.81 51.63
C GLU F 117 28.22 48.37 51.91
N MET F 118 27.51 47.83 52.89
CA MET F 118 26.15 48.27 53.12
C MET F 118 26.12 49.64 53.78
N GLU F 119 26.79 49.75 54.92
CA GLU F 119 26.65 50.93 55.76
C GLU F 119 27.28 52.18 55.16
N GLU F 120 28.14 52.08 54.14
CA GLU F 120 28.76 53.30 53.62
C GLU F 120 27.94 54.04 52.56
N LEU F 121 26.78 53.54 52.14
CA LEU F 121 25.96 54.32 51.21
C LEU F 121 24.60 54.74 51.77
N THR F 122 24.12 54.16 52.87
CA THR F 122 22.77 54.52 53.29
C THR F 122 22.61 54.89 54.77
N ASP F 123 23.51 54.37 55.64
CA ASP F 123 23.46 54.52 57.11
C ASP F 123 22.12 54.04 57.67
N LYS F 124 21.52 53.02 57.01
CA LYS F 124 20.19 52.57 57.34
C LYS F 124 19.99 51.06 57.22
N TYR F 125 21.08 50.29 57.06
CA TYR F 125 21.04 48.83 56.92
C TYR F 125 20.36 48.09 58.07
N ASP F 126 20.34 48.69 59.26
CA ASP F 126 19.61 48.12 60.39
C ASP F 126 18.11 48.05 60.10
N GLU F 127 17.55 49.10 59.49
CA GLU F 127 16.14 49.09 59.10
C GLU F 127 15.88 48.07 58.00
N ILE F 128 16.77 48.03 57.00
CA ILE F 128 16.59 47.18 55.83
C ILE F 128 16.70 45.71 56.20
N ARG F 129 17.61 45.36 57.12
CA ARG F 129 17.78 43.97 57.54
C ARG F 129 16.60 43.47 58.36
N GLY F 131 13.47 44.10 58.12
CA GLY F 131 12.47 44.28 57.08
C GLY F 131 12.38 43.13 56.09
N ILE F 132 13.52 42.71 55.56
CA ILE F 132 13.58 41.70 54.50
C ILE F 132 13.82 40.35 55.18
N LEU F 133 13.75 40.34 56.51
CA LEU F 133 14.02 39.11 57.26
C LEU F 133 12.75 38.53 57.86
N ASN F 134 12.01 39.32 58.64
CA ASN F 134 10.72 38.90 59.17
C ASN F 134 9.60 39.54 58.34
N MET F 135 9.56 39.14 57.07
CA MET F 135 8.49 39.61 56.19
C MET F 135 7.18 38.91 56.51
N PRO F 136 6.06 39.62 56.47
CA PRO F 136 4.77 38.99 56.79
C PRO F 136 4.33 38.01 55.71
N SER F 137 3.55 37.02 56.12
CA SER F 137 3.05 36.01 55.21
C SER F 137 1.76 36.46 54.55
N MET F 138 1.55 36.02 53.31
CA MET F 138 0.35 36.33 52.57
C MET F 138 -0.85 35.56 53.12
N GLN F 139 -2.00 36.22 53.17
CA GLN F 139 -3.14 35.58 53.77
C GLN F 139 -4.37 35.66 52.88
N PRO F 140 -5.16 34.59 52.81
CA PRO F 140 -6.40 34.59 52.01
C PRO F 140 -7.55 35.24 52.77
N TYR F 141 -8.05 36.39 52.31
CA TYR F 141 -9.08 37.10 53.06
C TYR F 141 -10.38 37.31 52.30
N ARG F 142 -10.39 37.25 50.96
CA ARG F 142 -11.64 37.39 50.21
C ARG F 142 -11.49 36.71 48.86
N THR F 143 -12.60 36.69 48.12
CA THR F 143 -12.66 36.08 46.80
C THR F 143 -13.34 37.06 45.85
N ASN F 144 -13.10 36.89 44.55
CA ASN F 144 -13.65 37.76 43.53
C ASN F 144 -14.13 36.92 42.35
N GLN F 145 -14.48 37.59 41.26
CA GLN F 145 -14.99 36.90 40.07
C GLN F 145 -13.88 36.37 39.17
N PHE F 146 -12.63 36.58 39.53
CA PHE F 146 -11.51 36.21 38.68
C PHE F 146 -10.77 34.99 39.19
N ILE F 147 -11.09 34.53 40.40
CA ILE F 147 -10.58 33.28 40.96
C ILE F 147 -11.61 32.20 40.65
N LYS F 148 -11.14 31.02 40.29
CA LYS F 148 -12.03 29.95 39.87
C LYS F 148 -12.69 29.30 41.08
N GLN F 149 -14.02 29.41 41.18
CA GLN F 149 -14.77 28.84 42.28
C GLN F 149 -15.70 27.75 41.77
N VAL F 150 -15.62 26.57 42.40
CA VAL F 150 -16.38 25.39 41.98
C VAL F 150 -17.06 24.78 43.21
N PHE F 151 -18.05 23.91 42.95
CA PHE F 151 -18.77 23.21 43.99
C PHE F 151 -18.27 21.77 44.07
N PHE F 152 -18.24 21.21 45.28
CA PHE F 152 -17.81 19.82 45.46
C PHE F 152 -18.77 19.15 46.43
N PRO F 153 -19.24 17.94 46.12
CA PRO F 153 -20.18 17.25 47.02
C PRO F 153 -19.49 16.77 48.28
N VAL F 154 -20.02 17.20 49.43
CA VAL F 154 -19.56 16.69 50.72
C VAL F 154 -20.84 16.25 51.45
N GLY F 155 -21.10 14.94 51.41
CA GLY F 155 -22.04 14.24 52.28
C GLY F 155 -23.48 14.71 52.29
N GLY F 156 -24.16 14.69 51.14
CA GLY F 156 -25.53 15.16 51.06
C GLY F 156 -25.68 16.65 50.82
N SER F 157 -24.61 17.43 51.00
CA SER F 157 -24.63 18.86 50.71
C SER F 157 -23.42 19.20 49.84
N TYR F 158 -23.15 20.48 49.65
CA TYR F 158 -22.04 20.90 48.81
C TYR F 158 -21.18 21.94 49.52
N HIS F 159 -19.92 21.98 49.11
CA HIS F 159 -18.94 22.94 49.61
C HIS F 159 -18.37 23.71 48.43
N LEU F 160 -18.20 25.02 48.62
CA LEU F 160 -17.71 25.90 47.57
C LEU F 160 -16.20 26.07 47.73
N LEU F 161 -15.45 25.74 46.68
CA LEU F 161 -14.00 25.72 46.74
C LEU F 161 -13.42 26.71 45.74
N SER F 162 -12.54 27.58 46.24
CA SER F 162 -11.86 28.56 45.40
C SER F 162 -10.40 28.15 45.25
N ILE F 163 -9.95 28.01 44.01
CA ILE F 163 -8.66 27.39 43.72
C ILE F 163 -7.60 28.47 43.53
N LEU F 164 -6.50 28.34 44.26
CA LEU F 164 -5.35 29.21 44.12
C LEU F 164 -4.17 28.42 43.56
N PRO F 165 -3.61 28.83 42.42
CA PRO F 165 -2.52 28.06 41.83
C PRO F 165 -1.21 28.23 42.58
N SER F 166 -0.32 27.25 42.38
CA SER F 166 0.97 27.19 43.05
C SER F 166 2.06 27.72 42.13
N THR F 167 2.82 28.69 42.62
CA THR F 167 3.95 29.25 41.90
C THR F 167 5.25 28.51 42.20
N VAL F 168 5.43 28.09 43.45
CA VAL F 168 6.65 27.41 43.86
C VAL F 168 6.77 26.04 43.18
N LEU F 169 5.64 25.38 42.95
CA LEU F 169 5.69 24.09 42.28
C LEU F 169 5.96 24.26 40.79
N ASN F 170 5.55 25.37 40.21
CA ASN F 170 5.74 25.56 38.77
C ASN F 170 7.18 25.78 38.50
N TYR F 171 7.85 26.58 39.33
CA TYR F 171 9.29 26.75 39.18
C TYR F 171 10.04 25.45 39.35
N GLU F 172 9.59 24.59 40.28
CA GLU F 172 10.32 23.37 40.58
C GLU F 172 10.19 22.35 39.46
N VAL F 173 9.02 22.28 38.82
CA VAL F 173 8.82 21.31 37.73
C VAL F 173 9.62 21.71 36.50
N SER F 174 9.69 23.01 36.22
CA SER F 174 10.33 23.50 35.00
C SER F 174 11.85 23.34 35.05
N ASP F 175 12.44 23.46 36.24
CA ASP F 175 13.87 23.20 36.38
C ASP F 175 14.18 21.71 36.24
N ARG F 176 13.37 20.86 36.85
CA ARG F 176 13.67 19.43 36.83
C ARG F 176 13.32 18.76 35.51
N LEU F 177 12.51 19.40 34.65
CA LEU F 177 12.20 18.87 33.34
C LEU F 177 13.17 19.35 32.27
N TYR F 178 14.05 20.28 32.59
CA TYR F 178 14.94 20.84 31.59
C TYR F 178 16.07 19.87 31.25
N ARG F 179 16.41 18.98 32.17
CA ARG F 179 17.46 17.99 31.98
C ARG F 179 16.91 16.56 31.95
N SER F 180 15.69 16.40 31.46
CA SER F 180 15.03 15.09 31.44
C SER F 180 14.52 14.82 30.03
N LYS F 181 14.15 13.56 29.78
CA LYS F 181 13.76 13.12 28.44
C LYS F 181 12.34 12.54 28.41
N ILE F 182 11.52 12.88 29.40
CA ILE F 182 10.09 12.56 29.41
C ILE F 182 9.36 13.65 28.63
N PRO F 183 8.17 13.38 28.07
CA PRO F 183 7.47 14.38 27.26
C PRO F 183 7.11 15.66 28.00
N LYS F 184 7.26 16.79 27.31
CA LYS F 184 7.10 18.11 27.91
C LYS F 184 6.56 19.06 26.85
N ILE F 185 5.89 20.12 27.32
CA ILE F 185 5.37 21.18 26.46
C ILE F 185 5.77 22.51 27.08
N ARG F 186 6.32 23.42 26.26
CA ARG F 186 6.62 24.77 26.69
C ARG F 186 5.47 25.69 26.30
N LEU F 187 4.94 26.43 27.26
CA LEU F 187 3.88 27.39 27.03
C LEU F 187 4.48 28.77 26.84
N ARG F 188 4.16 29.41 25.72
CA ARG F 188 4.71 30.71 25.38
C ARG F 188 3.53 31.65 25.14
N LEU F 189 3.00 32.23 26.23
CA LEU F 189 1.80 33.05 26.14
C LEU F 189 1.85 34.33 26.95
N LEU F 190 2.72 34.44 27.95
CA LEU F 190 2.80 35.64 28.76
C LEU F 190 3.91 36.55 28.25
N SER F 191 3.68 37.86 28.38
CA SER F 191 4.67 38.84 27.98
C SER F 191 5.46 39.28 29.20
N SER F 192 6.40 40.20 28.98
CA SER F 192 7.22 40.70 30.08
C SER F 192 6.41 41.63 30.98
N ASN F 193 5.54 42.41 30.38
CA ASN F 193 4.76 43.35 31.15
C ASN F 193 3.62 42.68 31.87
N ALA F 194 3.13 41.56 31.38
CA ALA F 194 2.09 40.81 32.06
C ALA F 194 2.64 40.05 33.26
N ALA F 195 3.85 39.51 33.13
CA ALA F 195 4.48 38.78 34.23
C ALA F 195 4.81 39.69 35.40
N SER F 196 5.22 40.93 35.09
CA SER F 196 5.51 41.92 36.13
C SER F 196 4.26 42.29 36.93
N THR F 197 3.10 42.31 36.26
CA THR F 197 1.86 42.71 36.91
C THR F 197 1.36 41.66 37.89
N THR F 198 1.81 40.40 37.74
CA THR F 198 1.50 39.37 38.72
C THR F 198 2.11 39.72 40.07
N GLY F 199 3.34 40.25 40.07
CA GLY F 199 3.97 40.75 41.26
C GLY F 199 4.91 39.77 41.90
N SER F 200 5.08 38.59 41.32
CA SER F 200 5.83 37.51 41.94
C SER F 200 7.19 37.39 41.28
N ARG F 201 8.20 37.07 42.08
CA ARG F 201 9.57 36.96 41.59
C ARG F 201 9.74 35.76 40.67
N LEU F 202 9.14 34.62 41.03
CA LEU F 202 9.45 33.39 40.31
C LEU F 202 8.72 33.30 38.97
N VAL F 203 7.75 34.17 38.72
CA VAL F 203 7.06 34.26 37.44
C VAL F 203 7.71 35.28 36.51
N SER F 204 8.33 36.33 37.04
CA SER F 204 9.09 37.24 36.20
C SER F 204 10.40 36.64 35.70
N LYS F 205 10.92 35.61 36.38
CA LYS F 205 12.09 34.91 35.87
C LYS F 205 11.70 33.77 34.96
N ASN F 206 10.69 32.99 35.34
CA ASN F 206 10.12 31.96 34.47
C ASN F 206 8.76 32.45 34.00
N LYS F 207 8.73 33.12 32.85
CA LYS F 207 7.48 33.58 32.26
C LYS F 207 6.95 32.62 31.21
N TRP F 208 7.80 31.76 30.66
CA TRP F 208 7.44 30.77 29.66
C TRP F 208 7.82 29.40 30.22
N PRO F 209 6.94 28.78 31.01
CA PRO F 209 7.33 27.58 31.75
C PRO F 209 7.32 26.30 30.92
N LEU F 210 7.91 25.26 31.51
CA LEU F 210 7.89 23.90 30.99
C LEU F 210 6.97 23.06 31.87
N VAL F 211 6.03 22.36 31.25
CA VAL F 211 5.02 21.58 31.95
C VAL F 211 4.98 20.16 31.37
N PHE F 212 4.30 19.28 32.10
CA PHE F 212 4.14 17.90 31.66
C PHE F 212 3.20 17.81 30.46
N GLN F 213 3.36 16.74 29.68
CA GLN F 213 2.47 16.39 28.59
C GLN F 213 1.72 15.13 28.98
N ALA F 214 0.39 15.23 29.09
CA ALA F 214 -0.44 14.14 29.59
C ALA F 214 -1.50 13.78 28.56
N LEU F 215 -1.11 12.99 27.56
CA LEU F 215 -1.98 12.70 26.44
C LEU F 215 -2.25 11.19 26.36
N PRO F 216 -3.36 10.79 25.75
CA PRO F 216 -3.63 9.36 25.51
C PRO F 216 -2.62 8.76 24.55
N PRO F 217 -2.55 7.38 24.44
CA PRO F 217 -1.59 6.73 23.52
C PRO F 217 -1.72 7.17 22.06
N LYS F 218 -0.62 7.05 21.33
CA LYS F 218 -0.44 7.79 20.08
C LYS F 218 -1.05 7.10 18.87
N PHE F 219 -1.68 5.95 19.04
CA PHE F 219 -2.43 5.35 17.95
C PHE F 219 -3.88 5.78 17.95
N LEU F 220 -4.27 6.60 18.93
CA LEU F 220 -5.62 7.09 19.06
C LEU F 220 -5.69 8.57 18.74
N GLU F 221 -4.94 9.03 17.74
CA GLU F 221 -4.95 10.43 17.36
C GLU F 221 -5.64 10.55 16.01
N LYS F 222 -6.37 11.65 15.82
CA LYS F 222 -7.17 11.85 14.61
C LYS F 222 -6.28 12.10 13.41
N ASN F 223 -6.64 11.50 12.28
CA ASN F 223 -6.03 11.80 11.00
C ASN F 223 -7.11 11.73 9.94
N LEU F 224 -6.71 11.94 8.68
CA LEU F 224 -7.68 11.94 7.59
C LEU F 224 -8.15 10.53 7.24
N ALA F 225 -7.35 9.51 7.55
CA ALA F 225 -7.76 8.12 7.31
C ALA F 225 -8.91 7.72 8.22
N LYS F 226 -8.83 8.12 9.50
CA LYS F 226 -9.98 7.95 10.39
C LYS F 226 -11.11 8.91 10.06
N ALA F 227 -10.82 9.99 9.33
CA ALA F 227 -11.90 10.98 9.08
C ALA F 227 -12.79 10.48 7.93
N LEU F 228 -12.21 9.73 6.99
CA LEU F 228 -12.97 9.32 5.78
C LEU F 228 -13.59 7.93 5.96
N ASP F 229 -13.31 7.27 7.09
CA ASP F 229 -13.85 5.89 7.33
C ASP F 229 -15.21 6.00 8.04
N LYS F 230 -15.67 7.22 8.31
CA LYS F 230 -16.99 7.43 8.97
C LYS F 230 -17.95 8.09 7.98
N GLU F 231 -17.51 8.28 6.73
CA GLU F 231 -18.37 8.90 5.69
C GLU F 231 -18.72 7.82 4.65
N TYR F 232 -19.88 7.91 4.00
CA TYR F 232 -20.28 6.86 3.09
C TYR F 232 -20.63 7.35 1.70
N LEU F 233 -20.40 6.53 0.69
CA LEU F 233 -20.61 6.94 -0.69
C LEU F 233 -22.07 6.74 -1.12
N LEU F 234 -22.49 7.52 -2.11
CA LEU F 234 -23.80 7.45 -2.72
C LEU F 234 -23.63 7.37 -4.23
N PRO F 235 -24.54 6.69 -4.94
CA PRO F 235 -24.44 6.62 -6.40
C PRO F 235 -24.83 7.94 -7.04
N ASP F 236 -24.56 8.06 -8.33
CA ASP F 236 -24.90 9.30 -9.03
C ASP F 236 -25.97 9.12 -10.09
N ILE F 237 -27.08 8.50 -9.73
CA ILE F 237 -28.14 8.24 -10.68
C ILE F 237 -29.49 8.32 -10.01
N ASN F 238 -30.30 9.31 -10.34
CA ASN F 238 -31.62 9.39 -9.78
C ASN F 238 -32.45 8.33 -10.44
N ILE F 239 -32.91 7.34 -9.69
CA ILE F 239 -33.62 6.24 -10.29
C ILE F 239 -34.96 6.73 -10.83
N ASP F 240 -35.31 7.95 -10.51
CA ASP F 240 -36.59 8.49 -10.94
C ASP F 240 -36.52 9.24 -12.27
N GLU F 241 -35.42 9.08 -12.99
CA GLU F 241 -35.28 9.76 -14.27
C GLU F 241 -34.69 8.84 -15.31
N LEU F 242 -34.32 7.64 -14.90
CA LEU F 242 -33.77 6.69 -15.82
C LEU F 242 -34.90 5.82 -16.32
N GLU F 243 -35.39 6.09 -17.53
CA GLU F 243 -36.51 5.32 -18.09
C GLU F 243 -36.23 3.84 -18.13
N GLY F 244 -37.14 3.04 -17.59
CA GLY F 244 -36.94 1.61 -17.50
C GLY F 244 -37.25 1.23 -16.08
N VAL F 245 -37.49 2.22 -15.24
CA VAL F 245 -37.81 1.95 -13.86
C VAL F 245 -39.18 2.47 -13.55
N ASP F 246 -40.07 1.60 -13.09
CA ASP F 246 -41.44 1.98 -12.81
C ASP F 246 -41.72 1.93 -11.34
N ASN F 247 -42.10 3.05 -10.77
CA ASN F 247 -42.38 3.12 -9.35
C ASN F 247 -41.14 2.88 -8.50
N GLY F 248 -40.31 1.92 -8.88
CA GLY F 248 -39.11 1.65 -8.14
C GLY F 248 -38.49 0.32 -8.50
N CYS F 249 -38.90 -0.24 -9.61
CA CYS F 249 -38.43 -1.54 -10.05
C CYS F 249 -38.03 -1.46 -11.51
N LEU F 250 -36.95 -2.15 -11.84
CA LEU F 250 -36.38 -2.10 -13.18
C LEU F 250 -37.07 -3.11 -14.08
N ILE F 251 -37.58 -2.64 -15.21
CA ILE F 251 -38.31 -3.48 -16.16
C ILE F 251 -37.44 -3.84 -17.36
N ASP F 252 -36.65 -2.88 -17.84
CA ASP F 252 -35.73 -3.13 -18.95
C ASP F 252 -34.69 -4.11 -18.53
N GLU F 253 -33.86 -4.55 -19.46
CA GLU F 253 -32.84 -5.52 -19.14
C GLU F 253 -31.52 -4.98 -19.61
N ALA F 254 -31.56 -3.86 -20.31
CA ALA F 254 -30.34 -3.28 -20.84
C ALA F 254 -29.71 -2.35 -19.84
N LEU F 255 -30.52 -1.73 -19.00
CA LEU F 255 -30.00 -0.77 -18.04
C LEU F 255 -29.16 -1.42 -16.96
N LEU F 256 -29.14 -2.80 -17.01
CA LEU F 256 -28.41 -3.55 -16.00
C LEU F 256 -26.94 -3.27 -16.08
N PRO F 257 -26.36 -3.31 -17.23
CA PRO F 257 -24.93 -2.95 -17.28
C PRO F 257 -24.59 -1.61 -16.63
N LEU F 258 -25.46 -0.61 -16.73
CA LEU F 258 -25.19 0.68 -16.09
C LEU F 258 -25.19 0.55 -14.57
N ILE F 259 -26.09 -0.26 -14.02
CA ILE F 259 -26.10 -0.55 -12.59
C ILE F 259 -24.81 -1.27 -12.17
N ILE F 260 -24.39 -2.24 -12.93
CA ILE F 260 -23.23 -3.00 -12.51
C ILE F 260 -22.00 -2.14 -12.58
N ASP F 261 -21.94 -1.27 -13.58
CA ASP F 261 -20.80 -0.39 -13.72
C ASP F 261 -20.72 0.67 -12.64
N GLU F 262 -21.85 1.30 -12.32
CA GLU F 262 -21.84 2.35 -11.33
C GLU F 262 -21.28 1.79 -10.07
N GLY F 263 -21.73 0.61 -9.71
CA GLY F 263 -21.28 0.02 -8.47
C GLY F 263 -19.81 -0.23 -8.51
N LYS F 264 -19.29 -0.59 -9.67
CA LYS F 264 -17.88 -0.88 -9.79
C LYS F 264 -17.04 0.37 -9.68
N ARG F 265 -17.51 1.44 -10.42
CA ARG F 265 -16.78 2.68 -10.40
C ARG F 265 -16.68 3.16 -8.99
N LYS F 266 -17.78 3.27 -8.32
CA LYS F 266 -17.84 3.77 -6.97
C LYS F 266 -17.77 2.60 -6.05
N GLY F 267 -16.58 2.08 -5.85
CA GLY F 267 -16.42 0.96 -4.95
C GLY F 267 -15.19 0.19 -5.29
N GLU F 268 -14.39 0.72 -6.20
CA GLU F 268 -13.23 -0.01 -6.66
C GLU F 268 -12.26 -0.42 -5.59
N GLY F 269 -11.83 0.50 -4.74
CA GLY F 269 -10.80 0.15 -3.78
C GLY F 269 -11.12 0.43 -2.36
N ASN F 270 -12.29 0.96 -2.13
CA ASN F 270 -12.70 1.32 -0.77
C ASN F 270 -13.25 0.08 -0.07
N TYR F 271 -12.45 -0.98 0.05
CA TYR F 271 -12.89 -2.10 0.86
C TYR F 271 -12.85 -1.71 2.34
N ARG F 272 -13.84 -2.22 3.06
CA ARG F 272 -13.95 -1.92 4.46
C ARG F 272 -14.27 -3.18 5.24
N PRO F 273 -13.78 -3.27 6.49
CA PRO F 273 -14.09 -4.40 7.35
C PRO F 273 -15.38 -4.14 8.09
N ARG F 274 -15.81 -5.10 8.90
CA ARG F 274 -17.16 -5.11 9.43
C ARG F 274 -17.43 -3.99 10.42
N HIS F 275 -16.45 -3.65 11.22
CA HIS F 275 -16.66 -2.63 12.24
C HIS F 275 -16.85 -1.29 11.58
N LEU F 276 -16.71 -1.26 10.25
CA LEU F 276 -16.82 0.00 9.54
C LEU F 276 -17.78 -0.08 8.35
N ARG F 277 -19.06 -0.31 8.60
CA ARG F 277 -20.04 -0.36 7.54
C ARG F 277 -21.35 0.00 8.16
N ASP F 278 -22.17 0.79 7.44
CA ASP F 278 -23.42 1.25 8.01
C ASP F 278 -24.41 0.09 8.10
N GLU F 279 -25.04 -0.12 9.29
CA GLU F 279 -25.93 -1.25 9.43
C GLU F 279 -27.17 -1.10 8.57
N ARG F 280 -27.79 -2.23 8.25
CA ARG F 280 -28.99 -2.26 7.42
C ARG F 280 -30.20 -2.15 8.35
N LYS F 281 -30.73 -0.94 8.48
CA LYS F 281 -31.88 -0.70 9.32
C LYS F 281 -33.16 -1.19 8.64
N GLU F 282 -34.23 -1.30 9.42
CA GLU F 282 -35.52 -1.71 8.87
C GLU F 282 -36.38 -0.50 8.52
N GLU F 283 -36.18 0.64 9.20
CA GLU F 283 -36.94 1.85 8.92
C GLU F 283 -36.69 2.37 7.50
N THR F 284 -35.49 2.16 6.96
CA THR F 284 -35.17 2.67 5.63
C THR F 284 -35.86 1.88 4.52
N VAL F 285 -35.98 0.55 4.65
CA VAL F 285 -36.66 -0.22 3.61
C VAL F 285 -38.16 0.04 3.65
N GLN F 286 -38.68 0.49 4.78
CA GLN F 286 -40.05 0.96 4.84
C GLN F 286 -40.19 2.29 4.10
N ALA F 287 -39.30 3.22 4.37
CA ALA F 287 -39.44 4.54 3.76
C ALA F 287 -39.48 4.45 2.25
N PHE F 288 -38.61 3.66 1.69
CA PHE F 288 -38.55 3.52 0.24
C PHE F 288 -39.89 3.04 -0.24
N LEU F 289 -40.49 2.11 0.50
CA LEU F 289 -41.75 1.53 0.05
C LEU F 289 -42.79 2.61 -0.08
N ASP F 290 -42.82 3.52 0.86
CA ASP F 290 -43.83 4.55 0.85
C ASP F 290 -43.74 5.48 -0.33
N LYS F 291 -42.55 5.95 -0.65
CA LYS F 291 -42.39 6.94 -1.71
C LYS F 291 -43.13 6.55 -2.96
N TYR F 292 -43.22 5.27 -3.25
CA TYR F 292 -43.84 4.85 -4.50
C TYR F 292 -45.10 4.01 -4.32
N GLY F 293 -45.52 3.71 -3.10
CA GLY F 293 -46.78 3.01 -2.89
C GLY F 293 -46.84 1.70 -2.14
N TYR F 294 -46.15 0.68 -2.67
CA TYR F 294 -46.22 -0.63 -2.04
C TYR F 294 -46.13 -0.61 -0.51
N CYS F 295 -46.94 -1.49 0.15
CA CYS F 295 -46.89 -1.58 1.61
C CYS F 295 -46.03 -2.75 1.96
N ASN F 296 -45.91 -3.69 1.04
CA ASN F 296 -45.03 -4.83 1.24
C ASN F 296 -44.27 -4.97 -0.07
N ILE F 297 -43.09 -5.58 0.00
CA ILE F 297 -42.25 -5.82 -1.17
C ILE F 297 -42.97 -6.74 -2.15
N PRO F 298 -43.24 -6.29 -3.38
CA PRO F 298 -43.96 -7.13 -4.37
C PRO F 298 -43.22 -8.41 -4.75
N VAL F 299 -43.93 -9.31 -5.43
CA VAL F 299 -43.42 -10.66 -5.66
C VAL F 299 -42.33 -10.64 -6.73
N GLY F 300 -41.29 -11.45 -6.49
CA GLY F 300 -40.17 -11.55 -7.41
C GLY F 300 -39.13 -10.44 -7.28
N TYR F 301 -39.34 -9.48 -6.39
CA TYR F 301 -38.45 -8.34 -6.25
C TYR F 301 -37.69 -8.41 -4.93
N GLU F 302 -36.46 -7.90 -4.96
CA GLU F 302 -35.58 -7.90 -3.80
C GLU F 302 -34.78 -6.61 -3.80
N VAL F 303 -34.66 -5.99 -2.62
CA VAL F 303 -33.97 -4.70 -2.51
C VAL F 303 -32.47 -4.91 -2.70
N HIS F 304 -31.81 -3.88 -3.22
CA HIS F 304 -30.40 -3.98 -3.57
C HIS F 304 -29.76 -2.61 -3.47
N HIS F 305 -28.53 -2.57 -2.95
CA HIS F 305 -27.75 -1.35 -2.84
C HIS F 305 -26.94 -1.17 -4.12
N ILE F 306 -27.07 0.00 -4.74
CA ILE F 306 -26.40 0.28 -6.02
C ILE F 306 -24.88 0.29 -5.83
N VAL F 307 -24.42 0.93 -4.77
CA VAL F 307 -23.04 0.78 -4.32
C VAL F 307 -23.04 -0.17 -3.12
N PRO F 308 -22.23 -1.23 -3.14
CA PRO F 308 -22.28 -2.25 -2.08
C PRO F 308 -21.91 -1.71 -0.71
N LEU F 309 -22.48 -2.32 0.32
CA LEU F 309 -22.30 -1.87 1.70
C LEU F 309 -21.05 -2.45 2.34
N SER F 310 -20.28 -3.23 1.60
CA SER F 310 -18.99 -3.70 2.06
C SER F 310 -17.83 -3.07 1.31
N GLN F 311 -18.06 -2.53 0.12
CA GLN F 311 -17.11 -1.68 -0.56
C GLN F 311 -17.38 -0.20 -0.30
N GLY F 312 -18.12 0.10 0.76
CA GLY F 312 -18.31 1.46 1.23
C GLY F 312 -19.51 2.07 0.56
N GLY F 313 -20.59 2.25 1.30
CA GLY F 313 -21.84 2.71 0.73
C GLY F 313 -22.76 3.16 1.84
N ALA F 314 -23.86 3.77 1.45
CA ALA F 314 -24.80 4.34 2.40
C ALA F 314 -26.05 3.48 2.51
N ASP F 315 -26.72 3.59 3.63
CA ASP F 315 -28.02 2.98 3.83
C ASP F 315 -29.01 4.13 3.75
N SER F 316 -29.62 4.31 2.58
CA SER F 316 -30.49 5.46 2.35
C SER F 316 -31.49 5.12 1.26
N ILE F 317 -32.43 6.03 1.05
CA ILE F 317 -33.39 5.90 -0.04
C ILE F 317 -32.74 6.14 -1.39
N LYS F 318 -31.63 6.87 -1.42
CA LYS F 318 -30.95 7.23 -2.66
C LYS F 318 -29.89 6.21 -3.05
N ASN F 319 -29.89 5.04 -2.42
CA ASN F 319 -28.97 3.96 -2.78
C ASN F 319 -29.73 2.63 -2.76
N MET F 320 -30.95 2.63 -3.29
CA MET F 320 -31.77 1.42 -3.24
C MET F 320 -32.59 1.30 -4.51
N ILE F 321 -32.63 0.08 -5.05
CA ILE F 321 -33.40 -0.25 -6.24
C ILE F 321 -33.96 -1.65 -6.04
N MET F 322 -35.16 -1.88 -6.56
CA MET F 322 -35.80 -3.19 -6.52
C MET F 322 -35.58 -3.88 -7.86
N LEU F 323 -34.96 -5.04 -7.83
CA LEU F 323 -34.64 -5.80 -9.04
C LEU F 323 -35.39 -7.12 -9.03
N SER F 324 -35.70 -7.62 -10.23
CA SER F 324 -36.32 -8.93 -10.37
C SER F 324 -35.34 -10.01 -9.91
N ILE F 325 -35.90 -11.10 -9.36
CA ILE F 325 -35.20 -12.18 -8.67
C ILE F 325 -34.05 -12.79 -9.48
N GLU F 326 -34.15 -12.78 -10.81
CA GLU F 326 -33.09 -13.30 -11.66
C GLU F 326 -32.07 -12.21 -11.93
N HIS F 327 -32.55 -10.97 -12.10
CA HIS F 327 -31.66 -9.83 -12.29
C HIS F 327 -30.82 -9.57 -11.05
N HIS F 328 -31.35 -9.89 -9.87
CA HIS F 328 -30.54 -9.79 -8.65
C HIS F 328 -29.46 -10.86 -8.62
N GLU F 329 -29.67 -12.00 -9.29
CA GLU F 329 -28.64 -13.04 -9.32
C GLU F 329 -27.45 -12.63 -10.20
N ARG F 330 -27.69 -11.84 -11.24
CA ARG F 330 -26.60 -11.41 -12.12
C ARG F 330 -25.67 -10.45 -11.41
N VAL F 331 -26.24 -9.44 -10.73
CA VAL F 331 -25.42 -8.41 -10.09
C VAL F 331 -24.66 -8.97 -8.89
N THR F 332 -25.25 -9.90 -8.15
CA THR F 332 -24.65 -10.40 -6.91
C THR F 332 -23.44 -11.31 -7.14
N GLU F 333 -23.15 -11.63 -8.38
CA GLU F 333 -22.04 -12.51 -8.75
C GLU F 333 -21.03 -11.81 -9.66
N ALA F 334 -21.50 -10.94 -10.56
CA ALA F 334 -20.62 -10.15 -11.41
C ALA F 334 -19.73 -9.23 -10.57
N HIS F 335 -20.24 -8.72 -9.46
CA HIS F 335 -19.40 -7.91 -8.61
C HIS F 335 -18.45 -8.81 -7.90
N ALA F 336 -18.95 -9.93 -7.42
CA ALA F 336 -18.14 -10.84 -6.60
C ALA F 336 -16.84 -11.23 -7.29
N SER F 337 -16.87 -11.38 -8.61
CA SER F 337 -15.65 -11.63 -9.37
C SER F 337 -14.74 -10.40 -9.38
N TYR F 338 -15.31 -9.23 -9.65
CA TYR F 338 -14.52 -8.00 -9.74
C TYR F 338 -14.03 -7.52 -8.38
N PHE F 339 -14.77 -7.80 -7.31
CA PHE F 339 -14.34 -7.44 -5.97
C PHE F 339 -13.67 -8.59 -5.23
N LYS F 340 -13.45 -9.72 -5.91
CA LYS F 340 -12.75 -10.90 -5.41
C LYS F 340 -13.38 -11.49 -4.14
N THR G 1 42.46 -36.11 16.91
CA THR G 1 42.36 -35.98 15.48
C THR G 1 40.94 -36.26 15.05
N LEU G 2 40.28 -35.28 14.43
CA LEU G 2 38.90 -35.44 14.02
C LEU G 2 37.99 -35.45 15.23
N LYS G 3 37.43 -34.31 15.56
CA LYS G 3 36.59 -34.19 16.75
C LYS G 3 35.15 -33.80 16.44
N SER G 4 34.80 -33.67 15.16
CA SER G 4 33.46 -33.29 14.71
C SER G 4 33.30 -33.52 13.22
N ARG G 5 32.10 -33.36 12.72
CA ARG G 5 31.87 -33.34 11.29
C ARG G 5 32.10 -31.93 10.76
N PRO G 6 32.52 -31.79 9.50
CA PRO G 6 32.79 -30.45 8.95
C PRO G 6 31.52 -29.62 8.81
N GLU G 7 31.74 -28.32 8.67
CA GLU G 7 30.66 -27.34 8.70
C GLU G 7 29.86 -27.34 7.40
N ASN G 8 30.45 -27.79 6.30
CA ASN G 8 29.78 -27.92 4.99
C ASN G 8 30.15 -29.30 4.45
N LEU G 9 29.27 -30.27 4.65
CA LEU G 9 29.41 -31.60 4.07
C LEU G 9 28.17 -31.94 3.26
N SER G 10 28.37 -32.46 2.05
CA SER G 10 27.28 -32.81 1.16
C SER G 10 27.72 -33.92 0.23
N PHE G 11 26.80 -34.82 -0.08
CA PHE G 11 27.00 -35.90 -1.04
C PHE G 11 25.99 -35.79 -2.17
N ALA G 12 26.42 -36.18 -3.36
CA ALA G 12 25.54 -36.28 -4.50
C ALA G 12 25.00 -37.69 -4.62
N ARG G 13 23.84 -37.81 -5.26
CA ARG G 13 23.22 -39.12 -5.42
C ARG G 13 23.88 -39.88 -6.57
N CYS G 14 23.91 -41.21 -6.42
CA CYS G 14 24.57 -42.08 -7.39
C CYS G 14 23.59 -42.93 -8.17
N LEU G 15 22.30 -42.62 -8.10
CA LEU G 15 21.28 -43.44 -8.77
C LEU G 15 20.28 -42.45 -9.36
N ASN G 16 20.57 -41.96 -10.57
CA ASN G 16 19.76 -40.94 -11.21
C ASN G 16 18.63 -41.57 -12.01
N THR G 17 17.40 -41.14 -11.73
CA THR G 17 16.22 -41.71 -12.37
C THR G 17 15.48 -40.63 -13.16
N THR G 18 15.04 -40.98 -14.35
CA THR G 18 14.31 -40.08 -15.23
C THR G 18 12.83 -40.08 -14.89
N GLU G 19 12.13 -39.04 -15.34
CA GLU G 19 10.68 -39.00 -15.19
C GLU G 19 10.03 -39.98 -16.15
N ALA G 20 8.86 -40.47 -15.75
CA ALA G 20 8.18 -41.53 -16.48
C ALA G 20 7.11 -40.97 -17.41
N LYS G 21 6.81 -41.73 -18.46
CA LYS G 21 5.80 -41.39 -19.44
C LYS G 21 4.86 -42.57 -19.63
N PHE G 22 3.60 -42.29 -19.93
CA PHE G 22 2.57 -43.32 -19.97
C PHE G 22 2.13 -43.51 -21.42
N TRP G 23 1.85 -44.76 -21.80
CA TRP G 23 1.26 -45.04 -23.10
C TRP G 23 0.17 -46.10 -22.91
N GLN G 24 -0.60 -46.35 -23.97
CA GLN G 24 -1.59 -47.42 -23.96
C GLN G 24 -1.40 -48.29 -25.19
N THR G 25 -1.46 -49.61 -25.00
CA THR G 25 -1.31 -50.60 -26.08
C THR G 25 -2.40 -51.66 -25.93
N ASP G 26 -2.25 -52.75 -26.66
CA ASP G 26 -2.94 -54.01 -26.44
C ASP G 26 -1.91 -55.09 -26.19
N PHE G 27 -2.28 -56.13 -25.44
CA PHE G 27 -1.28 -57.11 -25.00
C PHE G 27 -0.79 -58.00 -26.12
N LEU G 28 -1.64 -58.38 -27.06
CA LEU G 28 -1.21 -59.27 -28.15
C LEU G 28 -0.63 -58.50 -29.32
N LYS G 29 -0.58 -57.19 -29.23
CA LYS G 29 0.07 -56.33 -30.23
C LYS G 29 0.91 -55.29 -29.53
N ARG G 30 1.67 -55.64 -28.58
CA ARG G 30 2.41 -54.67 -27.78
C ARG G 30 3.77 -54.36 -28.23
N HIS G 31 4.32 -55.25 -29.05
CA HIS G 31 5.64 -54.96 -29.60
C HIS G 31 5.58 -54.15 -30.89
N THR G 32 4.38 -53.72 -31.30
CA THR G 32 4.23 -53.04 -32.58
C THR G 32 3.27 -51.85 -32.59
N PHE G 33 2.81 -51.38 -31.43
CA PHE G 33 1.66 -50.47 -31.45
C PHE G 33 1.62 -49.72 -30.13
N LYS G 34 1.67 -48.39 -30.19
CA LYS G 34 1.55 -47.56 -29.00
C LYS G 34 0.83 -46.26 -29.32
N LEU G 35 0.01 -45.81 -28.37
CA LEU G 35 -0.82 -44.61 -28.48
C LEU G 35 -0.57 -43.74 -27.27
N PRO G 36 -0.89 -42.45 -27.33
CA PRO G 36 -0.74 -41.61 -26.13
C PRO G 36 -1.94 -41.61 -25.21
N LEU G 37 -1.63 -41.37 -23.93
CA LEU G 37 -2.63 -41.26 -22.86
C LEU G 37 -2.66 -39.83 -22.33
N LEU G 38 -3.86 -39.31 -22.14
CA LEU G 38 -4.03 -37.90 -21.77
C LEU G 38 -4.94 -37.78 -20.57
N ILE G 39 -4.82 -36.64 -19.89
CA ILE G 39 -5.58 -36.36 -18.68
C ILE G 39 -6.77 -35.49 -19.05
N THR G 40 -7.96 -35.86 -18.56
CA THR G 40 -9.18 -35.13 -18.82
C THR G 40 -9.58 -34.32 -17.59
N ASP G 41 -10.46 -33.35 -17.83
CA ASP G 41 -10.97 -32.46 -16.79
C ASP G 41 -12.42 -32.83 -16.49
N LYS G 42 -12.70 -33.12 -15.22
CA LYS G 42 -14.02 -33.54 -14.80
C LYS G 42 -14.37 -32.89 -13.47
N ALA G 43 -15.39 -32.04 -13.45
CA ALA G 43 -15.78 -31.40 -12.21
C ALA G 43 -16.75 -32.21 -11.40
N VAL G 44 -16.66 -32.12 -10.08
CA VAL G 44 -17.52 -32.89 -9.20
C VAL G 44 -18.38 -31.99 -8.31
N LEU G 45 -18.94 -32.54 -7.23
CA LEU G 45 -19.84 -31.77 -6.36
C LEU G 45 -19.24 -30.42 -6.02
N ALA G 46 -20.06 -29.36 -5.96
CA ALA G 46 -19.47 -28.03 -5.76
C ALA G 46 -20.04 -27.32 -4.59
N SER G 47 -19.43 -26.18 -4.25
CA SER G 47 -19.87 -25.44 -3.09
C SER G 47 -20.87 -24.35 -3.48
N GLN G 67 -16.72 -28.79 -7.34
CA GLN G 67 -15.27 -28.80 -7.25
C GLN G 67 -14.65 -29.22 -8.57
N LYS G 68 -13.55 -28.59 -8.95
CA LYS G 68 -12.85 -28.91 -10.19
C LYS G 68 -11.80 -29.99 -9.92
N SER G 69 -11.80 -31.03 -10.74
CA SER G 69 -10.91 -32.16 -10.54
C SER G 69 -10.42 -32.68 -11.90
N GLN G 70 -9.41 -33.53 -11.85
CA GLN G 70 -8.83 -34.13 -13.05
C GLN G 70 -8.76 -35.64 -12.87
N SER G 71 -8.85 -36.36 -13.98
CA SER G 71 -8.77 -37.79 -13.93
C SER G 71 -8.15 -38.38 -15.18
N CYS G 72 -7.70 -39.61 -15.12
CA CYS G 72 -7.07 -40.31 -16.22
C CYS G 72 -7.67 -41.69 -16.35
N THR G 73 -7.95 -42.11 -17.58
CA THR G 73 -8.54 -43.42 -17.82
C THR G 73 -8.11 -43.89 -19.21
N LEU G 74 -8.18 -45.20 -19.41
CA LEU G 74 -7.76 -45.80 -20.67
C LEU G 74 -8.88 -45.67 -21.71
N SER G 75 -8.62 -46.21 -22.89
CA SER G 75 -9.60 -46.19 -23.97
C SER G 75 -10.49 -47.42 -23.89
N THR G 76 -11.49 -47.48 -24.76
CA THR G 76 -12.42 -48.60 -24.80
C THR G 76 -11.90 -49.72 -25.69
N GLU G 77 -10.79 -49.48 -26.40
CA GLU G 77 -10.19 -50.48 -27.27
C GLU G 77 -8.80 -50.90 -26.81
N CYS G 78 -8.37 -50.46 -25.63
CA CYS G 78 -7.02 -50.77 -25.13
C CYS G 78 -7.05 -51.45 -23.76
N ASP G 79 -6.20 -52.45 -23.55
CA ASP G 79 -6.19 -53.18 -22.29
C ASP G 79 -4.89 -53.07 -21.50
N THR G 80 -4.00 -52.15 -21.81
CA THR G 80 -2.71 -52.13 -21.13
C THR G 80 -2.00 -50.80 -20.95
N LEU G 81 -1.23 -50.65 -19.89
CA LEU G 81 -0.45 -49.45 -19.61
C LEU G 81 1.02 -49.74 -19.87
N ARG G 82 1.71 -48.78 -20.49
CA ARG G 82 3.12 -48.91 -20.80
C ARG G 82 3.88 -47.76 -20.14
N ILE G 83 4.85 -48.10 -19.30
CA ILE G 83 5.64 -47.13 -18.53
C ILE G 83 7.10 -47.25 -18.94
N ASP G 84 7.71 -46.13 -19.37
CA ASP G 84 9.10 -46.11 -19.77
C ASP G 84 9.86 -45.11 -18.91
N PHE G 85 11.01 -45.53 -18.38
CA PHE G 85 11.89 -44.64 -17.63
C PHE G 85 13.32 -45.16 -17.73
N GLY G 86 14.27 -44.34 -17.29
CA GLY G 86 15.67 -44.69 -17.41
C GLY G 86 16.43 -44.35 -16.16
N ILE G 87 17.55 -45.07 -15.97
CA ILE G 87 18.37 -44.94 -14.77
C ILE G 87 19.83 -44.74 -15.18
N LYS G 88 20.51 -43.82 -14.49
CA LYS G 88 21.95 -43.59 -14.64
C LYS G 88 22.65 -43.90 -13.33
N VAL G 89 23.66 -44.77 -13.37
CA VAL G 89 24.42 -45.19 -12.20
C VAL G 89 25.81 -44.54 -12.24
N LEU G 90 26.28 -44.06 -11.11
CA LEU G 90 27.53 -43.33 -10.97
C LEU G 90 28.36 -43.88 -9.82
N PRO G 91 29.69 -43.72 -9.87
CA PRO G 91 30.54 -44.21 -8.76
C PRO G 91 30.32 -43.46 -7.45
N VAL G 92 30.70 -44.11 -6.36
CA VAL G 92 30.40 -43.63 -5.02
C VAL G 92 31.49 -42.71 -4.48
N LYS G 93 32.77 -43.02 -4.75
CA LYS G 93 33.87 -42.18 -4.27
C LYS G 93 33.86 -40.81 -4.95
N GLU G 94 33.51 -40.77 -6.24
CA GLU G 94 33.40 -39.51 -6.97
C GLU G 94 32.01 -38.91 -6.83
N SER G 95 31.53 -38.76 -5.59
CA SER G 95 30.20 -38.23 -5.35
C SER G 95 30.15 -37.33 -4.12
N MET G 96 31.27 -36.81 -3.68
CA MET G 96 31.26 -35.86 -2.60
C MET G 96 31.36 -34.50 -3.24
N TYR G 97 30.44 -33.61 -2.93
CA TYR G 97 30.38 -32.32 -3.59
C TYR G 97 31.05 -31.22 -2.78
N SER G 98 31.09 -31.33 -1.46
CA SER G 98 31.73 -30.31 -0.63
C SER G 98 32.17 -30.95 0.69
N CYS G 99 33.38 -30.60 1.14
CA CYS G 99 33.87 -31.05 2.44
C CYS G 99 34.95 -30.06 2.90
N SER G 100 34.63 -29.26 3.91
CA SER G 100 35.56 -28.25 4.41
C SER G 100 36.51 -28.79 5.48
N ASP G 101 37.05 -29.99 5.24
CA ASP G 101 38.17 -30.56 6.00
C ASP G 101 38.76 -31.73 5.20
N TYR G 102 40.03 -31.63 4.82
CA TYR G 102 40.66 -32.65 3.97
C TYR G 102 40.86 -33.99 4.69
N ASN G 103 41.02 -33.95 6.02
CA ASN G 103 41.24 -35.16 6.80
C ASN G 103 40.01 -36.06 6.79
N TYR G 104 38.83 -35.43 6.90
CA TYR G 104 37.56 -36.16 6.86
C TYR G 104 37.35 -36.80 5.49
N ARG G 105 37.79 -36.14 4.42
CA ARG G 105 37.69 -36.68 3.07
C ARG G 105 38.57 -37.91 2.91
N THR G 106 39.81 -37.84 3.43
CA THR G 106 40.71 -39.00 3.38
C THR G 106 40.17 -40.17 4.20
N ALA G 107 39.56 -39.88 5.37
CA ALA G 107 38.97 -40.93 6.20
C ALA G 107 37.79 -41.61 5.50
N ILE G 108 36.91 -40.82 4.87
CA ILE G 108 35.79 -41.37 4.11
C ILE G 108 36.27 -42.24 2.96
N TYR G 109 37.31 -41.79 2.24
CA TYR G 109 37.81 -42.54 1.09
C TYR G 109 38.44 -43.86 1.52
N GLN G 110 39.10 -43.87 2.68
CA GLN G 110 39.67 -45.11 3.22
C GLN G 110 38.58 -46.10 3.64
N LYS G 111 37.50 -45.62 4.26
CA LYS G 111 36.44 -46.54 4.67
C LYS G 111 35.67 -47.11 3.46
N ILE G 112 35.48 -46.31 2.41
CA ILE G 112 34.87 -46.84 1.19
C ILE G 112 35.78 -47.87 0.53
N ASP G 113 37.10 -47.66 0.58
CA ASP G 113 38.02 -48.65 0.02
C ASP G 113 38.01 -49.95 0.84
N GLU G 114 37.81 -49.85 2.16
CA GLU G 114 37.65 -51.07 2.97
C GLU G 114 36.37 -51.83 2.61
N TYR G 115 35.27 -51.11 2.36
CA TYR G 115 34.05 -51.79 1.92
C TYR G 115 34.23 -52.46 0.55
N ILE G 116 34.88 -51.78 -0.40
CA ILE G 116 35.14 -52.40 -1.72
C ILE G 116 36.09 -53.59 -1.59
N ALA G 117 36.94 -53.60 -0.56
CA ALA G 117 37.72 -54.80 -0.28
C ALA G 117 36.84 -55.97 0.20
N GLU G 118 36.00 -55.74 1.22
CA GLU G 118 35.15 -56.85 1.69
C GLU G 118 34.08 -57.30 0.70
N ASP G 119 33.10 -56.44 0.44
CA ASP G 119 32.03 -56.76 -0.49
C ASP G 119 32.30 -56.01 -1.80
N GLY G 120 31.60 -56.36 -2.87
CA GLY G 120 31.85 -55.62 -4.09
C GLY G 120 30.74 -54.64 -4.42
N PHE G 121 30.11 -54.08 -3.39
CA PHE G 121 28.83 -53.36 -3.49
C PHE G 121 27.78 -54.22 -4.20
N LEU G 122 27.70 -55.49 -3.81
CA LEU G 122 26.91 -56.46 -4.56
C LEU G 122 25.60 -56.84 -3.89
N THR G 123 25.54 -56.88 -2.56
CA THR G 123 24.29 -57.17 -1.87
C THR G 123 23.27 -56.06 -2.08
N LEU G 124 23.73 -54.80 -1.97
CA LEU G 124 22.88 -53.65 -2.18
C LEU G 124 22.38 -53.58 -3.63
N ALA G 125 23.26 -53.87 -4.59
CA ALA G 125 22.89 -53.81 -6.01
C ALA G 125 21.91 -54.92 -6.37
N LYS G 126 22.08 -56.10 -5.76
CA LYS G 126 21.12 -57.18 -5.94
C LYS G 126 19.75 -56.79 -5.41
N ARG G 127 19.71 -56.10 -4.27
CA ARG G 127 18.45 -55.63 -3.72
C ARG G 127 17.81 -54.55 -4.60
N TYR G 128 18.62 -53.64 -5.14
CA TYR G 128 18.12 -52.59 -6.05
C TYR G 128 17.55 -53.17 -7.33
N VAL G 129 18.23 -54.15 -7.93
CA VAL G 129 17.72 -54.82 -9.13
C VAL G 129 16.48 -55.65 -8.81
N ASN G 130 16.35 -56.09 -7.54
CA ASN G 130 15.20 -56.90 -7.17
C ASN G 130 14.01 -56.00 -7.07
N ASN G 131 14.19 -54.80 -6.63
CA ASN G 131 13.05 -53.88 -6.60
C ASN G 131 12.60 -53.46 -7.99
N ILE G 132 13.48 -53.54 -9.00
CA ILE G 132 13.03 -53.40 -10.39
C ILE G 132 12.23 -54.63 -10.80
N ALA G 133 12.68 -55.82 -10.38
CA ALA G 133 12.02 -57.07 -10.79
C ALA G 133 10.64 -57.22 -10.14
N ASN G 134 10.48 -56.81 -8.88
CA ASN G 134 9.20 -56.92 -8.20
C ASN G 134 8.14 -55.97 -8.72
N ALA G 135 8.54 -54.96 -9.53
CA ALA G 135 7.67 -53.89 -10.03
C ALA G 135 7.01 -53.12 -8.88
N ARG G 136 7.84 -52.63 -7.96
CA ARG G 136 7.38 -51.84 -6.84
C ARG G 136 7.03 -50.42 -7.22
N PHE G 137 7.51 -49.95 -8.37
CA PHE G 137 7.24 -48.58 -8.82
C PHE G 137 5.81 -48.38 -9.29
N LEU G 138 5.05 -49.47 -9.45
CA LEU G 138 3.68 -49.43 -9.94
C LEU G 138 2.72 -49.29 -8.77
N TRP G 139 2.85 -48.18 -8.01
CA TRP G 139 2.28 -48.04 -6.66
C TRP G 139 0.81 -48.42 -6.46
N ARG G 140 -0.12 -47.67 -7.03
CA ARG G 140 -1.50 -48.12 -6.95
C ARG G 140 -1.88 -48.92 -8.20
N ASN G 141 -1.03 -48.92 -9.22
CA ASN G 141 -1.31 -49.58 -10.49
C ASN G 141 -0.87 -51.03 -10.50
N ARG G 142 -0.61 -51.62 -9.34
CA ARG G 142 -0.30 -53.03 -9.21
C ARG G 142 -1.48 -53.81 -8.64
N LYS G 143 -2.42 -53.13 -8.00
CA LYS G 143 -3.63 -53.73 -7.46
C LYS G 143 -4.62 -53.94 -8.61
N GLY G 144 -4.86 -55.19 -8.96
CA GLY G 144 -5.85 -55.52 -9.95
C GLY G 144 -5.32 -55.84 -11.33
N ALA G 145 -4.05 -56.17 -11.45
CA ALA G 145 -3.45 -56.48 -12.74
C ALA G 145 -3.36 -58.00 -12.91
N GLU G 146 -3.59 -58.45 -14.14
CA GLU G 146 -3.52 -59.87 -14.43
C GLU G 146 -2.14 -60.31 -14.89
N ILE G 147 -1.49 -59.58 -15.80
CA ILE G 147 -0.14 -59.90 -16.24
C ILE G 147 0.70 -58.64 -16.14
N ILE G 148 1.84 -58.74 -15.45
CA ILE G 148 2.84 -57.68 -15.40
C ILE G 148 4.15 -58.24 -15.92
N GLU G 149 4.74 -57.56 -16.90
CA GLU G 149 6.03 -57.97 -17.47
C GLU G 149 6.97 -56.75 -17.50
N THR G 150 8.21 -56.96 -17.06
CA THR G 150 9.21 -55.90 -17.00
C THR G 150 10.45 -56.33 -17.79
N ILE G 151 10.91 -55.46 -18.69
CA ILE G 151 12.05 -55.72 -19.56
C ILE G 151 13.12 -54.65 -19.33
N VAL G 152 14.37 -55.08 -19.19
CA VAL G 152 15.49 -54.22 -18.85
C VAL G 152 16.50 -54.26 -19.99
N THR G 153 16.94 -53.08 -20.45
CA THR G 153 17.90 -52.97 -21.54
C THR G 153 19.11 -52.15 -21.11
N ILE G 154 20.30 -52.73 -21.30
CA ILE G 154 21.58 -52.03 -21.14
C ILE G 154 22.29 -52.09 -22.47
N GLU G 155 22.66 -50.92 -23.00
CA GLU G 155 23.36 -50.71 -24.27
C GLU G 155 22.47 -51.15 -25.44
N ASP G 156 22.78 -52.30 -26.03
CA ASP G 156 21.99 -52.82 -27.14
C ASP G 156 21.64 -54.28 -26.89
N LYS G 157 21.59 -54.68 -25.62
CA LYS G 157 21.22 -56.03 -25.25
C LYS G 157 19.95 -55.99 -24.42
N GLU G 158 18.92 -56.69 -24.89
CA GLU G 158 17.71 -56.89 -24.12
C GLU G 158 17.84 -58.16 -23.30
N TYR G 159 17.43 -58.08 -22.09
CA TYR G 159 17.53 -59.22 -21.22
C TYR G 159 16.22 -59.97 -21.18
N PRO G 160 16.25 -61.28 -20.84
CA PRO G 160 15.02 -62.04 -20.62
C PRO G 160 14.07 -61.40 -19.62
N SER G 161 12.77 -61.52 -19.87
CA SER G 161 11.80 -60.69 -19.19
C SER G 161 11.56 -61.20 -17.77
N PHE G 162 10.71 -60.49 -17.04
CA PHE G 162 10.43 -60.76 -15.65
C PHE G 162 8.93 -60.88 -15.44
N ASN G 163 8.50 -61.99 -14.85
CA ASN G 163 7.13 -62.09 -14.39
C ASN G 163 7.09 -61.48 -12.99
N SER G 164 6.50 -60.29 -12.89
CA SER G 164 6.60 -59.48 -11.67
C SER G 164 5.53 -59.81 -10.65
N LYS G 165 4.80 -60.91 -10.85
CA LYS G 165 3.82 -61.37 -9.88
C LYS G 165 4.19 -62.72 -9.31
N SER G 166 5.37 -63.24 -9.65
CA SER G 166 5.95 -64.41 -9.02
C SER G 166 6.94 -64.05 -7.94
N PHE G 167 7.18 -62.76 -7.73
CA PHE G 167 8.08 -62.27 -6.69
C PHE G 167 7.25 -61.77 -5.51
N ASN G 168 7.72 -62.05 -4.31
CA ASN G 168 7.09 -61.54 -3.12
C ASN G 168 7.71 -60.18 -2.81
N LEU G 169 6.88 -59.27 -2.28
CA LEU G 169 7.31 -57.93 -1.95
C LEU G 169 7.87 -57.82 -0.54
N ASP G 170 8.20 -58.95 0.08
CA ASP G 170 8.73 -58.95 1.44
C ASP G 170 9.94 -59.86 1.58
N THR G 171 10.49 -60.35 0.47
CA THR G 171 11.57 -61.32 0.47
C THR G 171 12.48 -61.01 -0.72
N PHE G 172 13.79 -61.15 -0.53
CA PHE G 172 14.77 -60.81 -1.55
C PHE G 172 15.42 -62.08 -2.08
N VAL G 173 15.51 -62.18 -3.40
CA VAL G 173 15.96 -63.37 -4.11
C VAL G 173 17.41 -63.20 -4.51
N GLU G 174 18.22 -64.25 -4.32
CA GLU G 174 19.65 -64.20 -4.60
C GLU G 174 20.12 -65.32 -5.52
N ASP G 175 19.23 -65.93 -6.28
CA ASP G 175 19.60 -67.04 -7.15
C ASP G 175 19.01 -66.96 -8.55
N ASN G 176 18.69 -65.76 -9.02
CA ASN G 176 18.17 -65.56 -10.36
C ASN G 176 19.30 -65.05 -11.24
N ALA G 177 19.41 -65.59 -12.45
CA ALA G 177 20.57 -65.32 -13.31
C ALA G 177 20.57 -63.89 -13.85
N THR G 178 19.40 -63.42 -14.31
CA THR G 178 19.30 -62.08 -14.91
C THR G 178 19.56 -60.98 -13.87
N ILE G 179 19.02 -61.18 -12.66
CA ILE G 179 19.25 -60.25 -11.55
C ILE G 179 20.73 -60.18 -11.22
N ASN G 180 21.41 -61.34 -11.24
CA ASN G 180 22.84 -61.40 -10.94
C ASN G 180 23.67 -60.68 -12.00
N GLU G 181 23.36 -60.87 -13.29
CA GLU G 181 24.21 -60.30 -14.33
C GLU G 181 24.02 -58.79 -14.44
N ILE G 182 22.80 -58.28 -14.18
CA ILE G 182 22.66 -56.83 -14.08
C ILE G 182 23.33 -56.29 -12.82
N ALA G 183 23.20 -57.00 -11.69
CA ALA G 183 23.67 -56.51 -10.40
C ALA G 183 25.19 -56.44 -10.34
N GLN G 184 25.88 -57.37 -11.02
CA GLN G 184 27.33 -57.32 -11.08
C GLN G 184 27.83 -56.08 -11.82
N GLN G 185 27.16 -55.70 -12.92
CA GLN G 185 27.54 -54.49 -13.65
C GLN G 185 27.27 -53.23 -12.84
N ILE G 186 26.14 -53.18 -12.13
CA ILE G 186 25.86 -52.04 -11.26
C ILE G 186 26.87 -51.96 -10.12
N ALA G 187 27.30 -53.12 -9.62
CA ALA G 187 28.32 -53.17 -8.57
C ALA G 187 29.67 -52.66 -9.05
N ASP G 188 30.08 -53.08 -10.25
CA ASP G 188 31.34 -52.60 -10.84
C ASP G 188 31.29 -51.11 -11.14
N THR G 189 30.12 -50.59 -11.52
CA THR G 189 29.96 -49.15 -11.70
C THR G 189 30.06 -48.42 -10.37
N PHE G 190 29.50 -49.01 -9.30
CA PHE G 190 29.55 -48.41 -7.98
C PHE G 190 30.97 -48.40 -7.42
N ALA G 191 31.76 -49.42 -7.74
CA ALA G 191 33.11 -49.52 -7.20
C ALA G 191 34.05 -48.50 -7.83
N GLY G 192 34.10 -48.45 -9.16
CA GLY G 192 35.03 -47.57 -9.83
C GLY G 192 35.66 -48.18 -11.06
N LYS G 193 35.30 -49.41 -11.38
CA LYS G 193 35.85 -50.10 -12.54
C LYS G 193 35.18 -49.70 -13.84
N ARG G 194 34.13 -48.88 -13.79
CA ARG G 194 33.45 -48.37 -14.95
C ARG G 194 32.83 -47.03 -14.58
N GLU G 195 32.97 -46.04 -15.47
CA GLU G 195 32.69 -44.66 -15.10
C GLU G 195 31.20 -44.33 -15.03
N TYR G 196 30.34 -45.08 -15.73
CA TYR G 196 28.93 -44.75 -15.85
C TYR G 196 28.19 -45.98 -16.37
N LEU G 197 26.89 -46.05 -16.08
CA LEU G 197 26.02 -47.08 -16.64
C LEU G 197 24.62 -46.51 -16.83
N ASN G 198 24.03 -46.77 -17.99
CA ASN G 198 22.69 -46.29 -18.33
C ASN G 198 21.76 -47.48 -18.55
N ILE G 199 20.66 -47.52 -17.79
CA ILE G 199 19.70 -48.63 -17.80
C ILE G 199 18.33 -48.08 -18.15
N TYR G 200 17.65 -48.71 -19.11
CA TYR G 200 16.34 -48.29 -19.57
C TYR G 200 15.31 -49.41 -19.33
N VAL G 201 14.21 -49.07 -18.67
CA VAL G 201 13.21 -50.02 -18.19
C VAL G 201 11.87 -49.76 -18.88
N THR G 202 11.18 -50.84 -19.27
CA THR G 202 9.85 -50.78 -19.86
C THR G 202 8.95 -51.82 -19.19
N CYS G 203 7.77 -51.38 -18.70
CA CYS G 203 6.83 -52.25 -18.01
C CYS G 203 5.49 -52.28 -18.73
N PHE G 204 4.86 -53.45 -18.77
CA PHE G 204 3.56 -53.67 -19.40
C PHE G 204 2.57 -54.19 -18.36
N VAL G 205 1.55 -53.40 -18.04
CA VAL G 205 0.57 -53.74 -17.01
C VAL G 205 -0.80 -53.89 -17.66
N LYS G 206 -1.43 -55.06 -17.53
CA LYS G 206 -2.76 -55.32 -18.10
C LYS G 206 -3.81 -55.12 -17.05
N ILE G 207 -4.53 -54.05 -17.10
CA ILE G 207 -5.52 -53.69 -16.08
C ILE G 207 -6.95 -53.79 -16.60
N GLY G 208 -7.15 -54.20 -17.85
CA GLY G 208 -8.48 -54.28 -18.40
C GLY G 208 -8.90 -53.00 -19.12
N CYS G 209 -9.95 -53.13 -19.94
CA CYS G 209 -10.38 -52.06 -20.82
C CYS G 209 -11.13 -50.98 -20.07
N ALA G 210 -10.84 -49.72 -20.43
CA ALA G 210 -11.51 -48.51 -19.95
C ALA G 210 -11.38 -48.30 -18.45
N MET G 211 -10.36 -48.89 -17.83
CA MET G 211 -10.18 -48.76 -16.39
C MET G 211 -9.29 -47.57 -16.06
N GLU G 212 -9.11 -47.34 -14.77
CA GLU G 212 -8.50 -46.10 -14.31
C GLU G 212 -7.00 -46.26 -14.12
N VAL G 213 -6.28 -45.22 -14.49
CA VAL G 213 -4.82 -45.13 -14.36
C VAL G 213 -4.56 -43.99 -13.37
N TYR G 214 -3.60 -44.22 -12.47
CA TYR G 214 -3.33 -43.29 -11.37
C TYR G 214 -1.98 -42.61 -11.58
N PRO G 215 -1.94 -41.40 -12.14
CA PRO G 215 -0.67 -40.66 -12.23
C PRO G 215 -0.23 -40.08 -10.89
N SER G 216 0.83 -39.29 -10.91
CA SER G 216 1.29 -38.59 -9.73
C SER G 216 0.57 -37.26 -9.64
N GLN G 217 0.20 -36.89 -8.42
CA GLN G 217 -0.53 -35.65 -8.17
C GLN G 217 0.46 -34.56 -7.79
N GLU G 218 0.20 -33.35 -8.25
CA GLU G 218 1.11 -32.23 -8.05
C GLU G 218 0.74 -31.46 -6.79
N MET G 219 1.63 -30.72 -6.25
CA MET G 219 1.37 -30.01 -5.02
C MET G 219 1.08 -28.58 -5.29
N THR G 220 -0.12 -28.19 -5.12
CA THR G 220 -0.52 -26.83 -5.37
C THR G 220 -0.25 -26.01 -4.15
N PHE G 221 1.00 -25.61 -3.99
CA PHE G 221 1.38 -24.80 -2.85
C PHE G 221 0.50 -23.58 -2.86
N ASP G 222 -0.01 -23.21 -4.02
CA ASP G 222 -0.83 -22.00 -4.13
C ASP G 222 -2.22 -22.28 -4.65
N ASP G 223 -3.10 -21.30 -4.54
CA ASP G 223 -4.46 -21.46 -5.03
C ASP G 223 -4.58 -20.95 -6.46
N LYS G 226 -7.77 -24.43 -5.18
CA LYS G 226 -8.36 -25.34 -6.15
C LYS G 226 -8.25 -26.80 -5.71
N GLY G 227 -8.42 -27.70 -6.66
CA GLY G 227 -8.47 -29.12 -6.35
C GLY G 227 -7.35 -29.96 -6.92
N LYS G 228 -7.69 -31.15 -7.40
CA LYS G 228 -6.73 -32.12 -7.89
C LYS G 228 -6.08 -31.65 -9.20
N LYS G 229 -4.76 -31.71 -9.24
CA LYS G 229 -3.99 -31.35 -10.44
C LYS G 229 -2.94 -32.43 -10.68
N LEU G 230 -3.14 -33.24 -11.72
CA LEU G 230 -2.24 -34.34 -12.01
C LEU G 230 -1.04 -33.86 -12.82
N PHE G 231 -0.11 -34.79 -13.07
CA PHE G 231 1.18 -34.50 -13.69
C PHE G 231 1.15 -34.76 -15.18
N LYS G 232 1.66 -33.80 -15.95
CA LYS G 232 1.77 -33.92 -17.39
C LYS G 232 3.24 -33.84 -17.78
N PHE G 233 3.74 -34.88 -18.43
CA PHE G 233 5.10 -34.92 -18.95
C PHE G 233 5.02 -35.06 -20.47
N GLU G 234 5.41 -33.99 -21.17
CA GLU G 234 5.44 -33.90 -22.64
C GLU G 234 4.04 -34.14 -23.23
N GLY G 235 3.03 -33.59 -22.58
CA GLY G 235 1.66 -33.78 -23.02
C GLY G 235 0.96 -34.95 -22.36
N SER G 236 1.62 -36.10 -22.33
CA SER G 236 1.03 -37.30 -21.76
C SER G 236 1.13 -37.28 -20.25
N ALA G 237 0.60 -38.31 -19.60
CA ALA G 237 0.67 -38.44 -18.15
C ALA G 237 1.92 -39.21 -17.75
N GLY G 238 2.31 -39.06 -16.49
CA GLY G 238 3.49 -39.76 -16.03
C GLY G 238 3.68 -39.63 -14.53
N MET G 239 4.81 -40.16 -14.07
CA MET G 239 5.18 -40.14 -12.67
C MET G 239 6.44 -39.33 -12.44
N HIS G 240 6.57 -38.78 -11.24
CA HIS G 240 7.76 -38.08 -10.83
C HIS G 240 8.90 -39.05 -10.56
N SER G 241 10.13 -38.55 -10.65
CA SER G 241 11.29 -39.39 -10.41
C SER G 241 11.47 -39.74 -8.94
N GLN G 242 11.02 -38.72 -8.10
CA GLN G 242 11.07 -38.90 -6.67
C GLN G 242 10.32 -40.16 -6.23
N LYS G 243 9.27 -40.53 -6.85
CA LYS G 243 8.42 -41.64 -6.44
C LYS G 243 8.85 -42.96 -7.02
N ILE G 244 9.58 -42.94 -8.15
CA ILE G 244 10.23 -44.15 -8.63
C ILE G 244 11.44 -44.50 -7.78
N ASN G 245 12.09 -43.49 -7.17
CA ASN G 245 13.20 -43.79 -6.27
C ASN G 245 12.79 -44.38 -4.92
N ASN G 246 11.57 -44.11 -4.43
CA ASN G 246 11.16 -44.69 -3.16
C ASN G 246 10.96 -46.20 -3.28
N ALA G 247 10.49 -46.66 -4.43
CA ALA G 247 10.33 -48.08 -4.69
C ALA G 247 11.66 -48.82 -4.74
N LEU G 248 12.75 -48.12 -5.05
CA LEU G 248 14.04 -48.77 -5.19
C LEU G 248 14.89 -48.72 -3.92
N ARG G 249 14.70 -47.72 -3.07
CA ARG G 249 15.43 -47.61 -1.82
C ARG G 249 14.77 -48.36 -0.67
N THR G 250 13.71 -49.12 -0.92
CA THR G 250 13.06 -49.88 0.15
C THR G 250 13.82 -51.20 0.25
N ILE G 251 15.00 -51.13 0.89
CA ILE G 251 15.90 -52.28 0.96
C ILE G 251 16.39 -52.50 2.38
N ASP G 252 15.83 -51.76 3.34
CA ASP G 252 16.37 -51.75 4.71
C ASP G 252 15.68 -52.85 5.51
N THR G 253 16.41 -53.94 5.75
CA THR G 253 16.00 -55.01 6.63
C THR G 253 17.02 -55.23 7.73
N TRP G 254 17.63 -54.17 8.20
CA TRP G 254 18.67 -54.32 9.17
C TRP G 254 18.43 -53.37 10.30
N TYR G 255 17.20 -53.29 10.78
CA TYR G 255 16.89 -52.33 11.81
C TYR G 255 16.61 -52.98 13.11
N PRO G 256 16.74 -52.21 14.19
CA PRO G 256 16.42 -52.73 15.48
C PRO G 256 14.94 -52.92 15.53
N ASP G 257 14.45 -54.15 15.65
CA ASP G 257 13.01 -54.44 15.74
C ASP G 257 12.38 -54.97 14.48
N TYR G 258 13.04 -55.89 13.80
CA TYR G 258 12.53 -56.42 12.56
C TYR G 258 11.92 -57.76 12.75
N THR G 259 12.27 -58.46 13.82
CA THR G 259 11.63 -59.73 14.07
C THR G 259 10.18 -59.39 14.29
N THR G 260 9.88 -58.42 15.13
CA THR G 260 8.52 -57.95 15.27
C THR G 260 8.37 -57.21 13.98
N TYR G 261 7.16 -57.10 13.43
CA TYR G 261 7.01 -56.52 12.09
C TYR G 261 7.78 -57.50 11.24
N GLU G 262 8.10 -57.18 10.01
CA GLU G 262 8.94 -58.06 9.19
C GLU G 262 8.87 -57.57 7.79
N PHE G 263 8.95 -56.26 7.63
CA PHE G 263 8.82 -55.66 6.32
C PHE G 263 9.93 -54.70 6.01
N PRO G 264 10.38 -54.66 4.76
CA PRO G 264 11.42 -53.70 4.34
C PRO G 264 11.00 -52.24 4.39
N ILE G 265 11.81 -51.36 4.97
CA ILE G 265 11.43 -49.95 5.11
C ILE G 265 12.30 -49.16 4.13
N PRO G 266 11.91 -47.95 3.71
CA PRO G 266 12.81 -47.14 2.90
C PRO G 266 13.96 -46.58 3.72
N VAL G 267 15.06 -46.30 3.02
CA VAL G 267 16.30 -45.85 3.66
C VAL G 267 16.20 -44.35 3.93
N GLU G 268 16.10 -43.99 5.21
CA GLU G 268 16.08 -42.61 5.66
C GLU G 268 17.03 -42.48 6.84
N ASN G 269 17.26 -41.23 7.27
CA ASN G 269 18.21 -40.96 8.34
C ASN G 269 17.70 -41.47 9.68
N TYR G 270 16.46 -41.12 10.05
CA TYR G 270 15.89 -41.50 11.33
C TYR G 270 14.92 -42.66 11.22
N GLY G 271 15.02 -43.45 10.14
CA GLY G 271 14.20 -44.64 9.97
C GLY G 271 12.72 -44.40 9.84
N ALA G 272 12.32 -43.20 9.39
CA ALA G 272 10.92 -42.84 9.33
C ALA G 272 10.16 -43.66 8.29
N ALA G 273 8.99 -44.12 8.68
CA ALA G 273 8.10 -44.91 7.82
C ALA G 273 6.73 -44.25 7.86
N ARG G 274 6.15 -44.00 6.70
CA ARG G 274 4.83 -43.35 6.69
C ARG G 274 3.70 -44.35 6.84
N SER G 275 3.89 -45.59 6.37
CA SER G 275 2.85 -46.62 6.37
C SER G 275 2.41 -47.00 7.78
N ILE G 276 3.30 -47.65 8.52
CA ILE G 276 3.15 -47.77 9.97
C ILE G 276 3.57 -46.46 10.61
N GLY G 277 2.79 -45.99 11.57
CA GLY G 277 3.08 -44.70 12.19
C GLY G 277 4.11 -44.67 13.31
N ILE G 278 5.24 -45.36 13.15
CA ILE G 278 6.25 -45.49 14.20
C ILE G 278 7.60 -45.02 13.67
N PRO G 279 8.43 -44.35 14.48
CA PRO G 279 9.85 -44.20 14.13
C PRO G 279 10.63 -45.48 14.38
N PHE G 280 11.58 -45.78 13.49
CA PHE G 280 12.27 -47.06 13.53
C PHE G 280 13.77 -46.98 13.81
N ARG G 281 14.40 -45.83 13.76
CA ARG G 281 15.79 -45.72 14.12
C ARG G 281 15.86 -44.41 14.77
N PRO G 282 15.39 -44.31 16.00
CA PRO G 282 15.32 -42.99 16.59
C PRO G 282 16.48 -42.57 17.44
N ASP G 283 17.43 -43.44 17.74
CA ASP G 283 18.49 -43.04 18.65
C ASP G 283 19.85 -43.59 18.40
N THR G 284 20.10 -44.80 18.81
CA THR G 284 21.45 -45.36 18.71
C THR G 284 21.79 -45.84 17.31
N LYS G 285 20.81 -46.23 16.50
CA LYS G 285 21.08 -46.83 15.21
C LYS G 285 20.74 -45.89 14.05
N SER G 286 20.79 -44.59 14.29
CA SER G 286 20.56 -43.62 13.24
C SER G 286 21.85 -43.41 12.45
N PHE G 287 21.75 -42.70 11.33
CA PHE G 287 22.91 -42.47 10.49
C PHE G 287 23.93 -41.57 11.17
N TYR G 288 23.46 -40.56 11.92
CA TYR G 288 24.35 -39.59 12.53
C TYR G 288 25.28 -40.22 13.57
N LYS G 289 24.70 -41.02 14.47
CA LYS G 289 25.49 -41.71 15.49
C LYS G 289 26.41 -42.74 14.87
N LEU G 290 25.91 -43.50 13.89
CA LEU G 290 26.72 -44.55 13.28
C LEU G 290 27.84 -43.98 12.42
N ILE G 291 27.68 -42.77 11.87
CA ILE G 291 28.76 -42.22 11.07
C ILE G 291 29.74 -41.50 12.00
N ASP G 292 29.28 -41.05 13.18
CA ASP G 292 30.18 -40.49 14.17
C ASP G 292 30.93 -41.54 14.99
N ARG G 293 30.50 -42.80 14.94
CA ARG G 293 31.23 -43.89 15.57
C ARG G 293 32.08 -44.68 14.60
N MET G 294 32.28 -44.19 13.38
CA MET G 294 33.05 -44.92 12.39
C MET G 294 34.22 -44.10 11.83
N ILE G 295 34.15 -42.78 11.85
CA ILE G 295 35.17 -41.94 11.22
C ILE G 295 35.86 -41.12 12.31
N LEU G 296 35.10 -40.75 13.34
CA LEU G 296 35.64 -39.93 14.41
C LEU G 296 36.29 -40.76 15.50
N LYS G 297 35.72 -41.92 15.80
CA LYS G 297 36.25 -42.85 16.78
C LYS G 297 36.34 -44.18 16.05
N ASN G 298 37.51 -44.44 15.45
CA ASN G 298 37.76 -45.62 14.61
C ASN G 298 37.37 -46.91 15.30
N GLU G 299 36.33 -47.55 14.76
CA GLU G 299 35.68 -48.70 15.37
C GLU G 299 35.16 -49.59 14.25
N ASP G 300 35.24 -50.89 14.45
CA ASP G 300 34.80 -51.85 13.45
C ASP G 300 33.35 -52.20 13.76
N LEU G 301 32.44 -51.58 13.02
CA LEU G 301 31.01 -51.81 13.14
C LEU G 301 30.63 -53.14 12.49
N PRO G 302 29.53 -53.75 12.90
CA PRO G 302 29.03 -54.93 12.18
C PRO G 302 28.62 -54.60 10.75
N ILE G 303 28.59 -55.66 9.92
CA ILE G 303 28.49 -55.50 8.47
C ILE G 303 27.13 -54.91 8.06
N GLU G 304 26.09 -55.15 8.86
CA GLU G 304 24.76 -54.62 8.54
C GLU G 304 24.73 -53.10 8.68
N ASP G 305 25.46 -52.57 9.66
CA ASP G 305 25.51 -51.13 9.85
C ASP G 305 26.36 -50.46 8.78
N LYS G 306 27.38 -51.14 8.27
CA LYS G 306 28.13 -50.68 7.11
C LYS G 306 27.24 -50.65 5.86
N HIS G 307 26.39 -51.68 5.71
CA HIS G 307 25.43 -51.74 4.62
C HIS G 307 24.49 -50.55 4.65
N TYR G 308 23.97 -50.21 5.83
CA TYR G 308 23.08 -49.06 5.99
C TYR G 308 23.78 -47.74 5.71
N VAL G 309 25.02 -47.58 6.20
CA VAL G 309 25.74 -46.33 6.04
C VAL G 309 26.09 -46.07 4.57
N MET G 310 26.54 -47.11 3.85
CA MET G 310 26.79 -46.93 2.43
C MET G 310 25.49 -46.77 1.63
N ALA G 311 24.39 -47.37 2.07
CA ALA G 311 23.11 -47.16 1.40
C ALA G 311 22.59 -45.74 1.61
N ILE G 312 22.94 -45.10 2.73
CA ILE G 312 22.65 -43.68 2.87
C ILE G 312 23.56 -42.87 1.94
N LEU G 313 24.83 -43.26 1.79
CA LEU G 313 25.72 -42.47 0.95
C LEU G 313 25.48 -42.65 -0.56
N ILE G 314 24.70 -43.66 -0.98
CA ILE G 314 24.25 -43.72 -2.37
C ILE G 314 23.00 -42.85 -2.59
N ARG G 315 22.36 -42.40 -1.53
CA ARG G 315 21.22 -41.50 -1.68
C ARG G 315 21.64 -40.04 -1.60
N GLY G 316 22.47 -39.68 -0.64
CA GLY G 316 23.00 -38.33 -0.60
C GLY G 316 22.16 -37.43 0.29
N GLY G 317 22.74 -36.27 0.59
CA GLY G 317 22.07 -35.31 1.44
C GLY G 317 23.06 -34.32 1.97
N MET G 318 22.53 -33.39 2.78
CA MET G 318 23.36 -32.39 3.44
C MET G 318 23.55 -32.87 4.88
N PHE G 319 24.74 -33.42 5.13
CA PHE G 319 25.10 -33.97 6.44
C PHE G 319 26.07 -33.05 7.17
N SER G 320 25.63 -31.82 7.41
CA SER G 320 26.48 -30.80 8.01
C SER G 320 26.16 -30.65 9.49
N LYS G 321 27.02 -29.90 10.18
CA LYS G 321 26.94 -29.72 11.63
C LYS G 321 27.05 -28.25 11.97
N LYS G 322 26.62 -27.92 13.18
CA LYS G 322 26.59 -26.52 13.62
C LYS G 322 28.00 -26.00 13.86
N GLN G 323 28.72 -26.56 14.81
CA GLN G 323 30.03 -26.01 15.12
C GLN G 323 31.15 -26.86 14.53
N THR H 1 -6.62 -50.39 25.04
CA THR H 1 -5.83 -49.19 25.32
C THR H 1 -6.02 -48.13 24.24
N LEU H 2 -7.12 -48.19 23.50
CA LEU H 2 -7.33 -47.26 22.42
C LEU H 2 -8.19 -46.11 22.82
N LYS H 3 -7.69 -44.89 22.67
CA LYS H 3 -8.44 -43.73 23.12
C LYS H 3 -9.10 -42.91 22.02
N SER H 4 -8.63 -43.04 20.78
CA SER H 4 -9.18 -42.24 19.70
C SER H 4 -8.70 -42.70 18.35
N ARG H 5 -9.38 -42.24 17.30
CA ARG H 5 -8.97 -42.56 15.95
C ARG H 5 -7.66 -41.84 15.63
N PRO H 6 -6.87 -42.37 14.66
CA PRO H 6 -5.59 -41.72 14.36
C PRO H 6 -5.74 -40.38 13.65
N GLU H 7 -4.62 -39.69 13.46
CA GLU H 7 -4.63 -38.39 12.79
C GLU H 7 -4.66 -38.51 11.28
N ASN H 8 -4.57 -39.71 10.74
CA ASN H 8 -4.65 -39.93 9.30
C ASN H 8 -5.16 -41.35 9.11
N LEU H 9 -6.39 -41.49 8.63
CA LEU H 9 -6.94 -42.79 8.29
C LEU H 9 -7.79 -42.63 7.03
N SER H 10 -7.50 -43.44 6.02
CA SER H 10 -8.21 -43.37 4.76
C SER H 10 -8.32 -44.77 4.18
N PHE H 11 -9.36 -44.97 3.37
CA PHE H 11 -9.58 -46.20 2.65
C PHE H 11 -9.69 -45.90 1.16
N ALA H 12 -9.77 -46.94 0.36
CA ALA H 12 -9.98 -46.82 -1.08
C ALA H 12 -11.22 -47.63 -1.44
N ARG H 13 -11.72 -47.44 -2.63
CA ARG H 13 -12.93 -48.11 -3.00
C ARG H 13 -12.66 -49.48 -3.50
N CYS H 14 -13.46 -50.42 -3.05
CA CYS H 14 -13.32 -51.80 -3.49
C CYS H 14 -14.26 -52.13 -4.65
N LEU H 15 -15.05 -51.17 -5.11
CA LEU H 15 -15.90 -51.33 -6.27
C LEU H 15 -15.61 -50.16 -7.21
N ASN H 16 -14.84 -50.42 -8.26
CA ASN H 16 -14.42 -49.39 -9.21
C ASN H 16 -15.27 -49.48 -10.46
N THR H 17 -15.87 -48.37 -10.87
CA THR H 17 -16.78 -48.35 -12.00
C THR H 17 -16.23 -47.45 -13.09
N THR H 18 -16.29 -47.93 -14.33
CA THR H 18 -15.86 -47.14 -15.47
C THR H 18 -16.99 -46.19 -15.89
N GLU H 19 -16.66 -45.32 -16.83
CA GLU H 19 -17.65 -44.41 -17.38
C GLU H 19 -18.40 -45.07 -18.53
N ALA H 20 -19.65 -44.67 -18.71
CA ALA H 20 -20.51 -45.29 -19.69
C ALA H 20 -20.43 -44.56 -21.01
N LYS H 21 -20.60 -45.29 -22.11
CA LYS H 21 -20.60 -44.73 -23.45
C LYS H 21 -21.86 -45.18 -24.17
N PHE H 22 -22.54 -44.23 -24.82
CA PHE H 22 -23.88 -44.47 -25.36
C PHE H 22 -23.79 -44.86 -26.83
N TRP H 23 -24.53 -45.89 -27.21
CA TRP H 23 -24.61 -46.36 -28.58
C TRP H 23 -26.08 -46.51 -28.97
N GLN H 24 -26.34 -46.51 -30.27
CA GLN H 24 -27.69 -46.74 -30.78
C GLN H 24 -27.70 -47.94 -31.70
N THR H 25 -28.83 -48.65 -31.70
CA THR H 25 -28.99 -49.82 -32.54
C THR H 25 -30.48 -50.04 -32.81
N ASP H 26 -30.77 -51.08 -33.59
CA ASP H 26 -32.13 -51.55 -33.78
C ASP H 26 -32.33 -52.64 -32.72
N PHE H 27 -33.46 -53.33 -32.80
CA PHE H 27 -33.75 -54.29 -31.76
C PHE H 27 -33.75 -55.71 -32.26
N LEU H 28 -34.27 -55.95 -33.42
CA LEU H 28 -34.21 -57.31 -33.94
C LEU H 28 -32.91 -57.59 -34.66
N LYS H 29 -31.97 -56.65 -34.67
CA LYS H 29 -30.62 -56.87 -35.18
C LYS H 29 -29.58 -56.31 -34.22
N ARG H 30 -29.84 -56.46 -32.92
CA ARG H 30 -29.01 -55.79 -31.93
C ARG H 30 -27.67 -56.51 -31.74
N HIS H 31 -27.65 -57.78 -32.06
CA HIS H 31 -26.43 -58.56 -31.94
C HIS H 31 -25.63 -58.59 -33.24
N THR H 32 -25.78 -57.59 -34.10
CA THR H 32 -24.97 -57.50 -35.31
C THR H 32 -24.68 -56.08 -35.77
N PHE H 33 -24.99 -55.07 -34.95
CA PHE H 33 -25.10 -53.74 -35.52
C PHE H 33 -25.05 -52.65 -34.46
N LYS H 34 -24.18 -51.66 -34.65
CA LYS H 34 -23.99 -50.56 -33.70
C LYS H 34 -23.64 -49.29 -34.47
N LEU H 35 -24.07 -48.15 -33.93
CA LEU H 35 -23.84 -46.84 -34.52
C LEU H 35 -23.53 -45.82 -33.44
N PRO H 36 -22.73 -44.80 -33.76
CA PRO H 36 -22.49 -43.70 -32.81
C PRO H 36 -23.73 -42.90 -32.49
N LEU H 37 -23.76 -42.35 -31.29
CA LEU H 37 -24.84 -41.49 -30.80
C LEU H 37 -24.23 -40.22 -30.25
N LEU H 38 -24.51 -39.09 -30.91
CA LEU H 38 -23.78 -37.85 -30.67
C LEU H 38 -24.70 -36.73 -30.20
N ILE H 39 -24.07 -35.70 -29.64
CA ILE H 39 -24.77 -34.50 -29.16
C ILE H 39 -25.09 -33.60 -30.34
N THR H 40 -26.29 -33.03 -30.35
CA THR H 40 -26.71 -32.05 -31.34
C THR H 40 -26.72 -30.68 -30.68
N ASP H 41 -25.94 -29.75 -31.22
CA ASP H 41 -25.89 -28.40 -30.67
C ASP H 41 -27.04 -27.64 -31.30
N SER H 69 -28.09 -23.93 -25.66
CA SER H 69 -28.39 -25.18 -25.00
C SER H 69 -28.11 -26.37 -25.92
N GLN H 70 -27.65 -27.47 -25.33
CA GLN H 70 -27.35 -28.69 -26.08
C GLN H 70 -28.45 -29.71 -25.83
N SER H 71 -28.50 -30.68 -26.72
CA SER H 71 -29.52 -31.70 -26.63
C SER H 71 -29.07 -32.98 -27.25
N CYS H 72 -29.81 -34.03 -27.03
CA CYS H 72 -29.45 -35.34 -27.55
C CYS H 72 -30.70 -36.16 -27.83
N THR H 73 -30.82 -36.68 -29.04
CA THR H 73 -31.99 -37.40 -29.51
C THR H 73 -31.53 -38.55 -30.39
N LEU H 74 -32.35 -39.60 -30.50
CA LEU H 74 -32.04 -40.69 -31.41
C LEU H 74 -32.26 -40.27 -32.86
N SER H 75 -31.86 -41.16 -33.77
CA SER H 75 -32.11 -40.97 -35.20
C SER H 75 -33.52 -41.40 -35.58
N THR H 76 -33.78 -41.52 -36.89
CA THR H 76 -35.10 -41.85 -37.39
C THR H 76 -35.18 -43.33 -37.77
N GLU H 77 -34.08 -44.07 -37.64
CA GLU H 77 -34.03 -45.47 -38.07
C GLU H 77 -33.63 -46.42 -36.95
N CYS H 78 -33.44 -45.93 -35.72
CA CYS H 78 -33.03 -46.76 -34.61
C CYS H 78 -33.99 -46.56 -33.44
N ASP H 79 -34.14 -47.61 -32.62
CA ASP H 79 -35.09 -47.57 -31.53
C ASP H 79 -34.52 -48.14 -30.23
N THR H 80 -33.21 -48.14 -30.06
CA THR H 80 -32.61 -48.76 -28.90
C THR H 80 -31.38 -47.96 -28.49
N LEU H 81 -31.21 -47.79 -27.19
CA LEU H 81 -30.02 -47.17 -26.61
C LEU H 81 -29.21 -48.24 -25.88
N ARG H 82 -27.95 -48.42 -26.26
CA ARG H 82 -27.08 -49.38 -25.61
C ARG H 82 -26.13 -48.64 -24.70
N ILE H 83 -26.06 -49.04 -23.45
CA ILE H 83 -25.19 -48.44 -22.46
C ILE H 83 -24.22 -49.50 -21.94
N ASP H 84 -22.92 -49.24 -22.08
CA ASP H 84 -21.86 -50.19 -21.71
C ASP H 84 -20.95 -49.59 -20.64
N PHE H 85 -20.68 -50.38 -19.60
CA PHE H 85 -19.74 -50.02 -18.54
C PHE H 85 -19.24 -51.30 -17.87
N GLY H 86 -18.18 -51.15 -17.08
CA GLY H 86 -17.55 -52.28 -16.42
C GLY H 86 -17.17 -51.98 -14.99
N ILE H 87 -17.06 -53.04 -14.19
CA ILE H 87 -16.77 -52.93 -12.76
C ILE H 87 -15.56 -53.81 -12.42
N LYS H 88 -14.69 -53.29 -11.54
CA LYS H 88 -13.57 -54.02 -10.97
C LYS H 88 -13.77 -54.14 -9.46
N VAL H 89 -13.66 -55.37 -8.94
CA VAL H 89 -13.88 -55.65 -7.53
C VAL H 89 -12.54 -55.97 -6.88
N LEU H 90 -12.27 -55.37 -5.71
CA LEU H 90 -11.03 -55.56 -4.99
C LEU H 90 -11.28 -56.04 -3.56
N PRO H 91 -10.31 -56.73 -2.95
CA PRO H 91 -10.44 -57.12 -1.54
C PRO H 91 -10.48 -55.93 -0.58
N VAL H 92 -11.06 -56.16 0.59
CA VAL H 92 -11.33 -55.09 1.55
C VAL H 92 -10.17 -54.94 2.53
N LYS H 93 -9.57 -56.05 2.95
CA LYS H 93 -8.51 -56.04 3.95
C LYS H 93 -7.27 -55.31 3.43
N GLU H 94 -6.96 -55.50 2.15
CA GLU H 94 -5.81 -54.84 1.52
C GLU H 94 -6.25 -53.56 0.81
N SER H 95 -7.06 -52.77 1.51
CA SER H 95 -7.57 -51.52 0.95
C SER H 95 -7.52 -50.38 1.95
N MET H 96 -6.55 -50.40 2.86
CA MET H 96 -6.29 -49.28 3.75
C MET H 96 -5.09 -48.51 3.21
N TYR H 97 -5.27 -47.20 3.01
CA TYR H 97 -4.23 -46.39 2.39
C TYR H 97 -3.33 -45.68 3.39
N SER H 98 -3.82 -45.42 4.61
CA SER H 98 -3.03 -44.73 5.60
C SER H 98 -3.57 -45.06 6.99
N CYS H 99 -2.67 -45.33 7.93
CA CYS H 99 -3.04 -45.56 9.32
C CYS H 99 -1.82 -45.24 10.17
N SER H 100 -1.89 -44.14 10.92
CA SER H 100 -0.75 -43.70 11.71
C SER H 100 -0.67 -44.36 13.09
N ASP H 101 -1.35 -45.49 13.31
CA ASP H 101 -1.26 -46.21 14.59
C ASP H 101 -1.49 -47.68 14.29
N TYR H 102 -0.45 -48.50 14.53
CA TYR H 102 -0.46 -49.93 14.20
C TYR H 102 -1.53 -50.69 14.98
N ASN H 103 -1.82 -50.26 16.20
CA ASN H 103 -2.78 -50.94 17.07
C ASN H 103 -4.18 -50.90 16.48
N TYR H 104 -4.56 -49.74 15.94
CA TYR H 104 -5.88 -49.57 15.37
C TYR H 104 -6.00 -50.40 14.09
N ARG H 105 -4.90 -50.54 13.34
CA ARG H 105 -4.87 -51.43 12.18
C ARG H 105 -5.09 -52.88 12.57
N THR H 106 -4.47 -53.28 13.71
CA THR H 106 -4.64 -54.64 14.19
C THR H 106 -6.08 -54.86 14.61
N ALA H 107 -6.71 -53.88 15.18
CA ALA H 107 -8.12 -53.94 15.58
C ALA H 107 -9.04 -54.08 14.38
N ILE H 108 -8.84 -53.26 13.33
CA ILE H 108 -9.65 -53.33 12.12
C ILE H 108 -9.51 -54.69 11.44
N TYR H 109 -8.28 -55.18 11.30
CA TYR H 109 -8.06 -56.47 10.64
C TYR H 109 -8.72 -57.62 11.38
N GLN H 110 -8.72 -57.57 12.72
CA GLN H 110 -9.37 -58.63 13.47
C GLN H 110 -10.89 -58.55 13.34
N LYS H 111 -11.46 -57.33 13.32
CA LYS H 111 -12.92 -57.19 13.19
C LYS H 111 -13.42 -57.64 11.81
N ILE H 112 -12.69 -57.29 10.74
CA ILE H 112 -13.06 -57.78 9.41
C ILE H 112 -12.93 -59.30 9.33
N ASP H 113 -11.93 -59.88 10.00
CA ASP H 113 -11.82 -61.34 10.02
C ASP H 113 -12.99 -61.98 10.78
N GLU H 114 -13.48 -61.32 11.84
CA GLU H 114 -14.69 -61.77 12.52
C GLU H 114 -15.90 -61.77 11.59
N TYR H 115 -16.12 -60.74 10.79
CA TYR H 115 -17.24 -60.75 9.85
C TYR H 115 -17.05 -61.78 8.75
N ILE H 116 -15.84 -61.96 8.26
CA ILE H 116 -15.64 -63.04 7.28
C ILE H 116 -15.88 -64.42 7.87
N ALA H 117 -15.81 -64.57 9.19
CA ALA H 117 -16.27 -65.82 9.80
C ALA H 117 -17.79 -65.99 9.75
N GLU H 118 -18.58 -64.99 10.15
CA GLU H 118 -20.04 -65.13 10.17
C GLU H 118 -20.63 -65.16 8.76
N ASP H 119 -20.58 -64.03 8.06
CA ASP H 119 -21.19 -63.89 6.75
C ASP H 119 -20.07 -63.67 5.76
N GLY H 120 -20.08 -64.38 4.65
CA GLY H 120 -19.00 -64.23 3.70
C GLY H 120 -19.17 -63.07 2.75
N PHE H 121 -19.58 -61.90 3.25
CA PHE H 121 -19.94 -60.69 2.51
C PHE H 121 -21.05 -60.95 1.49
N LEU H 122 -21.92 -61.94 1.74
CA LEU H 122 -22.93 -62.36 0.77
C LEU H 122 -24.14 -61.45 0.71
N THR H 123 -24.56 -60.88 1.85
CA THR H 123 -25.76 -60.06 1.88
C THR H 123 -25.56 -58.75 1.10
N LEU H 124 -24.45 -58.07 1.36
CA LEU H 124 -24.16 -56.81 0.69
C LEU H 124 -23.94 -57.00 -0.80
N ALA H 125 -23.22 -58.06 -1.19
CA ALA H 125 -22.95 -58.35 -2.59
C ALA H 125 -24.23 -58.76 -3.33
N LYS H 126 -25.09 -59.54 -2.67
CA LYS H 126 -26.40 -59.86 -3.22
C LYS H 126 -27.22 -58.62 -3.48
N ARG H 127 -27.16 -57.65 -2.57
CA ARG H 127 -27.84 -56.37 -2.76
C ARG H 127 -27.24 -55.58 -3.92
N TYR H 128 -25.90 -55.62 -4.10
CA TYR H 128 -25.27 -54.90 -5.22
C TYR H 128 -25.66 -55.51 -6.57
N VAL H 129 -25.64 -56.84 -6.68
CA VAL H 129 -26.05 -57.49 -7.92
C VAL H 129 -27.53 -57.28 -8.18
N ASN H 130 -28.33 -57.17 -7.11
CA ASN H 130 -29.74 -56.83 -7.27
C ASN H 130 -29.91 -55.42 -7.81
N ASN H 131 -29.09 -54.47 -7.35
CA ASN H 131 -29.17 -53.11 -7.91
C ASN H 131 -28.65 -53.03 -9.34
N ILE H 132 -27.77 -53.95 -9.74
CA ILE H 132 -27.45 -54.10 -11.16
C ILE H 132 -28.67 -54.59 -11.92
N ALA H 133 -29.33 -55.63 -11.40
CA ALA H 133 -30.41 -56.29 -12.13
C ALA H 133 -31.69 -55.46 -12.22
N ASN H 134 -31.98 -54.62 -11.22
CA ASN H 134 -33.16 -53.74 -11.31
C ASN H 134 -33.00 -52.63 -12.33
N ALA H 135 -31.76 -52.37 -12.78
CA ALA H 135 -31.39 -51.39 -13.78
C ALA H 135 -31.62 -49.96 -13.28
N ARG H 136 -31.30 -49.72 -12.01
CA ARG H 136 -31.31 -48.39 -11.42
C ARG H 136 -30.29 -47.44 -12.06
N PHE H 137 -29.28 -47.96 -12.74
CA PHE H 137 -28.24 -47.15 -13.40
C PHE H 137 -28.74 -46.45 -14.67
N LEU H 138 -30.04 -46.47 -14.95
CA LEU H 138 -30.57 -45.82 -16.11
C LEU H 138 -31.50 -44.73 -15.65
N TRP H 139 -31.07 -43.95 -14.69
CA TRP H 139 -31.92 -42.93 -14.12
C TRP H 139 -32.61 -42.08 -15.16
N ARG H 140 -33.91 -41.89 -15.03
CA ARG H 140 -34.67 -41.03 -15.96
C ARG H 140 -34.74 -41.62 -17.32
N ASN H 141 -33.76 -42.39 -17.67
CA ASN H 141 -33.78 -43.07 -18.96
C ASN H 141 -34.67 -44.31 -18.93
N ARG H 142 -35.33 -44.56 -17.81
CA ARG H 142 -36.04 -45.80 -17.58
C ARG H 142 -37.56 -45.67 -17.69
N LYS H 143 -38.10 -44.48 -17.40
CA LYS H 143 -39.53 -44.24 -17.55
C LYS H 143 -39.94 -44.30 -19.01
N GLY H 144 -40.99 -45.06 -19.30
CA GLY H 144 -41.53 -45.13 -20.63
C GLY H 144 -40.83 -46.10 -21.56
N ALA H 145 -39.91 -46.90 -21.05
CA ALA H 145 -39.32 -47.95 -21.86
C ALA H 145 -40.30 -49.09 -22.02
N GLU H 146 -40.11 -49.87 -23.08
CA GLU H 146 -41.01 -50.98 -23.36
C GLU H 146 -40.41 -52.33 -23.05
N ILE H 147 -39.18 -52.60 -23.49
CA ILE H 147 -38.43 -53.79 -23.10
C ILE H 147 -37.01 -53.38 -22.74
N ILE H 148 -36.55 -53.79 -21.57
CA ILE H 148 -35.17 -53.58 -21.12
C ILE H 148 -34.57 -54.95 -20.84
N GLU H 149 -33.37 -55.20 -21.37
CA GLU H 149 -32.62 -56.39 -21.01
C GLU H 149 -31.18 -56.04 -20.65
N THR H 150 -30.61 -56.81 -19.74
CA THR H 150 -29.27 -56.55 -19.24
C THR H 150 -28.50 -57.86 -19.14
N ILE H 151 -27.36 -57.92 -19.83
CA ILE H 151 -26.50 -59.10 -19.83
C ILE H 151 -25.24 -58.78 -19.05
N VAL H 152 -24.81 -59.72 -18.20
CA VAL H 152 -23.63 -59.55 -17.36
C VAL H 152 -22.62 -60.60 -17.81
N THR H 153 -21.41 -60.17 -18.15
CA THR H 153 -20.36 -61.12 -18.50
C THR H 153 -19.18 -61.01 -17.55
N ILE H 154 -18.73 -62.17 -17.06
CA ILE H 154 -17.54 -62.30 -16.21
C ILE H 154 -16.65 -63.33 -16.87
N GLU H 155 -15.41 -62.94 -17.16
CA GLU H 155 -14.40 -63.71 -17.92
C GLU H 155 -15.01 -63.99 -19.30
N ASP H 156 -14.73 -65.15 -19.88
CA ASP H 156 -15.33 -65.49 -21.17
C ASP H 156 -16.46 -66.50 -20.93
N LYS H 157 -17.54 -65.99 -20.34
CA LYS H 157 -18.79 -66.71 -20.18
C LYS H 157 -19.90 -65.70 -19.94
N GLU H 158 -20.93 -65.73 -20.79
CA GLU H 158 -22.05 -64.79 -20.72
C GLU H 158 -23.12 -65.35 -19.79
N TYR H 159 -23.76 -64.46 -19.03
CA TYR H 159 -24.75 -65.00 -18.12
C TYR H 159 -26.14 -64.73 -18.67
N PRO H 160 -27.13 -65.63 -18.39
CA PRO H 160 -28.52 -65.42 -18.83
C PRO H 160 -29.11 -64.07 -18.45
N SER H 161 -29.81 -63.46 -19.41
CA SER H 161 -30.17 -62.05 -19.34
C SER H 161 -31.28 -61.81 -18.30
N PHE H 162 -31.56 -60.53 -18.07
CA PHE H 162 -32.50 -60.10 -17.05
C PHE H 162 -33.63 -59.30 -17.70
N ASN H 163 -34.85 -59.52 -17.20
CA ASN H 163 -36.02 -58.87 -17.79
C ASN H 163 -36.14 -57.41 -17.36
N SER H 164 -35.64 -57.04 -16.18
CA SER H 164 -35.38 -55.68 -15.71
C SER H 164 -36.64 -54.85 -15.46
N LYS H 165 -37.81 -55.37 -15.81
CA LYS H 165 -39.09 -54.80 -15.43
C LYS H 165 -39.92 -55.78 -14.63
N SER H 166 -39.41 -56.99 -14.38
CA SER H 166 -39.97 -57.92 -13.42
C SER H 166 -39.35 -57.76 -12.04
N PHE H 167 -38.65 -56.65 -11.83
CA PHE H 167 -38.03 -56.32 -10.56
C PHE H 167 -38.55 -54.96 -10.12
N ASN H 168 -38.44 -54.68 -8.83
CA ASN H 168 -38.97 -53.46 -8.26
C ASN H 168 -37.81 -52.80 -7.53
N LEU H 169 -37.94 -51.49 -7.30
CA LEU H 169 -36.94 -50.69 -6.58
C LEU H 169 -37.28 -50.54 -5.10
N ASP H 170 -37.97 -51.52 -4.53
CA ASP H 170 -38.27 -51.47 -3.10
C ASP H 170 -37.85 -52.76 -2.43
N THR H 171 -37.92 -53.86 -3.17
CA THR H 171 -37.64 -55.20 -2.65
C THR H 171 -36.29 -55.68 -3.18
N PHE H 172 -35.67 -56.62 -2.46
CA PHE H 172 -34.43 -57.26 -2.88
C PHE H 172 -34.67 -58.76 -2.96
N VAL H 173 -34.74 -59.27 -4.19
CA VAL H 173 -34.86 -60.70 -4.46
C VAL H 173 -33.62 -61.44 -3.93
N GLU H 174 -33.86 -62.64 -3.39
CA GLU H 174 -32.78 -63.45 -2.84
C GLU H 174 -32.86 -64.92 -3.27
N ASP H 175 -33.67 -65.23 -4.28
CA ASP H 175 -33.86 -66.63 -4.70
C ASP H 175 -33.67 -66.81 -6.20
N ASN H 176 -33.06 -65.85 -6.88
CA ASN H 176 -32.69 -66.06 -8.28
C ASN H 176 -31.41 -66.87 -8.33
N ALA H 177 -31.18 -67.52 -9.48
CA ALA H 177 -30.03 -68.40 -9.61
C ALA H 177 -28.77 -67.63 -10.02
N THR H 178 -28.88 -66.83 -11.08
CA THR H 178 -27.72 -66.11 -11.60
C THR H 178 -27.23 -65.04 -10.63
N ILE H 179 -28.15 -64.40 -9.90
CA ILE H 179 -27.78 -63.37 -8.92
C ILE H 179 -26.95 -63.98 -7.80
N ASN H 180 -27.35 -65.16 -7.31
CA ASN H 180 -26.54 -65.91 -6.35
C ASN H 180 -25.18 -66.28 -6.93
N GLU H 181 -25.17 -66.72 -8.19
CA GLU H 181 -23.96 -67.28 -8.79
C GLU H 181 -22.92 -66.19 -9.07
N ILE H 182 -23.38 -64.97 -9.34
CA ILE H 182 -22.48 -63.81 -9.43
C ILE H 182 -22.06 -63.31 -8.04
N ALA H 183 -23.01 -63.26 -7.09
CA ALA H 183 -22.71 -62.70 -5.78
C ALA H 183 -21.74 -63.56 -4.99
N GLN H 184 -21.71 -64.87 -5.26
CA GLN H 184 -20.69 -65.72 -4.64
C GLN H 184 -19.29 -65.35 -5.09
N GLN H 185 -19.09 -65.09 -6.38
CA GLN H 185 -17.79 -64.65 -6.89
C GLN H 185 -17.38 -63.29 -6.34
N ILE H 186 -18.33 -62.34 -6.30
CA ILE H 186 -18.03 -61.01 -5.77
C ILE H 186 -17.69 -61.11 -4.28
N ALA H 187 -18.34 -62.04 -3.61
CA ALA H 187 -18.14 -62.19 -2.17
C ALA H 187 -16.79 -62.68 -1.85
N ASP H 188 -16.44 -63.82 -2.39
CA ASP H 188 -15.16 -64.39 -2.13
C ASP H 188 -14.02 -63.43 -2.39
N THR H 189 -14.22 -62.48 -3.27
CA THR H 189 -13.16 -61.55 -3.59
C THR H 189 -13.21 -60.36 -2.71
N PHE H 190 -14.30 -60.10 -2.05
CA PHE H 190 -14.26 -59.03 -1.10
C PHE H 190 -13.62 -59.60 0.15
N ALA H 191 -13.42 -60.91 0.22
CA ALA H 191 -12.94 -61.56 1.43
C ALA H 191 -11.64 -62.33 1.40
N GLY H 192 -10.90 -62.22 0.31
CA GLY H 192 -9.61 -62.85 0.21
C GLY H 192 -9.30 -63.94 -0.77
N LYS H 193 -10.25 -64.78 -1.12
CA LYS H 193 -9.92 -65.94 -1.95
C LYS H 193 -9.64 -65.73 -3.43
N ARG H 194 -9.69 -64.49 -3.88
CA ARG H 194 -9.40 -64.19 -5.26
C ARG H 194 -8.88 -62.80 -5.17
N GLU H 195 -8.05 -62.37 -6.09
CA GLU H 195 -7.44 -61.07 -5.95
C GLU H 195 -8.13 -59.95 -6.70
N TYR H 196 -8.87 -60.27 -7.74
CA TYR H 196 -9.58 -59.27 -8.52
C TYR H 196 -10.70 -59.91 -9.29
N LEU H 197 -11.71 -59.12 -9.65
CA LEU H 197 -12.79 -59.61 -10.49
C LEU H 197 -13.22 -58.51 -11.44
N ASN H 198 -13.22 -58.79 -12.74
CA ASN H 198 -13.61 -57.84 -13.76
C ASN H 198 -14.96 -58.24 -14.34
N ILE H 199 -15.96 -57.35 -14.18
CA ILE H 199 -17.34 -57.62 -14.57
C ILE H 199 -17.75 -56.57 -15.60
N TYR H 200 -18.33 -57.03 -16.71
CA TYR H 200 -18.73 -56.15 -17.80
C TYR H 200 -20.22 -56.30 -18.06
N VAL H 201 -20.93 -55.18 -18.22
CA VAL H 201 -22.39 -55.17 -18.26
C VAL H 201 -22.84 -54.39 -19.49
N THR H 202 -23.80 -54.95 -20.25
CA THR H 202 -24.42 -54.27 -21.38
C THR H 202 -25.93 -54.20 -21.20
N CYS H 203 -26.55 -53.12 -21.70
CA CYS H 203 -27.97 -52.86 -21.54
C CYS H 203 -28.62 -52.49 -22.89
N PHE H 204 -29.95 -52.70 -22.98
CA PHE H 204 -30.73 -52.52 -24.22
C PHE H 204 -32.10 -51.91 -23.90
N VAL H 205 -32.21 -50.58 -24.01
CA VAL H 205 -33.44 -49.86 -23.68
C VAL H 205 -34.19 -49.46 -24.95
N LYS H 206 -35.43 -49.90 -25.09
CA LYS H 206 -36.27 -49.57 -26.27
C LYS H 206 -37.23 -48.44 -25.89
N ILE H 207 -36.76 -47.21 -26.12
CA ILE H 207 -37.63 -46.06 -25.93
C ILE H 207 -38.40 -45.72 -27.21
N GLY H 208 -37.84 -46.03 -28.39
CA GLY H 208 -38.52 -45.68 -29.62
C GLY H 208 -37.75 -44.71 -30.49
N CYS H 209 -38.15 -44.59 -31.76
CA CYS H 209 -37.49 -43.69 -32.69
C CYS H 209 -37.82 -42.24 -32.37
N ALA H 210 -36.84 -41.36 -32.63
CA ALA H 210 -36.91 -39.92 -32.44
C ALA H 210 -37.38 -39.52 -31.03
N MET H 211 -36.76 -40.11 -30.01
CA MET H 211 -37.03 -39.77 -28.63
C MET H 211 -35.73 -39.36 -27.97
N GLU H 212 -35.84 -38.46 -26.98
CA GLU H 212 -34.66 -37.92 -26.30
C GLU H 212 -33.94 -39.00 -25.49
N VAL H 213 -32.70 -38.67 -25.11
CA VAL H 213 -31.75 -39.65 -24.59
C VAL H 213 -31.53 -39.46 -23.09
N TYR H 214 -31.35 -38.21 -22.65
CA TYR H 214 -30.97 -37.73 -21.33
C TYR H 214 -29.62 -38.25 -20.84
N PRO H 215 -28.48 -37.82 -21.43
CA PRO H 215 -27.18 -38.15 -20.83
C PRO H 215 -26.85 -37.20 -19.68
N SER H 216 -25.65 -37.30 -19.12
CA SER H 216 -25.32 -36.50 -17.94
C SER H 216 -24.99 -35.07 -18.32
N GLN H 217 -24.53 -34.28 -17.36
CA GLN H 217 -24.48 -32.84 -17.51
C GLN H 217 -23.21 -32.33 -16.86
N GLU H 218 -22.65 -31.28 -17.41
CA GLU H 218 -21.39 -30.81 -16.91
C GLU H 218 -21.50 -29.50 -16.26
N MET H 219 -20.73 -29.33 -15.21
CA MET H 219 -20.73 -28.09 -14.52
C MET H 219 -19.72 -27.25 -15.21
N THR H 220 -20.04 -26.80 -16.40
CA THR H 220 -19.12 -25.91 -17.09
C THR H 220 -18.86 -24.72 -16.20
N PHE H 221 -19.76 -24.47 -15.27
CA PHE H 221 -19.61 -23.33 -14.37
C PHE H 221 -18.50 -22.38 -14.81
N LYS H 226 -24.02 -19.49 -20.42
CA LYS H 226 -24.74 -20.56 -19.70
C LYS H 226 -25.33 -21.57 -20.68
N GLY H 227 -26.17 -22.47 -20.15
CA GLY H 227 -26.78 -23.50 -20.96
C GLY H 227 -26.49 -24.90 -20.47
N LYS H 228 -27.36 -25.85 -20.80
CA LYS H 228 -27.18 -27.24 -20.37
C LYS H 228 -26.11 -27.89 -21.24
N LYS H 229 -24.87 -27.78 -20.77
CA LYS H 229 -23.75 -28.45 -21.43
C LYS H 229 -23.73 -29.93 -21.06
N LEU H 230 -23.92 -30.78 -22.06
CA LEU H 230 -23.98 -32.22 -21.86
C LEU H 230 -22.59 -32.85 -21.92
N PHE H 231 -22.45 -33.98 -21.26
CA PHE H 231 -21.17 -34.69 -21.19
C PHE H 231 -20.90 -35.46 -22.48
N LYS H 232 -19.65 -35.42 -22.92
CA LYS H 232 -19.21 -36.18 -24.09
C LYS H 232 -18.02 -37.05 -23.70
N PHE H 233 -18.09 -38.33 -24.06
CA PHE H 233 -17.02 -39.29 -23.78
C PHE H 233 -16.62 -39.95 -25.09
N GLU H 234 -15.40 -39.63 -25.56
CA GLU H 234 -14.82 -40.16 -26.80
C GLU H 234 -15.70 -39.83 -28.01
N GLY H 235 -16.21 -38.61 -28.04
CA GLY H 235 -17.12 -38.20 -29.10
C GLY H 235 -18.59 -38.46 -28.82
N SER H 236 -18.92 -39.67 -28.36
CA SER H 236 -20.29 -40.05 -28.07
C SER H 236 -20.70 -39.50 -26.70
N ALA H 237 -21.86 -39.92 -26.21
CA ALA H 237 -22.41 -39.44 -24.96
C ALA H 237 -22.32 -40.51 -23.90
N GLY H 238 -22.45 -40.11 -22.65
CA GLY H 238 -22.46 -41.08 -21.58
C GLY H 238 -22.71 -40.46 -20.23
N MET H 239 -22.71 -41.33 -19.22
CA MET H 239 -22.88 -40.93 -17.83
C MET H 239 -21.55 -40.95 -17.12
N HIS H 240 -21.38 -40.02 -16.17
CA HIS H 240 -20.23 -40.06 -15.27
C HIS H 240 -20.31 -41.32 -14.40
N SER H 241 -19.13 -41.84 -14.06
CA SER H 241 -19.05 -43.09 -13.30
C SER H 241 -19.58 -42.94 -11.88
N GLN H 242 -19.56 -41.72 -11.34
CA GLN H 242 -20.08 -41.46 -10.00
C GLN H 242 -21.58 -41.65 -9.91
N LYS H 243 -22.33 -41.36 -10.98
CA LYS H 243 -23.78 -41.58 -10.96
C LYS H 243 -24.12 -43.06 -11.02
N ILE H 244 -23.39 -43.80 -11.84
CA ILE H 244 -23.55 -45.25 -11.90
C ILE H 244 -23.15 -45.91 -10.59
N ASN H 245 -22.14 -45.36 -9.89
CA ASN H 245 -21.77 -45.88 -8.58
C ASN H 245 -22.83 -45.57 -7.53
N ASN H 246 -23.37 -44.34 -7.53
CA ASN H 246 -24.39 -43.96 -6.56
C ASN H 246 -25.72 -44.66 -6.84
N ALA H 247 -25.85 -45.36 -7.92
CA ALA H 247 -27.05 -46.10 -8.12
C ALA H 247 -26.90 -47.45 -7.54
N LEU H 248 -25.69 -47.94 -7.46
CA LEU H 248 -25.49 -49.30 -6.99
C LEU H 248 -25.20 -49.37 -5.49
N ARG H 249 -25.09 -48.24 -4.82
CA ARG H 249 -24.87 -48.25 -3.38
C ARG H 249 -26.13 -47.87 -2.58
N THR H 250 -27.30 -47.89 -3.22
CA THR H 250 -28.58 -47.64 -2.55
C THR H 250 -29.08 -49.00 -2.04
N ILE H 251 -28.49 -49.45 -0.94
CA ILE H 251 -28.76 -50.80 -0.43
C ILE H 251 -29.11 -50.70 1.04
N ASP H 252 -29.14 -49.50 1.58
CA ASP H 252 -29.33 -49.29 3.01
C ASP H 252 -30.83 -49.36 3.29
N THR H 253 -31.27 -50.43 3.94
CA THR H 253 -32.59 -50.56 4.51
C THR H 253 -32.49 -50.92 5.99
N TRP H 254 -31.55 -50.29 6.67
CA TRP H 254 -31.27 -50.58 8.08
C TRP H 254 -31.09 -49.30 8.88
N TYR H 255 -31.92 -48.30 8.62
CA TYR H 255 -31.86 -47.01 9.30
C TYR H 255 -32.94 -46.93 10.36
N PRO H 256 -32.82 -45.97 11.37
CA PRO H 256 -33.85 -45.85 12.41
C PRO H 256 -35.31 -45.72 11.99
N ASP H 257 -35.65 -44.72 11.18
CA ASP H 257 -37.04 -44.48 10.80
C ASP H 257 -37.34 -45.08 9.43
N TYR H 258 -37.31 -46.41 9.37
CA TYR H 258 -37.61 -47.11 8.11
C TYR H 258 -39.07 -47.51 8.00
N THR H 259 -39.74 -47.74 9.13
CA THR H 259 -41.14 -48.14 9.08
C THR H 259 -42.05 -47.01 8.59
N THR H 260 -41.75 -45.76 8.99
CA THR H 260 -42.47 -44.60 8.48
C THR H 260 -42.20 -44.40 6.99
N TYR H 261 -40.96 -44.09 6.64
CA TYR H 261 -40.58 -43.94 5.24
C TYR H 261 -39.98 -45.25 4.82
N GLU H 262 -40.57 -45.98 3.91
CA GLU H 262 -40.14 -47.31 3.50
C GLU H 262 -39.47 -47.27 2.12
N PHE H 263 -38.31 -46.80 1.97
CA PHE H 263 -37.61 -46.75 0.70
C PHE H 263 -36.10 -46.82 0.91
N PRO H 264 -35.38 -47.52 0.14
CA PRO H 264 -33.91 -47.62 0.21
C PRO H 264 -33.22 -46.28 -0.01
N ILE H 265 -32.15 -46.07 0.73
CA ILE H 265 -31.39 -44.82 0.68
C ILE H 265 -29.96 -45.16 0.27
N PRO H 266 -29.21 -44.20 -0.29
CA PRO H 266 -27.79 -44.44 -0.56
C PRO H 266 -27.00 -44.61 0.73
N VAL H 267 -25.86 -45.33 0.63
CA VAL H 267 -25.04 -45.62 1.79
C VAL H 267 -24.09 -44.44 1.93
N GLU H 268 -24.50 -43.47 2.76
CA GLU H 268 -23.69 -42.31 3.07
C GLU H 268 -23.36 -42.30 4.57
N ASN H 269 -22.56 -41.32 4.99
CA ASN H 269 -22.05 -41.32 6.36
C ASN H 269 -23.11 -40.80 7.34
N TYR H 270 -23.33 -39.49 7.34
CA TYR H 270 -24.45 -38.85 8.02
C TYR H 270 -25.63 -38.85 7.06
N GLY H 271 -26.30 -40.01 6.94
CA GLY H 271 -27.21 -40.36 5.84
C GLY H 271 -28.16 -39.29 5.33
N ALA H 272 -27.94 -38.88 4.09
CA ALA H 272 -28.34 -37.57 3.59
C ALA H 272 -28.86 -37.66 2.15
N ALA H 273 -29.86 -38.52 1.94
CA ALA H 273 -30.54 -38.61 0.65
C ALA H 273 -31.07 -37.24 0.21
N ARG H 274 -30.61 -36.78 -0.95
CA ARG H 274 -30.77 -35.39 -1.33
C ARG H 274 -32.18 -35.04 -1.75
N SER H 275 -32.93 -36.02 -2.26
CA SER H 275 -34.31 -35.83 -2.69
C SER H 275 -35.21 -35.35 -1.55
N ILE H 276 -35.29 -36.17 -0.50
CA ILE H 276 -35.99 -35.77 0.71
C ILE H 276 -34.98 -35.07 1.60
N GLY H 277 -34.94 -33.74 1.54
CA GLY H 277 -33.89 -32.95 2.15
C GLY H 277 -33.86 -32.90 3.65
N ILE H 278 -33.71 -34.06 4.29
CA ILE H 278 -33.66 -34.19 5.74
C ILE H 278 -32.66 -35.30 6.06
N PRO H 279 -31.68 -35.05 6.97
CA PRO H 279 -30.74 -36.11 7.37
C PRO H 279 -31.42 -37.31 7.99
N PHE H 280 -31.27 -38.50 7.43
CA PHE H 280 -31.97 -39.71 7.91
C PHE H 280 -31.19 -40.48 8.97
N ARG H 281 -29.99 -40.05 9.29
CA ARG H 281 -29.21 -40.58 10.41
C ARG H 281 -28.34 -39.49 11.07
N PRO H 282 -28.87 -38.50 11.80
CA PRO H 282 -27.97 -37.43 12.28
C PRO H 282 -27.22 -37.77 13.57
N ASP H 283 -27.46 -38.93 14.16
CA ASP H 283 -27.30 -39.10 15.60
C ASP H 283 -26.70 -40.48 15.81
N THR H 284 -26.93 -41.10 16.99
CA THR H 284 -26.21 -42.25 17.55
C THR H 284 -25.90 -43.38 16.55
N LYS H 285 -26.74 -43.57 15.53
CA LYS H 285 -26.50 -44.60 14.53
C LYS H 285 -25.62 -44.14 13.38
N SER H 286 -24.96 -42.98 13.50
CA SER H 286 -24.03 -42.51 12.48
C SER H 286 -22.78 -43.38 12.46
N PHE H 287 -22.09 -43.37 11.31
CA PHE H 287 -20.91 -44.22 11.12
C PHE H 287 -19.79 -43.87 12.10
N TYR H 288 -19.60 -42.57 12.36
CA TYR H 288 -18.53 -42.11 13.25
C TYR H 288 -18.70 -42.68 14.66
N LYS H 289 -19.89 -42.49 15.23
CA LYS H 289 -20.22 -43.01 16.55
C LYS H 289 -20.20 -44.53 16.57
N LEU H 290 -20.74 -45.16 15.53
CA LEU H 290 -20.87 -46.60 15.50
C LEU H 290 -19.51 -47.30 15.39
N ILE H 291 -18.54 -46.67 14.71
CA ILE H 291 -17.22 -47.28 14.62
C ILE H 291 -16.39 -46.93 15.86
N ASP H 292 -16.68 -45.79 16.49
CA ASP H 292 -16.10 -45.48 17.79
C ASP H 292 -16.56 -46.48 18.86
N ARG H 293 -17.80 -46.97 18.74
CA ARG H 293 -18.35 -47.93 19.70
C ARG H 293 -18.16 -49.36 19.23
N MET H 294 -17.14 -49.61 18.41
CA MET H 294 -16.79 -50.96 18.00
C MET H 294 -15.29 -51.23 18.04
N ILE H 295 -14.45 -50.20 18.06
CA ILE H 295 -13.00 -50.38 18.02
C ILE H 295 -12.40 -49.77 19.29
N LEU H 296 -12.84 -48.56 19.62
CA LEU H 296 -12.30 -47.85 20.78
C LEU H 296 -12.88 -48.37 22.08
N LYS H 297 -13.84 -49.22 22.09
CA LYS H 297 -14.43 -49.82 23.28
C LYS H 297 -15.26 -51.04 22.89
N ASN H 298 -14.73 -52.18 22.85
CA ASN H 298 -15.33 -53.45 22.45
C ASN H 298 -16.77 -53.58 22.91
N GLU H 299 -17.67 -53.77 21.96
CA GLU H 299 -19.11 -53.84 22.20
C GLU H 299 -19.73 -54.47 20.98
N ASP H 300 -20.47 -55.57 21.15
CA ASP H 300 -21.00 -56.29 20.00
C ASP H 300 -22.24 -55.58 19.48
N LEU H 301 -22.10 -54.96 18.32
CA LEU H 301 -23.18 -54.33 17.60
C LEU H 301 -24.13 -55.41 17.06
N PRO H 302 -25.38 -55.06 16.76
CA PRO H 302 -26.23 -55.99 15.99
C PRO H 302 -25.72 -56.15 14.57
N ILE H 303 -26.23 -57.19 13.90
CA ILE H 303 -25.73 -57.56 12.57
C ILE H 303 -26.03 -56.49 11.53
N GLU H 304 -27.11 -55.73 11.72
CA GLU H 304 -27.47 -54.63 10.83
C GLU H 304 -26.39 -53.55 10.84
N ASP H 305 -25.90 -53.22 12.04
CA ASP H 305 -24.92 -52.15 12.18
C ASP H 305 -23.57 -52.57 11.60
N LYS H 306 -23.21 -53.85 11.73
CA LYS H 306 -22.02 -54.38 11.07
C LYS H 306 -22.19 -54.33 9.54
N HIS H 307 -23.39 -54.66 9.06
CA HIS H 307 -23.71 -54.62 7.65
C HIS H 307 -23.68 -53.21 7.08
N TYR H 308 -23.82 -52.19 7.91
CA TYR H 308 -23.65 -50.80 7.46
C TYR H 308 -22.20 -50.32 7.53
N VAL H 309 -21.46 -50.78 8.52
CA VAL H 309 -20.09 -50.32 8.67
C VAL H 309 -19.17 -50.98 7.67
N MET H 310 -19.31 -52.27 7.46
CA MET H 310 -18.52 -52.92 6.46
C MET H 310 -18.84 -52.38 5.08
N ALA H 311 -19.97 -51.70 4.91
CA ALA H 311 -20.30 -51.09 3.62
C ALA H 311 -19.60 -49.78 3.48
N ILE H 312 -19.83 -48.90 4.41
CA ILE H 312 -19.08 -47.64 4.43
C ILE H 312 -17.60 -47.87 4.14
N LEU H 313 -17.03 -48.97 4.65
CA LEU H 313 -15.64 -49.29 4.33
C LEU H 313 -15.44 -49.70 2.87
N ILE H 314 -16.42 -50.41 2.28
CA ILE H 314 -16.36 -50.72 0.85
C ILE H 314 -16.43 -49.46 0.01
N ARG H 315 -17.11 -48.42 0.49
CA ARG H 315 -17.11 -47.19 -0.31
C ARG H 315 -15.79 -46.43 -0.22
N GLY H 316 -15.44 -45.92 0.93
CA GLY H 316 -14.15 -45.26 1.09
C GLY H 316 -14.30 -43.82 1.53
N GLY H 317 -13.25 -43.30 2.14
CA GLY H 317 -13.25 -41.89 2.51
C GLY H 317 -12.13 -41.56 3.46
N MET H 318 -12.09 -40.29 3.85
CA MET H 318 -11.10 -39.80 4.81
C MET H 318 -11.70 -39.84 6.21
N PHE H 319 -11.79 -41.06 6.74
CA PHE H 319 -12.36 -41.28 8.08
C PHE H 319 -11.29 -41.00 9.14
N SER H 320 -10.99 -39.72 9.34
CA SER H 320 -9.93 -39.36 10.29
C SER H 320 -10.39 -38.55 11.48
N LYS H 321 -9.52 -37.70 12.04
CA LYS H 321 -9.86 -36.98 13.27
C LYS H 321 -8.99 -35.77 13.45
N LYS H 322 -9.38 -34.85 14.30
CA LYS H 322 -8.62 -33.60 14.41
C LYS H 322 -7.73 -33.53 15.64
N GLN H 323 -7.35 -34.70 16.17
CA GLN H 323 -6.54 -34.73 17.38
C GLN H 323 -5.78 -33.43 17.56
N MET L 1 -65.52 -32.65 1.24
CA MET L 1 -66.12 -33.67 0.39
C MET L 1 -65.20 -34.88 0.24
N PHE L 2 -65.67 -35.86 -0.51
CA PHE L 2 -64.93 -37.11 -0.72
C PHE L 2 -63.69 -36.88 -1.57
N SER L 3 -62.71 -37.77 -1.38
CA SER L 3 -61.37 -37.53 -1.92
C SER L 3 -60.62 -38.84 -2.04
N GLN L 4 -59.68 -38.88 -2.99
CA GLN L 4 -58.79 -40.02 -3.14
C GLN L 4 -57.37 -39.49 -3.28
N ILE L 5 -56.52 -39.83 -2.29
CA ILE L 5 -55.19 -39.24 -2.15
C ILE L 5 -54.18 -39.99 -3.02
N LEU L 6 -53.32 -39.23 -3.71
CA LEU L 6 -52.34 -39.77 -4.66
C LEU L 6 -50.90 -39.48 -4.25
N ILE L 7 -50.15 -40.53 -3.96
CA ILE L 7 -48.72 -40.46 -3.67
C ILE L 7 -47.96 -40.57 -4.97
N ILE L 8 -46.78 -39.99 -5.02
CA ILE L 8 -45.75 -40.48 -5.92
C ILE L 8 -44.71 -41.12 -5.00
N LYS L 9 -44.29 -42.33 -5.31
CA LYS L 9 -43.33 -42.96 -4.44
C LYS L 9 -41.98 -42.26 -4.48
N PRO L 10 -41.42 -41.90 -3.33
CA PRO L 10 -40.21 -41.09 -3.30
C PRO L 10 -38.94 -41.93 -3.38
N GLY L 11 -37.84 -41.24 -3.69
CA GLY L 11 -36.56 -41.87 -3.90
C GLY L 11 -36.55 -42.87 -5.04
N THR L 12 -36.71 -42.36 -6.25
CA THR L 12 -36.70 -43.22 -7.43
C THR L 12 -35.86 -42.64 -8.57
N GLY L 13 -35.07 -41.60 -8.33
CA GLY L 13 -34.30 -40.97 -9.38
C GLY L 13 -35.01 -39.78 -10.00
N ILE L 14 -36.11 -40.03 -10.71
CA ILE L 14 -36.93 -38.99 -11.31
C ILE L 14 -37.54 -38.10 -10.22
N SER L 15 -37.71 -36.83 -10.53
CA SER L 15 -38.26 -35.80 -9.66
C SER L 15 -39.76 -35.96 -9.56
N PRO L 16 -40.38 -35.44 -8.50
CA PRO L 16 -41.86 -35.40 -8.45
C PRO L 16 -42.52 -34.72 -9.63
N ASN L 17 -42.07 -33.49 -9.96
CA ASN L 17 -42.63 -32.63 -11.01
C ASN L 17 -42.79 -33.32 -12.36
N ILE L 18 -41.72 -33.97 -12.82
CA ILE L 18 -41.72 -34.72 -14.08
C ILE L 18 -42.81 -35.80 -14.07
N ILE L 19 -42.79 -36.64 -13.02
CA ILE L 19 -43.69 -37.80 -12.92
C ILE L 19 -45.15 -37.34 -12.88
N ILE L 20 -45.43 -36.31 -12.08
CA ILE L 20 -46.73 -35.66 -11.98
C ILE L 20 -47.22 -35.10 -13.32
N SER L 21 -46.41 -34.27 -13.97
CA SER L 21 -46.71 -33.74 -15.31
C SER L 21 -47.04 -34.81 -16.34
N GLU L 22 -46.06 -35.64 -16.72
CA GLU L 22 -46.30 -36.74 -17.66
C GLU L 22 -47.39 -37.78 -17.33
N ASP L 23 -47.34 -38.45 -16.17
CA ASP L 23 -48.32 -39.50 -15.94
C ASP L 23 -49.70 -38.96 -15.60
N ILE L 24 -49.82 -38.30 -14.45
CA ILE L 24 -51.13 -38.03 -13.82
C ILE L 24 -52.00 -37.09 -14.67
N PHE L 25 -51.35 -36.03 -15.19
CA PHE L 25 -52.18 -35.10 -15.94
C PHE L 25 -52.89 -35.78 -17.12
N PRO L 26 -52.20 -36.22 -18.13
CA PRO L 26 -52.95 -36.82 -19.25
C PRO L 26 -54.11 -37.76 -18.90
N VAL L 27 -53.89 -38.75 -18.01
CA VAL L 27 -54.96 -39.71 -17.73
C VAL L 27 -56.11 -39.06 -16.97
N LEU L 28 -55.80 -38.14 -16.04
CA LEU L 28 -56.86 -37.43 -15.34
C LEU L 28 -57.64 -36.50 -16.27
N HIS L 29 -56.96 -35.85 -17.21
CA HIS L 29 -57.69 -34.99 -18.16
C HIS L 29 -58.55 -35.81 -19.12
N SER L 30 -58.05 -36.96 -19.58
CA SER L 30 -58.83 -37.82 -20.46
C SER L 30 -60.08 -38.35 -19.75
N LEU L 31 -59.90 -38.84 -18.52
CA LEU L 31 -61.03 -39.25 -17.68
C LEU L 31 -61.98 -38.08 -17.39
N PHE L 32 -61.43 -36.87 -17.24
CA PHE L 32 -62.23 -35.70 -16.92
C PHE L 32 -63.12 -35.29 -18.09
N VAL L 33 -62.54 -35.21 -19.29
CA VAL L 33 -63.28 -35.00 -20.54
C VAL L 33 -64.37 -36.05 -20.71
N GLU L 34 -64.03 -37.32 -20.45
CA GLU L 34 -65.00 -38.42 -20.57
C GLU L 34 -66.22 -38.26 -19.66
N HIS L 35 -66.01 -38.31 -18.35
CA HIS L 35 -67.08 -38.14 -17.35
C HIS L 35 -67.31 -36.66 -17.03
N ASP L 36 -68.11 -36.01 -17.88
CA ASP L 36 -68.26 -34.56 -18.07
C ASP L 36 -68.26 -33.66 -16.83
N LYS L 37 -68.93 -34.10 -15.76
CA LYS L 37 -69.01 -33.43 -14.46
C LYS L 37 -67.64 -33.03 -13.92
N LYS L 38 -67.51 -31.78 -13.52
CA LYS L 38 -66.21 -31.18 -13.19
C LYS L 38 -65.75 -31.66 -11.81
N PHE L 39 -64.63 -32.39 -11.79
CA PHE L 39 -63.97 -32.80 -10.56
C PHE L 39 -63.03 -31.68 -10.11
N GLY L 40 -62.19 -31.93 -9.12
CA GLY L 40 -61.35 -30.87 -8.61
C GLY L 40 -60.04 -31.41 -8.07
N ILE L 41 -59.03 -30.54 -8.10
CA ILE L 41 -57.64 -30.90 -7.84
C ILE L 41 -57.09 -29.97 -6.75
N THR L 42 -56.42 -30.56 -5.76
CA THR L 42 -55.83 -29.80 -4.67
C THR L 42 -54.50 -30.44 -4.30
N PHE L 43 -53.52 -29.59 -3.98
CA PHE L 43 -52.15 -30.00 -3.67
C PHE L 43 -51.94 -29.73 -2.19
N PRO L 44 -51.93 -30.76 -1.32
CA PRO L 44 -51.86 -30.52 0.14
C PRO L 44 -50.53 -29.98 0.67
N ALA L 45 -49.56 -29.72 -0.21
CA ALA L 45 -48.23 -29.34 0.26
C ALA L 45 -47.65 -28.14 -0.47
N TYR L 46 -48.47 -27.22 -0.97
CA TYR L 46 -47.98 -25.99 -1.58
C TYR L 46 -47.24 -25.16 -0.54
N SER L 47 -46.03 -24.74 -0.88
CA SER L 47 -45.11 -24.15 0.08
C SER L 47 -44.29 -23.01 -0.51
N PHE L 48 -44.93 -22.02 -1.14
CA PHE L 48 -44.26 -20.84 -1.73
C PHE L 48 -43.33 -20.14 -0.75
N ASP L 49 -42.01 -20.26 -1.00
CA ASP L 49 -41.00 -19.66 -0.14
C ASP L 49 -40.46 -18.39 -0.80
N LYS L 50 -39.79 -18.55 -1.95
CA LYS L 50 -39.41 -17.49 -2.87
C LYS L 50 -39.95 -17.75 -4.27
N LYS L 51 -39.95 -19.02 -4.66
CA LYS L 51 -40.69 -19.56 -5.79
C LYS L 51 -41.68 -20.53 -5.15
N GLY L 52 -42.33 -21.37 -5.93
CA GLY L 52 -43.35 -22.19 -5.31
C GLY L 52 -43.44 -23.61 -5.82
N HIS L 53 -43.36 -24.54 -4.89
CA HIS L 53 -43.36 -25.95 -5.24
C HIS L 53 -44.73 -26.53 -5.26
N LEU L 54 -44.81 -27.84 -5.46
CA LEU L 54 -46.13 -28.48 -5.56
C LEU L 54 -46.27 -29.69 -4.66
N GLY L 55 -45.18 -30.34 -4.26
CA GLY L 55 -45.20 -31.36 -3.25
C GLY L 55 -45.13 -32.77 -3.81
N ASN L 56 -45.12 -33.71 -2.87
CA ASN L 56 -45.21 -35.14 -3.12
C ASN L 56 -46.65 -35.55 -3.38
N ILE L 57 -47.59 -34.70 -2.99
CA ILE L 57 -48.99 -35.04 -2.78
C ILE L 57 -49.94 -34.15 -3.58
N ILE L 58 -51.02 -34.78 -4.07
CA ILE L 58 -52.14 -34.14 -4.73
C ILE L 58 -53.42 -34.79 -4.18
N GLU L 59 -54.54 -34.05 -4.25
CA GLU L 59 -55.83 -34.63 -3.92
C GLU L 59 -56.80 -34.41 -5.07
N VAL L 60 -57.52 -35.46 -5.43
CA VAL L 60 -58.68 -35.32 -6.30
C VAL L 60 -59.89 -35.14 -5.41
N LEU L 61 -60.71 -34.11 -5.70
CA LEU L 61 -61.88 -33.83 -4.89
C LEU L 61 -63.13 -33.88 -5.75
N SER L 62 -64.20 -34.45 -5.20
CA SER L 62 -65.50 -34.49 -5.85
C SER L 62 -66.56 -34.60 -4.77
N GLU L 63 -67.82 -34.35 -5.15
CA GLU L 63 -68.91 -34.25 -4.20
C GLU L 63 -69.94 -35.34 -4.45
N ASP L 64 -69.48 -36.53 -4.83
CA ASP L 64 -70.36 -37.68 -5.00
C ASP L 64 -69.48 -38.89 -4.72
N LYS L 65 -69.86 -39.68 -3.71
CA LYS L 65 -69.07 -40.82 -3.28
C LYS L 65 -69.02 -41.94 -4.32
N GLU L 66 -69.87 -41.92 -5.35
CA GLU L 66 -69.79 -42.90 -6.41
C GLU L 66 -69.14 -42.39 -7.68
N ALA L 67 -69.05 -41.07 -7.84
CA ALA L 67 -68.44 -40.48 -9.02
C ALA L 67 -66.95 -40.78 -9.08
N LEU L 68 -66.29 -40.82 -7.92
CA LEU L 68 -64.89 -41.21 -7.88
C LEU L 68 -64.71 -42.67 -8.30
N ALA L 69 -65.61 -43.55 -7.86
CA ALA L 69 -65.61 -44.94 -8.32
C ALA L 69 -65.91 -45.06 -9.81
N SER L 70 -66.66 -44.11 -10.37
CA SER L 70 -66.86 -44.06 -11.81
C SER L 70 -65.61 -43.64 -12.57
N LEU L 71 -64.60 -43.11 -11.89
CA LEU L 71 -63.35 -42.72 -12.53
C LEU L 71 -62.34 -43.86 -12.61
N CYS L 72 -62.51 -44.91 -11.80
CA CYS L 72 -61.70 -46.14 -11.80
C CYS L 72 -60.20 -45.83 -11.64
N LEU L 73 -59.86 -45.33 -10.45
CA LEU L 73 -58.55 -44.69 -10.24
C LEU L 73 -57.40 -45.70 -10.27
N GLU L 74 -57.49 -46.75 -9.45
CA GLU L 74 -56.35 -47.63 -9.27
C GLU L 74 -56.14 -48.59 -10.45
N GLU L 75 -57.14 -48.76 -11.31
CA GLU L 75 -56.96 -49.65 -12.45
C GLU L 75 -56.48 -48.92 -13.69
N HIS L 76 -56.66 -47.60 -13.77
CA HIS L 76 -56.14 -46.85 -14.91
C HIS L 76 -54.63 -46.70 -14.83
N LEU L 77 -54.12 -46.23 -13.69
CA LEU L 77 -52.68 -46.18 -13.44
C LEU L 77 -52.23 -47.58 -13.06
N ALA L 78 -52.02 -48.41 -14.08
CA ALA L 78 -51.55 -49.79 -13.87
C ALA L 78 -50.39 -50.10 -14.80
N GLU L 79 -49.64 -49.08 -15.13
CA GLU L 79 -48.44 -49.29 -15.89
C GLU L 79 -47.41 -48.73 -14.98
N VAL L 80 -47.36 -47.42 -14.91
CA VAL L 80 -46.43 -46.78 -14.02
C VAL L 80 -46.93 -46.89 -12.60
N THR L 81 -46.60 -48.01 -11.96
CA THR L 81 -46.99 -48.23 -10.58
C THR L 81 -45.78 -48.10 -9.75
N ASP L 82 -44.64 -48.35 -10.35
CA ASP L 82 -43.41 -48.29 -9.62
C ASP L 82 -43.13 -46.88 -9.16
N TYR L 83 -43.85 -45.92 -9.70
CA TYR L 83 -43.59 -44.54 -9.34
C TYR L 83 -44.83 -43.87 -8.75
N VAL L 84 -45.95 -44.56 -8.68
CA VAL L 84 -47.20 -43.97 -8.22
C VAL L 84 -47.99 -45.05 -7.50
N LYS L 85 -48.52 -44.74 -6.32
CA LYS L 85 -49.44 -45.63 -5.63
C LYS L 85 -50.75 -44.90 -5.37
N VAL L 86 -51.87 -45.53 -5.72
CA VAL L 86 -53.19 -44.88 -5.58
C VAL L 86 -54.03 -45.48 -4.48
N LYS L 87 -54.21 -44.75 -3.38
CA LYS L 87 -54.94 -45.29 -2.25
C LYS L 87 -56.37 -45.53 -2.68
N LYS L 88 -57.08 -46.46 -2.03
CA LYS L 88 -58.43 -46.81 -2.48
C LYS L 88 -59.52 -46.75 -1.39
N GLU L 89 -59.84 -45.55 -0.93
CA GLU L 89 -60.87 -45.30 0.06
C GLU L 89 -61.35 -43.89 -0.14
N ILE L 90 -62.58 -43.70 -0.59
CA ILE L 90 -62.96 -42.33 -0.89
C ILE L 90 -63.45 -41.66 0.37
N THR L 91 -62.50 -41.15 1.16
CA THR L 91 -62.81 -40.55 2.46
C THR L 91 -63.25 -39.10 2.28
N PHE L 92 -64.36 -38.74 2.93
CA PHE L 92 -64.78 -37.35 2.95
C PHE L 92 -63.98 -36.55 3.98
N THR L 93 -63.85 -35.25 3.73
CA THR L 93 -63.09 -34.33 4.57
C THR L 93 -63.57 -32.92 4.27
N ASP L 94 -63.17 -31.96 5.13
CA ASP L 94 -63.59 -30.56 4.99
C ASP L 94 -62.41 -29.61 5.23
N ASP L 95 -61.26 -29.91 4.63
CA ASP L 95 -60.07 -29.07 4.82
C ASP L 95 -59.23 -29.10 3.55
N TYR L 96 -59.10 -27.90 2.97
CA TYR L 96 -58.37 -27.74 1.72
C TYR L 96 -58.25 -26.30 1.25
N VAL L 97 -57.22 -25.99 0.48
CA VAL L 97 -56.99 -24.66 -0.11
C VAL L 97 -56.97 -24.85 -1.62
N LEU L 98 -58.11 -24.59 -2.27
CA LEU L 98 -58.27 -24.77 -3.71
C LEU L 98 -57.39 -23.82 -4.54
N PHE L 99 -57.16 -24.17 -5.79
CA PHE L 99 -56.25 -23.47 -6.68
C PHE L 99 -56.93 -23.03 -7.96
N LYS L 100 -56.36 -22.00 -8.60
CA LYS L 100 -56.89 -21.41 -9.83
C LYS L 100 -55.82 -21.36 -10.92
N ARG L 101 -56.11 -20.66 -12.02
CA ARG L 101 -55.22 -20.61 -13.18
C ARG L 101 -54.86 -19.15 -13.50
N ILE L 102 -53.59 -18.79 -13.30
CA ILE L 102 -53.07 -17.46 -13.62
C ILE L 102 -52.61 -17.50 -15.07
N ARG L 103 -52.68 -16.36 -15.75
CA ARG L 103 -52.30 -16.31 -17.16
C ARG L 103 -51.17 -15.35 -17.39
N GLU L 104 -50.52 -15.41 -18.55
CA GLU L 104 -49.32 -14.59 -18.74
C GLU L 104 -49.07 -13.91 -20.07
N GLU L 105 -49.76 -12.82 -20.36
CA GLU L 105 -49.50 -12.08 -21.58
C GLU L 105 -49.21 -12.99 -22.75
N ASN L 106 -48.12 -12.72 -23.46
CA ASN L 106 -47.77 -13.53 -24.60
C ASN L 106 -46.65 -12.80 -25.32
N GLN L 107 -45.90 -13.51 -26.12
CA GLN L 107 -44.72 -12.95 -26.78
C GLN L 107 -45.12 -11.77 -27.67
N TYR L 108 -44.18 -10.83 -27.84
CA TYR L 108 -44.44 -9.53 -28.46
C TYR L 108 -44.96 -9.66 -29.90
N GLU L 109 -44.41 -10.61 -30.66
CA GLU L 109 -44.86 -10.81 -32.04
C GLU L 109 -46.31 -11.26 -32.11
N THR L 110 -46.71 -12.21 -31.25
CA THR L 110 -48.06 -12.75 -31.27
C THR L 110 -49.07 -11.71 -30.78
N THR L 111 -48.65 -10.85 -29.85
CA THR L 111 -49.51 -9.74 -29.46
C THR L 111 -49.61 -8.71 -30.57
N ALA L 112 -48.50 -8.47 -31.25
CA ALA L 112 -48.48 -7.47 -32.29
C ALA L 112 -49.49 -7.75 -33.35
N ARG L 113 -49.43 -8.95 -33.92
CA ARG L 113 -50.30 -9.28 -35.00
C ARG L 113 -51.71 -8.92 -34.64
N ARG L 114 -52.15 -9.30 -33.48
CA ARG L 114 -53.47 -8.92 -33.09
C ARG L 114 -53.44 -7.44 -32.91
N MET L 115 -52.36 -6.91 -32.37
CA MET L 115 -52.32 -5.49 -32.06
C MET L 115 -52.42 -4.54 -33.24
N ARG L 116 -52.31 -5.03 -34.46
CA ARG L 116 -52.34 -4.15 -35.60
C ARG L 116 -53.65 -4.28 -36.33
N LYS L 117 -53.93 -5.48 -36.80
CA LYS L 117 -55.18 -5.72 -37.52
C LYS L 117 -56.34 -5.31 -36.66
N ARG L 118 -56.38 -5.80 -35.43
CA ARG L 118 -57.44 -5.37 -34.54
C ARG L 118 -57.52 -3.85 -34.58
N GLY L 119 -56.49 -3.23 -35.12
CA GLY L 119 -56.47 -1.78 -35.17
C GLY L 119 -55.48 -1.29 -34.16
N HIS L 120 -55.82 -0.24 -33.43
CA HIS L 120 -54.93 0.25 -32.37
C HIS L 120 -53.47 0.15 -32.81
N THR L 121 -53.21 0.60 -34.03
CA THR L 121 -51.91 0.43 -34.64
C THR L 121 -50.89 1.39 -34.03
N GLU L 122 -49.64 1.19 -34.45
CA GLU L 122 -48.38 1.74 -33.92
C GLU L 122 -48.39 3.08 -33.19
N ARG L 125 -42.29 0.06 -27.53
CA ARG L 125 -41.71 0.21 -26.20
C ARG L 125 -42.69 0.32 -25.00
N PRO L 126 -43.87 0.95 -25.12
CA PRO L 126 -44.88 0.74 -24.06
C PRO L 126 -45.36 -0.70 -23.93
N LEU L 127 -45.41 -1.44 -25.04
CA LEU L 127 -45.88 -2.83 -24.98
C LEU L 127 -44.87 -3.73 -24.28
N GLU L 128 -43.59 -3.54 -24.59
CA GLU L 128 -42.51 -4.40 -24.08
C GLU L 128 -42.41 -4.34 -22.56
N MET L 129 -42.63 -3.14 -22.00
CA MET L 129 -42.71 -2.97 -20.55
C MET L 129 -43.84 -3.79 -19.95
N HIS L 130 -45.00 -3.80 -20.62
CA HIS L 130 -46.15 -4.60 -20.15
C HIS L 130 -45.83 -6.09 -20.16
N ILE L 131 -45.24 -6.60 -21.26
CA ILE L 131 -44.86 -8.02 -21.33
C ILE L 131 -43.84 -8.37 -20.26
N LYS L 132 -42.77 -7.58 -20.14
CA LYS L 132 -41.71 -7.84 -19.17
C LYS L 132 -42.20 -7.82 -17.73
N LYS L 133 -42.94 -6.78 -17.33
CA LYS L 133 -43.48 -6.69 -15.98
C LYS L 133 -44.49 -7.81 -15.68
N LYS L 134 -45.48 -7.99 -16.57
CA LYS L 134 -46.54 -8.97 -16.33
C LYS L 134 -46.02 -10.39 -16.33
N ASN L 135 -45.11 -10.73 -17.25
CA ASN L 135 -44.52 -12.06 -17.25
C ASN L 135 -43.60 -12.27 -16.06
N GLN L 136 -42.79 -11.26 -15.72
CA GLN L 136 -41.85 -11.37 -14.61
C GLN L 136 -42.55 -11.60 -13.27
N GLN L 137 -43.66 -10.88 -13.03
CA GLN L 137 -44.49 -11.09 -11.84
C GLN L 137 -45.02 -12.52 -11.74
N ILE L 138 -45.66 -13.02 -12.78
CA ILE L 138 -46.23 -14.34 -12.67
C ILE L 138 -45.25 -15.48 -12.67
N PHE L 139 -44.34 -15.50 -13.61
CA PHE L 139 -43.47 -16.69 -13.75
C PHE L 139 -42.96 -17.32 -12.50
N CYS L 140 -42.90 -16.61 -11.41
CA CYS L 140 -42.31 -17.28 -10.26
C CYS L 140 -43.25 -18.19 -9.48
N HIS L 141 -44.29 -18.69 -10.13
CA HIS L 141 -45.22 -19.59 -9.46
C HIS L 141 -45.03 -20.96 -10.00
N ALA L 142 -45.89 -21.88 -9.61
CA ALA L 142 -45.75 -23.26 -10.04
C ALA L 142 -46.30 -23.55 -11.42
N TYR L 143 -45.85 -24.62 -12.07
CA TYR L 143 -46.42 -25.01 -13.36
C TYR L 143 -46.71 -26.46 -13.53
N ILE L 144 -47.39 -26.83 -14.61
CA ILE L 144 -47.62 -28.23 -14.90
C ILE L 144 -47.61 -28.37 -16.39
N LYS L 145 -46.43 -28.30 -17.00
CA LYS L 145 -46.31 -28.36 -18.46
C LYS L 145 -47.38 -29.19 -19.15
N VAL L 146 -47.98 -28.63 -20.20
CA VAL L 146 -49.05 -29.31 -20.89
C VAL L 146 -48.82 -29.42 -22.36
N LYS L 147 -49.17 -30.56 -22.92
CA LYS L 147 -49.04 -30.73 -24.36
C LYS L 147 -50.40 -30.51 -24.93
N SER L 148 -50.59 -30.80 -26.22
CA SER L 148 -51.88 -30.48 -26.82
C SER L 148 -52.43 -31.55 -27.73
N ALA L 149 -53.74 -31.70 -27.73
CA ALA L 149 -54.38 -32.67 -28.60
C ALA L 149 -54.78 -31.98 -29.87
N SER L 150 -55.22 -30.73 -29.75
CA SER L 150 -55.69 -30.00 -30.91
C SER L 150 -54.60 -29.10 -31.44
N THR L 151 -54.40 -27.97 -30.80
CA THR L 151 -53.40 -27.02 -31.26
C THR L 151 -52.05 -27.68 -31.28
N GLY L 152 -51.95 -28.85 -30.65
CA GLY L 152 -50.71 -29.59 -30.69
C GLY L 152 -49.55 -28.67 -30.40
N GLN L 153 -49.60 -27.99 -29.27
CA GLN L 153 -48.54 -27.09 -28.92
C GLN L 153 -48.10 -27.34 -27.49
N SER L 154 -47.01 -26.73 -27.09
CA SER L 154 -46.55 -26.87 -25.73
C SER L 154 -46.86 -25.60 -24.99
N TYR L 155 -47.50 -25.71 -23.85
CA TYR L 155 -47.81 -24.55 -23.05
C TYR L 155 -47.68 -24.90 -21.60
N ASN L 156 -47.47 -23.90 -20.75
CA ASN L 156 -47.38 -24.14 -19.32
C ASN L 156 -48.54 -23.57 -18.53
N ILE L 157 -49.23 -24.39 -17.74
CA ILE L 157 -50.40 -23.95 -16.95
C ILE L 157 -50.09 -23.64 -15.53
N PHE L 158 -49.84 -22.38 -15.25
CA PHE L 158 -49.49 -21.97 -13.90
C PHE L 158 -50.62 -22.14 -12.89
N LEU L 159 -50.29 -22.21 -11.60
CA LEU L 159 -51.27 -22.40 -10.53
C LEU L 159 -50.97 -21.47 -9.37
N ALA L 160 -52.02 -21.15 -8.59
CA ALA L 160 -51.92 -20.27 -7.43
C ALA L 160 -53.10 -20.53 -6.51
N PRO L 161 -52.95 -20.33 -5.20
CA PRO L 161 -54.05 -20.58 -4.27
C PRO L 161 -55.12 -19.50 -4.30
N THR L 162 -56.24 -19.81 -3.66
CA THR L 162 -57.39 -18.93 -3.50
C THR L 162 -58.13 -19.35 -2.23
N ASP L 163 -59.34 -18.79 -2.02
CA ASP L 163 -60.03 -18.96 -0.74
C ASP L 163 -61.53 -19.29 -0.86
N ILE L 164 -62.00 -19.72 -2.04
CA ILE L 164 -63.43 -19.81 -2.32
C ILE L 164 -64.13 -20.88 -1.48
N LYS L 165 -63.45 -22.02 -1.25
CA LYS L 165 -63.86 -23.16 -0.41
C LYS L 165 -65.04 -23.95 -0.97
N HIS L 166 -65.55 -23.52 -2.12
CA HIS L 166 -66.61 -24.17 -2.90
C HIS L 166 -66.70 -23.41 -4.21
N GLY L 167 -67.35 -24.03 -5.19
CA GLY L 167 -67.57 -23.37 -6.46
C GLY L 167 -67.69 -24.38 -7.58
N SER L 168 -67.48 -23.86 -8.80
CA SER L 168 -67.57 -24.63 -10.04
C SER L 168 -66.20 -24.70 -10.68
N PHE L 169 -65.82 -25.89 -11.16
CA PHE L 169 -64.48 -26.15 -11.65
C PHE L 169 -64.43 -26.21 -13.17
N SER L 170 -63.28 -26.62 -13.70
CA SER L 170 -63.03 -26.64 -15.14
C SER L 170 -62.58 -28.02 -15.61
N ALA L 171 -62.16 -28.14 -16.88
CA ALA L 171 -61.79 -29.43 -17.44
C ALA L 171 -60.43 -29.91 -16.93
N TYR L 172 -59.46 -29.00 -16.87
CA TYR L 172 -58.14 -29.34 -16.32
C TYR L 172 -58.21 -29.63 -14.83
N GLY L 173 -59.01 -28.88 -14.08
CA GLY L 173 -59.20 -29.20 -12.69
C GLY L 173 -59.29 -28.01 -11.76
N LEU L 174 -58.97 -26.82 -12.27
CA LEU L 174 -58.99 -25.63 -11.43
C LEU L 174 -60.36 -24.96 -11.46
N LEU L 175 -60.48 -23.90 -10.67
CA LEU L 175 -61.68 -23.10 -10.56
C LEU L 175 -62.02 -22.41 -11.88
#